data_8S6H
#
_entry.id   8S6H
#
_cell.length_a   1.00
_cell.length_b   1.00
_cell.length_c   1.00
_cell.angle_alpha   90.00
_cell.angle_beta   90.00
_cell.angle_gamma   90.00
#
_symmetry.space_group_name_H-M   'P 1'
#
loop_
_entity.id
_entity.type
_entity.pdbx_description
1 polymer 'TrwL protein'
2 non-polymer 1,2-DIPALMITOYL-PHOSPHATIDYL-GLYCEROLE
#
_entity_poly.entity_id   1
_entity_poly.type   'polypeptide(L)'
_entity_poly.pdbx_seq_one_letter_code
;AQGLEKARSVLETLQQELTTIVPIAAAVILLCLGIAYAGRFIEKDTFVRWSIGVIIAGSAVQITAMLFT
;
_entity_poly.pdbx_strand_id   A,B,C,D,E,F,G,H,I,J,K,L,M,N,3,4,5,6,7,8,9,A1,A2,A3,A4,A5,A6,A7,0,1,2,p,q,r,s,t,u,v,w,x,y,z,c,d,e,f,g,h,i,j,k,l,m,n,o,O,P,Q,R,S,T,U,V,W,X,Y,Z,a,b
#
# COMPACT_ATOMS: atom_id res chain seq x y z
N ALA A 1 99.46 -64.90 12.54
CA ALA A 1 100.01 -64.65 13.86
C ALA A 1 99.20 -63.58 14.60
N GLN A 2 99.89 -62.74 15.37
CA GLN A 2 99.27 -61.65 16.12
C GLN A 2 98.30 -62.17 17.19
N GLY A 3 98.29 -63.48 17.40
CA GLY A 3 97.50 -64.09 18.45
C GLY A 3 96.00 -64.10 18.20
N LEU A 4 95.40 -62.91 18.05
CA LEU A 4 93.96 -62.79 17.92
C LEU A 4 93.52 -62.49 16.50
N GLU A 5 94.41 -62.65 15.51
CA GLU A 5 94.01 -62.44 14.12
C GLU A 5 92.97 -63.46 13.70
N LYS A 6 93.13 -64.71 14.14
CA LYS A 6 92.14 -65.74 13.82
C LYS A 6 90.78 -65.41 14.41
N ALA A 7 90.76 -64.97 15.67
CA ALA A 7 89.50 -64.59 16.31
C ALA A 7 88.88 -63.39 15.62
N ARG A 8 89.71 -62.42 15.21
CA ARG A 8 89.19 -61.27 14.49
C ARG A 8 88.59 -61.69 13.15
N SER A 9 89.24 -62.62 12.45
CA SER A 9 88.69 -63.11 11.19
C SER A 9 87.37 -63.83 11.41
N VAL A 10 87.26 -64.62 12.48
CA VAL A 10 86.00 -65.30 12.78
C VAL A 10 84.91 -64.28 13.08
N LEU A 11 85.25 -63.24 13.84
CA LEU A 11 84.27 -62.19 14.14
C LEU A 11 83.83 -61.47 12.88
N GLU A 12 84.77 -61.21 11.96
CA GLU A 12 84.40 -60.56 10.70
C GLU A 12 83.48 -61.45 9.88
N THR A 13 83.77 -62.74 9.84
CA THR A 13 82.89 -63.67 9.11
C THR A 13 81.49 -63.68 9.73
N LEU A 14 81.42 -63.72 11.06
CA LEU A 14 80.12 -63.70 11.73
C LEU A 14 79.38 -62.40 11.43
N GLN A 15 80.08 -61.27 11.42
CA GLN A 15 79.46 -59.99 11.13
C GLN A 15 78.92 -59.97 9.70
N GLN A 16 79.69 -60.49 8.74
CA GLN A 16 79.22 -60.53 7.36
C GLN A 16 77.98 -61.42 7.23
N GLU A 17 77.98 -62.58 7.89
CA GLU A 17 76.83 -63.46 7.81
C GLU A 17 75.59 -62.83 8.43
N LEU A 18 75.76 -62.17 9.58
CA LEU A 18 74.62 -61.50 10.21
C LEU A 18 74.12 -60.35 9.35
N THR A 19 75.04 -59.62 8.69
CA THR A 19 74.63 -58.56 7.79
C THR A 19 73.83 -59.11 6.62
N THR A 20 74.24 -60.28 6.11
CA THR A 20 73.48 -60.92 5.04
C THR A 20 72.08 -61.33 5.52
N ILE A 21 72.00 -61.84 6.75
CA ILE A 21 70.72 -62.31 7.28
C ILE A 21 69.77 -61.15 7.56
N VAL A 22 70.29 -60.02 8.03
CA VAL A 22 69.43 -58.96 8.57
C VAL A 22 68.34 -58.50 7.61
N PRO A 23 68.59 -58.24 6.31
CA PRO A 23 67.52 -57.69 5.47
C PRO A 23 66.27 -58.54 5.43
N ILE A 24 66.40 -59.87 5.49
CA ILE A 24 65.23 -60.73 5.53
C ILE A 24 64.43 -60.49 6.79
N ALA A 25 65.11 -60.39 7.93
CA ALA A 25 64.42 -60.13 9.19
C ALA A 25 63.73 -58.78 9.17
N ALA A 26 64.40 -57.76 8.62
CA ALA A 26 63.79 -56.44 8.52
C ALA A 26 62.57 -56.46 7.63
N ALA A 27 62.64 -57.19 6.50
CA ALA A 27 61.49 -57.29 5.62
C ALA A 27 60.32 -57.99 6.31
N VAL A 28 60.60 -59.06 7.05
CA VAL A 28 59.54 -59.77 7.77
C VAL A 28 58.92 -58.84 8.82
N ILE A 29 59.75 -58.10 9.54
CA ILE A 29 59.25 -57.19 10.57
C ILE A 29 58.36 -56.13 9.94
N LEU A 30 58.79 -55.55 8.81
CA LEU A 30 57.96 -54.54 8.15
C LEU A 30 56.66 -55.14 7.63
N LEU A 31 56.72 -56.37 7.12
CA LEU A 31 55.51 -57.03 6.64
C LEU A 31 54.51 -57.21 7.77
N CYS A 32 54.99 -57.63 8.94
CA CYS A 32 54.09 -57.78 10.08
C CYS A 32 53.58 -56.43 10.57
N LEU A 33 54.45 -55.41 10.58
CA LEU A 33 54.06 -54.10 11.10
C LEU A 33 53.01 -53.44 10.21
N GLY A 34 53.13 -53.60 8.89
CA GLY A 34 52.13 -53.02 8.02
C GLY A 34 50.74 -53.58 8.26
N ILE A 35 50.64 -54.90 8.42
CA ILE A 35 49.35 -55.53 8.69
C ILE A 35 48.84 -55.16 10.06
N ALA A 36 49.73 -55.10 11.05
CA ALA A 36 49.30 -54.69 12.39
C ALA A 36 48.77 -53.26 12.38
N TYR A 37 49.42 -52.37 11.65
CA TYR A 37 48.93 -51.00 11.51
C TYR A 37 47.60 -50.94 10.77
N ALA A 38 47.44 -51.78 9.74
CA ALA A 38 46.16 -51.82 9.04
C ALA A 38 45.03 -52.27 9.95
N GLY A 39 45.31 -53.19 10.86
CA GLY A 39 44.34 -53.69 11.79
C GLY A 39 44.15 -52.89 13.05
N ARG A 40 44.70 -51.67 13.10
CA ARG A 40 44.55 -50.75 14.23
C ARG A 40 45.16 -51.28 15.51
N PHE A 41 46.23 -52.08 15.42
CA PHE A 41 46.89 -52.60 16.60
C PHE A 41 48.10 -51.78 17.03
N ILE A 42 48.68 -51.00 16.13
CA ILE A 42 49.80 -50.13 16.44
C ILE A 42 49.54 -48.76 15.83
N GLU A 43 50.50 -47.85 15.98
CA GLU A 43 50.36 -46.47 15.54
C GLU A 43 51.29 -46.19 14.37
N LYS A 44 51.17 -44.98 13.82
CA LYS A 44 51.92 -44.60 12.62
C LYS A 44 53.38 -44.31 12.90
N ASP A 45 53.75 -44.01 14.15
CA ASP A 45 55.15 -43.77 14.47
C ASP A 45 55.99 -45.04 14.41
N THR A 46 55.34 -46.21 14.34
CA THR A 46 56.08 -47.45 14.24
C THR A 46 56.89 -47.51 12.95
N PHE A 47 56.33 -46.96 11.86
CA PHE A 47 57.07 -46.92 10.61
C PHE A 47 58.31 -46.03 10.73
N VAL A 48 58.18 -44.90 11.41
CA VAL A 48 59.33 -44.02 11.62
C VAL A 48 60.39 -44.74 12.45
N ARG A 49 59.96 -45.41 13.51
CA ARG A 49 60.89 -46.17 14.34
C ARG A 49 61.61 -47.24 13.53
N TRP A 50 60.86 -47.97 12.70
CA TRP A 50 61.44 -49.02 11.88
C TRP A 50 62.44 -48.46 10.88
N SER A 51 62.10 -47.33 10.25
CA SER A 51 62.99 -46.72 9.28
C SER A 51 64.29 -46.27 9.94
N ILE A 52 64.18 -45.65 11.12
CA ILE A 52 65.38 -45.21 11.83
C ILE A 52 66.24 -46.41 12.20
N GLY A 53 65.62 -47.46 12.72
CA GLY A 53 66.38 -48.64 13.11
C GLY A 53 67.08 -49.30 11.93
N VAL A 54 66.38 -49.41 10.80
CA VAL A 54 66.97 -50.05 9.63
C VAL A 54 68.09 -49.20 9.05
N ILE A 55 67.91 -47.88 9.03
CA ILE A 55 68.97 -47.00 8.54
C ILE A 55 70.20 -47.09 9.43
N ILE A 56 70.01 -47.12 10.75
CA ILE A 56 71.15 -47.25 11.65
C ILE A 56 71.83 -48.59 11.47
N ALA A 57 71.05 -49.67 11.33
CA ALA A 57 71.64 -50.99 11.18
C ALA A 57 72.38 -51.13 9.85
N GLY A 58 71.93 -50.41 8.82
CA GLY A 58 72.59 -50.51 7.52
C GLY A 58 74.00 -49.96 7.54
N SER A 59 74.19 -48.81 8.20
CA SER A 59 75.49 -48.15 8.27
C SER A 59 76.13 -48.32 9.65
N ALA A 60 75.99 -49.51 10.23
CA ALA A 60 76.56 -49.77 11.55
C ALA A 60 78.08 -49.66 11.52
N VAL A 61 78.71 -50.21 10.48
CA VAL A 61 80.17 -50.17 10.39
C VAL A 61 80.66 -48.74 10.28
N GLN A 62 79.99 -47.93 9.46
CA GLN A 62 80.41 -46.54 9.29
C GLN A 62 80.29 -45.75 10.59
N ILE A 63 79.19 -45.94 11.32
CA ILE A 63 79.01 -45.25 12.59
C ILE A 63 80.05 -45.70 13.60
N THR A 64 80.33 -47.01 13.65
CA THR A 64 81.34 -47.51 14.56
C THR A 64 82.71 -46.95 14.24
N ALA A 65 83.06 -46.85 12.95
CA ALA A 65 84.32 -46.24 12.56
C ALA A 65 84.37 -44.75 12.87
N MET A 66 83.24 -44.06 12.79
CA MET A 66 83.21 -42.63 13.11
C MET A 66 83.37 -42.38 14.60
N LEU A 67 82.75 -43.22 15.44
CA LEU A 67 82.82 -43.00 16.88
C LEU A 67 84.06 -43.63 17.49
N PHE A 68 84.30 -44.92 17.22
CA PHE A 68 85.45 -45.62 17.79
C PHE A 68 86.69 -45.34 16.93
N THR A 69 87.31 -44.20 17.21
CA THR A 69 88.51 -43.79 16.48
C THR A 69 89.77 -44.12 17.26
N ALA B 1 77.34 -74.14 2.48
CA ALA B 1 78.31 -73.76 3.49
C ALA B 1 78.04 -72.35 3.99
N GLN B 2 79.11 -71.56 4.16
CA GLN B 2 79.03 -70.18 4.61
C GLN B 2 78.45 -70.06 6.02
N GLY B 3 78.33 -71.19 6.71
CA GLY B 3 77.90 -71.19 8.09
C GLY B 3 76.42 -70.91 8.30
N LEU B 4 75.98 -69.73 7.88
CA LEU B 4 74.62 -69.27 8.14
C LEU B 4 73.76 -69.22 6.89
N GLU B 5 74.16 -69.92 5.82
CA GLU B 5 73.32 -69.97 4.62
C GLU B 5 72.03 -70.74 4.89
N LYS B 6 72.10 -71.80 5.69
CA LYS B 6 70.92 -72.60 5.99
C LYS B 6 69.88 -71.77 6.74
N ALA B 7 70.33 -70.99 7.73
CA ALA B 7 69.41 -70.12 8.45
C ALA B 7 68.80 -69.07 7.53
N ARG B 8 69.59 -68.54 6.60
CA ARG B 8 69.05 -67.58 5.64
C ARG B 8 68.00 -68.22 4.75
N SER B 9 68.22 -69.46 4.31
CA SER B 9 67.22 -70.17 3.51
C SER B 9 65.94 -70.39 4.31
N VAL B 10 66.08 -70.78 5.58
CA VAL B 10 64.90 -70.98 6.43
C VAL B 10 64.13 -69.67 6.59
N LEU B 11 64.86 -68.56 6.80
CA LEU B 11 64.21 -67.26 6.93
C LEU B 11 63.50 -66.86 5.64
N GLU B 12 64.11 -67.14 4.49
CA GLU B 12 63.45 -66.85 3.22
C GLU B 12 62.16 -67.65 3.07
N THR B 13 62.21 -68.94 3.45
CA THR B 13 60.99 -69.75 3.40
C THR B 13 59.91 -69.20 4.31
N LEU B 14 60.30 -68.79 5.52
CA LEU B 14 59.33 -68.21 6.46
C LEU B 14 58.74 -66.92 5.90
N GLN B 15 59.58 -66.08 5.29
CA GLN B 15 59.09 -64.84 4.71
C GLN B 15 58.11 -65.10 3.58
N GLN B 16 58.42 -66.07 2.71
CA GLN B 16 57.50 -66.40 1.63
C GLN B 16 56.17 -66.91 2.16
N GLU B 17 56.21 -67.77 3.18
CA GLU B 17 54.97 -68.29 3.74
C GLU B 17 54.14 -67.20 4.39
N LEU B 18 54.79 -66.29 5.13
CA LEU B 18 54.06 -65.18 5.74
C LEU B 18 53.48 -64.26 4.67
N THR B 19 54.22 -64.03 3.59
CA THR B 19 53.70 -63.21 2.50
C THR B 19 52.48 -63.87 1.86
N THR B 20 52.50 -65.21 1.75
CA THR B 20 51.34 -65.92 1.23
C THR B 20 50.14 -65.78 2.17
N ILE B 21 50.37 -65.87 3.47
CA ILE B 21 49.28 -65.80 4.45
C ILE B 21 48.68 -64.39 4.52
N VAL B 22 49.52 -63.35 4.37
CA VAL B 22 49.07 -61.99 4.69
C VAL B 22 47.81 -61.56 3.96
N PRO B 23 47.63 -61.79 2.65
CA PRO B 23 46.43 -61.25 1.98
C PRO B 23 45.13 -61.70 2.61
N ILE B 24 45.07 -62.93 3.11
CA ILE B 24 43.86 -63.39 3.79
C ILE B 24 43.60 -62.57 5.04
N ALA B 25 44.66 -62.31 5.82
CA ALA B 25 44.50 -61.51 7.03
C ALA B 25 44.05 -60.10 6.69
N ALA B 26 44.63 -59.51 5.64
CA ALA B 26 44.22 -58.17 5.24
C ALA B 26 42.76 -58.15 4.78
N ALA B 27 42.33 -59.18 4.04
CA ALA B 27 40.95 -59.24 3.59
C ALA B 27 39.99 -59.37 4.76
N VAL B 28 40.34 -60.22 5.74
CA VAL B 28 39.48 -60.38 6.91
C VAL B 28 39.41 -59.08 7.71
N ILE B 29 40.55 -58.40 7.87
CA ILE B 29 40.57 -57.13 8.58
C ILE B 29 39.67 -56.11 7.88
N LEU B 30 39.78 -56.02 6.55
CA LEU B 30 38.94 -55.07 5.82
C LEU B 30 37.47 -55.44 5.93
N LEU B 31 37.16 -56.74 5.88
CA LEU B 31 35.76 -57.17 6.00
C LEU B 31 35.19 -56.77 7.35
N CYS B 32 35.96 -56.93 8.43
CA CYS B 32 35.48 -56.51 9.74
C CYS B 32 35.39 -55.00 9.84
N LEU B 33 36.37 -54.28 9.28
CA LEU B 33 36.39 -52.83 9.39
C LEU B 33 35.23 -52.19 8.65
N GLY B 34 34.86 -52.73 7.49
CA GLY B 34 33.74 -52.17 6.76
C GLY B 34 32.45 -52.24 7.54
N ILE B 35 32.17 -53.40 8.17
CA ILE B 35 30.96 -53.55 8.95
C ILE B 35 31.03 -52.70 10.22
N ALA B 36 32.20 -52.60 10.83
CA ALA B 36 32.34 -51.75 12.01
C ALA B 36 32.06 -50.29 11.67
N TYR B 37 32.57 -49.83 10.52
CA TYR B 37 32.30 -48.47 10.08
C TYR B 37 30.84 -48.28 9.72
N ALA B 38 30.20 -49.28 9.13
CA ALA B 38 28.78 -49.16 8.80
C ALA B 38 27.93 -49.08 10.07
N GLY B 39 28.42 -49.67 11.15
CA GLY B 39 27.72 -49.65 12.43
C GLY B 39 28.06 -48.49 13.34
N ARG B 40 28.75 -47.47 12.83
CA ARG B 40 29.14 -46.28 13.58
C ARG B 40 30.08 -46.59 14.73
N PHE B 41 30.93 -47.60 14.60
CA PHE B 41 31.87 -47.94 15.66
C PHE B 41 33.26 -47.36 15.43
N ILE B 42 33.59 -46.99 14.20
CA ILE B 42 34.88 -46.38 13.87
C ILE B 42 34.63 -45.24 12.89
N GLU B 43 35.71 -44.61 12.44
CA GLU B 43 35.63 -43.45 11.56
C GLU B 43 36.15 -43.80 10.17
N LYS B 44 36.04 -42.82 9.27
CA LYS B 44 36.37 -43.05 7.87
C LYS B 44 37.87 -43.06 7.60
N ASP B 45 38.68 -42.51 8.50
CA ASP B 45 40.12 -42.56 8.29
C ASP B 45 40.69 -43.96 8.52
N THR B 46 39.87 -44.87 9.04
CA THR B 46 40.31 -46.25 9.20
C THR B 46 40.64 -46.88 7.86
N PHE B 47 39.88 -46.54 6.83
CA PHE B 47 40.16 -47.07 5.50
C PHE B 47 41.48 -46.55 4.95
N VAL B 48 41.77 -45.27 5.20
CA VAL B 48 43.05 -44.71 4.78
C VAL B 48 44.19 -45.39 5.50
N ARG B 49 44.03 -45.61 6.82
CA ARG B 49 45.04 -46.32 7.60
C ARG B 49 45.26 -47.72 7.06
N TRP B 50 44.17 -48.44 6.76
CA TRP B 50 44.27 -49.79 6.24
C TRP B 50 44.98 -49.82 4.90
N SER B 51 44.64 -48.87 4.02
CA SER B 51 45.26 -48.83 2.70
C SER B 51 46.74 -48.55 2.81
N ILE B 52 47.13 -47.61 3.68
CA ILE B 52 48.54 -47.30 3.86
C ILE B 52 49.28 -48.52 4.40
N GLY B 53 48.70 -49.19 5.39
CA GLY B 53 49.35 -50.36 5.96
C GLY B 53 49.52 -51.47 4.95
N VAL B 54 48.47 -51.73 4.15
CA VAL B 54 48.54 -52.80 3.16
C VAL B 54 49.54 -52.48 2.08
N ILE B 55 49.56 -51.22 1.61
CA ILE B 55 50.53 -50.84 0.59
C ILE B 55 51.95 -50.98 1.11
N ILE B 56 52.20 -50.56 2.35
CA ILE B 56 53.54 -50.70 2.92
C ILE B 56 53.91 -52.17 3.06
N ALA B 57 52.98 -53.01 3.52
CA ALA B 57 53.27 -54.43 3.68
C ALA B 57 53.51 -55.10 2.33
N GLY B 58 52.87 -54.60 1.27
CA GLY B 58 53.04 -55.21 -0.03
C GLY B 58 54.45 -55.06 -0.58
N SER B 59 55.03 -53.88 -0.43
CA SER B 59 56.38 -53.59 -0.92
C SER B 59 57.39 -53.53 0.21
N ALA B 60 57.25 -54.44 1.19
CA ALA B 60 58.19 -54.47 2.31
C ALA B 60 59.60 -54.79 1.85
N VAL B 61 59.74 -55.73 0.91
CA VAL B 61 61.06 -56.12 0.43
C VAL B 61 61.72 -54.96 -0.30
N GLN B 62 60.97 -54.25 -1.13
CA GLN B 62 61.53 -53.13 -1.88
C GLN B 62 61.97 -52.01 -0.95
N ILE B 63 61.16 -51.69 0.06
CA ILE B 63 61.54 -50.65 1.02
C ILE B 63 62.76 -51.07 1.81
N THR B 64 62.82 -52.34 2.23
CA THR B 64 63.99 -52.82 2.95
C THR B 64 65.25 -52.73 2.09
N ALA B 65 65.16 -53.09 0.81
CA ALA B 65 66.29 -52.96 -0.09
C ALA B 65 66.68 -51.51 -0.33
N MET B 66 65.72 -50.60 -0.33
CA MET B 66 66.04 -49.18 -0.52
C MET B 66 66.74 -48.60 0.70
N LEU B 67 66.28 -48.95 1.90
CA LEU B 67 66.84 -48.35 3.11
C LEU B 67 68.10 -49.09 3.57
N PHE B 68 68.05 -50.42 3.62
CA PHE B 68 69.19 -51.22 4.06
C PHE B 68 70.09 -51.52 2.86
N THR B 69 70.98 -50.57 2.58
CA THR B 69 71.92 -50.70 1.47
C THR B 69 73.28 -51.15 1.96
N ALA C 1 51.99 -79.65 2.45
CA ALA C 1 53.24 -79.27 3.07
C ALA C 1 53.42 -77.75 3.05
N GLN C 2 54.61 -77.31 2.66
CA GLN C 2 54.94 -75.89 2.56
C GLN C 2 54.83 -75.17 3.91
N GLY C 3 54.81 -75.94 4.99
CA GLY C 3 54.84 -75.38 6.32
C GLY C 3 53.57 -74.70 6.79
N LEU C 4 53.14 -73.66 6.08
CA LEU C 4 52.01 -72.84 6.52
C LEU C 4 50.81 -72.98 5.59
N GLU C 5 50.72 -74.06 4.81
CA GLU C 5 49.54 -74.28 3.99
C GLU C 5 48.32 -74.58 4.85
N LYS C 6 48.51 -75.34 5.93
CA LYS C 6 47.39 -75.68 6.80
C LYS C 6 46.81 -74.44 7.47
N ALA C 7 47.67 -73.56 7.98
CA ALA C 7 47.20 -72.32 8.58
C ALA C 7 46.50 -71.44 7.56
N ARG C 8 47.01 -71.42 6.33
CA ARG C 8 46.35 -70.66 5.27
C ARG C 8 44.96 -71.21 4.97
N SER C 9 44.83 -72.54 4.93
CA SER C 9 43.52 -73.14 4.72
C SER C 9 42.57 -72.81 5.85
N VAL C 10 43.05 -72.84 7.09
CA VAL C 10 42.21 -72.49 8.23
C VAL C 10 41.76 -71.03 8.14
N LEU C 11 42.68 -70.15 7.74
CA LEU C 11 42.32 -68.74 7.59
C LEU C 11 41.30 -68.55 6.48
N GLU C 12 41.43 -69.30 5.38
CA GLU C 12 40.44 -69.21 4.32
C GLU C 12 39.08 -69.68 4.80
N THR C 13 39.03 -70.76 5.58
CA THR C 13 37.76 -71.22 6.13
C THR C 13 37.15 -70.17 7.04
N LEU C 14 37.97 -69.55 7.90
CA LEU C 14 37.48 -68.50 8.77
C LEU C 14 36.94 -67.31 7.97
N GLN C 15 37.65 -66.95 6.90
CA GLN C 15 37.20 -65.84 6.06
C GLN C 15 35.87 -66.16 5.40
N GLN C 16 35.71 -67.38 4.89
CA GLN C 16 34.44 -67.76 4.28
C GLN C 16 33.31 -67.73 5.29
N GLU C 17 33.55 -68.25 6.50
CA GLU C 17 32.50 -68.23 7.52
C GLU C 17 32.12 -66.81 7.92
N LEU C 18 33.12 -65.93 8.08
CA LEU C 18 32.83 -64.55 8.42
C LEU C 18 32.07 -63.85 7.30
N THR C 19 32.44 -64.14 6.05
CA THR C 19 31.72 -63.57 4.92
C THR C 19 30.27 -64.05 4.90
N THR C 20 30.03 -65.31 5.27
CA THR C 20 28.66 -65.80 5.36
C THR C 20 27.90 -65.09 6.47
N ILE C 21 28.54 -64.87 7.61
CA ILE C 21 27.87 -64.24 8.74
C ILE C 21 27.57 -62.77 8.49
N VAL C 22 28.46 -62.08 7.78
CA VAL C 22 28.39 -60.61 7.71
C VAL C 22 27.04 -60.07 7.22
N PRO C 23 26.41 -60.60 6.16
CA PRO C 23 25.17 -59.97 5.68
C PRO C 23 24.09 -59.86 6.74
N ILE C 24 23.99 -60.85 7.64
CA ILE C 24 23.02 -60.77 8.72
C ILE C 24 23.34 -59.60 9.65
N ALA C 25 24.62 -59.42 9.98
CA ALA C 25 25.00 -58.30 10.83
C ALA C 25 24.70 -56.97 10.15
N ALA C 26 24.98 -56.87 8.86
CA ALA C 26 24.67 -55.64 8.13
C ALA C 26 23.17 -55.37 8.10
N ALA C 27 22.37 -56.42 7.90
CA ALA C 27 20.92 -56.26 7.89
C ALA C 27 20.40 -55.79 9.24
N VAL C 28 20.91 -56.38 10.33
CA VAL C 28 20.47 -55.96 11.66
C VAL C 28 20.88 -54.52 11.93
N ILE C 29 22.10 -54.15 11.52
CA ILE C 29 22.55 -52.78 11.71
C ILE C 29 21.65 -51.81 10.97
N LEU C 30 21.31 -52.14 9.71
CA LEU C 30 20.44 -51.25 8.95
C LEU C 30 19.04 -51.18 9.54
N LEU C 31 18.54 -52.31 10.04
CA LEU C 31 17.22 -52.31 10.66
C LEU C 31 17.19 -51.39 11.88
N CYS C 32 18.24 -51.45 12.70
CA CYS C 32 18.29 -50.55 13.86
C CYS C 32 18.47 -49.10 13.42
N LEU C 33 19.30 -48.86 12.40
CA LEU C 33 19.58 -47.49 11.97
C LEU C 33 18.35 -46.83 11.37
N GLY C 34 17.52 -47.58 10.65
CA GLY C 34 16.33 -46.99 10.08
C GLY C 34 15.37 -46.49 11.15
N ILE C 35 15.15 -47.28 12.19
CA ILE C 35 14.27 -46.86 13.28
C ILE C 35 14.90 -45.72 14.07
N ALA C 36 16.23 -45.77 14.27
CA ALA C 36 16.89 -44.68 14.97
C ALA C 36 16.75 -43.36 14.21
N TYR C 37 16.89 -43.41 12.89
CA TYR C 37 16.70 -42.22 12.08
C TYR C 37 15.26 -41.76 12.07
N ALA C 38 14.31 -42.70 12.10
CA ALA C 38 12.90 -42.32 12.17
C ALA C 38 12.59 -41.58 13.46
N GLY C 39 13.23 -41.98 14.56
CA GLY C 39 13.01 -41.37 15.85
C GLY C 39 13.84 -40.15 16.16
N ARG C 40 14.49 -39.56 15.15
CA ARG C 40 15.30 -38.35 15.29
C ARG C 40 16.50 -38.54 16.22
N PHE C 41 17.08 -39.73 16.26
CA PHE C 41 18.24 -39.98 17.10
C PHE C 41 19.55 -39.89 16.34
N ILE C 42 19.53 -40.03 15.01
CA ILE C 42 20.71 -39.90 14.17
C ILE C 42 20.35 -39.03 12.97
N GLU C 43 21.29 -38.90 12.05
CA GLU C 43 21.12 -38.03 10.88
C GLU C 43 21.06 -38.85 9.60
N LYS C 44 20.82 -38.14 8.49
CA LYS C 44 20.60 -38.78 7.20
C LYS C 44 21.89 -39.31 6.57
N ASP C 45 23.05 -38.78 6.95
CA ASP C 45 24.30 -39.28 6.40
C ASP C 45 24.65 -40.67 6.92
N THR C 46 23.90 -41.16 7.92
CA THR C 46 24.16 -42.50 8.44
C THR C 46 23.94 -43.55 7.37
N PHE C 47 22.94 -43.37 6.53
CA PHE C 47 22.69 -44.32 5.45
C PHE C 47 23.82 -44.32 4.43
N VAL C 48 24.35 -43.14 4.12
CA VAL C 48 25.50 -43.06 3.22
C VAL C 48 26.69 -43.78 3.82
N ARG C 49 26.95 -43.55 5.12
CA ARG C 49 28.04 -44.24 5.79
C ARG C 49 27.85 -45.75 5.75
N TRP C 50 26.63 -46.22 6.03
CA TRP C 50 26.34 -47.64 6.01
C TRP C 50 26.55 -48.23 4.62
N SER C 51 26.09 -47.52 3.58
CA SER C 51 26.25 -48.01 2.22
C SER C 51 27.72 -48.11 1.84
N ILE C 52 28.51 -47.10 2.20
CA ILE C 52 29.94 -47.13 1.90
C ILE C 52 30.60 -48.29 2.61
N GLY C 53 30.28 -48.47 3.89
CA GLY C 53 30.88 -49.57 4.65
C GLY C 53 30.53 -50.93 4.09
N VAL C 54 29.26 -51.12 3.72
CA VAL C 54 28.83 -52.42 3.19
C VAL C 54 29.45 -52.68 1.83
N ILE C 55 29.51 -51.65 0.98
CA ILE C 55 30.14 -51.82 -0.34
C ILE C 55 31.62 -52.16 -0.19
N ILE C 56 32.32 -51.50 0.73
CA ILE C 56 33.73 -51.80 0.95
C ILE C 56 33.89 -53.22 1.47
N ALA C 57 33.07 -53.62 2.44
CA ALA C 57 33.19 -54.97 3.02
C ALA C 57 32.85 -56.04 2.00
N GLY C 58 31.95 -55.75 1.06
CA GLY C 58 31.57 -56.74 0.07
C GLY C 58 32.70 -57.11 -0.86
N SER C 59 33.51 -56.13 -1.27
CA SER C 59 34.61 -56.33 -2.18
C SER C 59 35.95 -56.25 -1.47
N ALA C 60 36.02 -56.78 -0.25
CA ALA C 60 37.27 -56.75 0.51
C ALA C 60 38.36 -57.55 -0.19
N VAL C 61 38.01 -58.72 -0.74
CA VAL C 61 39.00 -59.55 -1.41
C VAL C 61 39.55 -58.83 -2.63
N GLN C 62 38.68 -58.21 -3.42
CA GLN C 62 39.13 -57.52 -4.63
C GLN C 62 40.04 -56.34 -4.29
N ILE C 63 39.67 -55.55 -3.28
CA ILE C 63 40.50 -54.42 -2.89
C ILE C 63 41.85 -54.91 -2.36
N THR C 64 41.85 -55.97 -1.54
CA THR C 64 43.10 -56.51 -1.04
C THR C 64 43.99 -57.00 -2.17
N ALA C 65 43.41 -57.67 -3.17
CA ALA C 65 44.18 -58.11 -4.31
C ALA C 65 44.70 -56.95 -5.15
N MET C 66 43.95 -55.85 -5.24
CA MET C 66 44.41 -54.68 -5.99
C MET C 66 45.57 -53.99 -5.28
N LEU C 67 45.49 -53.86 -3.95
CA LEU C 67 46.52 -53.13 -3.23
C LEU C 67 47.72 -54.00 -2.89
N PHE C 68 47.49 -55.20 -2.38
CA PHE C 68 48.58 -56.11 -2.00
C PHE C 68 48.98 -56.96 -3.20
N THR C 69 49.93 -56.42 -3.97
CA THR C 69 50.43 -57.12 -5.15
C THR C 69 51.85 -57.63 -4.92
N ALA D 1 27.39 -78.25 10.75
CA ALA D 1 28.83 -78.09 10.93
C ALA D 1 29.31 -76.77 10.37
N GLN D 2 30.46 -76.81 9.68
CA GLN D 2 31.07 -75.62 9.07
C GLN D 2 31.41 -74.55 10.11
N GLY D 3 31.48 -74.95 11.38
CA GLY D 3 31.95 -74.07 12.42
C GLY D 3 30.98 -73.00 12.86
N LEU D 4 30.73 -72.01 12.01
CA LEU D 4 29.95 -70.84 12.39
C LEU D 4 28.51 -70.91 11.91
N GLU D 5 28.00 -72.10 11.59
CA GLU D 5 26.59 -72.22 11.25
C GLU D 5 25.71 -71.93 12.46
N LYS D 6 26.15 -72.34 13.64
CA LYS D 6 25.38 -72.09 14.86
C LYS D 6 25.26 -70.59 15.14
N ALA D 7 26.37 -69.86 14.99
CA ALA D 7 26.34 -68.42 15.20
C ALA D 7 25.44 -67.74 14.17
N ARG D 8 25.47 -68.21 12.92
CA ARG D 8 24.60 -67.66 11.89
C ARG D 8 23.14 -67.91 12.22
N SER D 9 22.82 -69.11 12.72
CA SER D 9 21.45 -69.40 13.12
C SER D 9 20.99 -68.50 14.26
N VAL D 10 21.87 -68.29 15.24
CA VAL D 10 21.53 -67.41 16.36
C VAL D 10 21.31 -65.99 15.87
N LEU D 11 22.15 -65.52 14.95
CA LEU D 11 21.97 -64.18 14.39
C LEU D 11 20.66 -64.07 13.61
N GLU D 12 20.30 -65.13 12.87
CA GLU D 12 19.03 -65.11 12.15
C GLU D 12 17.85 -65.04 13.12
N THR D 13 17.93 -65.80 14.22
CA THR D 13 16.87 -65.74 15.23
C THR D 13 16.76 -64.34 15.83
N LEU D 14 17.91 -63.73 16.14
CA LEU D 14 17.90 -62.37 16.68
C LEU D 14 17.32 -61.38 15.69
N GLN D 15 17.68 -61.53 14.40
CA GLN D 15 17.15 -60.64 13.38
C GLN D 15 15.64 -60.78 13.26
N GLN D 16 15.12 -62.02 13.27
CA GLN D 16 13.68 -62.22 13.18
C GLN D 16 12.97 -61.61 14.40
N GLU D 17 13.53 -61.79 15.59
CA GLU D 17 12.90 -61.23 16.78
C GLU D 17 12.89 -59.70 16.74
N LEU D 18 14.01 -59.09 16.32
CA LEU D 18 14.05 -57.64 16.22
C LEU D 18 13.09 -57.14 15.15
N THR D 19 12.96 -57.87 14.04
CA THR D 19 12.00 -57.50 13.01
C THR D 19 10.58 -57.56 13.55
N THR D 20 10.29 -58.55 14.39
CA THR D 20 8.98 -58.62 15.03
C THR D 20 8.75 -57.44 15.96
N ILE D 21 9.77 -57.06 16.73
CA ILE D 21 9.61 -55.97 17.71
C ILE D 21 9.47 -54.62 17.02
N VAL D 22 10.17 -54.41 15.90
CA VAL D 22 10.32 -53.06 15.34
C VAL D 22 8.99 -52.36 15.07
N PRO D 23 7.96 -52.99 14.47
CA PRO D 23 6.74 -52.23 14.16
C PRO D 23 6.11 -51.56 15.38
N ILE D 24 6.19 -52.19 16.55
CA ILE D 24 5.67 -51.56 17.75
C ILE D 24 6.44 -50.29 18.07
N ALA D 25 7.77 -50.34 17.96
CA ALA D 25 8.58 -49.15 18.20
C ALA D 25 8.26 -48.05 17.21
N ALA D 26 8.09 -48.41 15.93
CA ALA D 26 7.76 -47.41 14.92
C ALA D 26 6.40 -46.78 15.20
N ALA D 27 5.42 -47.60 15.61
CA ALA D 27 4.10 -47.07 15.92
C ALA D 27 4.15 -46.13 17.12
N VAL D 28 4.90 -46.49 18.16
CA VAL D 28 5.02 -45.61 19.32
C VAL D 28 5.72 -44.32 18.95
N ILE D 29 6.76 -44.41 18.12
CA ILE D 29 7.47 -43.20 17.67
C ILE D 29 6.52 -42.28 16.92
N LEU D 30 5.73 -42.85 16.00
CA LEU D 30 4.80 -42.01 15.24
C LEU D 30 3.72 -41.42 16.14
N LEU D 31 3.25 -42.19 17.11
CA LEU D 31 2.25 -41.68 18.04
C LEU D 31 2.79 -40.48 18.82
N CYS D 32 4.03 -40.56 19.27
CA CYS D 32 4.63 -39.42 19.97
C CYS D 32 4.86 -38.25 19.02
N LEU D 33 5.32 -38.53 17.80
CA LEU D 33 5.65 -37.46 16.86
C LEU D 33 4.43 -36.69 16.43
N GLY D 34 3.29 -37.36 16.26
CA GLY D 34 2.07 -36.67 15.86
C GLY D 34 1.65 -35.64 16.88
N ILE D 35 1.65 -36.02 18.16
CA ILE D 35 1.27 -35.08 19.21
C ILE D 35 2.32 -33.99 19.36
N ALA D 36 3.60 -34.33 19.22
CA ALA D 36 4.64 -33.32 19.29
C ALA D 36 4.48 -32.28 18.20
N TYR D 37 4.17 -32.73 16.98
CA TYR D 37 3.93 -31.80 15.88
C TYR D 37 2.67 -30.97 16.09
N ALA D 38 1.61 -31.59 16.63
CA ALA D 38 0.38 -30.85 16.87
C ALA D 38 0.60 -29.74 17.90
N GLY D 39 1.53 -29.92 18.82
CA GLY D 39 1.82 -28.95 19.84
C GLY D 39 2.86 -27.92 19.51
N ARG D 40 3.23 -27.79 18.22
CA ARG D 40 4.22 -26.82 17.75
C ARG D 40 5.60 -27.05 18.35
N PHE D 41 5.98 -28.30 18.61
CA PHE D 41 7.29 -28.60 19.13
C PHE D 41 8.28 -29.06 18.06
N ILE D 42 7.81 -29.58 16.94
CA ILE D 42 8.65 -30.00 15.82
C ILE D 42 8.00 -29.53 14.53
N GLU D 43 8.64 -29.84 13.41
CA GLU D 43 8.20 -29.38 12.10
C GLU D 43 7.65 -30.54 11.28
N LYS D 44 7.12 -30.20 10.10
CA LYS D 44 6.44 -31.17 9.26
C LYS D 44 7.38 -32.13 8.54
N ASP D 45 8.66 -31.79 8.43
CA ASP D 45 9.61 -32.70 7.80
C ASP D 45 9.87 -33.93 8.65
N THR D 46 9.46 -33.92 9.92
CA THR D 46 9.65 -35.08 10.78
C THR D 46 8.91 -36.29 10.24
N PHE D 47 7.72 -36.08 9.68
CA PHE D 47 6.97 -37.19 9.12
C PHE D 47 7.65 -37.77 7.89
N VAL D 48 8.24 -36.91 7.06
CA VAL D 48 9.00 -37.40 5.90
C VAL D 48 10.20 -38.21 6.36
N ARG D 49 10.91 -37.70 7.37
CA ARG D 49 12.05 -38.43 7.93
C ARG D 49 11.61 -39.78 8.48
N TRP D 50 10.50 -39.81 9.20
CA TRP D 50 10.00 -41.05 9.78
C TRP D 50 9.63 -42.05 8.70
N SER D 51 8.95 -41.58 7.64
CA SER D 51 8.55 -42.47 6.56
C SER D 51 9.77 -43.06 5.86
N ILE D 52 10.78 -42.22 5.61
CA ILE D 52 12.00 -42.71 4.95
C ILE D 52 12.68 -43.75 5.84
N GLY D 53 12.79 -43.45 7.13
CA GLY D 53 13.43 -44.40 8.03
C GLY D 53 12.71 -45.72 8.11
N VAL D 54 11.37 -45.68 8.19
CA VAL D 54 10.60 -46.91 8.30
C VAL D 54 10.66 -47.70 7.00
N ILE D 55 10.61 -47.02 5.86
CA ILE D 55 10.71 -47.71 4.58
C ILE D 55 12.07 -48.38 4.43
N ILE D 56 13.15 -47.69 4.83
CA ILE D 56 14.47 -48.30 4.76
C ILE D 56 14.57 -49.48 5.71
N ALA D 57 14.02 -49.35 6.92
CA ALA D 57 14.11 -50.43 7.89
C ALA D 57 13.32 -51.65 7.44
N GLY D 58 12.18 -51.43 6.77
CA GLY D 58 11.37 -52.55 6.34
C GLY D 58 12.06 -53.42 5.32
N SER D 59 12.83 -52.81 4.42
CA SER D 59 13.54 -53.51 3.36
C SER D 59 15.04 -53.58 3.65
N ALA D 60 15.42 -53.76 4.92
CA ALA D 60 16.82 -53.85 5.27
C ALA D 60 17.49 -55.05 4.61
N VAL D 61 16.81 -56.20 4.62
CA VAL D 61 17.39 -57.40 4.04
C VAL D 61 17.60 -57.24 2.54
N GLN D 62 16.61 -56.65 1.86
CA GLN D 62 16.73 -56.46 0.42
C GLN D 62 17.87 -55.53 0.06
N ILE D 63 17.99 -54.42 0.79
CA ILE D 63 19.09 -53.48 0.53
C ILE D 63 20.44 -54.13 0.81
N THR D 64 20.53 -54.89 1.90
CA THR D 64 21.78 -55.58 2.20
C THR D 64 22.14 -56.59 1.12
N ALA D 65 21.16 -57.35 0.61
CA ALA D 65 21.42 -58.28 -0.47
C ALA D 65 21.77 -57.58 -1.77
N MET D 66 21.25 -56.38 -2.00
CA MET D 66 21.60 -55.64 -3.20
C MET D 66 23.01 -55.07 -3.12
N LEU D 67 23.41 -54.55 -1.97
CA LEU D 67 24.73 -53.93 -1.85
C LEU D 67 25.81 -54.97 -1.56
N PHE D 68 25.58 -55.85 -0.59
CA PHE D 68 26.56 -56.87 -0.23
C PHE D 68 26.36 -58.11 -1.10
N THR D 69 27.00 -58.08 -2.27
CA THR D 69 26.93 -59.20 -3.20
C THR D 69 28.17 -60.08 -3.10
N ALA E 1 7.88 -68.23 24.89
CA ALA E 1 9.29 -68.38 24.57
C ALA E 1 9.72 -67.38 23.50
N GLN E 2 10.47 -67.87 22.51
CA GLN E 2 10.92 -67.06 21.37
C GLN E 2 11.82 -65.90 21.81
N GLY E 3 12.26 -65.92 23.07
CA GLY E 3 13.17 -64.92 23.56
C GLY E 3 12.56 -63.55 23.78
N LEU E 4 12.23 -62.85 22.70
CA LEU E 4 11.79 -61.47 22.78
C LEU E 4 10.27 -61.34 22.73
N GLU E 5 9.54 -62.43 23.00
CA GLU E 5 8.08 -62.31 23.11
C GLU E 5 7.70 -61.47 24.32
N LYS E 6 8.42 -61.62 25.43
CA LYS E 6 8.12 -60.85 26.62
C LYS E 6 8.35 -59.36 26.40
N ALA E 7 9.47 -59.01 25.74
CA ALA E 7 9.74 -57.62 25.43
C ALA E 7 8.70 -57.05 24.48
N ARG E 8 8.26 -57.85 23.50
CA ARG E 8 7.20 -57.41 22.61
C ARG E 8 5.90 -57.15 23.35
N SER E 9 5.56 -58.03 24.30
CA SER E 9 4.35 -57.82 25.09
C SER E 9 4.45 -56.56 25.94
N VAL E 10 5.61 -56.33 26.53
CA VAL E 10 5.81 -55.11 27.32
C VAL E 10 5.67 -53.88 26.44
N LEU E 11 6.24 -53.93 25.23
CA LEU E 11 6.11 -52.79 24.32
C LEU E 11 4.65 -52.58 23.90
N GLU E 12 3.90 -53.66 23.68
CA GLU E 12 2.49 -53.52 23.36
C GLU E 12 1.72 -52.88 24.50
N THR E 13 2.00 -53.29 25.73
CA THR E 13 1.33 -52.68 26.88
C THR E 13 1.68 -51.20 26.98
N LEU E 14 2.95 -50.85 26.79
CA LEU E 14 3.35 -49.44 26.82
C LEU E 14 2.65 -48.65 25.72
N GLN E 15 2.54 -49.23 24.52
CA GLN E 15 1.88 -48.55 23.41
C GLN E 15 0.41 -48.30 23.73
N GLN E 16 -0.26 -49.31 24.30
CA GLN E 16 -1.67 -49.13 24.65
C GLN E 16 -1.84 -48.05 25.72
N GLU E 17 -0.95 -48.03 26.71
CA GLU E 17 -1.06 -47.01 27.76
C GLU E 17 -0.82 -45.62 27.20
N LEU E 18 0.19 -45.46 26.34
CA LEU E 18 0.43 -44.16 25.73
C LEU E 18 -0.72 -43.73 24.84
N THR E 19 -1.32 -44.68 24.12
CA THR E 19 -2.49 -44.36 23.32
C THR E 19 -3.65 -43.89 24.18
N THR E 20 -3.81 -44.51 25.36
CA THR E 20 -4.83 -44.06 26.29
C THR E 20 -4.55 -42.65 26.79
N ILE E 21 -3.29 -42.35 27.08
CA ILE E 21 -2.92 -41.02 27.60
C ILE E 21 -3.09 -39.95 26.53
N VAL E 22 -2.80 -40.26 25.27
CA VAL E 22 -2.67 -39.22 24.24
C VAL E 22 -3.88 -38.30 24.13
N PRO E 23 -5.14 -38.78 24.11
CA PRO E 23 -6.25 -37.86 23.88
C PRO E 23 -6.32 -36.72 24.89
N ILE E 24 -5.96 -36.98 26.15
CA ILE E 24 -5.96 -35.91 27.14
C ILE E 24 -4.94 -34.85 26.78
N ALA E 25 -3.74 -35.28 26.38
CA ALA E 25 -2.70 -34.33 25.99
C ALA E 25 -3.13 -33.51 24.78
N ALA E 26 -3.74 -34.17 23.79
CA ALA E 26 -4.21 -33.45 22.60
C ALA E 26 -5.29 -32.44 22.96
N ALA E 27 -6.21 -32.82 23.85
CA ALA E 27 -7.27 -31.91 24.26
C ALA E 27 -6.70 -30.70 25.00
N VAL E 28 -5.72 -30.93 25.88
CA VAL E 28 -5.10 -29.82 26.59
C VAL E 28 -4.35 -28.91 25.63
N ILE E 29 -3.66 -29.50 24.65
CA ILE E 29 -2.96 -28.69 23.66
C ILE E 29 -3.94 -27.82 22.89
N LEU E 30 -5.07 -28.40 22.47
CA LEU E 30 -6.05 -27.62 21.73
C LEU E 30 -6.67 -26.53 22.60
N LEU E 31 -6.91 -26.84 23.87
CA LEU E 31 -7.46 -25.83 24.78
C LEU E 31 -6.51 -24.65 24.92
N CYS E 32 -5.22 -24.92 25.04
CA CYS E 32 -4.25 -23.82 25.13
C CYS E 32 -4.14 -23.07 23.80
N LEU E 33 -4.16 -23.80 22.68
CA LEU E 33 -3.99 -23.17 21.38
C LEU E 33 -5.15 -22.25 21.04
N GLY E 34 -6.38 -22.64 21.41
CA GLY E 34 -7.51 -21.78 21.13
C GLY E 34 -7.41 -20.43 21.81
N ILE E 35 -7.03 -20.44 23.10
CA ILE E 35 -6.88 -19.19 23.82
C ILE E 35 -5.69 -18.39 23.30
N ALA E 36 -4.60 -19.07 22.95
CA ALA E 36 -3.45 -18.37 22.40
C ALA E 36 -3.81 -17.68 21.09
N TYR E 37 -4.58 -18.36 20.25
CA TYR E 37 -5.02 -17.75 18.99
C TYR E 37 -6.01 -16.62 19.23
N ALA E 38 -6.86 -16.75 20.25
CA ALA E 38 -7.80 -15.67 20.56
C ALA E 38 -7.08 -14.39 20.95
N GLY E 39 -5.99 -14.53 21.69
CA GLY E 39 -5.23 -13.38 22.16
C GLY E 39 -4.20 -12.85 21.20
N ARG E 40 -4.27 -13.23 19.93
CA ARG E 40 -3.35 -12.79 18.88
C ARG E 40 -1.90 -13.20 19.14
N PHE E 41 -1.69 -14.40 19.67
CA PHE E 41 -0.33 -14.89 19.92
C PHE E 41 0.16 -15.86 18.85
N ILE E 42 -0.74 -16.54 18.14
CA ILE E 42 -0.40 -17.47 17.07
C ILE E 42 -1.31 -17.20 15.88
N GLU E 43 -1.15 -18.00 14.83
CA GLU E 43 -1.89 -17.81 13.60
C GLU E 43 -2.90 -18.95 13.39
N LYS E 44 -3.71 -18.79 12.34
CA LYS E 44 -4.82 -19.70 12.09
C LYS E 44 -4.36 -21.05 11.52
N ASP E 45 -3.15 -21.13 10.97
CA ASP E 45 -2.66 -22.40 10.46
C ASP E 45 -2.31 -23.36 11.60
N THR E 46 -2.28 -22.87 12.84
CA THR E 46 -1.99 -23.73 13.98
C THR E 46 -3.05 -24.81 14.14
N PHE E 47 -4.31 -24.47 13.88
CA PHE E 47 -5.37 -25.47 13.98
C PHE E 47 -5.22 -26.55 12.92
N VAL E 48 -4.83 -26.15 11.70
CA VAL E 48 -4.58 -27.14 10.65
C VAL E 48 -3.43 -28.05 11.05
N ARG E 49 -2.36 -27.47 11.59
CA ARG E 49 -1.22 -28.26 12.06
C ARG E 49 -1.66 -29.25 13.13
N TRP E 50 -2.46 -28.78 14.08
CA TRP E 50 -2.93 -29.63 15.17
C TRP E 50 -3.79 -30.76 14.63
N SER E 51 -4.69 -30.47 13.70
CA SER E 51 -5.55 -31.50 13.13
C SER E 51 -4.74 -32.54 12.39
N ILE E 52 -3.74 -32.11 11.61
CA ILE E 52 -2.91 -33.07 10.89
C ILE E 52 -2.15 -33.95 11.87
N GLY E 53 -1.57 -33.34 12.90
CA GLY E 53 -0.83 -34.12 13.88
C GLY E 53 -1.70 -35.13 14.61
N VAL E 54 -2.90 -34.71 15.01
CA VAL E 54 -3.79 -35.61 15.74
C VAL E 54 -4.27 -36.74 14.85
N ILE E 55 -4.61 -36.43 13.59
CA ILE E 55 -5.03 -37.48 12.66
C ILE E 55 -3.91 -38.48 12.42
N ILE E 56 -2.68 -37.99 12.26
CA ILE E 56 -1.56 -38.91 12.06
C ILE E 56 -1.34 -39.77 13.29
N ALA E 57 -1.39 -39.17 14.48
CA ALA E 57 -1.17 -39.95 15.70
C ALA E 57 -2.28 -40.96 15.93
N GLY E 58 -3.50 -40.64 15.50
CA GLY E 58 -4.61 -41.56 15.71
C GLY E 58 -4.46 -42.85 14.93
N SER E 59 -3.99 -42.77 13.69
CA SER E 59 -3.82 -43.93 12.83
C SER E 59 -2.34 -44.29 12.69
N ALA E 60 -1.59 -44.17 13.80
CA ALA E 60 -0.16 -44.49 13.76
C ALA E 60 0.07 -45.97 13.42
N VAL E 61 -0.72 -46.86 14.02
CA VAL E 61 -0.54 -48.29 13.79
C VAL E 61 -0.85 -48.64 12.34
N GLN E 62 -1.91 -48.05 11.79
CA GLN E 62 -2.28 -48.34 10.41
C GLN E 62 -1.21 -47.86 9.43
N ILE E 63 -0.67 -46.65 9.66
CA ILE E 63 0.38 -46.15 8.79
C ILE E 63 1.64 -47.01 8.91
N THR E 64 1.98 -47.43 10.13
CA THR E 64 3.14 -48.31 10.31
C THR E 64 2.95 -49.63 9.60
N ALA E 65 1.76 -50.22 9.68
CA ALA E 65 1.48 -51.45 8.96
C ALA E 65 1.49 -51.26 7.44
N MET E 66 1.12 -50.08 6.97
CA MET E 66 1.15 -49.81 5.54
C MET E 66 2.58 -49.66 5.03
N LEU E 67 3.43 -48.97 5.79
CA LEU E 67 4.79 -48.73 5.33
C LEU E 67 5.72 -49.90 5.66
N PHE E 68 5.71 -50.35 6.92
CA PHE E 68 6.59 -51.44 7.34
C PHE E 68 5.94 -52.78 7.00
N THR E 69 6.09 -53.19 5.75
CA THR E 69 5.56 -54.46 5.28
C THR E 69 6.65 -55.53 5.26
N ALA F 1 -3.86 -49.68 38.91
CA ALA F 1 -2.76 -50.37 38.24
C ALA F 1 -2.60 -49.86 36.81
N GLN F 2 -2.38 -50.80 35.89
CA GLN F 2 -2.26 -50.49 34.45
C GLN F 2 -1.07 -49.57 34.16
N GLY F 3 -0.20 -49.38 35.16
CA GLY F 3 1.02 -48.62 34.96
C GLY F 3 0.82 -47.13 34.82
N LEU F 4 0.07 -46.69 33.80
CA LEU F 4 -0.09 -45.28 33.52
C LEU F 4 -1.48 -44.76 33.84
N GLU F 5 -2.24 -45.47 34.68
CA GLU F 5 -3.53 -44.96 35.10
C GLU F 5 -3.36 -43.73 35.99
N LYS F 6 -2.35 -43.74 36.86
CA LYS F 6 -2.11 -42.60 37.74
C LYS F 6 -1.75 -41.36 36.95
N ALA F 7 -0.88 -41.50 35.94
CA ALA F 7 -0.52 -40.36 35.10
C ALA F 7 -1.72 -39.86 34.33
N ARG F 8 -2.58 -40.77 33.86
CA ARG F 8 -3.80 -40.35 33.17
C ARG F 8 -4.71 -39.57 34.10
N SER F 9 -4.85 -40.01 35.34
CA SER F 9 -5.67 -39.28 36.30
C SER F 9 -5.10 -37.89 36.58
N VAL F 10 -3.78 -37.80 36.71
CA VAL F 10 -3.13 -36.51 36.92
C VAL F 10 -3.38 -35.59 35.74
N LEU F 11 -3.26 -36.12 34.52
CA LEU F 11 -3.52 -35.31 33.33
C LEU F 11 -4.98 -34.86 33.26
N GLU F 12 -5.91 -35.73 33.67
CA GLU F 12 -7.31 -35.32 33.70
C GLU F 12 -7.54 -34.20 34.70
N THR F 13 -6.92 -34.30 35.87
CA THR F 13 -7.03 -33.22 36.85
C THR F 13 -6.46 -31.92 36.31
N LEU F 14 -5.31 -31.99 35.65
CA LEU F 14 -4.71 -30.80 35.07
C LEU F 14 -5.61 -30.21 34.00
N GLN F 15 -6.21 -31.05 33.16
CA GLN F 15 -7.11 -30.56 32.12
C GLN F 15 -8.32 -29.86 32.72
N GLN F 16 -8.90 -30.45 33.78
CA GLN F 16 -10.04 -29.82 34.42
C GLN F 16 -9.66 -28.47 35.02
N GLU F 17 -8.50 -28.40 35.67
CA GLU F 17 -8.07 -27.13 36.27
C GLU F 17 -7.82 -26.06 35.19
N LEU F 18 -7.18 -26.45 34.09
CA LEU F 18 -6.95 -25.49 33.02
C LEU F 18 -8.25 -25.03 32.39
N THR F 19 -9.21 -25.95 32.22
CA THR F 19 -10.51 -25.56 31.69
C THR F 19 -11.22 -24.60 32.65
N THR F 20 -11.03 -24.80 33.96
CA THR F 20 -11.59 -23.87 34.93
C THR F 20 -10.95 -22.49 34.81
N ILE F 21 -9.63 -22.44 34.62
CA ILE F 21 -8.94 -21.16 34.52
C ILE F 21 -9.29 -20.42 33.24
N VAL F 22 -9.48 -21.16 32.13
CA VAL F 22 -9.53 -20.51 30.81
C VAL F 22 -10.55 -19.39 30.70
N PRO F 23 -11.80 -19.51 31.18
CA PRO F 23 -12.77 -18.42 30.95
C PRO F 23 -12.31 -17.08 31.47
N ILE F 24 -11.59 -17.04 32.60
CA ILE F 24 -11.08 -15.78 33.11
C ILE F 24 -10.09 -15.16 32.13
N ALA F 25 -9.18 -15.97 31.60
CA ALA F 25 -8.21 -15.47 30.63
C ALA F 25 -8.91 -14.97 29.36
N ALA F 26 -9.91 -15.70 28.89
CA ALA F 26 -10.63 -15.26 27.71
C ALA F 26 -11.35 -13.95 27.95
N ALA F 27 -11.96 -13.79 29.13
CA ALA F 27 -12.65 -12.55 29.45
C ALA F 27 -11.68 -11.38 29.52
N VAL F 28 -10.52 -11.59 30.14
CA VAL F 28 -9.52 -10.52 30.21
C VAL F 28 -9.03 -10.15 28.83
N ILE F 29 -8.80 -11.16 27.97
CA ILE F 29 -8.36 -10.88 26.60
C ILE F 29 -9.40 -10.06 25.87
N LEU F 30 -10.68 -10.44 25.98
CA LEU F 30 -11.73 -9.68 25.31
C LEU F 30 -11.84 -8.27 25.85
N LEU F 31 -11.69 -8.11 27.17
CA LEU F 31 -11.73 -6.77 27.76
C LEU F 31 -10.63 -5.89 27.20
N CYS F 32 -9.41 -6.43 27.07
CA CYS F 32 -8.32 -5.65 26.51
C CYS F 32 -8.55 -5.36 25.03
N LEU F 33 -9.06 -6.36 24.28
CA LEU F 33 -9.25 -6.18 22.85
C LEU F 33 -10.32 -5.13 22.55
N GLY F 34 -11.37 -5.07 23.37
CA GLY F 34 -12.39 -4.05 23.14
C GLY F 34 -11.84 -2.64 23.25
N ILE F 35 -11.04 -2.39 24.29
CA ILE F 35 -10.46 -1.06 24.47
C ILE F 35 -9.41 -0.78 23.39
N ALA F 36 -8.64 -1.80 23.01
CA ALA F 36 -7.66 -1.60 21.95
C ALA F 36 -8.34 -1.24 20.63
N TYR F 37 -9.45 -1.90 20.32
CA TYR F 37 -10.19 -1.60 19.10
C TYR F 37 -10.86 -0.23 19.18
N ALA F 38 -11.33 0.16 20.36
CA ALA F 38 -11.94 1.49 20.51
C ALA F 38 -10.91 2.58 20.24
N GLY F 39 -9.67 2.38 20.68
CA GLY F 39 -8.62 3.35 20.53
C GLY F 39 -7.85 3.30 19.23
N ARG F 40 -8.38 2.61 18.21
CA ARG F 40 -7.77 2.52 16.90
C ARG F 40 -6.41 1.82 16.91
N PHE F 41 -6.25 0.79 17.74
CA PHE F 41 -4.99 0.04 17.76
C PHE F 41 -5.06 -1.28 17.01
N ILE F 42 -6.25 -1.85 16.84
CA ILE F 42 -6.43 -3.10 16.11
C ILE F 42 -7.63 -2.94 15.18
N GLU F 43 -7.98 -4.01 14.49
CA GLU F 43 -9.04 -4.00 13.50
C GLU F 43 -10.23 -4.83 13.96
N LYS F 44 -11.31 -4.77 13.17
CA LYS F 44 -12.57 -5.40 13.55
C LYS F 44 -12.56 -6.91 13.41
N ASP F 45 -11.63 -7.48 12.63
CA ASP F 45 -11.56 -8.93 12.51
C ASP F 45 -10.98 -9.58 13.76
N THR F 46 -10.45 -8.77 14.68
CA THR F 46 -9.91 -9.32 15.92
C THR F 46 -11.00 -10.00 16.73
N PHE F 47 -12.20 -9.44 16.75
CA PHE F 47 -13.31 -10.07 17.47
C PHE F 47 -13.70 -11.39 16.84
N VAL F 48 -13.67 -11.46 15.51
CA VAL F 48 -13.95 -12.73 14.83
C VAL F 48 -12.90 -13.77 15.19
N ARG F 49 -11.63 -13.37 15.19
CA ARG F 49 -10.56 -14.27 15.59
C ARG F 49 -10.75 -14.75 17.02
N TRP F 50 -11.10 -13.84 17.92
CA TRP F 50 -11.31 -14.19 19.32
C TRP F 50 -12.46 -15.17 19.47
N SER F 51 -13.57 -14.92 18.76
CA SER F 51 -14.72 -15.80 18.85
C SER F 51 -14.38 -17.19 18.35
N ILE F 52 -13.66 -17.27 17.22
CA ILE F 52 -13.29 -18.58 16.69
C ILE F 52 -12.39 -19.32 17.67
N GLY F 53 -11.41 -18.61 18.24
CA GLY F 53 -10.52 -19.25 19.19
C GLY F 53 -11.24 -19.75 20.42
N VAL F 54 -12.16 -18.94 20.95
CA VAL F 54 -12.88 -19.33 22.15
C VAL F 54 -13.82 -20.50 21.87
N ILE F 55 -14.50 -20.47 20.73
CA ILE F 55 -15.37 -21.59 20.37
C ILE F 55 -14.57 -22.88 20.21
N ILE F 56 -13.41 -22.80 19.56
CA ILE F 56 -12.58 -24.00 19.42
C ILE F 56 -12.11 -24.49 20.77
N ALA F 57 -11.69 -23.58 21.65
CA ALA F 57 -11.20 -23.99 22.97
C ALA F 57 -12.31 -24.60 23.81
N GLY F 58 -13.54 -24.11 23.66
CA GLY F 58 -14.63 -24.62 24.47
C GLY F 58 -14.94 -26.07 24.18
N SER F 59 -14.92 -26.47 22.92
CA SER F 59 -15.21 -27.84 22.50
C SER F 59 -13.94 -28.58 22.12
N ALA F 60 -12.86 -28.36 22.86
CA ALA F 60 -11.60 -29.04 22.57
C ALA F 60 -11.74 -30.55 22.75
N VAL F 61 -12.41 -30.98 23.82
CA VAL F 61 -12.55 -32.41 24.09
C VAL F 61 -13.35 -33.08 22.98
N GLN F 62 -14.44 -32.45 22.54
CA GLN F 62 -15.28 -33.03 21.50
C GLN F 62 -14.52 -33.14 20.18
N ILE F 63 -13.77 -32.09 19.83
CA ILE F 63 -12.99 -32.14 18.59
C ILE F 63 -11.92 -33.22 18.67
N THR F 64 -11.24 -33.33 19.81
CA THR F 64 -10.22 -34.36 19.96
C THR F 64 -10.83 -35.75 19.87
N ALA F 65 -12.00 -35.97 20.48
CA ALA F 65 -12.67 -37.26 20.37
C ALA F 65 -13.17 -37.54 18.95
N MET F 66 -13.47 -36.49 18.18
CA MET F 66 -13.89 -36.69 16.81
C MET F 66 -12.72 -37.06 15.91
N LEU F 67 -11.57 -36.41 16.10
CA LEU F 67 -10.43 -36.67 15.22
C LEU F 67 -9.61 -37.88 15.69
N PHE F 68 -9.25 -37.92 16.97
CA PHE F 68 -8.47 -39.03 17.51
C PHE F 68 -9.41 -40.16 17.93
N THR F 69 -9.74 -41.00 16.96
CA THR F 69 -10.60 -42.14 17.21
C THR F 69 -9.80 -43.43 17.30
N ALA G 1 -7.05 -25.39 47.84
CA ALA G 1 -6.52 -26.61 47.26
C ALA G 1 -6.84 -26.69 45.77
N GLN G 2 -7.04 -27.92 45.29
CA GLN G 2 -7.37 -28.17 43.88
C GLN G 2 -6.30 -27.65 42.93
N GLY G 3 -5.11 -27.37 43.47
CA GLY G 3 -3.99 -26.98 42.64
C GLY G 3 -4.06 -25.57 42.10
N LEU G 4 -4.97 -25.33 41.17
CA LEU G 4 -5.03 -24.06 40.45
C LEU G 4 -6.15 -23.16 40.93
N GLU G 5 -6.63 -23.35 42.16
CA GLU G 5 -7.61 -22.42 42.71
C GLU G 5 -6.96 -21.09 43.06
N LYS G 6 -5.72 -21.13 43.57
CA LYS G 6 -5.01 -19.90 43.91
C LYS G 6 -4.75 -19.06 42.68
N ALA G 7 -4.29 -19.69 41.59
CA ALA G 7 -4.07 -18.96 40.35
C ALA G 7 -5.37 -18.40 39.80
N ARG G 8 -6.46 -19.15 39.93
CA ARG G 8 -7.76 -18.66 39.49
C ARG G 8 -8.18 -17.43 40.29
N SER G 9 -7.97 -17.45 41.60
CA SER G 9 -8.31 -16.29 42.42
C SER G 9 -7.47 -15.08 42.05
N VAL G 10 -6.18 -15.31 41.80
CA VAL G 10 -5.31 -14.20 41.38
C VAL G 10 -5.77 -13.63 40.04
N LEU G 11 -6.16 -14.50 39.11
CA LEU G 11 -6.66 -14.04 37.82
C LEU G 11 -7.96 -13.26 37.98
N GLU G 12 -8.83 -13.70 38.88
CA GLU G 12 -10.06 -12.95 39.14
C GLU G 12 -9.76 -11.57 39.70
N THR G 13 -8.80 -11.48 40.63
CA THR G 13 -8.41 -10.17 41.15
C THR G 13 -7.86 -9.29 40.05
N LEU G 14 -7.02 -9.84 39.18
CA LEU G 14 -6.47 -9.07 38.08
C LEU G 14 -7.57 -8.59 37.13
N GLN G 15 -8.54 -9.46 36.85
CA GLN G 15 -9.65 -9.09 35.98
C GLN G 15 -10.47 -7.96 36.59
N GLN G 16 -10.76 -8.04 37.89
CA GLN G 16 -11.51 -6.97 38.54
C GLN G 16 -10.75 -5.66 38.50
N GLU G 17 -9.44 -5.70 38.76
CA GLU G 17 -8.66 -4.47 38.73
C GLU G 17 -8.61 -3.87 37.33
N LEU G 18 -8.44 -4.70 36.31
CA LEU G 18 -8.43 -4.19 34.94
C LEU G 18 -9.78 -3.61 34.56
N THR G 19 -10.88 -4.26 34.99
CA THR G 19 -12.20 -3.72 34.71
C THR G 19 -12.41 -2.38 35.41
N THR G 20 -11.84 -2.24 36.61
CA THR G 20 -11.91 -0.95 37.30
C THR G 20 -11.14 0.12 36.53
N ILE G 21 -9.95 -0.22 36.03
CA ILE G 21 -9.13 0.77 35.33
C ILE G 21 -9.74 1.16 33.98
N VAL G 22 -10.40 0.21 33.31
CA VAL G 22 -10.77 0.43 31.90
C VAL G 22 -11.58 1.70 31.65
N PRO G 23 -12.61 2.05 32.45
CA PRO G 23 -13.42 3.23 32.10
C PRO G 23 -12.60 4.51 31.98
N ILE G 24 -11.56 4.67 32.79
CA ILE G 24 -10.71 5.85 32.68
C ILE G 24 -10.02 5.88 31.33
N ALA G 25 -9.48 4.74 30.90
CA ALA G 25 -8.83 4.66 29.59
C ALA G 25 -9.81 4.95 28.46
N ALA G 26 -11.03 4.40 28.57
CA ALA G 26 -12.03 4.64 27.53
C ALA G 26 -12.40 6.12 27.47
N ALA G 27 -12.56 6.77 28.63
CA ALA G 27 -12.89 8.18 28.65
C ALA G 27 -11.77 9.03 28.06
N VAL G 28 -10.52 8.70 28.37
CA VAL G 28 -9.39 9.44 27.82
C VAL G 28 -9.33 9.25 26.30
N ILE G 29 -9.57 8.02 25.84
CA ILE G 29 -9.58 7.76 24.40
C ILE G 29 -10.65 8.58 23.71
N LEU G 30 -11.85 8.60 24.29
CA LEU G 30 -12.93 9.38 23.68
C LEU G 30 -12.61 10.87 23.68
N LEU G 31 -12.01 11.36 24.77
CA LEU G 31 -11.64 12.77 24.84
C LEU G 31 -10.64 13.13 23.74
N CYS G 32 -9.64 12.27 23.53
CA CYS G 32 -8.68 12.53 22.46
C CYS G 32 -9.34 12.43 21.09
N LEU G 33 -10.22 11.45 20.89
CA LEU G 33 -10.85 11.26 19.59
C LEU G 33 -11.76 12.42 19.24
N GLY G 34 -12.45 12.99 20.22
CA GLY G 34 -13.31 14.14 19.94
C GLY G 34 -12.53 15.32 19.38
N ILE G 35 -11.41 15.66 20.00
CA ILE G 35 -10.60 16.76 19.53
C ILE G 35 -9.95 16.42 18.19
N ALA G 36 -9.52 15.16 18.02
CA ALA G 36 -8.94 14.76 16.74
C ALA G 36 -9.94 14.89 15.61
N TYR G 37 -11.20 14.50 15.86
CA TYR G 37 -12.25 14.64 14.86
C TYR G 37 -12.60 16.09 14.62
N ALA G 38 -12.59 16.92 15.66
CA ALA G 38 -12.88 18.34 15.48
C ALA G 38 -11.82 19.00 14.61
N GLY G 39 -10.58 18.59 14.73
CA GLY G 39 -9.48 19.15 13.97
C GLY G 39 -9.27 18.57 12.59
N ARG G 40 -10.23 17.81 12.08
CA ARG G 40 -10.17 17.20 10.75
C ARG G 40 -9.05 16.18 10.62
N PHE G 41 -8.69 15.48 11.70
CA PHE G 41 -7.64 14.49 11.63
C PHE G 41 -8.16 13.06 11.44
N ILE G 42 -9.40 12.78 11.83
CA ILE G 42 -10.02 11.48 11.65
C ILE G 42 -11.44 11.69 11.15
N GLU G 43 -12.15 10.58 10.95
CA GLU G 43 -13.49 10.60 10.39
C GLU G 43 -14.53 10.24 11.44
N LYS G 44 -15.80 10.35 11.04
CA LYS G 44 -16.91 10.18 11.97
C LYS G 44 -17.17 8.73 12.33
N ASP G 45 -16.68 7.78 11.53
CA ASP G 45 -16.85 6.37 11.89
C ASP G 45 -16.04 5.98 13.10
N THR G 46 -15.09 6.83 13.52
CA THR G 46 -14.30 6.55 14.71
C THR G 46 -15.18 6.45 15.95
N PHE G 47 -16.21 7.29 16.04
CA PHE G 47 -17.11 7.24 17.18
C PHE G 47 -17.88 5.92 17.20
N VAL G 48 -18.33 5.44 16.04
CA VAL G 48 -19.01 4.16 15.97
C VAL G 48 -18.07 3.04 16.39
N ARG G 49 -16.83 3.10 15.92
CA ARG G 49 -15.83 2.09 16.30
C ARG G 49 -15.61 2.10 17.81
N TRP G 50 -15.48 3.29 18.40
CA TRP G 50 -15.26 3.41 19.83
C TRP G 50 -16.45 2.87 20.60
N SER G 51 -17.67 3.19 20.16
CA SER G 51 -18.86 2.72 20.85
C SER G 51 -18.94 1.20 20.82
N ILE G 52 -18.67 0.60 19.65
CA ILE G 52 -18.72 -0.85 19.54
C ILE G 52 -17.66 -1.48 20.44
N GLY G 53 -16.44 -0.93 20.43
CA GLY G 53 -15.39 -1.47 21.27
C GLY G 53 -15.73 -1.40 22.74
N VAL G 54 -16.28 -0.26 23.18
CA VAL G 54 -16.61 -0.09 24.60
C VAL G 54 -17.76 -1.02 24.99
N ILE G 55 -18.77 -1.14 24.13
CA ILE G 55 -19.88 -2.03 24.44
C ILE G 55 -19.40 -3.48 24.54
N ILE G 56 -18.51 -3.90 23.64
CA ILE G 56 -17.98 -5.26 23.72
C ILE G 56 -17.16 -5.44 24.99
N ALA G 57 -16.34 -4.45 25.33
CA ALA G 57 -15.51 -4.56 26.53
C ALA G 57 -16.36 -4.62 27.80
N GLY G 58 -17.47 -3.88 27.82
CA GLY G 58 -18.31 -3.86 29.01
C GLY G 58 -18.93 -5.20 29.32
N SER G 59 -19.37 -5.92 28.29
CA SER G 59 -20.00 -7.23 28.43
C SER G 59 -19.05 -8.35 28.02
N ALA G 60 -17.76 -8.21 28.37
CA ALA G 60 -16.79 -9.24 28.04
C ALA G 60 -17.09 -10.54 28.77
N VAL G 61 -17.43 -10.45 30.07
CA VAL G 61 -17.70 -11.64 30.85
C VAL G 61 -18.92 -12.38 30.32
N GLN G 62 -19.97 -11.63 29.97
CA GLN G 62 -21.19 -12.26 29.47
C GLN G 62 -20.93 -12.96 28.13
N ILE G 63 -20.19 -12.31 27.23
CA ILE G 63 -19.89 -12.92 25.95
C ILE G 63 -19.03 -14.16 26.13
N THR G 64 -18.03 -14.09 27.02
CA THR G 64 -17.21 -15.27 27.28
C THR G 64 -18.02 -16.42 27.85
N ALA G 65 -18.95 -16.13 28.77
CA ALA G 65 -19.82 -17.16 29.29
C ALA G 65 -20.78 -17.72 28.25
N MET G 66 -21.18 -16.90 27.27
CA MET G 66 -22.06 -17.38 26.22
C MET G 66 -21.31 -18.27 25.23
N LEU G 67 -20.08 -17.91 24.87
CA LEU G 67 -19.35 -18.68 23.86
C LEU G 67 -18.61 -19.86 24.45
N PHE G 68 -17.89 -19.66 25.56
CA PHE G 68 -17.15 -20.74 26.20
C PHE G 68 -18.06 -21.47 27.18
N THR G 69 -18.80 -22.43 26.65
CA THR G 69 -19.71 -23.22 27.46
C THR G 69 -19.15 -24.62 27.71
N ALA H 1 -3.65 0.01 48.43
CA ALA H 1 -3.44 -1.39 48.07
C ALA H 1 -4.21 -1.73 46.78
N GLN H 2 -4.82 -2.91 46.77
CA GLN H 2 -5.63 -3.39 45.65
C GLN H 2 -4.81 -3.51 44.36
N GLY H 3 -3.49 -3.41 44.47
CA GLY H 3 -2.62 -3.61 43.33
C GLY H 3 -2.64 -2.50 42.31
N LEU H 4 -3.81 -2.22 41.72
CA LEU H 4 -3.91 -1.25 40.64
C LEU H 4 -4.63 0.02 41.06
N GLU H 5 -4.76 0.28 42.37
CA GLU H 5 -5.32 1.54 42.80
C GLU H 5 -4.40 2.71 42.46
N LYS H 6 -3.09 2.51 42.60
CA LYS H 6 -2.14 3.58 42.30
C LYS H 6 -2.17 3.93 40.82
N ALA H 7 -2.19 2.92 39.95
CA ALA H 7 -2.26 3.17 38.52
C ALA H 7 -3.57 3.85 38.15
N ARG H 8 -4.67 3.45 38.80
CA ARG H 8 -5.95 4.09 38.54
C ARG H 8 -5.92 5.57 38.95
N SER H 9 -5.30 5.88 40.10
CA SER H 9 -5.19 7.27 40.51
C SER H 9 -4.34 8.07 39.54
N VAL H 10 -3.25 7.48 39.05
CA VAL H 10 -2.40 8.17 38.08
C VAL H 10 -3.18 8.42 36.79
N LEU H 11 -3.98 7.45 36.36
CA LEU H 11 -4.80 7.63 35.16
C LEU H 11 -5.84 8.72 35.37
N GLU H 12 -6.43 8.79 36.56
CA GLU H 12 -7.38 9.87 36.85
C GLU H 12 -6.70 11.23 36.78
N THR H 13 -5.49 11.34 37.33
CA THR H 13 -4.75 12.60 37.26
C THR H 13 -4.45 12.97 35.81
N LEU H 14 -4.02 11.98 35.01
CA LEU H 14 -3.75 12.24 33.60
C LEU H 14 -5.01 12.69 32.87
N GLN H 15 -6.14 12.06 33.18
CA GLN H 15 -7.40 12.44 32.54
C GLN H 15 -7.78 13.87 32.90
N GLN H 16 -7.63 14.24 34.17
CA GLN H 16 -7.94 15.61 34.59
C GLN H 16 -7.04 16.61 33.89
N GLU H 17 -5.74 16.30 33.79
CA GLU H 17 -4.83 17.24 33.15
C GLU H 17 -5.13 17.37 31.66
N LEU H 18 -5.45 16.27 30.98
CA LEU H 18 -5.81 16.35 29.57
C LEU H 18 -7.11 17.13 29.39
N THR H 19 -8.07 16.95 30.28
CA THR H 19 -9.30 17.72 30.22
C THR H 19 -9.02 19.21 30.41
N THR H 20 -8.08 19.55 31.29
CA THR H 20 -7.70 20.95 31.45
C THR H 20 -7.07 21.49 30.17
N ILE H 21 -6.19 20.71 29.53
CA ILE H 21 -5.50 21.19 28.34
C ILE H 21 -6.44 21.33 27.15
N VAL H 22 -7.43 20.43 27.03
CA VAL H 22 -8.21 20.33 25.79
C VAL H 22 -8.84 21.64 25.34
N PRO H 23 -9.49 22.44 26.19
CA PRO H 23 -10.18 23.64 25.67
C PRO H 23 -9.27 24.58 24.91
N ILE H 24 -8.01 24.70 25.30
CA ILE H 24 -7.08 25.55 24.57
C ILE H 24 -6.86 25.02 23.16
N ALA H 25 -6.68 23.69 23.05
CA ALA H 25 -6.50 23.09 21.73
C ALA H 25 -7.75 23.28 20.87
N ALA H 26 -8.93 23.12 21.47
CA ALA H 26 -10.16 23.31 20.71
C ALA H 26 -10.30 24.76 20.24
N ALA H 27 -9.94 25.72 21.11
CA ALA H 27 -10.00 27.11 20.72
C ALA H 27 -9.04 27.44 19.59
N VAL H 28 -7.82 26.89 19.66
CA VAL H 28 -6.85 27.11 18.57
C VAL H 28 -7.36 26.50 17.28
N ILE H 29 -7.93 25.30 17.36
CA ILE H 29 -8.47 24.65 16.17
C ILE H 29 -9.57 25.50 15.54
N LEU H 30 -10.49 26.01 16.37
CA LEU H 30 -11.57 26.83 15.84
C LEU H 30 -11.04 28.13 15.26
N LEU H 31 -10.04 28.73 15.89
CA LEU H 31 -9.45 29.96 15.37
C LEU H 31 -8.84 29.72 13.99
N CYS H 32 -8.13 28.62 13.82
CA CYS H 32 -7.56 28.32 12.51
C CYS H 32 -8.65 28.00 11.49
N LEU H 33 -9.68 27.26 11.91
CA LEU H 33 -10.74 26.86 10.98
C LEU H 33 -11.53 28.06 10.49
N GLY H 34 -11.77 29.04 11.35
CA GLY H 34 -12.48 30.23 10.92
C GLY H 34 -11.78 30.96 9.80
N ILE H 35 -10.47 31.17 9.94
CA ILE H 35 -9.70 31.85 8.91
C ILE H 35 -9.60 30.98 7.66
N ALA H 36 -9.47 29.66 7.84
CA ALA H 36 -9.41 28.77 6.67
C ALA H 36 -10.70 28.82 5.87
N TYR H 37 -11.84 28.85 6.57
CA TYR H 37 -13.13 28.98 5.88
C TYR H 37 -13.30 30.36 5.27
N ALA H 38 -12.75 31.39 5.90
CA ALA H 38 -12.83 32.74 5.33
C ALA H 38 -12.11 32.82 4.00
N GLY H 39 -10.97 32.14 3.89
CA GLY H 39 -10.17 32.17 2.69
C GLY H 39 -10.55 31.18 1.62
N ARG H 40 -11.75 30.57 1.74
CA ARG H 40 -12.28 29.63 0.76
C ARG H 40 -11.43 28.37 0.64
N PHE H 41 -10.77 27.95 1.72
CA PHE H 41 -9.96 26.74 1.70
C PHE H 41 -10.73 25.50 2.15
N ILE H 42 -11.71 25.65 3.03
CA ILE H 42 -12.53 24.55 3.52
C ILE H 42 -13.99 24.94 3.35
N GLU H 43 -14.88 24.05 3.79
CA GLU H 43 -16.31 24.22 3.57
C GLU H 43 -17.03 24.50 4.88
N LYS H 44 -18.33 24.76 4.77
CA LYS H 44 -19.14 25.18 5.90
C LYS H 44 -19.48 24.05 6.85
N ASP H 45 -19.37 22.79 6.40
CA ASP H 45 -19.65 21.67 7.28
C ASP H 45 -18.54 21.47 8.31
N THR H 46 -17.42 22.15 8.15
CA THR H 46 -16.32 22.03 9.10
C THR H 46 -16.75 22.51 10.48
N PHE H 47 -17.57 23.55 10.55
CA PHE H 47 -18.03 24.05 11.84
C PHE H 47 -18.94 23.04 12.53
N VAL H 48 -19.80 22.38 11.75
CA VAL H 48 -20.65 21.33 12.31
C VAL H 48 -19.78 20.18 12.84
N ARG H 49 -18.77 19.80 12.06
CA ARG H 49 -17.86 18.74 12.50
C ARG H 49 -17.16 19.12 13.81
N TRP H 50 -16.67 20.36 13.87
CA TRP H 50 -15.97 20.83 15.07
C TRP H 50 -16.91 20.84 16.27
N SER H 51 -18.14 21.32 16.07
CA SER H 51 -19.10 21.38 17.17
C SER H 51 -19.41 19.98 17.70
N ILE H 52 -19.63 19.04 16.79
CA ILE H 52 -19.94 17.66 17.22
C ILE H 52 -18.75 17.07 17.97
N GLY H 53 -17.54 17.27 17.44
CA GLY H 53 -16.36 16.74 18.11
C GLY H 53 -16.17 17.30 19.50
N VAL H 54 -16.34 18.62 19.64
CA VAL H 54 -16.12 19.26 20.94
C VAL H 54 -17.21 18.85 21.92
N ILE H 55 -18.45 18.76 21.46
CA ILE H 55 -19.53 18.34 22.36
C ILE H 55 -19.31 16.91 22.83
N ILE H 56 -18.89 16.02 21.93
CA ILE H 56 -18.61 14.64 22.34
C ILE H 56 -17.45 14.60 23.32
N ALA H 57 -16.39 15.36 23.05
CA ALA H 57 -15.23 15.35 23.94
C ALA H 57 -15.56 15.94 25.30
N GLY H 58 -16.50 16.89 25.35
CA GLY H 58 -16.86 17.50 26.61
C GLY H 58 -17.53 16.54 27.56
N SER H 59 -18.39 15.67 27.04
CA SER H 59 -19.12 14.69 27.84
C SER H 59 -18.57 13.29 27.65
N ALA H 60 -17.24 13.17 27.55
CA ALA H 60 -16.63 11.86 27.37
C ALA H 60 -16.89 10.96 28.56
N VAL H 61 -16.78 11.49 29.78
CA VAL H 61 -16.98 10.69 30.98
C VAL H 61 -18.41 10.19 31.06
N GLN H 62 -19.37 11.06 30.76
CA GLN H 62 -20.78 10.67 30.83
C GLN H 62 -21.11 9.60 29.81
N ILE H 63 -20.61 9.75 28.58
CA ILE H 63 -20.86 8.74 27.55
C ILE H 63 -20.21 7.41 27.92
N THR H 64 -18.98 7.46 28.44
CA THR H 64 -18.32 6.23 28.87
C THR H 64 -19.08 5.55 29.99
N ALA H 65 -19.58 6.31 30.96
CA ALA H 65 -20.40 5.72 32.02
C ALA H 65 -21.73 5.19 31.51
N MET H 66 -22.27 5.78 30.45
CA MET H 66 -23.52 5.27 29.88
C MET H 66 -23.31 3.97 29.11
N LEU H 67 -22.21 3.87 28.37
CA LEU H 67 -21.98 2.67 27.57
C LEU H 67 -21.29 1.58 28.37
N PHE H 68 -20.19 1.89 29.03
CA PHE H 68 -19.44 0.90 29.81
C PHE H 68 -20.08 0.76 31.19
N THR H 69 -21.14 -0.04 31.22
CA THR H 69 -21.87 -0.28 32.46
C THR H 69 -21.35 -1.52 33.17
N ALA I 1 3.55 22.92 39.19
CA ALA I 1 3.60 21.47 39.09
C ALA I 1 2.43 20.94 38.24
N GLN I 2 1.69 19.99 38.81
CA GLN I 2 0.49 19.43 38.16
C GLN I 2 0.83 18.73 36.85
N GLY I 3 2.11 18.53 36.57
CA GLY I 3 2.51 17.79 35.40
C GLY I 3 2.32 18.52 34.09
N LEU I 4 1.09 18.92 33.78
CA LEU I 4 0.77 19.53 32.50
C LEU I 4 0.44 21.01 32.61
N GLU I 5 0.89 21.67 33.68
CA GLU I 5 0.72 23.12 33.76
C GLU I 5 1.62 23.83 32.76
N LYS I 6 2.86 23.33 32.60
CA LYS I 6 3.79 23.96 31.67
C LYS I 6 3.29 23.86 30.24
N ALA I 7 2.78 22.69 29.85
CA ALA I 7 2.25 22.52 28.51
C ALA I 7 1.03 23.42 28.29
N ARG I 8 0.18 23.55 29.31
CA ARG I 8 -0.97 24.44 29.20
C ARG I 8 -0.52 25.89 29.02
N SER I 9 0.50 26.32 29.75
CA SER I 9 1.00 27.68 29.59
C SER I 9 1.57 27.90 28.19
N VAL I 10 2.30 26.91 27.67
CA VAL I 10 2.84 27.01 26.32
C VAL I 10 1.72 27.11 25.30
N LEU I 11 0.67 26.31 25.48
CA LEU I 11 -0.47 26.36 24.56
C LEU I 11 -1.18 27.70 24.64
N GLU I 12 -1.31 28.27 25.85
CA GLU I 12 -1.92 29.58 25.97
C GLU I 12 -1.10 30.65 25.25
N THR I 13 0.22 30.60 25.40
CA THR I 13 1.08 31.54 24.69
C THR I 13 0.94 31.39 23.18
N LEU I 14 0.91 30.15 22.69
CA LEU I 14 0.74 29.92 21.26
C LEU I 14 -0.61 30.45 20.78
N GLN I 15 -1.67 30.23 21.56
CA GLN I 15 -2.99 30.73 21.18
C GLN I 15 -2.99 32.25 21.11
N GLN I 16 -2.37 32.92 22.08
CA GLN I 16 -2.32 34.37 22.05
C GLN I 16 -1.54 34.87 20.84
N GLU I 17 -0.41 34.23 20.52
CA GLU I 17 0.38 34.66 19.37
C GLU I 17 -0.37 34.45 18.06
N LEU I 18 -1.07 33.32 17.93
CA LEU I 18 -1.86 33.08 16.72
C LEU I 18 -3.00 34.09 16.63
N THR I 19 -3.63 34.42 17.74
CA THR I 19 -4.67 35.44 17.73
C THR I 19 -4.12 36.79 17.30
N THR I 20 -2.90 37.12 17.74
CA THR I 20 -2.26 38.35 17.30
C THR I 20 -2.01 38.33 15.79
N ILE I 21 -1.54 37.21 15.26
CA ILE I 21 -1.23 37.12 13.84
C ILE I 21 -2.49 37.17 12.98
N VAL I 22 -3.59 36.58 13.46
CA VAL I 22 -4.75 36.32 12.57
C VAL I 22 -5.27 37.57 11.87
N PRO I 23 -5.45 38.73 12.51
CA PRO I 23 -6.06 39.87 11.80
C PRO I 23 -5.31 40.27 10.54
N ILE I 24 -3.98 40.15 10.53
CA ILE I 24 -3.23 40.46 9.32
C ILE I 24 -3.60 39.50 8.20
N ALA I 25 -3.70 38.21 8.51
CA ALA I 25 -4.11 37.23 7.51
C ALA I 25 -5.51 37.51 7.00
N ALA I 26 -6.43 37.87 7.91
CA ALA I 26 -7.80 38.18 7.48
C ALA I 26 -7.82 39.39 6.57
N ALA I 27 -7.04 40.42 6.91
CA ALA I 27 -6.98 41.62 6.07
C ALA I 27 -6.43 41.30 4.68
N VAL I 28 -5.38 40.48 4.62
CA VAL I 28 -4.81 40.11 3.32
C VAL I 28 -5.81 39.30 2.52
N ILE I 29 -6.53 38.38 3.18
CA ILE I 29 -7.53 37.57 2.49
C ILE I 29 -8.62 38.47 1.92
N LEU I 30 -9.12 39.42 2.70
CA LEU I 30 -10.16 40.31 2.22
C LEU I 30 -9.64 41.19 1.08
N LEU I 31 -8.39 41.65 1.17
CA LEU I 31 -7.82 42.46 0.11
C LEU I 31 -7.76 41.69 -1.19
N CYS I 32 -7.36 40.42 -1.14
CA CYS I 32 -7.34 39.61 -2.36
C CYS I 32 -8.74 39.32 -2.85
N LEU I 33 -9.68 39.05 -1.95
CA LEU I 33 -11.04 38.69 -2.35
C LEU I 33 -11.76 39.86 -3.00
N GLY I 34 -11.52 41.08 -2.52
CA GLY I 34 -12.15 42.23 -3.14
C GLY I 34 -11.75 42.41 -4.59
N ILE I 35 -10.45 42.28 -4.87
CA ILE I 35 -9.98 42.42 -6.25
C ILE I 35 -10.45 41.23 -7.09
N ALA I 36 -10.48 40.03 -6.51
CA ALA I 36 -10.96 38.88 -7.25
C ALA I 36 -12.42 39.06 -7.65
N TYR I 37 -13.24 39.59 -6.74
CA TYR I 37 -14.64 39.85 -7.04
C TYR I 37 -14.80 40.99 -8.04
N ALA I 38 -13.93 42.00 -7.98
CA ALA I 38 -14.00 43.09 -8.94
C ALA I 38 -13.73 42.60 -10.35
N GLY I 39 -12.82 41.64 -10.51
CA GLY I 39 -12.46 41.10 -11.79
C GLY I 39 -13.33 39.98 -12.30
N ARG I 40 -14.49 39.76 -11.68
CA ARG I 40 -15.46 38.74 -12.09
C ARG I 40 -14.92 37.33 -11.97
N PHE I 41 -14.02 37.08 -11.01
CA PHE I 41 -13.49 35.74 -10.80
C PHE I 41 -14.27 34.94 -9.77
N ILE I 42 -14.91 35.59 -8.80
CA ILE I 42 -15.69 34.92 -7.77
C ILE I 42 -17.04 35.63 -7.65
N GLU I 43 -17.87 35.14 -6.74
CA GLU I 43 -19.23 35.63 -6.58
C GLU I 43 -19.36 36.48 -5.32
N LYS I 44 -20.55 37.07 -5.17
CA LYS I 44 -20.79 38.01 -4.08
C LYS I 44 -20.99 37.33 -2.73
N ASP I 45 -21.28 36.04 -2.71
CA ASP I 45 -21.42 35.33 -1.44
C ASP I 45 -20.08 35.11 -0.75
N THR I 46 -18.97 35.38 -1.46
CA THR I 46 -17.65 35.22 -0.86
C THR I 46 -17.49 36.15 0.33
N PHE I 47 -18.03 37.37 0.25
CA PHE I 47 -17.92 38.30 1.36
C PHE I 47 -18.72 37.82 2.57
N VAL I 48 -19.89 37.22 2.32
CA VAL I 48 -20.67 36.65 3.41
C VAL I 48 -19.91 35.51 4.07
N ARG I 49 -19.30 34.64 3.25
CA ARG I 49 -18.49 33.56 3.79
C ARG I 49 -17.33 34.09 4.63
N TRP I 50 -16.65 35.13 4.12
CA TRP I 50 -15.52 35.71 4.83
C TRP I 50 -15.96 36.31 6.15
N SER I 51 -17.08 37.03 6.15
CA SER I 51 -17.57 37.65 7.38
C SER I 51 -17.94 36.58 8.40
N ILE I 52 -18.61 35.51 7.97
CA ILE I 52 -18.97 34.44 8.89
C ILE I 52 -17.72 33.81 9.48
N GLY I 53 -16.73 33.53 8.63
CA GLY I 53 -15.51 32.91 9.12
C GLY I 53 -14.77 33.78 10.11
N VAL I 54 -14.67 35.08 9.81
CA VAL I 54 -13.93 35.99 10.70
C VAL I 54 -14.69 36.17 12.00
N ILE I 55 -16.01 36.28 11.95
CA ILE I 55 -16.79 36.42 13.18
C ILE I 55 -16.65 35.18 14.05
N ILE I 56 -16.71 33.99 13.46
CA ILE I 56 -16.53 32.77 14.23
C ILE I 56 -15.12 32.72 14.82
N ALA I 57 -14.11 33.09 14.05
CA ALA I 57 -12.74 33.04 14.54
C ALA I 57 -12.51 34.05 15.66
N GLY I 58 -13.23 35.17 15.62
CA GLY I 58 -13.02 36.20 16.64
C GLY I 58 -13.44 35.75 18.03
N SER I 59 -14.53 35.01 18.11
CA SER I 59 -15.07 34.53 19.38
C SER I 59 -14.83 33.03 19.57
N ALA I 60 -13.66 32.55 19.16
CA ALA I 60 -13.35 31.13 19.29
C ALA I 60 -13.34 30.69 20.74
N VAL I 61 -12.74 31.51 21.62
CA VAL I 61 -12.68 31.18 23.03
C VAL I 61 -14.08 31.10 23.63
N GLN I 62 -14.93 32.06 23.29
CA GLN I 62 -16.28 32.09 23.84
C GLN I 62 -17.09 30.89 23.38
N ILE I 63 -17.00 30.55 22.09
CA ILE I 63 -17.73 29.39 21.59
C ILE I 63 -17.22 28.10 22.24
N THR I 64 -15.90 27.97 22.38
CA THR I 64 -15.36 26.78 23.04
C THR I 64 -15.82 26.68 24.49
N ALA I 65 -15.83 27.80 25.22
CA ALA I 65 -16.33 27.79 26.58
C ALA I 65 -17.81 27.51 26.67
N MET I 66 -18.58 27.88 25.64
CA MET I 66 -20.00 27.57 25.63
C MET I 66 -20.26 26.09 25.35
N LEU I 67 -19.52 25.49 24.43
CA LEU I 67 -19.76 24.09 24.08
C LEU I 67 -19.03 23.14 25.02
N PHE I 68 -17.74 23.35 25.24
CA PHE I 68 -16.95 22.45 26.08
C PHE I 68 -17.11 22.86 27.55
N THR I 69 -18.22 22.43 28.13
CA THR I 69 -18.50 22.72 29.53
C THR I 69 -18.03 21.57 30.42
N ALA J 1 10.97 39.52 20.70
CA ALA J 1 10.83 38.07 20.88
C ALA J 1 9.38 37.64 20.71
N GLN J 2 8.79 37.12 21.79
CA GLN J 2 7.38 36.72 21.82
C GLN J 2 7.09 35.64 20.78
N GLY J 3 8.12 34.98 20.28
CA GLY J 3 7.95 33.86 19.38
C GLY J 3 7.47 34.22 17.99
N LEU J 4 6.31 34.85 17.89
CA LEU J 4 5.70 35.14 16.59
C LEU J 4 5.65 36.63 16.28
N GLU J 5 6.58 37.42 16.83
CA GLU J 5 6.67 38.82 16.42
C GLU J 5 7.29 38.95 15.04
N LYS J 6 8.30 38.13 14.75
CA LYS J 6 8.96 38.19 13.45
C LYS J 6 7.99 37.81 12.33
N ALA J 7 7.20 36.75 12.54
CA ALA J 7 6.22 36.35 11.54
C ALA J 7 5.17 37.43 11.35
N ARG J 8 4.74 38.07 12.43
CA ARG J 8 3.77 39.16 12.31
C ARG J 8 4.35 40.33 11.53
N SER J 9 5.61 40.67 11.77
CA SER J 9 6.24 41.76 11.02
C SER J 9 6.34 41.41 9.54
N VAL J 10 6.70 40.17 9.23
CA VAL J 10 6.79 39.74 7.83
C VAL J 10 5.41 39.81 7.18
N LEU J 11 4.37 39.39 7.90
CA LEU J 11 3.02 39.46 7.36
C LEU J 11 2.59 40.91 7.12
N GLU J 12 2.95 41.82 8.03
CA GLU J 12 2.62 43.22 7.83
C GLU J 12 3.34 43.78 6.60
N THR J 13 4.60 43.42 6.41
CA THR J 13 5.31 43.87 5.22
C THR J 13 4.66 43.33 3.95
N LEU J 14 4.28 42.05 3.96
CA LEU J 14 3.60 41.46 2.80
C LEU J 14 2.28 42.16 2.53
N GLN J 15 1.53 42.47 3.59
CA GLN J 15 0.25 43.17 3.43
C GLN J 15 0.46 44.55 2.83
N GLN J 16 1.47 45.28 3.31
CA GLN J 16 1.74 46.60 2.75
C GLN J 16 2.13 46.52 1.28
N GLU J 17 2.96 45.55 0.92
CA GLU J 17 3.37 45.41 -0.48
C GLU J 17 2.20 45.04 -1.37
N LEU J 18 1.33 44.13 -0.90
CA LEU J 18 0.15 43.79 -1.69
C LEU J 18 -0.79 44.97 -1.83
N THR J 19 -0.93 45.76 -0.77
CA THR J 19 -1.76 46.97 -0.85
C THR J 19 -1.18 47.95 -1.86
N THR J 20 0.16 48.05 -1.92
CA THR J 20 0.79 48.91 -2.92
C THR J 20 0.51 48.40 -4.33
N ILE J 21 0.59 47.09 -4.53
CA ILE J 21 0.41 46.52 -5.87
C ILE J 21 -1.05 46.62 -6.33
N VAL J 22 -2.01 46.49 -5.40
CA VAL J 22 -3.42 46.30 -5.81
C VAL J 22 -3.94 47.39 -6.73
N PRO J 23 -3.71 48.70 -6.49
CA PRO J 23 -4.34 49.70 -7.36
C PRO J 23 -4.01 49.54 -8.84
N ILE J 24 -2.80 49.08 -9.16
CA ILE J 24 -2.45 48.85 -10.56
C ILE J 24 -3.33 47.73 -11.13
N ALA J 25 -3.50 46.65 -10.38
CA ALA J 25 -4.35 45.55 -10.85
C ALA J 25 -5.78 46.01 -11.02
N ALA J 26 -6.29 46.81 -10.08
CA ALA J 26 -7.66 47.32 -10.20
C ALA J 26 -7.81 48.20 -11.43
N ALA J 27 -6.82 49.06 -11.69
CA ALA J 27 -6.88 49.93 -12.86
C ALA J 27 -6.85 49.12 -14.15
N VAL J 28 -6.01 48.09 -14.21
CA VAL J 28 -5.96 47.25 -15.41
C VAL J 28 -7.28 46.52 -15.60
N ILE J 29 -7.85 46.01 -14.52
CA ILE J 29 -9.14 45.32 -14.61
C ILE J 29 -10.21 46.26 -15.12
N LEU J 30 -10.25 47.49 -14.60
CA LEU J 30 -11.25 48.45 -15.08
C LEU J 30 -11.02 48.81 -16.54
N LEU J 31 -9.76 48.94 -16.94
CA LEU J 31 -9.46 49.25 -18.34
C LEU J 31 -9.95 48.14 -19.26
N CYS J 32 -9.75 46.89 -18.86
CA CYS J 32 -10.26 45.78 -19.68
C CYS J 32 -11.78 45.74 -19.67
N LEU J 33 -12.40 45.98 -18.51
CA LEU J 33 -13.85 45.88 -18.40
C LEU J 33 -14.55 46.96 -19.21
N GLY J 34 -13.98 48.17 -19.25
CA GLY J 34 -14.59 49.22 -20.04
C GLY J 34 -14.69 48.87 -21.51
N ILE J 35 -13.59 48.37 -22.07
CA ILE J 35 -13.60 47.99 -23.49
C ILE J 35 -14.48 46.76 -23.71
N ALA J 36 -14.48 45.82 -22.77
CA ALA J 36 -15.32 44.64 -22.91
C ALA J 36 -16.80 45.04 -22.92
N TYR J 37 -17.19 45.97 -22.07
CA TYR J 37 -18.57 46.48 -22.08
C TYR J 37 -18.85 47.29 -23.34
N ALA J 38 -17.84 47.99 -23.86
CA ALA J 38 -18.03 48.73 -25.11
C ALA J 38 -18.36 47.80 -26.26
N GLY J 39 -17.71 46.64 -26.31
CA GLY J 39 -17.91 45.67 -27.36
C GLY J 39 -19.08 44.73 -27.17
N ARG J 40 -19.98 45.03 -26.23
CA ARG J 40 -21.18 44.24 -25.96
C ARG J 40 -20.85 42.84 -25.47
N PHE J 41 -19.71 42.65 -24.81
CA PHE J 41 -19.34 41.33 -24.30
C PHE J 41 -19.84 41.08 -22.88
N ILE J 42 -20.10 42.12 -22.10
CA ILE J 42 -20.58 42.00 -20.73
C ILE J 42 -21.72 43.00 -20.54
N GLU J 43 -22.24 43.06 -19.31
CA GLU J 43 -23.38 43.89 -18.98
C GLU J 43 -22.96 45.11 -18.16
N LYS J 44 -23.93 45.97 -17.88
CA LYS J 44 -23.67 47.21 -17.18
C LYS J 44 -23.50 47.03 -15.68
N ASP J 45 -23.93 45.90 -15.12
CA ASP J 45 -23.74 45.66 -13.69
C ASP J 45 -22.29 45.33 -13.37
N THR J 46 -21.45 45.12 -14.39
CA THR J 46 -20.05 44.82 -14.16
C THR J 46 -19.36 45.96 -13.44
N PHE J 47 -19.69 47.20 -13.80
CA PHE J 47 -19.08 48.35 -13.15
C PHE J 47 -19.51 48.45 -11.69
N VAL J 48 -20.77 48.13 -11.40
CA VAL J 48 -21.23 48.12 -10.01
C VAL J 48 -20.48 47.07 -9.22
N ARG J 49 -20.32 45.87 -9.79
CA ARG J 49 -19.57 44.81 -9.14
C ARG J 49 -18.13 45.24 -8.88
N TRP J 50 -17.50 45.86 -9.87
CA TRP J 50 -16.12 46.31 -9.74
C TRP J 50 -16.00 47.36 -8.64
N SER J 51 -16.94 48.31 -8.61
CA SER J 51 -16.89 49.35 -7.59
C SER J 51 -17.04 48.77 -6.20
N ILE J 52 -17.98 47.84 -6.03
CA ILE J 52 -18.17 47.21 -4.73
C ILE J 52 -16.91 46.47 -4.30
N GLY J 53 -16.33 45.71 -5.22
CA GLY J 53 -15.13 44.95 -4.89
C GLY J 53 -13.95 45.85 -4.52
N VAL J 54 -13.75 46.92 -5.28
CA VAL J 54 -12.63 47.82 -5.02
C VAL J 54 -12.84 48.57 -3.71
N ILE J 55 -14.07 49.01 -3.45
CA ILE J 55 -14.34 49.70 -2.18
C ILE J 55 -14.11 48.77 -1.00
N ILE J 56 -14.55 47.51 -1.11
CA ILE J 56 -14.32 46.57 -0.02
C ILE J 56 -12.83 46.30 0.17
N ALA J 57 -12.10 46.12 -0.93
CA ALA J 57 -10.66 45.86 -0.81
C ALA J 57 -9.92 47.06 -0.26
N GLY J 58 -10.41 48.27 -0.51
CA GLY J 58 -9.72 49.46 -0.03
C GLY J 58 -9.73 49.57 1.48
N SER J 59 -10.85 49.23 2.10
CA SER J 59 -11.01 49.30 3.55
C SER J 59 -11.00 47.90 4.18
N ALA J 60 -10.15 47.02 3.66
CA ALA J 60 -10.07 45.66 4.21
C ALA J 60 -9.62 45.67 5.66
N VAL J 61 -8.62 46.50 5.98
CA VAL J 61 -8.12 46.56 7.35
C VAL J 61 -9.21 47.05 8.30
N GLN J 62 -9.96 48.08 7.89
CA GLN J 62 -11.01 48.61 8.75
C GLN J 62 -12.11 47.60 8.99
N ILE J 63 -12.52 46.88 7.94
CA ILE J 63 -13.56 45.86 8.11
C ILE J 63 -13.06 44.74 9.01
N THR J 64 -11.80 44.32 8.84
CA THR J 64 -11.24 43.30 9.72
C THR J 64 -11.21 43.77 11.16
N ALA J 65 -10.83 45.01 11.40
CA ALA J 65 -10.83 45.54 12.77
C ALA J 65 -12.23 45.67 13.33
N MET J 66 -13.24 45.90 12.48
CA MET J 66 -14.61 45.97 12.97
C MET J 66 -15.15 44.59 13.34
N LEU J 67 -14.88 43.57 12.51
CA LEU J 67 -15.45 42.26 12.76
C LEU J 67 -14.62 41.45 13.75
N PHE J 68 -13.29 41.45 13.59
CA PHE J 68 -12.42 40.68 14.46
C PHE J 68 -12.02 41.53 15.67
N THR J 69 -12.94 41.60 16.62
CA THR J 69 -12.70 42.34 17.84
C THR J 69 -12.07 41.46 18.90
N ALA K 1 14.54 47.64 -3.64
CA ALA K 1 14.23 46.48 -2.82
C ALA K 1 12.73 46.38 -2.57
N GLN K 2 12.35 46.34 -1.29
CA GLN K 2 10.95 46.32 -0.87
C GLN K 2 10.22 45.07 -1.37
N GLY K 3 10.96 44.10 -1.90
CA GLY K 3 10.38 42.84 -2.29
C GLY K 3 9.51 42.88 -3.53
N LEU K 4 8.44 43.69 -3.49
CA LEU K 4 7.48 43.75 -4.58
C LEU K 4 7.59 45.04 -5.40
N GLU K 5 8.74 45.70 -5.39
CA GLU K 5 8.93 46.85 -6.26
C GLU K 5 9.09 46.41 -7.70
N LYS K 6 9.80 45.31 -7.93
CA LYS K 6 9.99 44.81 -9.29
C LYS K 6 8.66 44.39 -9.91
N ALA K 7 7.84 43.67 -9.15
CA ALA K 7 6.53 43.25 -9.64
C ALA K 7 5.65 44.47 -9.91
N ARG K 8 5.71 45.48 -9.05
CA ARG K 8 4.94 46.69 -9.28
C ARG K 8 5.38 47.40 -10.54
N SER K 9 6.69 47.48 -10.78
CA SER K 9 7.17 48.10 -12.01
C SER K 9 6.72 47.32 -13.24
N VAL K 10 6.76 45.99 -13.18
CA VAL K 10 6.30 45.17 -14.29
C VAL K 10 4.82 45.39 -14.55
N LEU K 11 4.02 45.48 -13.48
CA LEU K 11 2.60 45.74 -13.64
C LEU K 11 2.35 47.11 -14.24
N GLU K 12 3.12 48.11 -13.84
CA GLU K 12 2.97 49.44 -14.42
C GLU K 12 3.31 49.43 -15.91
N THR K 13 4.36 48.71 -16.29
CA THR K 13 4.71 48.59 -17.70
C THR K 13 3.60 47.91 -18.49
N LEU K 14 3.03 46.83 -17.93
CA LEU K 14 1.93 46.14 -18.58
C LEU K 14 0.73 47.06 -18.73
N GLN K 15 0.43 47.85 -17.70
CA GLN K 15 -0.69 48.78 -17.77
C GLN K 15 -0.47 49.83 -18.84
N GLN K 16 0.76 50.36 -18.94
CA GLN K 16 1.04 51.35 -19.98
C GLN K 16 0.89 50.75 -21.37
N GLU K 17 1.39 49.53 -21.57
CA GLU K 17 1.27 48.89 -22.89
C GLU K 17 -0.19 48.60 -23.24
N LEU K 18 -0.98 48.14 -22.27
CA LEU K 18 -2.39 47.90 -22.54
C LEU K 18 -3.12 49.20 -22.84
N THR K 19 -2.78 50.28 -22.13
CA THR K 19 -3.38 51.57 -22.42
C THR K 19 -3.02 52.03 -23.83
N THR K 20 -1.79 51.74 -24.27
CA THR K 20 -1.41 52.06 -25.64
C THR K 20 -2.23 51.25 -26.65
N ILE K 21 -2.44 49.96 -26.36
CA ILE K 21 -3.17 49.11 -27.30
C ILE K 21 -4.64 49.48 -27.38
N VAL K 22 -5.25 49.87 -26.26
CA VAL K 22 -6.72 49.96 -26.18
C VAL K 22 -7.34 50.85 -27.25
N PRO K 23 -6.82 52.05 -27.57
CA PRO K 23 -7.52 52.89 -28.55
C PRO K 23 -7.75 52.22 -29.89
N ILE K 24 -6.81 51.38 -30.34
CA ILE K 24 -7.00 50.66 -31.60
C ILE K 24 -8.17 49.70 -31.50
N ALA K 25 -8.26 48.97 -30.39
CA ALA K 25 -9.39 48.06 -30.20
C ALA K 25 -10.71 48.81 -30.15
N ALA K 26 -10.73 49.96 -29.47
CA ALA K 26 -11.95 50.75 -29.40
C ALA K 26 -12.36 51.25 -30.78
N ALA K 27 -11.38 51.70 -31.58
CA ALA K 27 -11.68 52.18 -32.92
C ALA K 27 -12.23 51.06 -33.80
N VAL K 28 -11.63 49.87 -33.71
CA VAL K 28 -12.12 48.75 -34.51
C VAL K 28 -13.53 48.36 -34.08
N ILE K 29 -13.79 48.35 -32.76
CA ILE K 29 -15.12 48.01 -32.28
C ILE K 29 -16.14 49.02 -32.78
N LEU K 30 -15.82 50.32 -32.72
CA LEU K 30 -16.76 51.32 -33.21
C LEU K 30 -16.98 51.19 -34.71
N LEU K 31 -15.92 50.89 -35.46
CA LEU K 31 -16.06 50.71 -36.90
C LEU K 31 -17.00 49.55 -37.22
N CYS K 32 -16.87 48.44 -36.48
CA CYS K 32 -17.77 47.31 -36.70
C CYS K 32 -19.20 47.65 -36.28
N LEU K 33 -19.35 48.36 -35.15
CA LEU K 33 -20.68 48.67 -34.64
C LEU K 33 -21.43 49.60 -35.57
N GLY K 34 -20.73 50.55 -36.19
CA GLY K 34 -21.39 51.45 -37.12
C GLY K 34 -22.01 50.72 -38.30
N ILE K 35 -21.26 49.80 -38.90
CA ILE K 35 -21.78 49.04 -40.02
C ILE K 35 -22.87 48.08 -39.57
N ALA K 36 -22.71 47.49 -38.38
CA ALA K 36 -23.75 46.60 -37.87
C ALA K 36 -25.07 47.36 -37.66
N TYR K 37 -24.99 48.58 -37.13
CA TYR K 37 -26.17 49.40 -36.95
C TYR K 37 -26.76 49.86 -38.28
N ALA K 38 -25.90 50.11 -39.27
CA ALA K 38 -26.39 50.51 -40.58
C ALA K 38 -27.20 49.39 -41.23
N GLY K 39 -26.79 48.15 -41.02
CA GLY K 39 -27.48 47.00 -41.59
C GLY K 39 -28.65 46.49 -40.79
N ARG K 40 -29.13 47.26 -39.81
CA ARG K 40 -30.27 46.91 -38.97
C ARG K 40 -30.04 45.66 -38.14
N PHE K 41 -28.79 45.39 -37.75
CA PHE K 41 -28.48 44.23 -36.93
C PHE K 41 -28.51 44.53 -35.44
N ILE K 42 -28.28 45.78 -35.03
CA ILE K 42 -28.32 46.19 -33.64
C ILE K 42 -29.12 47.48 -33.54
N GLU K 43 -29.21 48.02 -32.33
CA GLU K 43 -30.03 49.19 -32.05
C GLU K 43 -29.15 50.41 -31.78
N LYS K 44 -29.81 51.55 -31.60
CA LYS K 44 -29.12 52.82 -31.46
C LYS K 44 -28.47 53.00 -30.09
N ASP K 45 -28.90 52.24 -29.07
CA ASP K 45 -28.30 52.36 -27.75
C ASP K 45 -26.90 51.76 -27.71
N THR K 46 -26.50 51.03 -28.74
CA THR K 46 -25.16 50.46 -28.77
C THR K 46 -24.10 51.55 -28.75
N PHE K 47 -24.36 52.67 -29.42
CA PHE K 47 -23.39 53.77 -29.42
C PHE K 47 -23.27 54.39 -28.02
N VAL K 48 -24.39 54.51 -27.32
CA VAL K 48 -24.35 55.02 -25.95
C VAL K 48 -23.55 54.08 -25.06
N ARG K 49 -23.80 52.78 -25.22
CA ARG K 49 -23.05 51.78 -24.44
C ARG K 49 -21.56 51.88 -24.74
N TRP K 50 -21.20 52.00 -26.01
CA TRP K 50 -19.80 52.10 -26.41
C TRP K 50 -19.16 53.36 -25.83
N SER K 51 -19.88 54.48 -25.89
CA SER K 51 -19.33 55.73 -25.36
C SER K 51 -19.11 55.63 -23.86
N ILE K 52 -20.07 55.06 -23.14
CA ILE K 52 -19.91 54.90 -21.69
C ILE K 52 -18.71 54.02 -21.38
N GLY K 53 -18.59 52.90 -22.10
CA GLY K 53 -17.48 51.99 -21.86
C GLY K 53 -16.13 52.64 -22.14
N VAL K 54 -16.04 53.38 -23.23
CA VAL K 54 -14.76 53.99 -23.60
C VAL K 54 -14.41 55.12 -22.65
N ILE K 55 -15.40 55.91 -22.23
CA ILE K 55 -15.13 56.98 -21.26
C ILE K 55 -14.67 56.39 -19.94
N ILE K 56 -15.30 55.30 -19.49
CA ILE K 56 -14.87 54.66 -18.25
C ILE K 56 -13.46 54.11 -18.39
N ALA K 57 -13.17 53.45 -19.52
CA ALA K 57 -11.84 52.89 -19.71
C ALA K 57 -10.77 53.98 -19.80
N GLY K 58 -11.14 55.15 -20.32
CA GLY K 58 -10.16 56.22 -20.47
C GLY K 58 -9.63 56.73 -19.14
N SER K 59 -10.51 56.84 -18.15
CA SER K 59 -10.15 57.34 -16.82
C SER K 59 -10.17 56.22 -15.79
N ALA K 60 -9.69 55.03 -16.17
CA ALA K 60 -9.65 53.92 -15.22
C ALA K 60 -8.74 54.23 -14.03
N VAL K 61 -7.59 54.82 -14.30
CA VAL K 61 -6.66 55.16 -13.22
C VAL K 61 -7.29 56.17 -12.28
N GLN K 62 -7.96 57.18 -12.82
CA GLN K 62 -8.57 58.21 -11.98
C GLN K 62 -9.68 57.63 -11.11
N ILE K 63 -10.53 56.77 -11.68
CA ILE K 63 -11.59 56.14 -10.89
C ILE K 63 -11.01 55.25 -9.82
N THR K 64 -9.97 54.47 -10.17
CA THR K 64 -9.34 53.61 -9.17
C THR K 64 -8.73 54.43 -8.03
N ALA K 65 -8.08 55.55 -8.35
CA ALA K 65 -7.55 56.42 -7.32
C ALA K 65 -8.65 57.08 -6.49
N MET K 66 -9.81 57.34 -7.08
CA MET K 66 -10.91 57.90 -6.31
C MET K 66 -11.51 56.90 -5.35
N LEU K 67 -11.69 55.65 -5.79
CA LEU K 67 -12.34 54.66 -4.94
C LEU K 67 -11.34 53.98 -3.99
N PHE K 68 -10.23 53.49 -4.52
CA PHE K 68 -9.22 52.80 -3.70
C PHE K 68 -8.25 53.82 -3.12
N THR K 69 -8.64 54.36 -1.97
CA THR K 69 -7.82 55.35 -1.27
C THR K 69 -6.95 54.70 -0.21
N ALA L 1 10.84 47.11 -29.48
CA ALA L 1 10.71 46.40 -28.22
C ALA L 1 9.39 46.75 -27.53
N GLN L 2 9.47 47.13 -26.26
CA GLN L 2 8.31 47.57 -25.48
C GLN L 2 7.26 46.47 -25.33
N GLY L 3 7.60 45.25 -25.71
CA GLY L 3 6.71 44.13 -25.51
C GLY L 3 5.52 44.08 -26.44
N LEU L 4 4.63 45.06 -26.33
CA LEU L 4 3.38 45.03 -27.07
C LEU L 4 3.39 45.95 -28.29
N GLU L 5 4.58 46.37 -28.75
CA GLU L 5 4.66 47.14 -29.98
C GLU L 5 4.26 46.31 -31.19
N LYS L 6 4.68 45.04 -31.21
CA LYS L 6 4.33 44.16 -32.32
C LYS L 6 2.83 43.92 -32.38
N ALA L 7 2.21 43.69 -31.22
CA ALA L 7 0.76 43.50 -31.19
C ALA L 7 0.03 44.76 -31.62
N ARG L 8 0.54 45.93 -31.21
CA ARG L 8 -0.07 47.18 -31.65
C ARG L 8 0.03 47.34 -33.17
N SER L 9 1.19 46.99 -33.75
CA SER L 9 1.33 47.07 -35.20
C SER L 9 0.37 46.13 -35.91
N VAL L 10 0.22 44.90 -35.38
CA VAL L 10 -0.71 43.94 -35.97
C VAL L 10 -2.13 44.47 -35.90
N LEU L 11 -2.51 45.06 -34.76
CA LEU L 11 -3.85 45.62 -34.62
C LEU L 11 -4.07 46.78 -35.58
N GLU L 12 -3.05 47.62 -35.77
CA GLU L 12 -3.18 48.71 -36.73
C GLU L 12 -3.36 48.19 -38.15
N THR L 13 -2.62 47.14 -38.51
CA THR L 13 -2.78 46.54 -39.84
C THR L 13 -4.18 45.98 -40.01
N LEU L 14 -4.68 45.29 -38.99
CA LEU L 14 -6.04 44.75 -39.04
C LEU L 14 -7.07 45.87 -39.18
N GLN L 15 -6.87 46.96 -38.45
CA GLN L 15 -7.79 48.09 -38.53
C GLN L 15 -7.78 48.70 -39.93
N GLN L 16 -6.60 48.86 -40.53
CA GLN L 16 -6.53 49.41 -41.87
C GLN L 16 -7.22 48.50 -42.88
N GLU L 17 -7.00 47.19 -42.76
CA GLU L 17 -7.65 46.26 -43.69
C GLU L 17 -9.16 46.27 -43.53
N LEU L 18 -9.65 46.32 -42.29
CA LEU L 18 -11.09 46.39 -42.07
C LEU L 18 -11.66 47.69 -42.62
N THR L 19 -10.93 48.80 -42.45
CA THR L 19 -11.39 50.06 -43.02
C THR L 19 -11.46 49.99 -44.54
N THR L 20 -10.50 49.28 -45.15
CA THR L 20 -10.55 49.08 -46.59
C THR L 20 -11.77 48.26 -47.01
N ILE L 21 -12.08 47.21 -46.24
CA ILE L 21 -13.20 46.34 -46.59
C ILE L 21 -14.54 47.05 -46.40
N VAL L 22 -14.66 47.90 -45.37
CA VAL L 22 -15.98 48.38 -44.95
C VAL L 22 -16.79 49.04 -46.05
N PRO L 23 -16.23 49.94 -46.89
CA PRO L 23 -17.09 50.63 -47.87
C PRO L 23 -17.86 49.69 -48.79
N ILE L 24 -17.26 48.55 -49.16
CA ILE L 24 -17.97 47.59 -50.00
C ILE L 24 -19.18 47.04 -49.26
N ALA L 25 -19.00 46.69 -47.98
CA ALA L 25 -20.11 46.18 -47.19
C ALA L 25 -21.21 47.23 -47.04
N ALA L 26 -20.82 48.49 -46.80
CA ALA L 26 -21.81 49.54 -46.68
C ALA L 26 -22.58 49.74 -47.98
N ALA L 27 -21.88 49.69 -49.11
CA ALA L 27 -22.55 49.83 -50.40
C ALA L 27 -23.51 48.68 -50.66
N VAL L 28 -23.12 47.45 -50.31
CA VAL L 28 -24.01 46.31 -50.50
C VAL L 28 -25.23 46.43 -49.60
N ILE L 29 -25.02 46.88 -48.36
CA ILE L 29 -26.15 47.06 -47.45
C ILE L 29 -27.11 48.09 -48.00
N LEU L 30 -26.60 49.22 -48.49
CA LEU L 30 -27.49 50.23 -49.06
C LEU L 30 -28.21 49.72 -50.29
N LEU L 31 -27.51 48.95 -51.13
CA LEU L 31 -28.14 48.39 -52.32
C LEU L 31 -29.30 47.47 -51.95
N CYS L 32 -29.11 46.65 -50.92
CA CYS L 32 -30.20 45.77 -50.49
C CYS L 32 -31.33 46.57 -49.84
N LEU L 33 -30.99 47.58 -49.04
CA LEU L 33 -32.01 48.34 -48.34
C LEU L 33 -32.87 49.15 -49.31
N GLY L 34 -32.27 49.67 -50.38
CA GLY L 34 -33.05 50.41 -51.35
C GLY L 34 -34.14 49.56 -51.98
N ILE L 35 -33.79 48.35 -52.40
CA ILE L 35 -34.77 47.46 -53.01
C ILE L 35 -35.78 46.98 -51.98
N ALA L 36 -35.33 46.72 -50.75
CA ALA L 36 -36.26 46.31 -49.71
C ALA L 36 -37.29 47.40 -49.43
N TYR L 37 -36.86 48.65 -49.43
CA TYR L 37 -37.77 49.77 -49.22
C TYR L 37 -38.68 49.97 -50.43
N ALA L 38 -38.16 49.73 -51.64
CA ALA L 38 -39.00 49.85 -52.83
C ALA L 38 -40.12 48.82 -52.82
N GLY L 39 -39.85 47.63 -52.31
CA GLY L 39 -40.82 46.57 -52.25
C GLY L 39 -41.74 46.60 -51.05
N ARG L 40 -41.77 47.71 -50.32
CA ARG L 40 -42.62 47.90 -49.15
C ARG L 40 -42.33 46.89 -48.04
N PHE L 41 -41.06 46.50 -47.87
CA PHE L 41 -40.69 45.58 -46.81
C PHE L 41 -40.13 46.27 -45.57
N ILE L 42 -39.59 47.48 -45.72
CA ILE L 42 -39.08 48.27 -44.60
C ILE L 42 -39.62 49.69 -44.73
N GLU L 43 -39.19 50.56 -43.82
CA GLU L 43 -39.69 51.93 -43.77
C GLU L 43 -38.60 52.91 -44.17
N LYS L 44 -38.99 54.19 -44.27
CA LYS L 44 -38.10 55.21 -44.79
C LYS L 44 -37.03 55.64 -43.79
N ASP L 45 -37.22 55.36 -42.50
CA ASP L 45 -36.20 55.72 -41.52
C ASP L 45 -34.96 54.83 -41.63
N THR L 46 -35.05 53.75 -42.41
CA THR L 46 -33.89 52.88 -42.60
C THR L 46 -32.73 53.62 -43.24
N PHE L 47 -33.03 54.53 -44.16
CA PHE L 47 -31.97 55.30 -44.81
C PHE L 47 -31.29 56.24 -43.82
N VAL L 48 -32.08 56.86 -42.94
CA VAL L 48 -31.49 57.71 -41.91
C VAL L 48 -30.61 56.88 -40.98
N ARG L 49 -31.09 55.70 -40.59
CA ARG L 49 -30.29 54.82 -39.74
C ARG L 49 -28.98 54.43 -40.42
N TRP L 50 -29.06 54.08 -41.71
CA TRP L 50 -27.87 53.69 -42.46
C TRP L 50 -26.89 54.85 -42.56
N SER L 51 -27.40 56.05 -42.83
CA SER L 51 -26.53 57.22 -42.93
C SER L 51 -25.83 57.50 -41.61
N ILE L 52 -26.57 57.42 -40.50
CA ILE L 52 -25.97 57.64 -39.19
C ILE L 52 -24.88 56.60 -38.93
N GLY L 53 -25.18 55.33 -39.22
CA GLY L 53 -24.19 54.29 -38.99
C GLY L 53 -22.94 54.46 -39.81
N VAL L 54 -23.11 54.82 -41.09
CA VAL L 54 -21.95 54.98 -41.96
C VAL L 54 -21.14 56.20 -41.56
N ILE L 55 -21.80 57.30 -41.20
CA ILE L 55 -21.07 58.49 -40.75
C ILE L 55 -20.28 58.19 -39.49
N ILE L 56 -20.88 57.47 -38.54
CA ILE L 56 -20.15 57.12 -37.32
C ILE L 56 -18.98 56.21 -37.63
N ALA L 57 -19.20 55.22 -38.50
CA ALA L 57 -18.12 54.28 -38.83
C ALA L 57 -16.98 54.98 -39.56
N GLY L 58 -17.30 56.01 -40.35
CA GLY L 58 -16.24 56.70 -41.09
C GLY L 58 -15.26 57.42 -40.19
N SER L 59 -15.76 58.06 -39.13
CA SER L 59 -14.93 58.80 -38.19
C SER L 59 -14.77 58.05 -36.87
N ALA L 60 -14.62 56.73 -36.95
CA ALA L 60 -14.45 55.93 -35.74
C ALA L 60 -13.17 56.31 -35.01
N VAL L 61 -12.07 56.49 -35.75
CA VAL L 61 -10.80 56.86 -35.13
C VAL L 61 -10.91 58.23 -34.47
N GLN L 62 -11.55 59.18 -35.13
CA GLN L 62 -11.69 60.52 -34.57
C GLN L 62 -12.51 60.50 -33.28
N ILE L 63 -13.61 59.76 -33.28
CA ILE L 63 -14.45 59.67 -32.08
C ILE L 63 -13.69 58.99 -30.95
N THR L 64 -12.96 57.92 -31.27
CA THR L 64 -12.17 57.24 -30.24
C THR L 64 -11.10 58.15 -29.66
N ALA L 65 -10.42 58.93 -30.50
CA ALA L 65 -9.44 59.89 -30.02
C ALA L 65 -10.06 61.02 -29.23
N MET L 66 -11.32 61.37 -29.52
CA MET L 66 -12.00 62.40 -28.74
C MET L 66 -12.42 61.89 -27.37
N LEU L 67 -12.91 60.65 -27.29
CA LEU L 67 -13.40 60.13 -26.02
C LEU L 67 -12.31 59.50 -25.18
N PHE L 68 -11.46 58.67 -25.79
CA PHE L 68 -10.37 58.02 -25.06
C PHE L 68 -9.13 58.93 -25.09
N THR L 69 -9.16 59.92 -24.21
CA THR L 69 -8.07 60.89 -24.12
C THR L 69 -6.95 60.36 -23.22
N ALA M 1 -1.27 40.02 -51.50
CA ALA M 1 -1.11 39.78 -50.08
C ALA M 1 -2.05 40.68 -49.26
N GLN M 2 -1.47 41.41 -48.31
CA GLN M 2 -2.21 42.38 -47.49
C GLN M 2 -3.31 41.72 -46.66
N GLY M 3 -3.30 40.39 -46.61
CA GLY M 3 -4.21 39.67 -45.74
C GLY M 3 -5.66 39.65 -46.18
N LEU M 4 -6.27 40.83 -46.28
CA LEU M 4 -7.69 40.93 -46.60
C LEU M 4 -7.96 41.41 -48.01
N GLU M 5 -6.94 41.41 -48.88
CA GLU M 5 -7.17 41.76 -50.28
C GLU M 5 -8.07 40.74 -50.95
N LYS M 6 -7.88 39.46 -50.65
CA LYS M 6 -8.69 38.41 -51.26
C LYS M 6 -10.16 38.55 -50.85
N ALA M 7 -10.40 38.80 -49.56
CA ALA M 7 -11.77 39.00 -49.09
C ALA M 7 -12.39 40.23 -49.72
N ARG M 8 -11.61 41.29 -49.89
CA ARG M 8 -12.12 42.49 -50.56
C ARG M 8 -12.49 42.20 -52.00
N SER M 9 -11.68 41.42 -52.71
CA SER M 9 -12.00 41.06 -54.08
C SER M 9 -13.27 40.21 -54.14
N VAL M 10 -13.42 39.27 -53.19
CA VAL M 10 -14.63 38.46 -53.15
C VAL M 10 -15.85 39.32 -52.91
N LEU M 11 -15.73 40.29 -52.00
CA LEU M 11 -16.86 41.19 -51.73
C LEU M 11 -17.18 42.05 -52.95
N GLU M 12 -16.16 42.50 -53.68
CA GLU M 12 -16.41 43.26 -54.90
C GLU M 12 -17.15 42.42 -55.93
N THR M 13 -16.75 41.15 -56.09
CA THR M 13 -17.45 40.26 -57.01
C THR M 13 -18.91 40.06 -56.59
N LEU M 14 -19.13 39.87 -55.28
CA LEU M 14 -20.49 39.71 -54.78
C LEU M 14 -21.31 40.96 -55.03
N GLN M 15 -20.72 42.14 -54.83
CA GLN M 15 -21.43 43.39 -55.07
C GLN M 15 -21.80 43.53 -56.54
N GLN M 16 -20.87 43.21 -57.44
CA GLN M 16 -21.17 43.30 -58.87
C GLN M 16 -22.28 42.35 -59.26
N GLU M 17 -22.24 41.12 -58.76
CA GLU M 17 -23.29 40.16 -59.10
C GLU M 17 -24.65 40.59 -58.55
N LEU M 18 -24.68 41.10 -57.32
CA LEU M 18 -25.94 41.59 -56.77
C LEU M 18 -26.47 42.78 -57.55
N THR M 19 -25.58 43.67 -57.97
CA THR M 19 -26.00 44.82 -58.78
C THR M 19 -26.56 44.35 -60.12
N THR M 20 -25.99 43.28 -60.68
CA THR M 20 -26.54 42.72 -61.91
C THR M 20 -27.92 42.14 -61.69
N ILE M 21 -28.11 41.45 -60.55
CA ILE M 21 -29.41 40.82 -60.28
C ILE M 21 -30.49 41.85 -59.98
N VAL M 22 -30.13 42.96 -59.31
CA VAL M 22 -31.15 43.85 -58.75
C VAL M 22 -32.16 44.37 -59.75
N PRO M 23 -31.77 44.84 -60.96
CA PRO M 23 -32.78 45.43 -61.84
C PRO M 23 -33.94 44.51 -62.16
N ILE M 24 -33.70 43.21 -62.28
CA ILE M 24 -34.78 42.26 -62.52
C ILE M 24 -35.74 42.24 -61.35
N ALA M 25 -35.21 42.22 -60.12
CA ALA M 25 -36.07 42.24 -58.95
C ALA M 25 -36.88 43.53 -58.87
N ALA M 26 -36.25 44.66 -59.19
CA ALA M 26 -36.98 45.93 -59.18
C ALA M 26 -38.08 45.94 -60.23
N ALA M 27 -37.79 45.39 -61.41
CA ALA M 27 -38.80 45.33 -62.46
C ALA M 27 -39.98 44.46 -62.04
N VAL M 28 -39.70 43.31 -61.42
CA VAL M 28 -40.78 42.44 -60.96
C VAL M 28 -41.60 43.13 -59.87
N ILE M 29 -40.92 43.84 -58.97
CA ILE M 29 -41.63 44.56 -57.91
C ILE M 29 -42.55 45.61 -58.51
N LEU M 30 -42.06 46.37 -59.49
CA LEU M 30 -42.90 47.39 -60.11
C LEU M 30 -44.06 46.77 -60.87
N LEU M 31 -43.81 45.64 -61.55
CA LEU M 31 -44.88 44.95 -62.26
C LEU M 31 -45.99 44.51 -61.31
N CYS M 32 -45.62 44.00 -60.14
CA CYS M 32 -46.62 43.60 -59.16
C CYS M 32 -47.33 44.83 -58.56
N LEU M 33 -46.57 45.90 -58.30
CA LEU M 33 -47.16 47.08 -57.67
C LEU M 33 -48.15 47.76 -58.59
N GLY M 34 -47.89 47.78 -59.90
CA GLY M 34 -48.82 48.39 -60.82
C GLY M 34 -50.18 47.71 -60.80
N ILE M 35 -50.20 46.38 -60.83
CA ILE M 35 -51.46 45.65 -60.78
C ILE M 35 -52.11 45.79 -59.42
N ALA M 36 -51.31 45.78 -58.35
CA ALA M 36 -51.89 45.94 -57.02
C ALA M 36 -52.56 47.30 -56.87
N TYR M 37 -51.96 48.35 -57.42
CA TYR M 37 -52.57 49.67 -57.40
C TYR M 37 -53.79 49.74 -58.31
N ALA M 38 -53.77 49.02 -59.44
CA ALA M 38 -54.91 49.01 -60.33
C ALA M 38 -56.13 48.39 -59.65
N GLY M 39 -55.92 47.36 -58.84
CA GLY M 39 -56.99 46.67 -58.15
C GLY M 39 -57.42 47.27 -56.84
N ARG M 40 -57.00 48.51 -56.55
CA ARG M 40 -57.36 49.23 -55.34
C ARG M 40 -56.88 48.54 -54.07
N PHE M 41 -55.70 47.92 -54.11
CA PHE M 41 -55.15 47.26 -52.94
C PHE M 41 -54.10 48.10 -52.21
N ILE M 42 -53.47 49.05 -52.90
CA ILE M 42 -52.50 49.96 -52.30
C ILE M 42 -52.81 51.38 -52.77
N GLU M 43 -51.97 52.32 -52.36
CA GLU M 43 -52.19 53.73 -52.66
C GLU M 43 -51.18 54.24 -53.69
N LYS M 44 -51.38 55.49 -54.10
CA LYS M 44 -50.58 56.07 -55.17
C LYS M 44 -49.17 56.45 -54.74
N ASP M 45 -48.93 56.63 -53.43
CA ASP M 45 -47.58 56.96 -52.97
C ASP M 45 -46.64 55.78 -53.09
N THR M 46 -47.16 54.58 -53.39
CA THR M 46 -46.31 53.41 -53.54
C THR M 46 -45.33 53.60 -54.69
N PHE M 47 -45.76 54.24 -55.77
CA PHE M 47 -44.86 54.48 -56.90
C PHE M 47 -43.75 55.44 -56.53
N VAL M 48 -44.08 56.48 -55.74
CA VAL M 48 -43.06 57.41 -55.27
C VAL M 48 -42.05 56.68 -54.39
N ARG M 49 -42.55 55.83 -53.49
CA ARG M 49 -41.67 55.05 -52.63
C ARG M 49 -40.75 54.16 -53.45
N TRP M 50 -41.31 53.48 -54.45
CA TRP M 50 -40.53 52.60 -55.31
C TRP M 50 -39.46 53.38 -56.06
N SER M 51 -39.82 54.55 -56.60
CA SER M 51 -38.86 55.35 -57.33
C SER M 51 -37.72 55.81 -56.43
N ILE M 52 -38.05 56.23 -55.21
CA ILE M 52 -37.02 56.67 -54.27
C ILE M 52 -36.09 55.51 -53.95
N GLY M 53 -36.66 54.34 -53.66
CA GLY M 53 -35.84 53.19 -53.33
C GLY M 53 -34.93 52.77 -54.46
N VAL M 54 -35.46 52.75 -55.69
CA VAL M 54 -34.67 52.33 -56.84
C VAL M 54 -33.57 53.35 -57.13
N ILE M 55 -33.89 54.64 -57.03
CA ILE M 55 -32.87 55.66 -57.26
C ILE M 55 -31.76 55.57 -56.23
N ILE M 56 -32.12 55.36 -54.97
CA ILE M 56 -31.09 55.23 -53.93
C ILE M 56 -30.24 53.98 -54.16
N ALA M 57 -30.87 52.86 -54.49
CA ALA M 57 -30.12 51.62 -54.69
C ALA M 57 -29.24 51.71 -55.92
N GLY M 58 -29.63 52.51 -56.92
CA GLY M 58 -28.83 52.64 -58.12
C GLY M 58 -27.50 53.31 -57.87
N SER M 59 -27.49 54.34 -57.02
CA SER M 59 -26.29 55.11 -56.70
C SER M 59 -25.78 54.78 -55.29
N ALA M 60 -25.83 53.51 -54.91
CA ALA M 60 -25.37 53.12 -53.58
C ALA M 60 -23.88 53.39 -53.42
N VAL M 61 -23.08 53.09 -54.43
CA VAL M 61 -21.64 53.30 -54.35
C VAL M 61 -21.32 54.78 -54.20
N GLN M 62 -22.02 55.63 -54.96
CA GLN M 62 -21.77 57.07 -54.88
C GLN M 62 -22.11 57.62 -53.50
N ILE M 63 -23.25 57.21 -52.95
CA ILE M 63 -23.63 57.69 -51.63
C ILE M 63 -22.66 57.19 -50.57
N THR M 64 -22.23 55.93 -50.67
CA THR M 64 -21.26 55.41 -49.73
C THR M 64 -19.94 56.15 -49.81
N ALA M 65 -19.47 56.46 -51.02
CA ALA M 65 -18.25 57.24 -51.18
C ALA M 65 -18.41 58.67 -50.69
N MET M 66 -19.62 59.22 -50.74
CA MET M 66 -19.85 60.56 -50.23
C MET M 66 -19.86 60.59 -48.71
N LEU M 67 -20.47 59.59 -48.08
CA LEU M 67 -20.59 59.59 -46.62
C LEU M 67 -19.37 58.98 -45.95
N PHE M 68 -18.91 57.84 -46.43
CA PHE M 68 -17.75 57.16 -45.84
C PHE M 68 -16.48 57.70 -46.48
N THR M 69 -16.02 58.82 -45.95
CA THR M 69 -14.81 59.46 -46.46
C THR M 69 -13.58 59.05 -45.66
N ALA N 1 -20.89 30.45 -65.55
CA ALA N 1 -20.22 30.71 -64.27
C ALA N 1 -20.71 32.02 -63.67
N GLN N 2 -19.77 32.85 -63.23
CA GLN N 2 -20.05 34.16 -62.65
C GLN N 2 -20.89 34.07 -61.37
N GLY N 3 -21.09 32.85 -60.88
CA GLY N 3 -21.80 32.66 -59.62
C GLY N 3 -23.29 32.88 -59.69
N LEU N 4 -23.71 34.13 -59.92
CA LEU N 4 -25.12 34.49 -59.89
C LEU N 4 -25.72 34.61 -61.28
N GLU N 5 -25.16 33.93 -62.27
CA GLU N 5 -25.80 33.89 -63.59
C GLU N 5 -27.04 33.00 -63.56
N LYS N 6 -26.96 31.87 -62.86
CA LYS N 6 -28.10 30.95 -62.79
C LYS N 6 -29.28 31.61 -62.09
N ALA N 7 -29.03 32.31 -60.98
CA ALA N 7 -30.09 33.00 -60.26
C ALA N 7 -30.71 34.09 -61.13
N ARG N 8 -29.88 34.81 -61.87
CA ARG N 8 -30.39 35.84 -62.78
C ARG N 8 -31.27 35.22 -63.86
N SER N 9 -30.86 34.08 -64.42
CA SER N 9 -31.68 33.41 -65.42
C SER N 9 -33.02 32.97 -64.84
N VAL N 10 -33.00 32.43 -63.62
CA VAL N 10 -34.24 32.01 -62.96
C VAL N 10 -35.14 33.22 -62.74
N LEU N 11 -34.57 34.34 -62.32
CA LEU N 11 -35.36 35.55 -62.12
C LEU N 11 -35.95 36.06 -63.44
N GLU N 12 -35.18 35.97 -64.53
CA GLU N 12 -35.72 36.37 -65.83
C GLU N 12 -36.88 35.48 -66.24
N THR N 13 -36.77 34.17 -66.02
CA THR N 13 -37.87 33.28 -66.33
C THR N 13 -39.11 33.61 -65.49
N LEU N 14 -38.90 33.87 -64.21
CA LEU N 14 -40.02 34.24 -63.34
C LEU N 14 -40.68 35.53 -63.81
N GLN N 15 -39.87 36.51 -64.20
CA GLN N 15 -40.41 37.78 -64.69
C GLN N 15 -41.23 37.57 -65.95
N GLN N 16 -40.73 36.75 -66.88
CA GLN N 16 -41.48 36.48 -68.10
C GLN N 16 -42.81 35.79 -67.79
N GLU N 17 -42.80 34.81 -66.89
CA GLU N 17 -44.04 34.12 -66.55
C GLU N 17 -45.03 35.06 -65.88
N LEU N 18 -44.56 35.92 -64.98
CA LEU N 18 -45.47 36.87 -64.34
C LEU N 18 -46.02 37.86 -65.34
N THR N 19 -45.19 38.30 -66.30
CA THR N 19 -45.69 39.20 -67.34
C THR N 19 -46.73 38.52 -68.20
N THR N 20 -46.57 37.21 -68.44
CA THR N 20 -47.60 36.46 -69.16
C THR N 20 -48.90 36.40 -68.37
N ILE N 21 -48.81 36.17 -67.06
CA ILE N 21 -50.00 36.02 -66.23
C ILE N 21 -50.73 37.35 -66.05
N VAL N 22 -49.99 38.47 -66.00
CA VAL N 22 -50.58 39.74 -65.57
C VAL N 22 -51.78 40.18 -66.39
N PRO N 23 -51.76 40.13 -67.74
CA PRO N 23 -52.93 40.67 -68.48
C PRO N 23 -54.24 40.01 -68.10
N ILE N 24 -54.24 38.72 -67.79
CA ILE N 24 -55.47 38.06 -67.35
C ILE N 24 -55.97 38.67 -66.06
N ALA N 25 -55.06 38.93 -65.12
CA ALA N 25 -55.46 39.54 -63.85
C ALA N 25 -55.99 40.95 -64.08
N ALA N 26 -55.36 41.72 -64.96
CA ALA N 26 -55.84 43.07 -65.23
C ALA N 26 -57.23 43.04 -65.86
N ALA N 27 -57.45 42.10 -66.79
CA ALA N 27 -58.76 41.98 -67.42
C ALA N 27 -59.83 41.61 -66.41
N VAL N 28 -59.52 40.67 -65.50
CA VAL N 28 -60.50 40.30 -64.48
C VAL N 28 -60.79 41.47 -63.55
N ILE N 29 -59.74 42.21 -63.17
CA ILE N 29 -59.94 43.37 -62.30
C ILE N 29 -60.83 44.39 -62.97
N LEU N 30 -60.58 44.69 -64.25
CA LEU N 30 -61.41 45.66 -64.96
C LEU N 30 -62.84 45.16 -65.09
N LEU N 31 -63.02 43.86 -65.35
CA LEU N 31 -64.36 43.31 -65.47
C LEU N 31 -65.13 43.47 -64.16
N CYS N 32 -64.48 43.22 -63.03
CA CYS N 32 -65.15 43.40 -61.75
C CYS N 32 -65.42 44.87 -61.47
N LEU N 33 -64.47 45.75 -61.81
CA LEU N 33 -64.62 47.16 -61.52
C LEU N 33 -65.74 47.79 -62.33
N GLY N 34 -65.92 47.36 -63.57
CA GLY N 34 -67.01 47.89 -64.37
C GLY N 34 -68.37 47.61 -63.76
N ILE N 35 -68.59 46.37 -63.32
CA ILE N 35 -69.86 46.02 -62.71
C ILE N 35 -70.02 46.71 -61.36
N ALA N 36 -68.93 46.84 -60.60
CA ALA N 36 -69.01 47.52 -59.32
C ALA N 36 -69.39 48.99 -59.52
N TYR N 37 -68.83 49.64 -60.53
CA TYR N 37 -69.19 51.02 -60.83
C TYR N 37 -70.61 51.13 -61.34
N ALA N 38 -71.08 50.17 -62.12
CA ALA N 38 -72.45 50.21 -62.60
C ALA N 38 -73.45 50.15 -61.46
N GLY N 39 -73.12 49.39 -60.41
CA GLY N 39 -73.98 49.24 -59.25
C GLY N 39 -73.84 50.30 -58.19
N ARG N 40 -73.17 51.42 -58.49
CA ARG N 40 -73.00 52.54 -57.58
C ARG N 40 -72.18 52.18 -56.35
N PHE N 41 -71.26 51.22 -56.46
CA PHE N 41 -70.44 50.83 -55.32
C PHE N 41 -69.11 51.55 -55.26
N ILE N 42 -68.63 52.08 -56.39
CA ILE N 42 -67.38 52.83 -56.45
C ILE N 42 -67.59 54.04 -57.34
N GLU N 43 -66.54 54.85 -57.50
CA GLU N 43 -66.62 56.09 -58.25
C GLU N 43 -65.85 55.99 -59.56
N LYS N 44 -65.97 57.05 -60.36
CA LYS N 44 -65.43 57.03 -61.71
C LYS N 44 -63.91 57.15 -61.75
N ASP N 45 -63.27 57.62 -60.67
CA ASP N 45 -61.82 57.72 -60.66
C ASP N 45 -61.16 56.34 -60.60
N THR N 46 -61.92 55.30 -60.31
CA THR N 46 -61.36 53.95 -60.28
C THR N 46 -60.82 53.56 -61.65
N PHE N 47 -61.49 53.98 -62.71
CA PHE N 47 -61.01 53.66 -64.06
C PHE N 47 -59.70 54.38 -64.36
N VAL N 48 -59.57 55.63 -63.91
CA VAL N 48 -58.32 56.36 -64.10
C VAL N 48 -57.19 55.67 -63.32
N ARG N 49 -57.49 55.27 -62.08
CA ARG N 49 -56.51 54.55 -61.27
C ARG N 49 -56.08 53.26 -61.96
N TRP N 50 -57.05 52.51 -62.49
CA TRP N 50 -56.75 51.26 -63.17
C TRP N 50 -55.90 51.49 -64.41
N SER N 51 -56.23 52.51 -65.19
CA SER N 51 -55.46 52.81 -66.39
C SER N 51 -54.03 53.17 -66.04
N ILE N 52 -53.85 54.01 -65.02
CA ILE N 52 -52.50 54.41 -64.62
C ILE N 52 -51.71 53.20 -64.13
N GLY N 53 -52.34 52.35 -63.30
CA GLY N 53 -51.65 51.19 -62.80
C GLY N 53 -51.24 50.22 -63.90
N VAL N 54 -52.14 49.98 -64.85
CA VAL N 54 -51.85 49.05 -65.93
C VAL N 54 -50.78 49.61 -66.85
N ILE N 55 -50.83 50.92 -67.14
CA ILE N 55 -49.81 51.53 -67.98
C ILE N 55 -48.44 51.47 -67.31
N ILE N 56 -48.38 51.72 -66.00
CA ILE N 56 -47.12 51.63 -65.29
C ILE N 56 -46.61 50.20 -65.29
N ALA N 57 -47.48 49.22 -65.04
CA ALA N 57 -47.05 47.84 -64.98
C ALA N 57 -46.61 47.33 -66.35
N GLY N 58 -47.21 47.86 -67.42
CA GLY N 58 -46.84 47.42 -68.75
C GLY N 58 -45.39 47.74 -69.10
N SER N 59 -44.93 48.92 -68.69
CA SER N 59 -43.57 49.37 -68.98
C SER N 59 -42.70 49.37 -67.72
N ALA N 60 -42.85 48.33 -66.89
CA ALA N 60 -42.03 48.23 -65.69
C ALA N 60 -40.55 48.14 -66.02
N VAL N 61 -40.21 47.35 -67.05
CA VAL N 61 -38.81 47.18 -67.42
C VAL N 61 -38.22 48.50 -67.89
N GLN N 62 -38.96 49.26 -68.70
CA GLN N 62 -38.45 50.52 -69.22
C GLN N 62 -38.21 51.52 -68.11
N ILE N 63 -39.17 51.64 -67.18
CA ILE N 63 -39.00 52.57 -66.08
C ILE N 63 -37.85 52.14 -65.17
N THR N 64 -37.73 50.85 -64.93
CA THR N 64 -36.61 50.36 -64.12
C THR N 64 -35.27 50.66 -64.77
N ALA N 65 -35.16 50.48 -66.09
CA ALA N 65 -33.94 50.83 -66.80
C ALA N 65 -33.67 52.32 -66.81
N MET N 66 -34.73 53.14 -66.83
CA MET N 66 -34.54 54.59 -66.79
C MET N 66 -34.05 55.05 -65.42
N LEU N 67 -34.58 54.47 -64.34
CA LEU N 67 -34.22 54.93 -63.01
C LEU N 67 -32.99 54.22 -62.48
N PHE N 68 -32.90 52.90 -62.61
CA PHE N 68 -31.75 52.15 -62.13
C PHE N 68 -30.68 52.07 -63.24
N THR N 69 -29.92 53.15 -63.34
CA THR N 69 -28.85 53.22 -64.33
C THR N 69 -27.53 52.75 -63.73
N ALA O 1 66.51 -99.96 18.42
CA ALA O 1 67.86 -99.69 18.91
C ALA O 1 68.19 -98.20 18.76
N GLN O 2 69.41 -97.93 18.27
CA GLN O 2 69.88 -96.56 18.04
C GLN O 2 69.89 -95.73 19.32
N GLY O 3 69.83 -96.41 20.46
CA GLY O 3 69.91 -95.73 21.74
C GLY O 3 68.67 -94.96 22.14
N LEU O 4 68.26 -93.99 21.34
CA LEU O 4 67.20 -93.06 21.71
C LEU O 4 65.92 -93.25 20.90
N GLU O 5 65.75 -94.39 20.24
CA GLU O 5 64.49 -94.64 19.55
C GLU O 5 63.33 -94.75 20.53
N LYS O 6 63.56 -95.42 21.67
CA LYS O 6 62.50 -95.57 22.67
C LYS O 6 62.07 -94.22 23.22
N ALA O 7 63.03 -93.35 23.53
CA ALA O 7 62.71 -92.03 24.02
C ALA O 7 61.95 -91.21 22.99
N ARG O 8 62.34 -91.34 21.72
CA ARG O 8 61.63 -90.65 20.65
C ARG O 8 60.20 -91.15 20.52
N SER O 9 59.98 -92.46 20.65
CA SER O 9 58.63 -93.00 20.61
C SER O 9 57.80 -92.49 21.78
N VAL O 10 58.40 -92.44 22.97
CA VAL O 10 57.70 -91.91 24.14
C VAL O 10 57.31 -90.45 23.92
N LEU O 11 58.24 -89.66 23.36
CA LEU O 11 57.93 -88.26 23.08
C LEU O 11 56.83 -88.12 22.06
N GLU O 12 56.82 -88.98 21.03
CA GLU O 12 55.75 -88.93 20.03
C GLU O 12 54.40 -89.27 20.66
N THR O 13 54.37 -90.28 21.53
CA THR O 13 53.13 -90.61 22.21
C THR O 13 52.65 -89.47 23.09
N LEU O 14 53.58 -88.83 23.82
CA LEU O 14 53.21 -87.69 24.65
C LEU O 14 52.68 -86.54 23.80
N GLN O 15 53.32 -86.30 22.65
CA GLN O 15 52.85 -85.24 21.76
C GLN O 15 51.45 -85.54 21.24
N GLN O 16 51.18 -86.79 20.88
CA GLN O 16 49.84 -87.15 20.42
C GLN O 16 48.81 -86.95 21.53
N GLU O 17 49.14 -87.36 22.75
CA GLU O 17 48.19 -87.19 23.85
C GLU O 17 47.93 -85.72 24.15
N LEU O 18 48.98 -84.90 24.13
CA LEU O 18 48.80 -83.47 24.37
C LEU O 18 47.98 -82.83 23.26
N THR O 19 48.21 -83.25 22.01
CA THR O 19 47.42 -82.73 20.89
C THR O 19 45.96 -83.13 21.04
N THR O 20 45.69 -84.32 21.56
CA THR O 20 44.32 -84.73 21.84
C THR O 20 43.70 -83.86 22.93
N ILE O 21 44.46 -83.57 23.98
CA ILE O 21 43.93 -82.80 25.11
C ILE O 21 43.68 -81.34 24.72
N VAL O 22 44.54 -80.75 23.88
CA VAL O 22 44.51 -79.30 23.68
C VAL O 22 43.15 -78.75 23.27
N PRO O 23 42.40 -79.34 22.32
CA PRO O 23 41.15 -78.69 21.89
C PRO O 23 40.17 -78.45 23.02
N ILE O 24 40.09 -79.33 24.00
CA ILE O 24 39.20 -79.12 25.14
C ILE O 24 39.63 -77.89 25.93
N ALA O 25 40.93 -77.77 26.20
CA ALA O 25 41.42 -76.60 26.92
C ALA O 25 41.18 -75.32 26.14
N ALA O 26 41.38 -75.36 24.82
CA ALA O 26 41.13 -74.18 24.01
C ALA O 26 39.67 -73.79 24.02
N ALA O 27 38.77 -74.77 23.97
CA ALA O 27 37.34 -74.48 24.04
C ALA O 27 36.96 -73.88 25.38
N VAL O 28 37.53 -74.41 26.47
CA VAL O 28 37.24 -73.85 27.80
C VAL O 28 37.76 -72.42 27.89
N ILE O 29 38.96 -72.18 27.35
CA ILE O 29 39.52 -70.83 27.38
C ILE O 29 38.64 -69.86 26.60
N LEU O 30 38.17 -70.27 25.42
CA LEU O 30 37.29 -69.40 24.64
C LEU O 30 35.97 -69.17 25.35
N LEU O 31 35.43 -70.20 26.00
CA LEU O 31 34.18 -70.03 26.73
C LEU O 31 34.34 -69.02 27.86
N CYS O 32 35.45 -69.09 28.60
CA CYS O 32 35.69 -68.11 29.65
C CYS O 32 35.91 -66.72 29.08
N LEU O 33 36.65 -66.61 27.98
CA LEU O 33 36.95 -65.31 27.40
C LEU O 33 35.69 -64.64 26.85
N GLY O 34 34.77 -65.41 26.29
CA GLY O 34 33.53 -64.81 25.79
C GLY O 34 32.73 -64.15 26.90
N ILE O 35 32.60 -64.83 28.04
CA ILE O 35 31.87 -64.25 29.16
C ILE O 35 32.63 -63.08 29.75
N ALA O 36 33.96 -63.18 29.85
CA ALA O 36 34.74 -62.07 30.38
C ALA O 36 34.60 -60.83 29.51
N TYR O 37 34.62 -61.02 28.18
CA TYR O 37 34.41 -59.90 27.27
C TYR O 37 32.99 -59.36 27.36
N ALA O 38 32.00 -60.25 27.55
CA ALA O 38 30.62 -59.78 27.71
C ALA O 38 30.46 -58.96 28.97
N GLY O 39 31.23 -59.26 30.01
CA GLY O 39 31.19 -58.55 31.26
C GLY O 39 32.06 -57.32 31.34
N ARG O 40 32.60 -56.85 30.23
CA ARG O 40 33.45 -55.67 30.15
C ARG O 40 34.73 -55.81 30.97
N PHE O 41 35.24 -57.02 31.13
CA PHE O 41 36.47 -57.24 31.87
C PHE O 41 37.71 -57.27 30.99
N ILE O 42 37.56 -57.57 29.71
CA ILE O 42 38.66 -57.59 28.75
C ILE O 42 38.21 -56.89 27.48
N GLU O 43 39.10 -56.86 26.49
CA GLU O 43 38.86 -56.14 25.25
C GLU O 43 38.67 -57.10 24.08
N LYS O 44 38.35 -56.53 22.93
CA LYS O 44 38.02 -57.32 21.75
C LYS O 44 39.24 -57.95 21.10
N ASP O 45 40.44 -57.41 21.31
CA ASP O 45 41.63 -57.99 20.72
C ASP O 45 41.99 -59.33 21.37
N THR O 46 41.35 -59.67 22.49
CA THR O 46 41.58 -60.97 23.12
C THR O 46 41.16 -62.10 22.19
N PHE O 47 40.08 -61.90 21.43
CA PHE O 47 39.66 -62.93 20.48
C PHE O 47 40.68 -63.13 19.39
N VAL O 48 41.26 -62.04 18.89
CA VAL O 48 42.31 -62.14 17.87
C VAL O 48 43.53 -62.86 18.44
N ARG O 49 43.90 -62.53 19.69
CA ARG O 49 45.00 -63.21 20.34
C ARG O 49 44.74 -64.71 20.46
N TRP O 50 43.51 -65.07 20.88
CA TRP O 50 43.15 -66.48 21.03
C TRP O 50 43.19 -67.20 19.69
N SER O 51 42.68 -66.56 18.64
CA SER O 51 42.68 -67.18 17.32
C SER O 51 44.10 -67.41 16.83
N ILE O 52 44.97 -66.42 17.01
CA ILE O 52 46.36 -66.58 16.60
C ILE O 52 47.01 -67.72 17.36
N GLY O 53 46.79 -67.78 18.68
CA GLY O 53 47.40 -68.83 19.47
C GLY O 53 46.91 -70.21 19.06
N VAL O 54 45.61 -70.35 18.82
CA VAL O 54 45.05 -71.65 18.45
C VAL O 54 45.54 -72.07 17.08
N ILE O 55 45.61 -71.14 16.13
CA ILE O 55 46.11 -71.47 14.79
C ILE O 55 47.57 -71.89 14.86
N ILE O 56 48.38 -71.19 15.66
CA ILE O 56 49.78 -71.57 15.80
C ILE O 56 49.91 -72.95 16.43
N ALA O 57 49.13 -73.23 17.47
CA ALA O 57 49.20 -74.52 18.13
C ALA O 57 48.72 -75.64 17.23
N GLY O 58 47.77 -75.35 16.34
CA GLY O 58 47.26 -76.38 15.45
C GLY O 58 48.29 -76.89 14.47
N SER O 59 49.07 -75.99 13.89
CA SER O 59 50.09 -76.33 12.91
C SER O 59 51.48 -76.27 13.51
N ALA O 60 51.62 -76.71 14.76
CA ALA O 60 52.92 -76.68 15.43
C ALA O 60 53.91 -77.61 14.73
N VAL O 61 53.46 -78.81 14.35
CA VAL O 61 54.36 -79.77 13.72
C VAL O 61 54.84 -79.25 12.36
N GLN O 62 53.93 -78.68 11.58
CA GLN O 62 54.31 -78.15 10.27
C GLN O 62 55.29 -77.00 10.39
N ILE O 63 55.04 -76.09 11.35
CA ILE O 63 55.96 -74.96 11.55
C ILE O 63 57.33 -75.47 12.00
N THR O 64 57.34 -76.44 12.91
CA THR O 64 58.61 -77.00 13.37
C THR O 64 59.37 -77.65 12.22
N ALA O 65 58.68 -78.39 11.36
CA ALA O 65 59.32 -78.98 10.19
C ALA O 65 59.82 -77.93 9.21
N MET O 66 59.11 -76.80 9.10
CA MET O 66 59.57 -75.74 8.19
C MET O 66 60.81 -75.04 8.72
N LEU O 67 60.85 -74.77 10.03
CA LEU O 67 61.98 -74.02 10.58
C LEU O 67 63.17 -74.92 10.87
N PHE O 68 62.94 -76.07 11.49
CA PHE O 68 64.03 -76.99 11.85
C PHE O 68 64.25 -77.97 10.70
N THR O 69 65.04 -77.52 9.74
CA THR O 69 65.38 -78.33 8.58
C THR O 69 66.76 -78.96 8.73
N ALA P 1 42.95 -96.32 28.65
CA ALA P 1 44.40 -96.28 28.78
C ALA P 1 44.96 -95.03 28.12
N GLN P 2 45.98 -95.23 27.28
CA GLN P 2 46.63 -94.15 26.53
C GLN P 2 47.25 -93.11 27.46
N GLY P 3 47.38 -93.44 28.75
CA GLY P 3 48.02 -92.56 29.70
C GLY P 3 47.20 -91.35 30.09
N LEU P 4 46.81 -90.54 29.11
CA LEU P 4 46.17 -89.26 29.37
C LEU P 4 44.70 -89.24 28.95
N GLU P 5 44.04 -90.40 28.85
CA GLU P 5 42.61 -90.41 28.60
C GLU P 5 41.82 -89.93 29.80
N LYS P 6 42.30 -90.28 31.01
CA LYS P 6 41.60 -89.88 32.23
C LYS P 6 41.58 -88.36 32.37
N ALA P 7 42.70 -87.71 32.09
CA ALA P 7 42.75 -86.25 32.16
C ALA P 7 41.83 -85.62 31.12
N ARG P 8 41.76 -86.22 29.93
CA ARG P 8 40.83 -85.73 28.91
C ARG P 8 39.39 -85.86 29.36
N SER P 9 39.03 -86.97 30.00
CA SER P 9 37.67 -87.13 30.50
C SER P 9 37.36 -86.12 31.58
N VAL P 10 38.31 -85.88 32.48
CA VAL P 10 38.12 -84.88 33.53
C VAL P 10 37.93 -83.50 32.92
N LEU P 11 38.72 -83.17 31.90
CA LEU P 11 38.57 -81.87 31.24
C LEU P 11 37.23 -81.76 30.54
N GLU P 12 36.75 -82.85 29.92
CA GLU P 12 35.44 -82.81 29.30
C GLU P 12 34.34 -82.58 30.33
N THR P 13 34.45 -83.24 31.49
CA THR P 13 33.47 -83.02 32.55
C THR P 13 33.51 -81.57 33.03
N LEU P 14 34.71 -81.02 33.21
CA LEU P 14 34.84 -79.62 33.62
C LEU P 14 34.23 -78.69 32.58
N GLN P 15 34.47 -78.97 31.30
CA GLN P 15 33.92 -78.14 30.24
C GLN P 15 32.40 -78.18 30.25
N GLN P 16 31.82 -79.37 30.43
CA GLN P 16 30.36 -79.48 30.48
C GLN P 16 29.80 -78.72 31.68
N GLU P 17 30.44 -78.84 32.84
CA GLU P 17 29.95 -78.13 34.02
C GLU P 17 30.04 -76.62 33.86
N LEU P 18 31.15 -76.13 33.29
CA LEU P 18 31.28 -74.70 33.07
C LEU P 18 30.27 -74.21 32.05
N THR P 19 30.00 -75.01 31.01
CA THR P 19 28.98 -74.64 30.04
C THR P 19 27.61 -74.57 30.69
N THR P 20 27.33 -75.47 31.64
CA THR P 20 26.08 -75.40 32.37
C THR P 20 26.00 -74.14 33.22
N ILE P 21 27.11 -73.77 33.88
CA ILE P 21 27.11 -72.61 34.76
C ILE P 21 26.99 -71.30 33.98
N VAL P 22 27.59 -71.24 32.78
CA VAL P 22 27.74 -69.95 32.09
C VAL P 22 26.45 -69.20 31.88
N PRO P 23 25.34 -69.80 31.43
CA PRO P 23 24.14 -69.00 31.15
C PRO P 23 23.64 -68.18 32.32
N ILE P 24 23.76 -68.70 33.54
CA ILE P 24 23.35 -67.92 34.71
C ILE P 24 24.21 -66.68 34.86
N ALA P 25 25.52 -66.83 34.70
CA ALA P 25 26.41 -65.68 34.80
C ALA P 25 26.12 -64.66 33.71
N ALA P 26 25.85 -65.14 32.49
CA ALA P 26 25.53 -64.22 31.41
C ALA P 26 24.24 -63.47 31.69
N ALA P 27 23.23 -64.17 32.22
CA ALA P 27 21.97 -63.51 32.56
C ALA P 27 22.16 -62.46 33.65
N VAL P 28 22.96 -62.77 34.67
CA VAL P 28 23.22 -61.81 35.73
C VAL P 28 23.96 -60.60 35.18
N ILE P 29 24.94 -60.83 34.30
CA ILE P 29 25.67 -59.72 33.70
C ILE P 29 24.73 -58.83 32.90
N LEU P 30 23.85 -59.43 32.11
CA LEU P 30 22.91 -58.63 31.32
C LEU P 30 21.94 -57.86 32.23
N LEU P 31 21.49 -58.50 33.31
CA LEU P 31 20.60 -57.81 34.25
C LEU P 31 21.27 -56.59 34.85
N CYS P 32 22.54 -56.72 35.25
CA CYS P 32 23.26 -55.58 35.80
C CYS P 32 23.51 -54.52 34.74
N LEU P 33 23.84 -54.93 33.51
CA LEU P 33 24.13 -53.98 32.45
C LEU P 33 22.91 -53.17 32.07
N GLY P 34 21.73 -53.80 32.06
CA GLY P 34 20.53 -53.06 31.73
C GLY P 34 20.24 -51.93 32.70
N ILE P 35 20.38 -52.21 34.00
CA ILE P 35 20.16 -51.17 35.01
C ILE P 35 21.24 -50.12 34.95
N ALA P 36 22.49 -50.53 34.71
CA ALA P 36 23.57 -49.56 34.61
C ALA P 36 23.36 -48.62 33.43
N TYR P 37 22.91 -49.17 32.29
CA TYR P 37 22.60 -48.34 31.13
C TYR P 37 21.40 -47.44 31.39
N ALA P 38 20.39 -47.93 32.11
CA ALA P 38 19.23 -47.10 32.41
C ALA P 38 19.61 -45.93 33.31
N GLY P 39 20.62 -46.11 34.15
CA GLY P 39 21.09 -45.07 35.03
C GLY P 39 22.16 -44.16 34.47
N ARG P 40 22.34 -44.18 33.15
CA ARG P 40 23.32 -43.34 32.45
C ARG P 40 24.75 -43.60 32.88
N PHE P 41 25.07 -44.83 33.27
CA PHE P 41 26.44 -45.15 33.70
C PHE P 41 27.29 -45.76 32.59
N ILE P 42 26.67 -46.37 31.58
CA ILE P 42 27.38 -46.94 30.45
C ILE P 42 26.66 -46.53 29.18
N GLU P 43 27.14 -47.02 28.04
CA GLU P 43 26.63 -46.63 26.73
C GLU P 43 25.91 -47.80 26.06
N LYS P 44 25.34 -47.50 24.90
CA LYS P 44 24.52 -48.48 24.18
C LYS P 44 25.33 -49.57 23.52
N ASP P 45 26.61 -49.34 23.23
CA ASP P 45 27.43 -50.37 22.61
C ASP P 45 27.73 -51.52 23.57
N THR P 46 27.44 -51.34 24.86
CA THR P 46 27.65 -52.42 25.81
C THR P 46 26.78 -53.62 25.49
N PHE P 47 25.56 -53.39 25.02
CA PHE P 47 24.68 -54.50 24.65
C PHE P 47 25.22 -55.25 23.44
N VAL P 48 25.77 -54.53 22.46
CA VAL P 48 26.39 -55.19 21.31
C VAL P 48 27.58 -56.02 21.76
N ARG P 49 28.41 -55.46 22.64
CA ARG P 49 29.54 -56.19 23.18
C ARG P 49 29.10 -57.46 23.89
N TRP P 50 28.05 -57.35 24.71
CA TRP P 50 27.55 -58.51 25.44
C TRP P 50 27.01 -59.57 24.49
N SER P 51 26.28 -59.14 23.46
CA SER P 51 25.73 -60.11 22.51
C SER P 51 26.86 -60.83 21.77
N ILE P 52 27.89 -60.10 21.36
CA ILE P 52 29.01 -60.73 20.67
C ILE P 52 29.71 -61.72 21.59
N GLY P 53 29.94 -61.32 22.84
CA GLY P 53 30.61 -62.21 23.78
C GLY P 53 29.81 -63.48 24.03
N VAL P 54 28.49 -63.34 24.20
CA VAL P 54 27.66 -64.50 24.49
C VAL P 54 27.58 -65.42 23.28
N ILE P 55 27.45 -64.84 22.08
CA ILE P 55 27.42 -65.67 20.87
C ILE P 55 28.73 -66.41 20.69
N ILE P 56 29.86 -65.76 20.94
CA ILE P 56 31.15 -66.42 20.82
C ILE P 56 31.27 -67.54 21.85
N ALA P 57 30.86 -67.28 23.09
CA ALA P 57 30.96 -68.30 24.13
C ALA P 57 30.03 -69.48 23.85
N GLY P 58 28.90 -69.22 23.19
CA GLY P 58 27.96 -70.30 22.91
C GLY P 58 28.51 -71.34 21.95
N SER P 59 29.21 -70.89 20.92
CA SER P 59 29.78 -71.77 19.90
C SER P 59 31.29 -71.92 20.06
N ALA P 60 31.76 -71.97 21.31
CA ALA P 60 33.19 -72.11 21.56
C ALA P 60 33.74 -73.41 21.00
N VAL P 61 33.01 -74.51 21.19
CA VAL P 61 33.48 -75.79 20.69
C VAL P 61 33.56 -75.79 19.17
N GLN P 62 32.54 -75.22 18.51
CA GLN P 62 32.54 -75.17 17.06
C GLN P 62 33.68 -74.33 16.52
N ILE P 63 33.93 -73.17 17.14
CA ILE P 63 35.03 -72.32 16.69
C ILE P 63 36.38 -73.02 16.91
N THR P 64 36.54 -73.69 18.05
CA THR P 64 37.77 -74.42 18.30
C THR P 64 37.97 -75.53 17.28
N ALA P 65 36.92 -76.27 16.94
CA ALA P 65 37.02 -77.30 15.92
C ALA P 65 37.30 -76.72 14.54
N MET P 66 36.81 -75.52 14.26
CA MET P 66 37.08 -74.90 12.97
C MET P 66 38.52 -74.41 12.85
N LEU P 67 39.07 -73.86 13.94
CA LEU P 67 40.43 -73.32 13.88
C LEU P 67 41.48 -74.40 14.15
N PHE P 68 41.32 -75.15 15.23
CA PHE P 68 42.29 -76.19 15.58
C PHE P 68 41.94 -77.48 14.83
N THR P 69 42.50 -77.59 13.63
CA THR P 69 42.27 -78.74 12.78
C THR P 69 43.46 -79.68 12.77
N ALA Q 1 25.33 -83.63 43.07
CA ALA Q 1 26.57 -84.18 42.54
C ALA Q 1 27.06 -83.36 41.36
N GLN Q 2 27.77 -84.02 40.43
CA GLN Q 2 28.27 -83.41 39.20
C GLN Q 2 29.24 -82.27 39.49
N GLY Q 3 29.73 -82.19 40.73
CA GLY Q 3 30.75 -81.22 41.09
C GLY Q 3 30.28 -79.79 41.20
N LEU Q 4 29.76 -79.22 40.13
CA LEU Q 4 29.42 -77.80 40.10
C LEU Q 4 27.93 -77.55 40.19
N GLU Q 5 27.15 -78.52 40.65
CA GLU Q 5 25.72 -78.27 40.86
C GLU Q 5 25.51 -77.28 42.00
N LYS Q 6 26.31 -77.38 43.06
CA LYS Q 6 26.15 -76.49 44.20
C LYS Q 6 26.42 -75.04 43.80
N ALA Q 7 27.48 -74.82 43.01
CA ALA Q 7 27.77 -73.46 42.55
C ALA Q 7 26.66 -72.94 41.65
N ARG Q 8 26.08 -73.81 40.82
CA ARG Q 8 24.96 -73.40 39.98
C ARG Q 8 23.76 -73.00 40.82
N SER Q 9 23.47 -73.76 41.88
CA SER Q 9 22.36 -73.41 42.76
C SER Q 9 22.62 -72.07 43.45
N VAL Q 10 23.85 -71.85 43.90
CA VAL Q 10 24.20 -70.58 44.54
C VAL Q 10 24.02 -69.43 43.55
N LEU Q 11 24.46 -69.62 42.31
CA LEU Q 11 24.30 -68.58 41.30
C LEU Q 11 22.82 -68.33 41.00
N GLU Q 12 22.00 -69.38 40.97
CA GLU Q 12 20.57 -69.17 40.78
C GLU Q 12 19.96 -68.36 41.92
N THR Q 13 20.34 -68.67 43.15
CA THR Q 13 19.85 -67.90 44.29
C THR Q 13 20.28 -66.44 44.19
N LEU Q 14 21.53 -66.20 43.82
CA LEU Q 14 22.01 -64.83 43.67
C LEU Q 14 21.26 -64.11 42.56
N GLN Q 15 21.00 -64.80 41.45
CA GLN Q 15 20.25 -64.18 40.36
C GLN Q 15 18.84 -63.82 40.79
N GLN Q 16 18.18 -64.71 41.53
CA GLN Q 16 16.84 -64.41 42.01
C GLN Q 16 16.84 -63.21 42.95
N GLU Q 17 17.81 -63.15 43.86
CA GLU Q 17 17.87 -62.03 44.79
C GLU Q 17 18.15 -60.71 44.07
N LEU Q 18 19.06 -60.73 43.09
CA LEU Q 18 19.33 -59.51 42.33
C LEU Q 18 18.11 -59.09 41.52
N THR Q 19 17.38 -60.06 40.96
CA THR Q 19 16.15 -59.73 40.24
C THR Q 19 15.13 -59.11 41.17
N THR Q 20 15.05 -59.59 42.41
CA THR Q 20 14.14 -59.00 43.38
C THR Q 20 14.55 -57.57 43.71
N ILE Q 21 15.85 -57.33 43.87
CA ILE Q 21 16.33 -56.00 44.25
C ILE Q 21 16.16 -55.00 43.11
N VAL Q 22 16.34 -55.44 41.86
CA VAL Q 22 16.46 -54.50 40.74
C VAL Q 22 15.30 -53.52 40.62
N PRO Q 23 14.03 -53.92 40.72
CA PRO Q 23 12.94 -52.94 40.49
C PRO Q 23 13.02 -51.73 41.39
N ILE Q 24 13.47 -51.88 42.63
CA ILE Q 24 13.61 -50.73 43.52
C ILE Q 24 14.65 -49.78 42.98
N ALA Q 25 15.79 -50.31 42.52
CA ALA Q 25 16.82 -49.46 41.96
C ALA Q 25 16.33 -48.75 40.70
N ALA Q 26 15.60 -49.47 39.85
CA ALA Q 26 15.07 -48.84 38.64
C ALA Q 26 14.09 -47.73 38.98
N ALA Q 27 13.23 -47.95 39.98
CA ALA Q 27 12.29 -46.93 40.38
C ALA Q 27 13.00 -45.70 40.94
N VAL Q 28 14.04 -45.91 41.74
CA VAL Q 28 14.80 -44.78 42.29
C VAL Q 28 15.50 -44.02 41.17
N ILE Q 29 16.06 -44.73 40.20
CA ILE Q 29 16.70 -44.08 39.07
C ILE Q 29 15.71 -43.24 38.29
N LEU Q 30 14.51 -43.78 38.03
CA LEU Q 30 13.50 -43.01 37.32
C LEU Q 30 13.05 -41.81 38.12
N LEU Q 31 12.92 -41.96 39.44
CA LEU Q 31 12.52 -40.84 40.29
C LEU Q 31 13.54 -39.71 40.22
N CYS Q 32 14.83 -40.06 40.26
CA CYS Q 32 15.85 -39.02 40.14
C CYS Q 32 15.87 -38.41 38.74
N LEU Q 33 15.69 -39.24 37.70
CA LEU Q 33 15.74 -38.75 36.33
C LEU Q 33 14.60 -37.79 36.04
N GLY Q 34 13.41 -38.06 36.56
CA GLY Q 34 12.29 -37.16 36.33
C GLY Q 34 12.54 -35.77 36.88
N ILE Q 35 13.06 -35.69 38.11
CA ILE Q 35 13.35 -34.40 38.71
C ILE Q 35 14.50 -33.72 38.00
N ALA Q 36 15.52 -34.49 37.60
CA ALA Q 36 16.64 -33.89 36.88
C ALA Q 36 16.17 -33.31 35.55
N TYR Q 37 15.29 -34.01 34.85
CA TYR Q 37 14.75 -33.51 33.60
C TYR Q 37 13.85 -32.30 33.81
N ALA Q 38 13.10 -32.27 34.92
CA ALA Q 38 12.26 -31.12 35.20
C ALA Q 38 13.10 -29.87 35.44
N GLY Q 39 14.28 -30.03 36.02
CA GLY Q 39 15.17 -28.93 36.31
C GLY Q 39 16.10 -28.54 35.18
N ARG Q 40 15.86 -29.01 33.96
CA ARG Q 40 16.66 -28.71 32.77
C ARG Q 40 18.10 -29.18 32.90
N PHE Q 41 18.34 -30.29 33.61
CA PHE Q 41 19.69 -30.82 33.76
C PHE Q 41 20.02 -31.92 32.77
N ILE Q 42 19.03 -32.61 32.24
CA ILE Q 42 19.22 -33.66 31.24
C ILE Q 42 18.18 -33.47 30.14
N GLU Q 43 18.23 -34.34 29.13
CA GLU Q 43 17.37 -34.22 27.96
C GLU Q 43 16.30 -35.30 27.96
N LYS Q 44 15.41 -35.22 26.96
CA LYS Q 44 14.26 -36.09 26.89
C LYS Q 44 14.61 -37.50 26.44
N ASP Q 45 15.76 -37.71 25.82
CA ASP Q 45 16.13 -39.06 25.39
C ASP Q 45 16.51 -39.94 26.57
N THR Q 46 16.70 -39.36 27.75
CA THR Q 46 17.06 -40.16 28.93
C THR Q 46 15.95 -41.12 29.28
N PHE Q 47 14.69 -40.71 29.11
CA PHE Q 47 13.58 -41.61 29.38
C PHE Q 47 13.56 -42.79 28.42
N VAL Q 48 13.88 -42.54 27.15
CA VAL Q 48 13.97 -43.62 26.17
C VAL Q 48 15.09 -44.57 26.55
N ARG Q 49 16.23 -44.03 26.94
CA ARG Q 49 17.35 -44.85 27.37
C ARG Q 49 16.97 -45.71 28.58
N TRP Q 50 16.29 -45.11 29.55
CA TRP Q 50 15.87 -45.84 30.74
C TRP Q 50 14.89 -46.95 30.39
N SER Q 51 13.93 -46.66 29.50
CA SER Q 51 12.96 -47.67 29.11
C SER Q 51 13.64 -48.83 28.40
N ILE Q 52 14.57 -48.53 27.50
CA ILE Q 52 15.30 -49.60 26.81
C ILE Q 52 16.08 -50.44 27.80
N GLY Q 53 16.77 -49.79 28.74
CA GLY Q 53 17.55 -50.53 29.72
C GLY Q 53 16.68 -51.41 30.59
N VAL Q 54 15.54 -50.89 31.05
CA VAL Q 54 14.67 -51.66 31.93
C VAL Q 54 14.03 -52.83 31.17
N ILE Q 55 13.62 -52.60 29.92
CA ILE Q 55 13.05 -53.68 29.13
C ILE Q 55 14.09 -54.77 28.90
N ILE Q 56 15.33 -54.39 28.61
CA ILE Q 56 16.38 -55.40 28.42
C ILE Q 56 16.65 -56.15 29.71
N ALA Q 57 16.69 -55.44 30.84
CA ALA Q 57 16.96 -56.10 32.11
C ALA Q 57 15.84 -57.06 32.50
N GLY Q 58 14.60 -56.70 32.19
CA GLY Q 58 13.48 -57.55 32.59
C GLY Q 58 13.50 -58.91 31.91
N SER Q 59 13.89 -58.95 30.64
CA SER Q 59 13.94 -60.18 29.86
C SER Q 59 15.38 -60.65 29.67
N ALA Q 60 16.21 -60.49 30.70
CA ALA Q 60 17.61 -60.92 30.60
C ALA Q 60 17.72 -62.42 30.40
N VAL Q 61 16.93 -63.20 31.15
CA VAL Q 61 17.00 -64.65 31.05
C VAL Q 61 16.58 -65.12 29.66
N GLN Q 62 15.50 -64.54 29.13
CA GLN Q 62 15.01 -64.93 27.81
C GLN Q 62 16.04 -64.62 26.73
N ILE Q 63 16.66 -63.44 26.80
CA ILE Q 63 17.66 -63.08 25.80
C ILE Q 63 18.88 -63.99 25.91
N THR Q 64 19.29 -64.31 27.15
CA THR Q 64 20.41 -65.22 27.33
C THR Q 64 20.10 -66.61 26.76
N ALA Q 65 18.88 -67.10 26.99
CA ALA Q 65 18.48 -68.38 26.41
C ALA Q 65 18.39 -68.33 24.90
N MET Q 66 18.03 -67.18 24.32
CA MET Q 66 17.95 -67.07 22.87
C MET Q 66 19.33 -67.03 22.23
N LEU Q 67 20.27 -66.30 22.82
CA LEU Q 67 21.58 -66.15 22.21
C LEU Q 67 22.50 -67.32 22.56
N PHE Q 68 22.52 -67.73 23.83
CA PHE Q 68 23.40 -68.82 24.26
C PHE Q 68 22.67 -70.15 24.13
N THR Q 69 22.70 -70.69 22.91
CA THR Q 69 22.06 -71.96 22.62
C THR Q 69 23.10 -73.08 22.51
N ALA R 1 15.61 -63.68 56.15
CA ALA R 1 16.69 -64.43 55.53
C ALA R 1 16.81 -64.10 54.04
N GLN R 2 17.06 -65.13 53.23
CA GLN R 2 17.16 -65.00 51.78
C GLN R 2 18.31 -64.07 51.38
N GLY R 3 19.21 -63.78 52.32
CA GLY R 3 20.40 -63.02 52.01
C GLY R 3 20.19 -61.53 51.77
N LEU R 4 19.57 -61.18 50.66
CA LEU R 4 19.46 -59.79 50.24
C LEU R 4 18.13 -59.16 50.62
N GLU R 5 17.41 -59.76 51.57
CA GLU R 5 16.18 -59.13 52.07
C GLU R 5 16.52 -57.84 52.82
N LYS R 6 17.59 -57.84 53.60
CA LYS R 6 17.97 -56.65 54.35
C LYS R 6 18.34 -55.50 53.41
N ALA R 7 19.09 -55.80 52.36
CA ALA R 7 19.43 -54.77 51.38
C ALA R 7 18.18 -54.26 50.68
N ARG R 8 17.22 -55.14 50.40
CA ARG R 8 15.98 -54.71 49.79
C ARG R 8 15.19 -53.79 50.73
N SER R 9 15.16 -54.10 52.02
CA SER R 9 14.49 -53.22 52.97
C SER R 9 15.17 -51.86 53.05
N VAL R 10 16.51 -51.85 53.04
CA VAL R 10 17.24 -50.59 53.06
C VAL R 10 16.94 -49.76 51.80
N LEU R 11 16.90 -50.42 50.65
CA LEU R 11 16.58 -49.72 49.41
C LEU R 11 15.15 -49.18 49.43
N GLU R 12 14.21 -49.94 50.00
CA GLU R 12 12.84 -49.45 50.10
C GLU R 12 12.77 -48.21 51.00
N THR R 13 13.49 -48.24 52.12
CA THR R 13 13.52 -47.08 53.00
C THR R 13 14.12 -45.86 52.29
N LEU R 14 15.21 -46.07 51.56
CA LEU R 14 15.83 -44.98 50.81
C LEU R 14 14.88 -44.43 49.76
N GLN R 15 14.16 -45.32 49.06
CA GLN R 15 13.21 -44.87 48.06
C GLN R 15 12.09 -44.05 48.68
N GLN R 16 11.57 -44.50 49.83
CA GLN R 16 10.51 -43.75 50.49
C GLN R 16 11.01 -42.36 50.92
N GLU R 17 12.22 -42.29 51.47
CA GLU R 17 12.75 -41.00 51.90
C GLU R 17 13.00 -40.07 50.71
N LEU R 18 13.51 -40.60 49.61
CA LEU R 18 13.71 -39.78 48.42
C LEU R 18 12.38 -39.31 47.86
N THR R 19 11.36 -40.17 47.89
CA THR R 19 10.03 -39.76 47.45
C THR R 19 9.49 -38.65 48.33
N THR R 20 9.75 -38.72 49.63
CA THR R 20 9.33 -37.65 50.53
C THR R 20 10.04 -36.35 50.20
N ILE R 21 11.34 -36.41 49.91
CA ILE R 21 12.11 -35.20 49.64
C ILE R 21 11.72 -34.58 48.31
N VAL R 22 11.37 -35.40 47.32
CA VAL R 22 11.23 -34.90 45.94
C VAL R 22 10.28 -33.72 45.79
N PRO R 23 9.07 -33.72 46.38
CA PRO R 23 8.15 -32.60 46.12
C PRO R 23 8.72 -31.24 46.46
N ILE R 24 9.54 -31.14 47.51
CA ILE R 24 10.15 -29.86 47.86
C ILE R 24 11.11 -29.42 46.76
N ALA R 25 11.92 -30.34 46.26
CA ALA R 25 12.84 -30.00 45.17
C ALA R 25 12.08 -29.57 43.93
N ALA R 26 10.98 -30.27 43.61
CA ALA R 26 10.19 -29.89 42.44
C ALA R 26 9.57 -28.51 42.62
N ALA R 27 9.09 -28.21 43.83
CA ALA R 27 8.51 -26.90 44.09
C ALA R 27 9.54 -25.79 43.97
N VAL R 28 10.75 -26.03 44.48
CA VAL R 28 11.81 -25.03 44.36
C VAL R 28 12.20 -24.83 42.90
N ILE R 29 12.28 -25.93 42.14
CA ILE R 29 12.61 -25.82 40.73
C ILE R 29 11.55 -25.00 39.99
N LEU R 30 10.28 -25.26 40.26
CA LEU R 30 9.22 -24.50 39.61
C LEU R 30 9.25 -23.03 40.02
N LEU R 31 9.54 -22.76 41.30
CA LEU R 31 9.63 -21.39 41.77
C LEU R 31 10.73 -20.64 41.04
N CYS R 32 11.88 -21.28 40.85
CA CYS R 32 12.97 -20.63 40.12
C CYS R 32 12.62 -20.47 38.64
N LEU R 33 11.97 -21.48 38.05
CA LEU R 33 11.66 -21.43 36.63
C LEU R 33 10.64 -20.33 36.32
N GLY R 34 9.67 -20.14 37.20
CA GLY R 34 8.69 -19.08 36.98
C GLY R 34 9.33 -17.71 36.91
N ILE R 35 10.24 -17.42 37.83
CA ILE R 35 10.91 -16.13 37.83
C ILE R 35 11.86 -16.01 36.64
N ALA R 36 12.55 -17.09 36.29
CA ALA R 36 13.42 -17.05 35.13
C ALA R 36 12.64 -16.77 33.85
N TYR R 37 11.47 -17.39 33.70
CA TYR R 37 10.62 -17.14 32.55
C TYR R 37 10.04 -15.73 32.58
N ALA R 38 9.75 -15.21 33.78
CA ALA R 38 9.23 -13.85 33.88
C ALA R 38 10.26 -12.84 33.39
N GLY R 39 11.53 -13.06 33.67
CA GLY R 39 12.60 -12.16 33.27
C GLY R 39 13.16 -12.39 31.90
N ARG R 40 12.48 -13.14 31.05
CA ARG R 40 12.89 -13.42 29.67
C ARG R 40 14.19 -14.21 29.59
N PHE R 41 14.47 -15.05 30.58
CA PHE R 41 15.70 -15.85 30.57
C PHE R 41 15.52 -17.22 29.94
N ILE R 42 14.31 -17.77 29.95
CA ILE R 42 14.01 -19.07 29.36
C ILE R 42 12.72 -18.95 28.55
N GLU R 43 12.31 -20.06 27.96
CA GLU R 43 11.15 -20.10 27.08
C GLU R 43 9.97 -20.77 27.76
N LYS R 44 8.82 -20.73 27.07
CA LYS R 44 7.58 -21.23 27.63
C LYS R 44 7.47 -22.76 27.62
N ASP R 45 8.31 -23.44 26.85
CA ASP R 45 8.28 -24.90 26.84
C ASP R 45 8.88 -25.48 28.12
N THR R 46 9.55 -24.65 28.91
CA THR R 46 10.16 -25.13 30.15
C THR R 46 9.10 -25.65 31.11
N PHE R 47 7.93 -25.00 31.14
CA PHE R 47 6.85 -25.48 32.00
C PHE R 47 6.34 -26.84 31.56
N VAL R 48 6.25 -27.05 30.24
CA VAL R 48 5.84 -28.36 29.73
C VAL R 48 6.87 -29.42 30.12
N ARG R 49 8.15 -29.08 29.97
CA ARG R 49 9.21 -30.01 30.37
C ARG R 49 9.12 -30.35 31.85
N TRP R 50 8.90 -29.34 32.69
CA TRP R 50 8.79 -29.55 34.13
C TRP R 50 7.60 -30.43 34.46
N SER R 51 6.46 -30.17 33.82
CA SER R 51 5.26 -30.97 34.08
C SER R 51 5.48 -32.42 33.69
N ILE R 52 6.10 -32.65 32.53
CA ILE R 52 6.36 -34.03 32.10
C ILE R 52 7.30 -34.72 33.08
N GLY R 53 8.36 -34.03 33.49
CA GLY R 53 9.31 -34.63 34.41
C GLY R 53 8.67 -34.97 35.75
N VAL R 54 7.87 -34.06 36.28
CA VAL R 54 7.24 -34.29 37.58
C VAL R 54 6.22 -35.42 37.49
N ILE R 55 5.43 -35.46 36.41
CA ILE R 55 4.46 -36.53 36.25
C ILE R 55 5.16 -37.88 36.13
N ILE R 56 6.27 -37.94 35.39
CA ILE R 56 7.01 -39.19 35.28
C ILE R 56 7.58 -39.60 36.63
N ALA R 57 8.15 -38.64 37.37
CA ALA R 57 8.74 -38.97 38.67
C ALA R 57 7.68 -39.43 39.66
N GLY R 58 6.47 -38.86 39.59
CA GLY R 58 5.43 -39.22 40.54
C GLY R 58 4.99 -40.66 40.43
N SER R 59 4.87 -41.16 39.20
CA SER R 59 4.44 -42.53 38.94
C SER R 59 5.61 -43.43 38.54
N ALA R 60 6.77 -43.20 39.16
CA ALA R 60 7.95 -43.98 38.82
C ALA R 60 7.76 -45.45 39.16
N VAL R 61 7.17 -45.75 40.31
CA VAL R 61 6.98 -47.14 40.73
C VAL R 61 6.03 -47.86 39.78
N GLN R 62 4.94 -47.20 39.40
CA GLN R 62 3.97 -47.82 38.51
C GLN R 62 4.58 -48.11 37.13
N ILE R 63 5.33 -47.15 36.60
CA ILE R 63 5.98 -47.36 35.30
C ILE R 63 7.00 -48.48 35.38
N THR R 64 7.78 -48.52 36.46
CA THR R 64 8.76 -49.59 36.63
C THR R 64 8.08 -50.95 36.72
N ALA R 65 6.98 -51.05 37.45
CA ALA R 65 6.23 -52.29 37.52
C ALA R 65 5.60 -52.66 36.18
N MET R 66 5.25 -51.68 35.36
CA MET R 66 4.68 -51.98 34.05
C MET R 66 5.74 -52.49 33.07
N LEU R 67 6.92 -51.88 33.09
CA LEU R 67 7.96 -52.28 32.13
C LEU R 67 8.76 -53.47 32.62
N PHE R 68 9.16 -53.47 33.88
CA PHE R 68 9.96 -54.56 34.44
C PHE R 68 9.03 -55.65 34.99
N THR R 69 8.61 -56.52 34.08
CA THR R 69 7.74 -57.64 34.46
C THR R 69 8.52 -58.94 34.52
N ALA S 1 14.12 -38.91 63.30
CA ALA S 1 15.08 -39.81 62.64
C ALA S 1 14.75 -39.95 61.16
N GLN S 2 14.48 -41.20 60.75
CA GLN S 2 14.08 -41.51 59.38
C GLN S 2 15.14 -41.13 58.36
N GLY S 3 16.36 -40.87 58.82
CA GLY S 3 17.47 -40.64 57.93
C GLY S 3 17.47 -39.31 57.21
N LEU S 4 16.43 -39.05 56.42
CA LEU S 4 16.38 -37.85 55.59
C LEU S 4 15.39 -36.81 56.08
N GLU S 5 15.00 -36.86 57.36
CA GLU S 5 14.15 -35.82 57.90
C GLU S 5 14.89 -34.50 58.01
N LYS S 6 16.16 -34.55 58.42
CA LYS S 6 16.94 -33.32 58.57
C LYS S 6 17.15 -32.63 57.22
N ALA S 7 17.45 -33.41 56.19
CA ALA S 7 17.61 -32.83 54.86
C ALA S 7 16.31 -32.22 54.35
N ARG S 8 15.18 -32.89 54.65
CA ARG S 8 13.89 -32.34 54.26
C ARG S 8 13.60 -31.03 54.99
N SER S 9 13.95 -30.95 56.27
CA SER S 9 13.77 -29.69 57.00
C SER S 9 14.63 -28.59 56.41
N VAL S 10 15.88 -28.91 56.06
CA VAL S 10 16.76 -27.91 55.45
C VAL S 10 16.20 -27.44 54.12
N LEU S 11 15.67 -28.37 53.32
CA LEU S 11 15.08 -28.00 52.04
C LEU S 11 13.85 -27.12 52.23
N GLU S 12 13.03 -27.42 53.26
CA GLU S 12 11.88 -26.57 53.55
C GLU S 12 12.31 -25.17 53.93
N THR S 13 13.36 -25.06 54.75
CA THR S 13 13.87 -23.75 55.13
C THR S 13 14.38 -22.99 53.91
N LEU S 14 15.10 -23.67 53.02
CA LEU S 14 15.59 -23.03 51.81
C LEU S 14 14.44 -22.57 50.93
N GLN S 15 13.40 -23.40 50.80
CA GLN S 15 12.25 -23.03 50.00
C GLN S 15 11.55 -21.81 50.58
N GLN S 16 11.38 -21.77 51.90
CA GLN S 16 10.76 -20.60 52.53
C GLN S 16 11.57 -19.33 52.31
N GLU S 17 12.89 -19.43 52.45
CA GLU S 17 13.73 -18.25 52.25
C GLU S 17 13.69 -17.78 50.79
N LEU S 18 13.73 -18.72 49.85
CA LEU S 18 13.64 -18.34 48.44
C LEU S 18 12.28 -17.72 48.13
N THR S 19 11.21 -18.24 48.71
CA THR S 19 9.89 -17.66 48.53
C THR S 19 9.85 -16.24 49.08
N THR S 20 10.51 -16.00 50.22
CA THR S 20 10.60 -14.65 50.76
C THR S 20 11.34 -13.72 49.81
N ILE S 21 12.45 -14.21 49.23
CA ILE S 21 13.27 -13.37 48.35
C ILE S 21 12.56 -13.05 47.05
N VAL S 22 11.78 -14.00 46.51
CA VAL S 22 11.30 -13.89 45.12
C VAL S 22 10.56 -12.59 44.82
N PRO S 23 9.62 -12.12 45.65
CA PRO S 23 8.86 -10.91 45.25
C PRO S 23 9.73 -9.71 44.94
N ILE S 24 10.85 -9.54 45.65
CA ILE S 24 11.75 -8.43 45.37
C ILE S 24 12.33 -8.57 43.97
N ALA S 25 12.77 -9.77 43.61
CA ALA S 25 13.31 -10.00 42.26
C ALA S 25 12.25 -9.76 41.20
N ALA S 26 11.02 -10.22 41.46
CA ALA S 26 9.94 -10.00 40.49
C ALA S 26 9.66 -8.52 40.31
N ALA S 27 9.65 -7.76 41.42
CA ALA S 27 9.41 -6.33 41.32
C ALA S 27 10.53 -5.62 40.56
N VAL S 28 11.78 -6.02 40.79
CA VAL S 28 12.89 -5.42 40.05
C VAL S 28 12.77 -5.74 38.56
N ILE S 29 12.41 -6.99 38.24
CA ILE S 29 12.25 -7.39 36.85
C ILE S 29 11.16 -6.56 36.19
N LEU S 30 10.03 -6.38 36.86
CA LEU S 30 8.95 -5.59 36.28
C LEU S 30 9.35 -4.13 36.12
N LEU S 31 10.09 -3.60 37.10
CA LEU S 31 10.56 -2.21 36.99
C LEU S 31 11.45 -2.02 35.78
N CYS S 32 12.36 -2.97 35.54
CA CYS S 32 13.22 -2.88 34.37
C CYS S 32 12.43 -3.05 33.08
N LEU S 33 11.47 -3.98 33.08
CA LEU S 33 10.71 -4.27 31.86
C LEU S 33 9.83 -3.09 31.47
N GLY S 34 9.27 -2.39 32.45
CA GLY S 34 8.46 -1.23 32.13
C GLY S 34 9.24 -0.15 31.41
N ILE S 35 10.45 0.14 31.89
CA ILE S 35 11.28 1.15 31.24
C ILE S 35 11.76 0.65 29.88
N ALA S 36 12.10 -0.63 29.78
CA ALA S 36 12.52 -1.17 28.49
C ALA S 36 11.41 -1.06 27.46
N TYR S 37 10.17 -1.35 27.86
CA TYR S 37 9.04 -1.22 26.96
C TYR S 37 8.75 0.24 26.63
N ALA S 38 8.93 1.14 27.60
CA ALA S 38 8.69 2.55 27.35
C ALA S 38 9.67 3.10 26.31
N GLY S 39 10.92 2.63 26.35
CA GLY S 39 11.95 3.06 25.42
C GLY S 39 11.99 2.35 24.10
N ARG S 40 10.94 1.58 23.76
CA ARG S 40 10.84 0.85 22.50
C ARG S 40 11.89 -0.24 22.36
N PHE S 41 12.30 -0.87 23.46
CA PHE S 41 13.30 -1.93 23.40
C PHE S 41 12.70 -3.33 23.36
N ILE S 42 11.48 -3.51 23.88
CA ILE S 42 10.79 -4.79 23.88
C ILE S 42 9.34 -4.56 23.48
N GLU S 43 8.57 -5.65 23.43
CA GLU S 43 7.19 -5.60 22.96
C GLU S 43 6.22 -5.77 24.13
N LYS S 44 4.93 -5.63 23.82
CA LYS S 44 3.89 -5.64 24.84
C LYS S 44 3.60 -7.03 25.38
N ASP S 45 3.99 -8.09 24.66
CA ASP S 45 3.78 -9.44 25.17
C ASP S 45 4.68 -9.76 26.36
N THR S 46 5.70 -8.93 26.61
CA THR S 46 6.58 -9.16 27.73
C THR S 46 5.84 -9.10 29.05
N PHE S 47 4.85 -8.19 29.16
CA PHE S 47 4.08 -8.09 30.39
C PHE S 47 3.22 -9.32 30.61
N VAL S 48 2.65 -9.87 29.53
CA VAL S 48 1.88 -11.10 29.64
C VAL S 48 2.78 -12.25 30.08
N ARG S 49 3.97 -12.33 29.49
CA ARG S 49 4.95 -13.35 29.89
C ARG S 49 5.30 -13.22 31.37
N TRP S 50 5.55 -11.98 31.82
CA TRP S 50 5.89 -11.75 33.22
C TRP S 50 4.76 -12.14 34.14
N SER S 51 3.53 -11.80 33.78
CA SER S 51 2.38 -12.13 34.60
C SER S 51 2.21 -13.63 34.72
N ILE S 52 2.34 -14.35 33.59
CA ILE S 52 2.23 -15.80 33.62
C ILE S 52 3.32 -16.41 34.48
N GLY S 53 4.55 -15.94 34.32
CA GLY S 53 5.65 -16.47 35.11
C GLY S 53 5.47 -16.24 36.60
N VAL S 54 5.02 -15.03 36.97
CA VAL S 54 4.85 -14.72 38.39
C VAL S 54 3.69 -15.52 38.98
N ILE S 55 2.60 -15.66 38.23
CA ILE S 55 1.48 -16.46 38.72
C ILE S 55 1.89 -17.91 38.91
N ILE S 56 2.65 -18.46 37.97
CA ILE S 56 3.12 -19.84 38.11
C ILE S 56 4.05 -19.98 39.31
N ALA S 57 4.96 -19.03 39.48
CA ALA S 57 5.90 -19.10 40.60
C ALA S 57 5.20 -18.96 41.94
N GLY S 58 4.14 -18.16 41.99
CA GLY S 58 3.43 -17.96 43.25
C GLY S 58 2.78 -19.23 43.77
N SER S 59 2.19 -20.02 42.87
CA SER S 59 1.49 -21.25 43.22
C SER S 59 2.32 -22.48 42.88
N ALA S 60 3.64 -22.41 43.07
CA ALA S 60 4.50 -23.54 42.77
C ALA S 60 4.16 -24.74 43.65
N VAL S 61 3.92 -24.51 44.95
CA VAL S 61 3.64 -25.60 45.86
C VAL S 61 2.32 -26.28 45.49
N GLN S 62 1.30 -25.49 45.18
CA GLN S 62 0.00 -26.06 44.84
C GLN S 62 0.07 -26.87 43.55
N ILE S 63 0.76 -26.35 42.54
CA ILE S 63 0.90 -27.08 41.29
C ILE S 63 1.69 -28.37 41.50
N THR S 64 2.76 -28.31 42.28
CA THR S 64 3.54 -29.51 42.55
C THR S 64 2.72 -30.56 43.29
N ALA S 65 1.91 -30.14 44.26
CA ALA S 65 1.02 -31.06 44.95
C ALA S 65 -0.06 -31.62 44.04
N MET S 66 -0.50 -30.84 43.04
CA MET S 66 -1.50 -31.33 42.10
C MET S 66 -0.92 -32.36 41.15
N LEU S 67 0.32 -32.16 40.70
CA LEU S 67 0.91 -33.07 39.72
C LEU S 67 1.62 -34.25 40.38
N PHE S 68 2.45 -33.99 41.38
CA PHE S 68 3.19 -35.05 42.07
C PHE S 68 2.32 -35.63 43.18
N THR S 69 1.46 -36.56 42.81
CA THR S 69 0.58 -37.22 43.75
C THR S 69 1.08 -38.62 44.08
N ALA T 1 19.67 -13.17 61.09
CA ALA T 1 19.81 -14.60 60.84
C ALA T 1 18.94 -15.04 59.67
N GLN T 2 18.33 -16.21 59.81
CA GLN T 2 17.42 -16.77 58.79
C GLN T 2 18.13 -17.02 57.47
N GLY T 3 19.45 -16.95 57.46
CA GLY T 3 20.22 -17.29 56.29
C GLY T 3 20.16 -16.28 55.15
N LEU T 4 18.97 -16.01 54.64
CA LEU T 4 18.80 -15.15 53.47
C LEU T 4 18.23 -13.79 53.82
N GLU T 5 18.28 -13.38 55.08
CA GLU T 5 17.83 -12.03 55.43
C GLU T 5 18.77 -10.98 54.88
N LYS T 6 20.08 -11.24 54.92
CA LYS T 6 21.06 -10.29 54.41
C LYS T 6 20.91 -10.11 52.90
N ALA T 7 20.73 -11.21 52.17
CA ALA T 7 20.55 -11.13 50.73
C ALA T 7 19.26 -10.39 50.39
N ARG T 8 18.21 -10.63 51.17
CA ARG T 8 16.95 -9.92 50.95
C ARG T 8 17.11 -8.41 51.20
N SER T 9 17.86 -8.05 52.24
CA SER T 9 18.11 -6.63 52.49
C SER T 9 18.91 -6.00 51.36
N VAL T 10 19.91 -6.71 50.85
CA VAL T 10 20.69 -6.19 49.72
C VAL T 10 19.80 -6.02 48.49
N LEU T 11 18.90 -6.97 48.26
CA LEU T 11 17.97 -6.86 47.14
C LEU T 11 17.03 -5.67 47.32
N GLU T 12 16.57 -5.43 48.55
CA GLU T 12 15.73 -4.26 48.81
C GLU T 12 16.49 -2.97 48.54
N THR T 13 17.75 -2.90 48.96
CA THR T 13 18.55 -1.71 48.68
C THR T 13 18.74 -1.51 47.19
N LEU T 14 19.01 -2.60 46.46
CA LEU T 14 19.15 -2.50 45.01
C LEU T 14 17.86 -2.03 44.35
N GLN T 15 16.73 -2.55 44.82
CA GLN T 15 15.44 -2.14 44.28
C GLN T 15 15.18 -0.66 44.53
N GLN T 16 15.49 -0.19 45.74
CA GLN T 16 15.30 1.23 46.05
C GLN T 16 16.18 2.10 45.17
N GLU T 17 17.45 1.71 44.99
CA GLU T 17 18.35 2.51 44.16
C GLU T 17 17.90 2.53 42.70
N LEU T 18 17.46 1.39 42.18
CA LEU T 18 16.97 1.36 40.80
C LEU T 18 15.70 2.20 40.67
N THR T 19 14.83 2.16 41.67
CA THR T 19 13.64 3.00 41.65
C THR T 19 14.01 4.47 41.66
N THR T 20 15.05 4.83 42.40
CA THR T 20 15.53 6.21 42.39
C THR T 20 16.05 6.60 41.01
N ILE T 21 16.79 5.70 40.37
CA ILE T 21 17.37 6.01 39.06
C ILE T 21 16.30 6.12 37.98
N VAL T 22 15.27 5.29 38.05
CA VAL T 22 14.36 5.13 36.90
C VAL T 22 13.76 6.44 36.39
N PRO T 23 13.27 7.36 37.23
CA PRO T 23 12.61 8.56 36.65
C PRO T 23 13.49 9.36 35.72
N ILE T 24 14.79 9.44 36.00
CA ILE T 24 15.69 10.17 35.11
C ILE T 24 15.78 9.48 33.75
N ALA T 25 15.89 8.15 33.75
CA ALA T 25 15.92 7.42 32.48
C ALA T 25 14.62 7.60 31.72
N ALA T 26 13.49 7.58 32.41
CA ALA T 26 12.20 7.78 31.75
C ALA T 26 12.11 9.18 31.15
N ALA T 27 12.59 10.19 31.88
CA ALA T 27 12.56 11.55 31.37
C ALA T 27 13.45 11.69 30.13
N VAL T 28 14.63 11.08 30.15
CA VAL T 28 15.51 11.14 28.99
C VAL T 28 14.86 10.42 27.80
N ILE T 29 14.22 9.28 28.05
CA ILE T 29 13.54 8.57 26.97
C ILE T 29 12.45 9.42 26.37
N LEU T 30 11.65 10.08 27.21
CA LEU T 30 10.57 10.92 26.69
C LEU T 30 11.14 12.12 25.93
N LEU T 31 12.23 12.69 26.43
CA LEU T 31 12.86 13.82 25.74
C LEU T 31 13.33 13.41 24.35
N CYS T 32 13.94 12.24 24.23
CA CYS T 32 14.36 11.77 22.90
C CYS T 32 13.16 11.44 22.02
N LEU T 33 12.12 10.83 22.60
CA LEU T 33 10.97 10.41 21.81
C LEU T 33 10.20 11.61 21.28
N GLY T 34 10.11 12.68 22.05
CA GLY T 34 9.42 13.87 21.56
C GLY T 34 10.06 14.44 20.31
N ILE T 35 11.39 14.58 20.32
CA ILE T 35 12.08 15.10 19.15
C ILE T 35 12.03 14.10 18.01
N ALA T 36 12.12 12.80 18.30
CA ALA T 36 12.03 11.80 17.25
C ALA T 36 10.68 11.85 16.55
N TYR T 37 9.60 12.02 17.33
CA TYR T 37 8.28 12.18 16.74
C TYR T 37 8.14 13.50 16.00
N ALA T 38 8.78 14.56 16.49
CA ALA T 38 8.72 15.84 15.80
C ALA T 38 9.39 15.77 14.44
N GLY T 39 10.48 15.02 14.34
CA GLY T 39 11.22 14.88 13.10
C GLY T 39 10.70 13.84 12.15
N ARG T 40 9.48 13.33 12.36
CA ARG T 40 8.83 12.33 11.53
C ARG T 40 9.58 11.01 11.52
N PHE T 41 10.22 10.63 12.63
CA PHE T 41 10.95 9.38 12.70
C PHE T 41 10.15 8.25 13.33
N ILE T 42 9.14 8.56 14.15
CA ILE T 42 8.29 7.57 14.79
C ILE T 42 6.85 8.06 14.72
N GLU T 43 5.94 7.28 15.30
CA GLU T 43 4.51 7.55 15.22
C GLU T 43 3.96 7.97 16.57
N LYS T 44 2.68 8.36 16.55
CA LYS T 44 2.04 8.94 17.73
C LYS T 44 1.71 7.91 18.80
N ASP T 45 1.66 6.62 18.45
CA ASP T 45 1.40 5.60 19.46
C ASP T 45 2.60 5.38 20.37
N THR T 46 3.76 5.95 20.02
CA THR T 46 4.94 5.83 20.87
C THR T 46 4.70 6.45 22.23
N PHE T 47 3.98 7.58 22.27
CA PHE T 47 3.69 8.22 23.55
C PHE T 47 2.77 7.36 24.41
N VAL T 48 1.80 6.70 23.77
CA VAL T 48 0.94 5.77 24.50
C VAL T 48 1.75 4.61 25.06
N ARG T 49 2.66 4.06 24.24
CA ARG T 49 3.54 2.99 24.71
C ARG T 49 4.38 3.44 25.89
N TRP T 50 4.94 4.65 25.79
CA TRP T 50 5.78 5.18 26.88
C TRP T 50 4.97 5.36 28.15
N SER T 51 3.75 5.90 28.02
CA SER T 51 2.90 6.12 29.19
C SER T 51 2.56 4.79 29.86
N ILE T 52 2.20 3.79 29.06
CA ILE T 52 1.87 2.48 29.63
C ILE T 52 3.07 1.88 30.34
N GLY T 53 4.25 1.96 29.69
CA GLY T 53 5.43 1.40 30.30
C GLY T 53 5.81 2.08 31.61
N VAL T 54 5.72 3.41 31.63
CA VAL T 54 6.09 4.16 32.83
C VAL T 54 5.08 3.90 33.95
N ILE T 55 3.79 3.84 33.62
CA ILE T 55 2.79 3.55 34.65
C ILE T 55 3.00 2.16 35.22
N ILE T 56 3.28 1.17 34.37
CA ILE T 56 3.52 -0.18 34.86
C ILE T 56 4.77 -0.23 35.74
N ALA T 57 5.84 0.45 35.32
CA ALA T 57 7.07 0.45 36.12
C ALA T 57 6.86 1.15 37.45
N GLY T 58 6.00 2.17 37.48
CA GLY T 58 5.79 2.92 38.70
C GLY T 58 5.16 2.11 39.81
N SER T 59 4.17 1.28 39.46
CA SER T 59 3.45 0.45 40.42
C SER T 59 3.91 -1.01 40.33
N ALA T 60 5.21 -1.22 40.11
CA ALA T 60 5.72 -2.58 40.00
C ALA T 60 5.54 -3.36 41.30
N VAL T 61 5.80 -2.72 42.44
CA VAL T 61 5.68 -3.40 43.72
C VAL T 61 4.24 -3.80 43.98
N GLN T 62 3.29 -2.90 43.69
CA GLN T 62 1.88 -3.20 43.93
C GLN T 62 1.41 -4.33 43.05
N ILE T 63 1.81 -4.33 41.77
CA ILE T 63 1.41 -5.41 40.87
C ILE T 63 2.01 -6.73 41.31
N THR T 64 3.28 -6.72 41.72
CA THR T 64 3.91 -7.95 42.21
C THR T 64 3.21 -8.47 43.45
N ALA T 65 2.86 -7.59 44.39
CA ALA T 65 2.12 -8.02 45.57
C ALA T 65 0.72 -8.51 45.24
N MET T 66 0.11 -7.99 44.18
CA MET T 66 -1.22 -8.45 43.78
C MET T 66 -1.15 -9.83 43.12
N LEU T 67 -0.13 -10.08 42.30
CA LEU T 67 -0.06 -11.35 41.59
C LEU T 67 0.62 -12.44 42.40
N PHE T 68 1.76 -12.11 43.04
CA PHE T 68 2.50 -13.10 43.84
C PHE T 68 1.96 -13.11 45.26
N THR T 69 0.86 -13.84 45.44
CA THR T 69 0.25 -13.97 46.75
C THR T 69 0.52 -15.35 47.35
N ALA U 1 27.53 8.25 48.96
CA ALA U 1 27.29 6.85 49.27
C ALA U 1 26.05 6.34 48.56
N GLN U 2 25.32 5.44 49.21
CA GLN U 2 24.08 4.86 48.69
C GLN U 2 24.31 4.12 47.37
N GLY U 3 25.56 3.88 47.02
CA GLY U 3 25.89 3.08 45.86
C GLY U 3 25.65 3.75 44.53
N LEU U 4 24.38 3.96 44.19
CA LEU U 4 24.01 4.46 42.87
C LEU U 4 23.77 5.96 42.85
N GLU U 5 24.26 6.68 43.87
CA GLU U 5 24.17 8.13 43.84
C GLU U 5 25.03 8.71 42.72
N LYS U 6 26.22 8.15 42.52
CA LYS U 6 27.11 8.64 41.47
C LYS U 6 26.50 8.41 40.09
N ALA U 7 25.93 7.23 39.87
CA ALA U 7 25.29 6.95 38.59
C ALA U 7 24.10 7.86 38.36
N ARG U 8 23.32 8.14 39.41
CA ARG U 8 22.20 9.07 39.28
C ARG U 8 22.69 10.47 38.94
N SER U 9 23.79 10.91 39.56
CA SER U 9 24.33 12.23 39.23
C SER U 9 24.81 12.28 37.78
N VAL U 10 25.45 11.22 37.30
CA VAL U 10 25.88 11.18 35.91
C VAL U 10 24.68 11.21 34.97
N LEU U 11 23.62 10.48 35.32
CA LEU U 11 22.40 10.52 34.51
C LEU U 11 21.79 11.91 34.50
N GLU U 12 21.80 12.61 35.64
CA GLU U 12 21.28 13.97 35.68
C GLU U 12 22.11 14.89 34.79
N THR U 13 23.42 14.75 34.82
CA THR U 13 24.27 15.56 33.95
C THR U 13 23.98 15.28 32.48
N LEU U 14 23.83 14.00 32.12
CA LEU U 14 23.50 13.64 30.75
C LEU U 14 22.15 14.22 30.34
N GLN U 15 21.17 14.17 31.23
CA GLN U 15 19.85 14.72 30.93
C GLN U 15 19.92 16.23 30.72
N GLN U 16 20.68 16.92 31.56
CA GLN U 16 20.83 18.37 31.39
C GLN U 16 21.50 18.70 30.08
N GLU U 17 22.55 17.97 29.72
CA GLU U 17 23.24 18.25 28.46
C GLU U 17 22.35 17.96 27.26
N LEU U 18 21.60 16.86 27.29
CA LEU U 18 20.68 16.57 26.21
C LEU U 18 19.58 17.62 26.11
N THR U 19 19.09 18.10 27.25
CA THR U 19 18.09 19.16 27.23
C THR U 19 18.66 20.43 26.63
N THR U 20 19.93 20.72 26.91
CA THR U 20 20.59 21.87 26.30
C THR U 20 20.69 21.71 24.78
N ILE U 21 21.04 20.50 24.33
CA ILE U 21 21.22 20.26 22.89
C ILE U 21 19.89 20.31 22.14
N VAL U 22 18.80 19.83 22.77
CA VAL U 22 17.56 19.57 22.03
C VAL U 22 17.04 20.78 21.27
N PRO U 23 16.98 22.01 21.83
CA PRO U 23 16.36 23.11 21.07
C PRO U 23 16.99 23.37 19.72
N ILE U 24 18.31 23.19 19.60
CA ILE U 24 18.97 23.38 18.31
C ILE U 24 18.48 22.33 17.31
N ALA U 25 18.39 21.07 17.75
CA ALA U 25 17.86 20.03 16.87
C ALA U 25 16.44 20.32 16.45
N ALA U 26 15.60 20.78 17.38
CA ALA U 26 14.22 21.10 17.04
C ALA U 26 14.16 22.25 16.04
N ALA U 27 15.00 23.26 16.21
CA ALA U 27 15.02 24.38 15.28
C ALA U 27 15.46 23.92 13.89
N VAL U 28 16.47 23.07 13.81
CA VAL U 28 16.92 22.56 12.51
C VAL U 28 15.81 21.74 11.85
N ILE U 29 15.12 20.91 12.64
CA ILE U 29 14.04 20.10 12.10
C ILE U 29 12.94 20.99 11.54
N LEU U 30 12.56 22.03 12.29
CA LEU U 30 11.51 22.93 11.81
C LEU U 30 11.96 23.69 10.57
N LEU U 31 13.23 24.10 10.52
CA LEU U 31 13.74 24.78 9.34
C LEU U 31 13.67 23.90 8.11
N CYS U 32 14.02 22.63 8.25
CA CYS U 32 13.93 21.71 7.11
C CYS U 32 12.47 21.43 6.75
N LEU U 33 11.59 21.29 7.74
CA LEU U 33 10.20 20.98 7.48
C LEU U 33 9.50 22.13 6.76
N GLY U 34 9.83 23.37 7.11
CA GLY U 34 9.22 24.50 6.44
C GLY U 34 9.52 24.52 4.95
N ILE U 35 10.78 24.30 4.59
CA ILE U 35 11.16 24.27 3.18
C ILE U 35 10.56 23.05 2.48
N ALA U 36 10.50 21.92 3.17
CA ALA U 36 9.90 20.73 2.57
C ALA U 36 8.42 20.96 2.28
N TYR U 37 7.71 21.61 3.20
CA TYR U 37 6.30 21.93 2.97
C TYR U 37 6.14 22.99 1.88
N ALA U 38 7.08 23.92 1.78
CA ALA U 38 7.00 24.93 0.73
C ALA U 38 7.11 24.29 -0.65
N GLY U 39 7.93 23.26 -0.78
CA GLY U 39 8.13 22.58 -2.05
C GLY U 39 7.15 21.48 -2.35
N ARG U 40 6.03 21.40 -1.64
CA ARG U 40 4.98 20.40 -1.84
C ARG U 40 5.47 18.99 -1.58
N PHE U 41 6.41 18.80 -0.66
CA PHE U 41 6.91 17.46 -0.35
C PHE U 41 6.21 16.82 0.83
N ILE U 42 5.63 17.60 1.74
CA ILE U 42 4.90 17.10 2.89
C ILE U 42 3.60 17.88 3.03
N GLU U 43 2.83 17.56 4.06
CA GLU U 43 1.52 18.15 4.27
C GLU U 43 1.51 19.05 5.50
N LYS U 44 0.39 19.76 5.67
CA LYS U 44 0.28 20.77 6.70
C LYS U 44 0.19 20.20 8.11
N ASP U 45 -0.19 18.94 8.26
CA ASP U 45 -0.25 18.34 9.59
C ASP U 45 1.14 18.11 10.17
N THR U 46 2.19 18.25 9.36
CA THR U 46 3.54 18.09 9.86
C THR U 46 3.87 19.11 10.93
N PHE U 47 3.39 20.33 10.77
CA PHE U 47 3.65 21.37 11.76
C PHE U 47 2.92 21.06 13.07
N VAL U 48 1.71 20.53 12.98
CA VAL U 48 0.99 20.12 14.19
C VAL U 48 1.75 19.00 14.90
N ARG U 49 2.23 18.02 14.12
CA ARG U 49 3.02 16.93 14.70
C ARG U 49 4.28 17.47 15.38
N TRP U 50 4.96 18.41 14.72
CA TRP U 50 6.17 18.99 15.28
C TRP U 50 5.88 19.73 16.57
N SER U 51 4.79 20.51 16.58
CA SER U 51 4.43 21.26 17.78
C SER U 51 4.13 20.33 18.94
N ILE U 52 3.36 19.27 18.67
CA ILE U 52 3.03 18.31 19.73
C ILE U 52 4.29 17.66 20.27
N GLY U 53 5.18 17.24 19.36
CA GLY U 53 6.41 16.59 19.80
C GLY U 53 7.29 17.50 20.64
N VAL U 54 7.44 18.75 20.19
CA VAL U 54 8.32 19.69 20.91
C VAL U 54 7.71 20.05 22.26
N ILE U 55 6.39 20.23 22.32
CA ILE U 55 5.74 20.54 23.59
C ILE U 55 5.91 19.38 24.56
N ILE U 56 5.74 18.15 24.08
CA ILE U 56 5.92 16.99 24.96
C ILE U 56 7.37 16.89 25.44
N ALA U 57 8.32 17.11 24.53
CA ALA U 57 9.73 17.03 24.92
C ALA U 57 10.11 18.11 25.91
N GLY U 58 9.48 19.29 25.80
CA GLY U 58 9.83 20.38 26.70
C GLY U 58 9.48 20.10 28.15
N SER U 59 8.34 19.44 28.37
CA SER U 59 7.86 19.13 29.72
C SER U 59 8.01 17.64 30.03
N ALA U 60 9.12 17.04 29.59
CA ALA U 60 9.34 15.62 29.82
C ALA U 60 9.46 15.32 31.32
N VAL U 61 10.18 16.17 32.06
CA VAL U 61 10.37 15.93 33.48
C VAL U 61 9.05 16.00 34.23
N GLN U 62 8.23 16.99 33.89
CA GLN U 62 6.94 17.14 34.58
C GLN U 62 6.03 15.96 34.30
N ILE U 63 5.97 15.51 33.05
CA ILE U 63 5.13 14.36 32.72
C ILE U 63 5.64 13.11 33.43
N THR U 64 6.96 12.91 33.46
CA THR U 64 7.50 11.75 34.15
C THR U 64 7.18 11.80 35.64
N ALA U 65 7.30 12.97 36.27
CA ALA U 65 6.94 13.10 37.67
C ALA U 65 5.45 12.90 37.91
N MET U 66 4.61 13.24 36.94
CA MET U 66 3.18 13.03 37.09
C MET U 66 2.81 11.56 36.97
N LEU U 67 3.46 10.84 36.04
CA LEU U 67 3.10 9.44 35.83
C LEU U 67 3.85 8.50 36.77
N PHE U 68 5.16 8.67 36.91
CA PHE U 68 5.95 7.82 37.79
C PHE U 68 5.97 8.42 39.19
N THR U 69 4.95 8.05 39.96
CA THR U 69 4.81 8.54 41.32
C THR U 69 5.46 7.59 42.32
N ALA V 1 34.22 22.64 28.31
CA ALA V 1 33.92 21.44 29.08
C ALA V 1 32.46 21.06 28.97
N GLN V 2 31.88 20.59 30.08
CA GLN V 2 30.47 20.22 30.17
C GLN V 2 30.11 19.09 29.21
N GLY V 3 31.12 18.42 28.66
CA GLY V 3 30.91 17.24 27.85
C GLY V 3 30.31 17.50 26.48
N LEU V 4 29.12 18.09 26.43
CA LEU V 4 28.40 18.25 25.17
C LEU V 4 28.43 19.69 24.66
N GLU V 5 29.36 20.51 25.14
CA GLU V 5 29.51 21.85 24.58
C GLU V 5 30.02 21.79 23.14
N LYS V 6 30.95 20.89 22.86
CA LYS V 6 31.49 20.77 21.50
C LYS V 6 30.42 20.33 20.52
N ALA V 7 29.62 19.33 20.90
CA ALA V 7 28.54 18.88 20.04
C ALA V 7 27.51 19.98 19.81
N ARG V 8 27.21 20.75 20.86
CA ARG V 8 26.28 21.87 20.72
C ARG V 8 26.84 22.92 19.76
N SER V 9 28.14 23.21 19.86
CA SER V 9 28.74 24.17 18.94
C SER V 9 28.69 23.67 17.51
N VAL V 10 28.94 22.39 17.30
CA VAL V 10 28.87 21.82 15.95
C VAL V 10 27.45 21.91 15.41
N LEU V 11 26.47 21.62 16.26
CA LEU V 11 25.07 21.74 15.83
C LEU V 11 24.71 23.17 15.50
N GLU V 12 25.21 24.14 16.28
CA GLU V 12 24.95 25.53 15.97
C GLU V 12 25.57 25.93 14.64
N THR V 13 26.79 25.47 14.36
CA THR V 13 27.40 25.76 13.07
C THR V 13 26.60 25.16 11.93
N LEU V 14 26.14 23.92 12.10
CA LEU V 14 25.32 23.29 11.07
C LEU V 14 24.02 24.05 10.86
N GLN V 15 23.39 24.50 11.94
CA GLN V 15 22.16 25.28 11.82
C GLN V 15 22.40 26.59 11.08
N GLN V 16 23.50 27.28 11.40
CA GLN V 16 23.81 28.52 10.71
C GLN V 16 24.04 28.29 9.22
N GLU V 17 24.78 27.24 8.88
CA GLU V 17 25.04 26.96 7.47
C GLU V 17 23.76 26.59 6.73
N LEU V 18 22.89 25.80 7.36
CA LEU V 18 21.61 25.46 6.73
C LEU V 18 20.74 26.70 6.55
N THR V 19 20.75 27.60 7.54
CA THR V 19 20.01 28.85 7.41
C THR V 19 20.55 29.68 6.26
N THR V 20 21.88 29.67 6.08
CA THR V 20 22.47 30.38 4.94
C THR V 20 22.01 29.76 3.62
N ILE V 21 21.97 28.43 3.54
CA ILE V 21 21.61 27.77 2.30
C ILE V 21 20.13 27.95 1.97
N VAL V 22 19.26 27.97 2.98
CA VAL V 22 17.82 27.86 2.74
C VAL V 22 17.27 28.90 1.77
N PRO V 23 17.63 30.20 1.83
CA PRO V 23 17.01 31.16 0.91
C PRO V 23 17.17 30.81 -0.56
N ILE V 24 18.32 30.24 -0.93
CA ILE V 24 18.51 29.84 -2.33
C ILE V 24 17.53 28.75 -2.72
N ALA V 25 17.35 27.76 -1.84
CA ALA V 25 16.41 26.68 -2.11
C ALA V 25 14.99 27.23 -2.22
N ALA V 26 14.62 28.14 -1.34
CA ALA V 26 13.28 28.73 -1.40
C ALA V 26 13.08 29.51 -2.69
N ALA V 27 14.10 30.26 -3.12
CA ALA V 27 13.99 31.01 -4.36
C ALA V 27 13.84 30.08 -5.56
N VAL V 28 14.61 28.99 -5.59
CA VAL V 28 14.50 28.05 -6.70
C VAL V 28 13.12 27.38 -6.70
N ILE V 29 12.62 27.03 -5.51
CA ILE V 29 11.30 26.42 -5.42
C ILE V 29 10.24 27.37 -5.95
N LEU V 30 10.31 28.65 -5.56
CA LEU V 30 9.33 29.62 -6.03
C LEU V 30 9.44 29.82 -7.54
N LEU V 31 10.66 29.85 -8.06
CA LEU V 31 10.84 30.01 -9.50
C LEU V 31 10.22 28.85 -10.26
N CYS V 32 10.40 27.63 -9.78
CA CYS V 32 9.78 26.49 -10.45
C CYS V 32 8.26 26.50 -10.30
N LEU V 33 7.77 26.88 -9.11
CA LEU V 33 6.34 26.87 -8.87
C LEU V 33 5.62 27.90 -9.73
N GLY V 34 6.24 29.07 -9.94
CA GLY V 34 5.60 30.08 -10.78
C GLY V 34 5.38 29.60 -12.20
N ILE V 35 6.40 28.98 -12.79
CA ILE V 35 6.27 28.48 -14.15
C ILE V 35 5.31 27.29 -14.19
N ALA V 36 5.33 26.44 -13.17
CA ALA V 36 4.39 25.33 -13.13
C ALA V 36 2.95 25.83 -13.08
N TYR V 37 2.69 26.87 -12.29
CA TYR V 37 1.36 27.45 -12.22
C TYR V 37 0.98 28.14 -13.52
N ALA V 38 1.94 28.78 -14.19
CA ALA V 38 1.65 29.42 -15.47
C ALA V 38 1.24 28.39 -16.51
N GLY V 39 1.82 27.19 -16.46
CA GLY V 39 1.51 26.14 -17.40
C GLY V 39 0.35 25.25 -17.04
N ARG V 40 -0.49 25.67 -16.10
CA ARG V 40 -1.68 24.93 -15.67
C ARG V 40 -1.36 23.58 -15.06
N PHE V 41 -0.22 23.45 -14.39
CA PHE V 41 0.15 22.19 -13.77
C PHE V 41 -0.19 22.11 -12.29
N ILE V 42 -0.34 23.26 -11.61
CA ILE V 42 -0.72 23.31 -10.21
C ILE V 42 -1.78 24.39 -10.04
N GLU V 43 -2.19 24.62 -8.80
CA GLU V 43 -3.25 25.56 -8.49
C GLU V 43 -2.70 26.76 -7.72
N LYS V 44 -3.58 27.74 -7.51
CA LYS V 44 -3.18 29.00 -6.89
C LYS V 44 -2.86 28.88 -5.40
N ASP V 45 -3.36 27.84 -4.74
CA ASP V 45 -3.06 27.67 -3.32
C ASP V 45 -1.61 27.26 -3.09
N THR V 46 -0.89 26.90 -4.15
CA THR V 46 0.52 26.54 -4.01
C THR V 46 1.33 27.72 -3.50
N PHE V 47 1.02 28.93 -3.97
CA PHE V 47 1.75 30.11 -3.51
C PHE V 47 1.47 30.37 -2.04
N VAL V 48 0.22 30.17 -1.60
CA VAL V 48 -0.10 30.33 -0.18
C VAL V 48 0.67 29.31 0.66
N ARG V 49 0.71 28.06 0.19
CA ARG V 49 1.47 27.03 0.88
C ARG V 49 2.94 27.39 0.98
N TRP V 50 3.51 27.87 -0.13
CA TRP V 50 4.91 28.26 -0.15
C TRP V 50 5.17 29.41 0.82
N SER V 51 4.28 30.40 0.84
CA SER V 51 4.45 31.54 1.73
C SER V 51 4.41 31.11 3.19
N ILE V 52 3.44 30.25 3.54
CA ILE V 52 3.34 29.76 4.91
C ILE V 52 4.61 28.99 5.29
N GLY V 53 5.06 28.12 4.40
CA GLY V 53 6.25 27.33 4.70
C GLY V 53 7.48 28.20 4.89
N VAL V 54 7.67 29.18 4.01
CA VAL V 54 8.85 30.03 4.11
C VAL V 54 8.79 30.91 5.34
N ILE V 55 7.62 31.44 5.67
CA ILE V 55 7.49 32.26 6.87
C ILE V 55 7.77 31.43 8.12
N ILE V 56 7.27 30.19 8.18
CA ILE V 56 7.54 29.35 9.33
C ILE V 56 9.03 29.01 9.41
N ALA V 57 9.65 28.70 8.27
CA ALA V 57 11.06 28.36 8.26
C ALA V 57 11.92 29.55 8.67
N GLY V 58 11.50 30.77 8.34
CA GLY V 58 12.28 31.94 8.68
C GLY V 58 12.41 32.16 10.17
N SER V 59 11.32 31.93 10.91
CA SER V 59 11.28 32.13 12.35
C SER V 59 11.30 30.81 13.11
N ALA V 60 12.09 29.84 12.61
CA ALA V 60 12.15 28.54 13.27
C ALA V 60 12.72 28.66 14.68
N VAL V 61 13.77 29.45 14.85
CA VAL V 61 14.39 29.58 16.17
C VAL V 61 13.43 30.22 17.16
N GLN V 62 12.71 31.25 16.72
CA GLN V 62 11.77 31.92 17.62
C GLN V 62 10.63 31.01 18.03
N ILE V 63 10.10 30.24 17.09
CA ILE V 63 9.03 29.31 17.41
C ILE V 63 9.54 28.23 18.36
N THR V 64 10.75 27.71 18.12
CA THR V 64 11.31 26.72 19.02
C THR V 64 11.51 27.27 20.43
N ALA V 65 11.98 28.51 20.54
CA ALA V 65 12.11 29.15 21.85
C ALA V 65 10.77 29.39 22.51
N MET V 66 9.72 29.63 21.73
CA MET V 66 8.40 29.84 22.30
C MET V 66 7.80 28.52 22.82
N LEU V 67 7.98 27.43 22.08
CA LEU V 67 7.36 26.17 22.48
C LEU V 67 8.24 25.39 23.46
N PHE V 68 9.53 25.28 23.18
CA PHE V 68 10.44 24.55 24.06
C PHE V 68 11.02 25.51 25.10
N THR V 69 10.25 25.72 26.16
CA THR V 69 10.66 26.60 27.24
C THR V 69 11.44 25.84 28.31
N ALA W 1 36.04 28.05 3.07
CA ALA W 1 35.69 27.00 4.03
C ALA W 1 34.22 27.09 4.44
N GLN W 2 33.99 27.24 5.75
CA GLN W 2 32.64 27.38 6.31
C GLN W 2 31.78 26.15 6.04
N GLY W 3 32.40 25.08 5.56
CA GLY W 3 31.69 23.82 5.37
C GLY W 3 30.73 23.81 4.21
N LEU W 4 29.72 24.69 4.23
CA LEU W 4 28.68 24.69 3.22
C LEU W 4 28.75 25.89 2.30
N GLU W 5 29.93 26.49 2.13
CA GLU W 5 30.09 27.55 1.13
C GLU W 5 30.08 26.96 -0.27
N LYS W 6 30.72 25.80 -0.45
CA LYS W 6 30.77 25.17 -1.77
C LYS W 6 29.38 24.75 -2.23
N ALA W 7 28.60 24.15 -1.33
CA ALA W 7 27.23 23.77 -1.67
C ALA W 7 26.38 24.99 -2.00
N ARG W 8 26.57 26.08 -1.24
CA ARG W 8 25.85 27.31 -1.53
C ARG W 8 26.21 27.86 -2.90
N SER W 9 27.49 27.83 -3.26
CA SER W 9 27.90 28.30 -4.58
C SER W 9 27.31 27.44 -5.69
N VAL W 10 27.29 26.11 -5.48
CA VAL W 10 26.69 25.22 -6.47
C VAL W 10 25.21 25.52 -6.62
N LEU W 11 24.51 25.74 -5.50
CA LEU W 11 23.09 26.08 -5.56
C LEU W 11 22.86 27.40 -6.28
N GLU W 12 23.74 28.39 -6.05
CA GLU W 12 23.60 29.66 -6.74
C GLU W 12 23.80 29.50 -8.25
N THR W 13 24.78 28.68 -8.64
CA THR W 13 24.98 28.43 -10.06
C THR W 13 23.76 27.74 -10.67
N LEU W 14 23.21 26.76 -9.95
CA LEU W 14 22.01 26.09 -10.44
C LEU W 14 20.84 27.05 -10.56
N GLN W 15 20.69 27.95 -9.59
CA GLN W 15 19.62 28.95 -9.64
C GLN W 15 19.79 29.86 -10.84
N GLN W 16 21.02 30.32 -11.09
CA GLN W 16 21.25 31.19 -12.25
C GLN W 16 20.95 30.47 -13.55
N GLU W 17 21.36 29.21 -13.66
CA GLU W 17 21.09 28.46 -14.89
C GLU W 17 19.60 28.23 -15.10
N LEU W 18 18.89 27.89 -14.03
CA LEU W 18 17.44 27.72 -14.15
C LEU W 18 16.76 29.03 -14.51
N THR W 19 17.23 30.14 -13.93
CA THR W 19 16.67 31.45 -14.28
C THR W 19 16.91 31.77 -15.75
N THR W 20 18.08 31.39 -16.27
CA THR W 20 18.36 31.58 -17.69
C THR W 20 17.42 30.74 -18.55
N ILE W 21 17.17 29.49 -18.14
CA ILE W 21 16.32 28.59 -18.92
C ILE W 21 14.86 29.04 -18.90
N VAL W 22 14.39 29.58 -17.77
CA VAL W 22 12.95 29.76 -17.57
C VAL W 22 12.27 30.59 -18.64
N PRO W 23 12.81 31.74 -19.11
CA PRO W 23 12.04 32.54 -20.08
C PRO W 23 11.66 31.78 -21.34
N ILE W 24 12.51 30.88 -21.80
CA ILE W 24 12.18 30.09 -22.99
C ILE W 24 10.98 29.18 -22.71
N ALA W 25 10.97 28.53 -21.54
CA ALA W 25 9.84 27.69 -21.18
C ALA W 25 8.57 28.50 -21.06
N ALA W 26 8.65 29.69 -20.47
CA ALA W 26 7.47 30.56 -20.35
C ALA W 26 6.96 30.96 -21.73
N ALA W 27 7.87 31.30 -22.64
CA ALA W 27 7.47 31.68 -23.99
C ALA W 27 6.79 30.52 -24.71
N VAL W 28 7.33 29.31 -24.58
CA VAL W 28 6.71 28.16 -25.22
C VAL W 28 5.33 27.89 -24.63
N ILE W 29 5.21 28.02 -23.30
CA ILE W 29 3.92 27.82 -22.66
C ILE W 29 2.90 28.83 -23.17
N LEU W 30 3.29 30.10 -23.27
CA LEU W 30 2.37 31.11 -23.77
C LEU W 30 2.00 30.86 -25.23
N LEU W 31 2.96 30.43 -26.03
CA LEU W 31 2.69 30.14 -27.43
C LEU W 31 1.66 29.02 -27.56
N CYS W 32 1.80 27.96 -26.76
CA CYS W 32 0.82 26.89 -26.80
C CYS W 32 -0.53 27.35 -26.27
N LEU W 33 -0.53 28.14 -25.20
CA LEU W 33 -1.79 28.58 -24.60
C LEU W 33 -2.58 29.48 -25.55
N GLY W 34 -1.89 30.34 -26.29
CA GLY W 34 -2.59 31.20 -27.24
C GLY W 34 -3.33 30.42 -28.29
N ILE W 35 -2.69 29.40 -28.87
CA ILE W 35 -3.34 28.58 -29.88
C ILE W 35 -4.46 27.74 -29.26
N ALA W 36 -4.23 27.24 -28.04
CA ALA W 36 -5.28 26.47 -27.38
C ALA W 36 -6.52 27.32 -27.13
N TYR W 37 -6.32 28.57 -26.73
CA TYR W 37 -7.44 29.48 -26.55
C TYR W 37 -8.08 29.85 -27.88
N ALA W 38 -7.29 29.95 -28.94
CA ALA W 38 -7.85 30.24 -30.26
C ALA W 38 -8.76 29.11 -30.72
N GLY W 39 -8.44 27.87 -30.37
CA GLY W 39 -9.23 26.73 -30.75
C GLY W 39 -10.33 26.33 -29.79
N ARG W 40 -10.71 27.22 -28.88
CA ARG W 40 -11.79 27.00 -27.91
C ARG W 40 -11.52 25.83 -26.97
N PHE W 41 -10.26 25.60 -26.58
CA PHE W 41 -9.94 24.53 -25.67
C PHE W 41 -9.75 24.98 -24.23
N ILE W 42 -9.45 26.25 -24.01
CA ILE W 42 -9.29 26.81 -22.66
C ILE W 42 -10.04 28.14 -22.61
N GLU W 43 -9.96 28.81 -21.46
CA GLU W 43 -10.71 30.03 -21.22
C GLU W 43 -9.77 31.24 -21.14
N LYS W 44 -10.38 32.42 -21.10
CA LYS W 44 -9.62 33.66 -21.13
C LYS W 44 -8.86 33.93 -19.83
N ASP W 45 -9.22 33.27 -18.73
CA ASP W 45 -8.47 33.46 -17.49
C ASP W 45 -7.12 32.77 -17.53
N THR W 46 -6.87 31.94 -18.55
CA THR W 46 -5.58 31.28 -18.67
C THR W 46 -4.46 32.29 -18.83
N PHE W 47 -4.69 33.35 -19.60
CA PHE W 47 -3.67 34.37 -19.78
C PHE W 47 -3.40 35.11 -18.48
N VAL W 48 -4.44 35.38 -17.69
CA VAL W 48 -4.24 36.01 -16.39
C VAL W 48 -3.42 35.10 -15.48
N ARG W 49 -3.74 33.81 -15.48
CA ARG W 49 -2.98 32.84 -14.69
C ARG W 49 -1.52 32.82 -15.12
N TRP W 50 -1.28 32.81 -16.43
CA TRP W 50 0.09 32.79 -16.94
C TRP W 50 0.84 34.05 -16.54
N SER W 51 0.19 35.20 -16.65
CA SER W 51 0.84 36.45 -16.28
C SER W 51 1.19 36.47 -14.80
N ILE W 52 0.28 36.02 -13.94
CA ILE W 52 0.56 35.98 -12.52
C ILE W 52 1.72 35.04 -12.22
N GLY W 53 1.72 33.86 -12.84
CA GLY W 53 2.80 32.93 -12.61
C GLY W 53 4.14 33.46 -13.06
N VAL W 54 4.19 34.10 -14.23
CA VAL W 54 5.45 34.60 -14.75
C VAL W 54 5.95 35.78 -13.92
N ILE W 55 5.04 36.66 -13.48
CA ILE W 55 5.43 37.78 -12.64
C ILE W 55 5.99 37.27 -11.32
N ILE W 56 5.33 36.27 -10.72
CA ILE W 56 5.84 35.73 -9.45
C ILE W 56 7.20 35.07 -9.65
N ALA W 57 7.35 34.30 -10.72
CA ALA W 57 8.63 33.61 -10.96
C ALA W 57 9.75 34.60 -11.25
N GLY W 58 9.43 35.72 -11.91
CA GLY W 58 10.47 36.67 -12.24
C GLY W 58 11.10 37.31 -11.03
N SER W 59 10.30 37.62 -10.01
CA SER W 59 10.77 38.25 -8.78
C SER W 59 10.84 37.25 -7.63
N ALA W 60 11.24 36.01 -7.93
CA ALA W 60 11.31 34.99 -6.90
C ALA W 60 12.31 35.35 -5.81
N VAL W 61 13.48 35.86 -6.21
CA VAL W 61 14.52 36.21 -5.24
C VAL W 61 14.03 37.31 -4.32
N GLN W 62 13.38 38.34 -4.87
CA GLN W 62 12.91 39.45 -4.06
C GLN W 62 11.84 39.01 -3.07
N ILE W 63 10.91 38.18 -3.53
CA ILE W 63 9.86 37.68 -2.63
C ILE W 63 10.47 36.82 -1.53
N THR W 64 11.44 35.97 -1.88
CA THR W 64 12.10 35.17 -0.87
C THR W 64 12.83 36.03 0.16
N ALA W 65 13.50 37.08 -0.30
CA ALA W 65 14.15 38.00 0.62
C ALA W 65 13.16 38.77 1.48
N MET W 66 11.96 39.03 0.96
CA MET W 66 10.94 39.72 1.75
C MET W 66 10.34 38.81 2.82
N LEU W 67 10.08 37.55 2.48
CA LEU W 67 9.44 36.65 3.44
C LEU W 67 10.45 35.98 4.36
N PHE W 68 11.55 35.47 3.81
CA PHE W 68 12.58 34.82 4.62
C PHE W 68 13.60 35.86 5.07
N THR W 69 13.31 36.47 6.21
CA THR W 69 14.19 37.47 6.78
C THR W 69 15.12 36.89 7.83
N ALA X 1 30.03 25.29 -22.12
CA ALA X 1 29.86 24.72 -20.79
C ALA X 1 28.67 25.36 -20.07
N GLN X 2 28.95 25.93 -18.90
CA GLN X 2 27.94 26.61 -18.07
C GLN X 2 26.81 25.66 -17.66
N GLY X 3 27.03 24.36 -17.83
CA GLY X 3 26.08 23.36 -17.38
C GLY X 3 24.84 23.27 -18.24
N LEU X 4 23.97 24.27 -18.18
CA LEU X 4 22.69 24.22 -18.85
C LEU X 4 22.65 25.06 -20.12
N GLU X 5 23.78 25.22 -20.80
CA GLU X 5 23.77 25.87 -22.11
C GLU X 5 23.18 24.94 -23.16
N LYS X 6 23.52 23.65 -23.11
CA LYS X 6 23.02 22.69 -24.08
C LYS X 6 21.50 22.55 -23.98
N ALA X 7 20.99 22.47 -22.75
CA ALA X 7 19.54 22.38 -22.56
C ALA X 7 18.84 23.63 -23.07
N ARG X 8 19.44 24.80 -22.84
CA ARG X 8 18.87 26.04 -23.35
C ARG X 8 18.85 26.05 -24.87
N SER X 9 19.91 25.57 -25.51
CA SER X 9 19.94 25.50 -26.97
C SER X 9 18.86 24.55 -27.48
N VAL X 10 18.68 23.41 -26.83
CA VAL X 10 17.65 22.47 -27.22
C VAL X 10 16.27 23.09 -27.09
N LEU X 11 16.04 23.81 -25.98
CA LEU X 11 14.75 24.48 -25.79
C LEU X 11 14.52 25.55 -26.85
N GLU X 12 15.58 26.29 -27.22
CA GLU X 12 15.43 27.28 -28.27
C GLU X 12 15.08 26.64 -29.60
N THR X 13 15.72 25.51 -29.93
CA THR X 13 15.38 24.81 -31.16
C THR X 13 13.94 24.33 -31.14
N LEU X 14 13.50 23.78 -30.01
CA LEU X 14 12.11 23.35 -29.88
C LEU X 14 11.15 24.52 -30.06
N GLN X 15 11.48 25.66 -29.45
CA GLN X 15 10.62 26.84 -29.58
C GLN X 15 10.54 27.31 -31.02
N GLN X 16 11.67 27.33 -31.72
CA GLN X 16 11.66 27.75 -33.12
C GLN X 16 10.83 26.80 -33.98
N GLU X 17 10.97 25.49 -33.76
CA GLU X 17 10.20 24.54 -34.54
C GLU X 17 8.72 24.65 -34.25
N LEU X 18 8.34 24.82 -32.98
CA LEU X 18 6.93 24.99 -32.65
C LEU X 18 6.38 26.29 -33.24
N THR X 19 7.18 27.35 -33.24
CA THR X 19 6.75 28.60 -33.87
C THR X 19 6.55 28.42 -35.36
N THR X 20 7.40 27.62 -35.99
CA THR X 20 7.21 27.32 -37.41
C THR X 20 5.93 26.54 -37.64
N ILE X 21 5.62 25.57 -36.77
CA ILE X 21 4.43 24.74 -36.95
C ILE X 21 3.16 25.53 -36.70
N VAL X 22 3.17 26.45 -35.74
CA VAL X 22 1.91 27.05 -35.24
C VAL X 22 1.05 27.67 -36.32
N PRO X 23 1.57 28.46 -37.28
CA PRO X 23 0.66 29.11 -38.23
C PRO X 23 -0.22 28.14 -39.01
N ILE X 24 0.28 26.95 -39.32
CA ILE X 24 -0.54 25.96 -40.01
C ILE X 24 -1.71 25.53 -39.13
N ALA X 25 -1.44 25.29 -37.85
CA ALA X 25 -2.52 24.91 -36.93
C ALA X 25 -3.53 26.03 -36.78
N ALA X 26 -3.06 27.28 -36.69
CA ALA X 26 -3.98 28.41 -36.58
C ALA X 26 -4.84 28.54 -37.82
N ALA X 27 -4.25 28.36 -39.00
CA ALA X 27 -5.01 28.43 -40.24
C ALA X 27 -6.06 27.32 -40.31
N VAL X 28 -5.70 26.11 -39.91
CA VAL X 28 -6.67 25.01 -39.89
C VAL X 28 -7.80 25.31 -38.92
N ILE X 29 -7.46 25.85 -37.75
CA ILE X 29 -8.48 26.20 -36.76
C ILE X 29 -9.44 27.23 -37.33
N LEU X 30 -8.91 28.27 -37.98
CA LEU X 30 -9.78 29.29 -38.55
C LEU X 30 -10.64 28.74 -39.67
N LEU X 31 -10.06 27.85 -40.49
CA LEU X 31 -10.84 27.24 -41.57
C LEU X 31 -12.00 26.43 -41.01
N CYS X 32 -11.76 25.68 -39.94
CA CYS X 32 -12.85 24.93 -39.33
C CYS X 32 -13.88 25.85 -38.67
N LEU X 33 -13.40 26.92 -38.02
CA LEU X 33 -14.31 27.82 -37.30
C LEU X 33 -15.21 28.58 -38.27
N GLY X 34 -14.69 28.97 -39.43
CA GLY X 34 -15.52 29.66 -40.40
C GLY X 34 -16.69 28.82 -40.86
N ILE X 35 -16.43 27.55 -41.18
CA ILE X 35 -17.51 26.66 -41.63
C ILE X 35 -18.45 26.35 -40.47
N ALA X 36 -17.92 26.19 -39.26
CA ALA X 36 -18.79 25.96 -38.11
C ALA X 36 -19.72 27.14 -37.87
N TYR X 37 -19.21 28.36 -38.03
CA TYR X 37 -20.04 29.55 -37.87
C TYR X 37 -21.04 29.68 -39.01
N ALA X 38 -20.66 29.29 -40.23
CA ALA X 38 -21.59 29.36 -41.34
C ALA X 38 -22.78 28.43 -41.13
N GLY X 39 -22.57 27.32 -40.45
CA GLY X 39 -23.61 26.35 -40.19
C GLY X 39 -24.38 26.53 -38.92
N ARG X 40 -24.29 27.71 -38.29
CA ARG X 40 -25.00 28.04 -37.06
C ARG X 40 -24.61 27.15 -35.88
N PHE X 41 -23.36 26.68 -35.83
CA PHE X 41 -22.91 25.84 -34.73
C PHE X 41 -22.20 26.62 -33.63
N ILE X 42 -21.62 27.78 -33.94
CA ILE X 42 -20.96 28.63 -32.96
C ILE X 42 -21.42 30.07 -33.18
N GLU X 43 -20.89 30.98 -32.36
CA GLU X 43 -21.29 32.38 -32.39
C GLU X 43 -20.18 33.23 -32.99
N LYS X 44 -20.50 34.51 -33.20
CA LYS X 44 -19.58 35.41 -33.88
C LYS X 44 -18.41 35.85 -33.01
N ASP X 45 -18.52 35.71 -31.69
CA ASP X 45 -17.40 36.06 -30.82
C ASP X 45 -16.25 35.08 -30.93
N THR X 46 -16.47 33.93 -31.59
CA THR X 46 -15.40 32.96 -31.78
C THR X 46 -14.27 33.55 -32.60
N PHE X 47 -14.60 34.38 -33.60
CA PHE X 47 -13.56 35.01 -34.41
C PHE X 47 -12.75 35.99 -33.58
N VAL X 48 -13.40 36.74 -32.69
CA VAL X 48 -12.67 37.64 -31.80
C VAL X 48 -11.75 36.85 -30.89
N ARG X 49 -12.25 35.74 -30.33
CA ARG X 49 -11.43 34.89 -29.48
C ARG X 49 -10.23 34.36 -30.24
N TRP X 50 -10.44 33.89 -31.47
CA TRP X 50 -9.36 33.36 -32.28
C TRP X 50 -8.33 34.43 -32.59
N SER X 51 -8.79 35.64 -32.93
CA SER X 51 -7.86 36.72 -33.24
C SER X 51 -7.02 37.09 -32.03
N ILE X 52 -7.66 37.17 -30.85
CA ILE X 52 -6.91 37.49 -29.63
C ILE X 52 -5.89 36.40 -29.34
N GLY X 53 -6.29 35.14 -29.45
CA GLY X 53 -5.37 34.06 -29.19
C GLY X 53 -4.18 34.06 -30.14
N VAL X 54 -4.43 34.28 -31.43
CA VAL X 54 -3.36 34.26 -32.41
C VAL X 54 -2.43 35.46 -32.21
N ILE X 55 -3.00 36.63 -31.90
CA ILE X 55 -2.16 37.81 -31.66
C ILE X 55 -1.27 37.59 -30.44
N ILE X 56 -1.82 37.02 -29.37
CA ILE X 56 -1.00 36.76 -28.19
C ILE X 56 0.07 35.71 -28.48
N ALA X 57 -0.29 34.66 -29.23
CA ALA X 57 0.68 33.61 -29.54
C ALA X 57 1.79 34.14 -30.44
N GLY X 58 1.48 35.09 -31.32
CA GLY X 58 2.49 35.63 -32.21
C GLY X 58 3.59 36.38 -31.47
N SER X 59 3.22 37.14 -30.45
CA SER X 59 4.15 37.94 -29.67
C SER X 59 4.42 37.32 -28.31
N ALA X 60 4.50 35.99 -28.25
CA ALA X 60 4.76 35.32 -26.98
C ALA X 60 6.13 35.71 -26.42
N VAL X 61 7.14 35.77 -27.28
CA VAL X 61 8.49 36.10 -26.82
C VAL X 61 8.52 37.51 -26.25
N GLN X 62 7.89 38.47 -26.94
CA GLN X 62 7.91 39.85 -26.49
C GLN X 62 7.18 40.02 -25.17
N ILE X 63 6.02 39.37 -25.03
CA ILE X 63 5.28 39.46 -23.77
C ILE X 63 6.06 38.82 -22.64
N THR X 64 6.70 37.68 -22.90
CA THR X 64 7.53 37.04 -21.88
C THR X 64 8.68 37.93 -21.46
N ALA X 65 9.34 38.59 -22.42
CA ALA X 65 10.41 39.52 -22.09
C ALA X 65 9.89 40.74 -21.35
N MET X 66 8.65 41.15 -21.58
CA MET X 66 8.09 42.28 -20.85
C MET X 66 7.75 41.92 -19.42
N LEU X 67 7.21 40.72 -19.19
CA LEU X 67 6.82 40.35 -17.83
C LEU X 67 7.97 39.74 -17.04
N PHE X 68 8.72 38.82 -17.65
CA PHE X 68 9.84 38.18 -16.96
C PHE X 68 11.10 39.02 -17.16
N THR X 69 11.21 40.06 -16.35
CA THR X 69 12.35 40.97 -16.40
C THR X 69 13.49 40.49 -15.51
N ALA Y 1 15.21 16.92 -42.13
CA ALA Y 1 15.77 17.12 -40.80
C ALA Y 1 14.97 18.16 -40.02
N GLN Y 2 15.68 18.92 -39.18
CA GLN Y 2 15.08 20.01 -38.39
C GLN Y 2 14.03 19.49 -37.42
N GLY Y 3 13.96 18.17 -37.26
CA GLY Y 3 13.07 17.58 -36.27
C GLY Y 3 11.59 17.64 -36.62
N LEU Y 4 11.05 18.84 -36.79
CA LEU Y 4 9.63 19.02 -37.01
C LEU Y 4 9.30 19.41 -38.44
N GLU Y 5 10.16 19.08 -39.40
CA GLU Y 5 9.81 19.30 -40.80
C GLU Y 5 8.78 18.27 -41.27
N LYS Y 6 8.91 17.02 -40.82
CA LYS Y 6 7.97 15.98 -41.20
C LYS Y 6 6.57 16.28 -40.68
N ALA Y 7 6.49 16.70 -39.41
CA ALA Y 7 5.20 17.05 -38.83
C ALA Y 7 4.58 18.26 -39.53
N ARG Y 8 5.42 19.23 -39.89
CA ARG Y 8 4.92 20.39 -40.62
C ARG Y 8 4.38 19.99 -41.99
N SER Y 9 5.08 19.10 -42.69
CA SER Y 9 4.59 18.62 -43.98
C SER Y 9 3.27 17.88 -43.83
N VAL Y 10 3.15 17.05 -42.79
CA VAL Y 10 1.89 16.35 -42.55
C VAL Y 10 0.77 17.33 -42.27
N LEU Y 11 1.04 18.37 -41.48
CA LEU Y 11 0.02 19.38 -41.21
C LEU Y 11 -0.37 20.13 -42.48
N GLU Y 12 0.61 20.43 -43.34
CA GLU Y 12 0.28 21.09 -44.61
C GLU Y 12 -0.60 20.19 -45.48
N THR Y 13 -0.29 18.89 -45.53
CA THR Y 13 -1.14 17.99 -46.30
C THR Y 13 -2.55 17.93 -45.73
N LEU Y 14 -2.67 17.87 -44.41
CA LEU Y 14 -3.99 17.85 -43.79
C LEU Y 14 -4.74 19.14 -44.09
N GLN Y 15 -4.05 20.28 -44.05
CA GLN Y 15 -4.70 21.56 -44.35
C GLN Y 15 -5.18 21.60 -45.80
N GLN Y 16 -4.36 21.12 -46.73
CA GLN Y 16 -4.78 21.10 -48.13
C GLN Y 16 -5.98 20.20 -48.35
N GLU Y 17 -5.98 19.03 -47.72
CA GLU Y 17 -7.12 18.13 -47.87
C GLU Y 17 -8.39 18.70 -47.27
N LEU Y 18 -8.28 19.34 -46.10
CA LEU Y 18 -9.46 19.99 -45.50
C LEU Y 18 -9.95 21.13 -46.37
N THR Y 19 -9.03 21.89 -46.97
CA THR Y 19 -9.42 22.95 -47.88
C THR Y 19 -10.16 22.39 -49.08
N THR Y 20 -9.71 21.24 -49.60
CA THR Y 20 -10.40 20.60 -50.70
C THR Y 20 -11.81 20.16 -50.29
N ILE Y 21 -11.94 19.61 -49.09
CA ILE Y 21 -13.24 19.10 -48.64
C ILE Y 21 -14.23 20.23 -48.37
N VAL Y 22 -13.75 21.35 -47.82
CA VAL Y 22 -14.65 22.37 -47.25
C VAL Y 22 -15.72 22.85 -48.22
N PRO Y 23 -15.44 23.18 -49.49
CA PRO Y 23 -16.49 23.74 -50.35
C PRO Y 23 -17.72 22.85 -50.47
N ILE Y 24 -17.56 21.54 -50.47
CA ILE Y 24 -18.71 20.64 -50.51
C ILE Y 24 -19.57 20.82 -49.27
N ALA Y 25 -18.94 20.88 -48.10
CA ALA Y 25 -19.68 21.08 -46.86
C ALA Y 25 -20.39 22.42 -46.87
N ALA Y 26 -19.73 23.47 -47.35
CA ALA Y 26 -20.36 24.79 -47.42
C ALA Y 26 -21.57 24.78 -48.34
N ALA Y 27 -21.44 24.11 -49.49
CA ALA Y 27 -22.56 24.02 -50.42
C ALA Y 27 -23.73 23.25 -49.82
N VAL Y 28 -23.44 22.16 -49.12
CA VAL Y 28 -24.52 21.40 -48.47
C VAL Y 28 -25.19 22.24 -47.40
N ILE Y 29 -24.40 22.99 -46.63
CA ILE Y 29 -24.96 23.86 -45.60
C ILE Y 29 -25.88 24.90 -46.22
N LEU Y 30 -25.44 25.53 -47.31
CA LEU Y 30 -26.27 26.54 -47.96
C LEU Y 30 -27.54 25.91 -48.53
N LEU Y 31 -27.43 24.71 -49.11
CA LEU Y 31 -28.61 24.04 -49.64
C LEU Y 31 -29.62 23.77 -48.55
N CYS Y 32 -29.16 23.30 -47.39
CA CYS Y 32 -30.09 23.06 -46.28
C CYS Y 32 -30.66 24.37 -45.73
N LEU Y 33 -29.83 25.41 -45.64
CA LEU Y 33 -30.29 26.68 -45.08
C LEU Y 33 -31.33 27.34 -45.97
N GLY Y 34 -31.18 27.23 -47.29
CA GLY Y 34 -32.18 27.81 -48.18
C GLY Y 34 -33.55 27.21 -47.97
N ILE Y 35 -33.62 25.88 -47.88
CA ILE Y 35 -34.92 25.23 -47.67
C ILE Y 35 -35.45 25.51 -46.27
N ALA Y 36 -34.56 25.55 -45.27
CA ALA Y 36 -35.01 25.89 -43.93
C ALA Y 36 -35.60 27.29 -43.86
N TYR Y 37 -34.98 28.24 -44.57
CA TYR Y 37 -35.51 29.59 -44.63
C TYR Y 37 -36.81 29.66 -45.43
N ALA Y 38 -36.93 28.84 -46.47
CA ALA Y 38 -38.17 28.82 -47.25
C ALA Y 38 -39.34 28.31 -46.41
N GLY Y 39 -39.07 27.41 -45.47
CA GLY Y 39 -40.10 26.85 -44.63
C GLY Y 39 -40.40 27.60 -43.36
N ARG Y 40 -39.93 28.84 -43.24
CA ARG Y 40 -40.15 29.69 -42.07
C ARG Y 40 -39.55 29.11 -40.80
N PHE Y 41 -38.41 28.42 -40.90
CA PHE Y 41 -37.75 27.86 -39.73
C PHE Y 41 -36.63 28.73 -39.20
N ILE Y 42 -35.98 29.52 -40.06
CA ILE Y 42 -34.89 30.41 -39.66
C ILE Y 42 -35.17 31.79 -40.23
N GLU Y 43 -34.25 32.71 -40.01
CA GLU Y 43 -34.40 34.09 -40.43
C GLU Y 43 -33.42 34.43 -41.55
N LYS Y 44 -33.60 35.62 -42.12
CA LYS Y 44 -32.83 36.02 -43.29
C LYS Y 44 -31.40 36.39 -42.97
N ASP Y 45 -31.07 36.68 -41.71
CA ASP Y 45 -29.69 36.97 -41.34
C ASP Y 45 -28.81 35.73 -41.40
N THR Y 46 -29.42 34.55 -41.53
CA THR Y 46 -28.65 33.32 -41.64
C THR Y 46 -27.79 33.31 -42.89
N PHE Y 47 -28.30 33.88 -43.99
CA PHE Y 47 -27.51 33.95 -45.21
C PHE Y 47 -26.31 34.88 -45.03
N VAL Y 48 -26.50 35.99 -44.34
CA VAL Y 48 -25.38 36.89 -44.05
C VAL Y 48 -24.34 36.18 -43.19
N ARG Y 49 -24.80 35.45 -42.17
CA ARG Y 49 -23.89 34.70 -41.32
C ARG Y 49 -23.11 33.67 -42.12
N TRP Y 50 -23.80 32.95 -43.00
CA TRP Y 50 -23.16 31.93 -43.83
C TRP Y 50 -22.12 32.55 -44.75
N SER Y 51 -22.46 33.68 -45.37
CA SER Y 51 -21.52 34.34 -46.27
C SER Y 51 -20.29 34.81 -45.52
N ILE Y 52 -20.48 35.40 -44.33
CA ILE Y 52 -19.34 35.86 -43.54
C ILE Y 52 -18.45 34.68 -43.16
N GLY Y 53 -19.06 33.58 -42.72
CA GLY Y 53 -18.29 32.42 -42.34
C GLY Y 53 -17.49 31.84 -43.49
N VAL Y 54 -18.13 31.74 -44.66
CA VAL Y 54 -17.46 31.16 -45.82
C VAL Y 54 -16.33 32.08 -46.31
N ILE Y 55 -16.57 33.40 -46.29
CA ILE Y 55 -15.52 34.31 -46.71
C ILE Y 55 -14.32 34.24 -45.77
N ILE Y 56 -14.58 34.15 -44.45
CA ILE Y 56 -13.47 34.03 -43.51
C ILE Y 56 -12.74 32.71 -43.70
N ALA Y 57 -13.47 31.61 -43.89
CA ALA Y 57 -12.83 30.31 -44.05
C ALA Y 57 -12.03 30.24 -45.35
N GLY Y 58 -12.47 30.95 -46.38
CA GLY Y 58 -11.76 30.92 -47.65
C GLY Y 58 -10.38 31.56 -47.56
N SER Y 59 -10.27 32.67 -46.85
CA SER Y 59 -9.03 33.40 -46.69
C SER Y 59 -8.43 33.18 -45.30
N ALA Y 60 -8.53 31.95 -44.78
CA ALA Y 60 -7.98 31.65 -43.46
C ALA Y 60 -6.46 31.79 -43.45
N VAL Y 61 -5.80 31.32 -44.50
CA VAL Y 61 -4.34 31.39 -44.56
C VAL Y 61 -3.88 32.84 -44.58
N GLN Y 62 -4.54 33.68 -45.37
CA GLN Y 62 -4.14 35.08 -45.47
C GLN Y 62 -4.34 35.81 -44.15
N ILE Y 63 -5.46 35.56 -43.48
CA ILE Y 63 -5.71 36.20 -42.19
C ILE Y 63 -4.69 35.72 -41.16
N THR Y 64 -4.39 34.42 -41.16
CA THR Y 64 -3.38 33.91 -40.23
C THR Y 64 -2.02 34.54 -40.48
N ALA Y 65 -1.63 34.68 -41.75
CA ALA Y 65 -0.38 35.35 -42.07
C ALA Y 65 -0.39 36.83 -41.70
N MET Y 66 -1.56 37.47 -41.73
CA MET Y 66 -1.63 38.88 -41.35
C MET Y 66 -1.53 39.06 -39.85
N LEU Y 67 -2.17 38.18 -39.07
CA LEU Y 67 -2.15 38.34 -37.62
C LEU Y 67 -0.92 37.71 -36.97
N PHE Y 68 -0.56 36.49 -37.38
CA PHE Y 68 0.60 35.82 -36.82
C PHE Y 68 1.85 36.23 -37.60
N THR Y 69 2.34 37.42 -37.26
CA THR Y 69 3.52 37.97 -37.92
C THR Y 69 4.79 37.48 -37.24
N ALA Z 1 -5.92 7.79 -53.55
CA ALA Z 1 -5.04 8.17 -52.45
C ALA Z 1 -5.44 9.52 -51.88
N GLN Z 2 -4.44 10.32 -51.51
CA GLN Z 2 -4.64 11.67 -50.96
C GLN Z 2 -5.39 11.65 -49.64
N GLY Z 3 -5.63 10.46 -49.09
CA GLY Z 3 -6.24 10.34 -47.78
C GLY Z 3 -7.71 10.70 -47.73
N LEU Z 4 -8.04 11.94 -48.08
CA LEU Z 4 -9.41 12.43 -47.95
C LEU Z 4 -10.15 12.46 -49.28
N GLU Z 5 -9.66 11.75 -50.29
CA GLU Z 5 -10.42 11.61 -51.53
C GLU Z 5 -11.70 10.81 -51.30
N LYS Z 6 -11.62 9.75 -50.49
CA LYS Z 6 -12.79 8.92 -50.22
C LYS Z 6 -13.86 9.70 -49.48
N ALA Z 7 -13.46 10.47 -48.47
CA ALA Z 7 -14.42 11.30 -47.74
C ALA Z 7 -15.03 12.36 -48.63
N ARG Z 8 -14.21 12.95 -49.51
CA ARG Z 8 -14.73 13.93 -50.44
C ARG Z 8 -15.75 13.31 -51.40
N SER Z 9 -15.48 12.10 -51.88
CA SER Z 9 -16.43 11.42 -52.76
C SER Z 9 -17.73 11.11 -52.01
N VAL Z 10 -17.62 10.67 -50.76
CA VAL Z 10 -18.82 10.42 -49.97
C VAL Z 10 -19.62 11.70 -49.79
N LEU Z 11 -18.95 12.81 -49.52
CA LEU Z 11 -19.64 14.09 -49.36
C LEU Z 11 -20.31 14.51 -50.66
N GLU Z 12 -19.65 14.29 -51.81
CA GLU Z 12 -20.26 14.62 -53.08
C GLU Z 12 -21.51 13.79 -53.33
N THR Z 13 -21.45 12.50 -53.01
CA THR Z 13 -22.64 11.65 -53.15
C THR Z 13 -23.77 12.13 -52.25
N LEU Z 14 -23.44 12.48 -51.00
CA LEU Z 14 -24.46 13.00 -50.09
C LEU Z 14 -25.06 14.29 -50.62
N GLN Z 15 -24.22 15.18 -51.17
CA GLN Z 15 -24.71 16.44 -51.71
C GLN Z 15 -25.65 16.19 -52.89
N GLN Z 16 -25.28 15.27 -53.78
CA GLN Z 16 -26.14 14.96 -54.92
C GLN Z 16 -27.48 14.38 -54.47
N GLU Z 17 -27.46 13.48 -53.48
CA GLU Z 17 -28.71 12.88 -53.01
C GLU Z 17 -29.59 13.93 -52.33
N LEU Z 18 -28.99 14.82 -51.54
CA LEU Z 18 -29.77 15.88 -50.92
C LEU Z 18 -30.35 16.82 -51.96
N THR Z 19 -29.58 17.12 -53.01
CA THR Z 19 -30.10 17.95 -54.09
C THR Z 19 -31.28 17.27 -54.79
N THR Z 20 -31.20 15.96 -54.95
CA THR Z 20 -32.31 15.22 -55.54
C THR Z 20 -33.55 15.29 -54.65
N ILE Z 21 -33.35 15.16 -53.33
CA ILE Z 21 -34.50 15.15 -52.41
C ILE Z 21 -35.13 16.54 -52.29
N VAL Z 22 -34.33 17.59 -52.35
CA VAL Z 22 -34.82 18.93 -51.98
C VAL Z 22 -36.06 19.37 -52.73
N PRO Z 23 -36.18 19.22 -54.06
CA PRO Z 23 -37.36 19.77 -54.74
C PRO Z 23 -38.69 19.24 -54.20
N ILE Z 24 -38.73 17.99 -53.77
CA ILE Z 24 -39.97 17.45 -53.20
C ILE Z 24 -40.32 18.19 -51.91
N ALA Z 25 -39.32 18.40 -51.04
CA ALA Z 25 -39.57 19.13 -49.81
C ALA Z 25 -40.02 20.55 -50.08
N ALA Z 26 -39.39 21.21 -51.07
CA ALA Z 26 -39.79 22.58 -51.41
C ALA Z 26 -41.23 22.61 -51.93
N ALA Z 27 -41.60 21.63 -52.75
CA ALA Z 27 -42.96 21.58 -53.28
C ALA Z 27 -43.97 21.36 -52.16
N VAL Z 28 -43.65 20.47 -51.21
CA VAL Z 28 -44.57 20.24 -50.09
C VAL Z 28 -44.70 21.50 -49.25
N ILE Z 29 -43.59 22.20 -49.00
CA ILE Z 29 -43.63 23.43 -48.24
C ILE Z 29 -44.51 24.47 -48.93
N LEU Z 30 -44.36 24.62 -50.25
CA LEU Z 30 -45.18 25.58 -50.97
C LEU Z 30 -46.65 25.18 -50.95
N LEU Z 31 -46.93 23.87 -51.08
CA LEU Z 31 -48.31 23.41 -51.02
C LEU Z 31 -48.96 23.76 -49.68
N CYS Z 32 -48.23 23.55 -48.59
CA CYS Z 32 -48.78 23.89 -47.28
C CYS Z 32 -48.91 25.40 -47.10
N LEU Z 33 -47.92 26.16 -47.59
CA LEU Z 33 -47.96 27.61 -47.44
C LEU Z 33 -49.11 28.23 -48.19
N GLY Z 34 -49.42 27.72 -49.38
CA GLY Z 34 -50.54 28.26 -50.13
C GLY Z 34 -51.85 28.11 -49.40
N ILE Z 35 -52.10 26.94 -48.83
CA ILE Z 35 -53.34 26.72 -48.09
C ILE Z 35 -53.36 27.53 -46.81
N ALA Z 36 -52.22 27.64 -46.12
CA ALA Z 36 -52.17 28.45 -44.91
C ALA Z 36 -52.46 29.90 -45.21
N TYR Z 37 -51.92 30.42 -46.32
CA TYR Z 37 -52.20 31.80 -46.71
C TYR Z 37 -53.65 31.97 -47.14
N ALA Z 38 -54.23 30.97 -47.81
CA ALA Z 38 -55.62 31.07 -48.20
C ALA Z 38 -56.54 31.14 -46.98
N GLY Z 39 -56.14 30.50 -45.88
CA GLY Z 39 -56.92 30.47 -44.66
C GLY Z 39 -56.63 31.58 -43.68
N ARG Z 40 -55.96 32.65 -44.11
CA ARG Z 40 -55.65 33.81 -43.28
C ARG Z 40 -54.76 33.47 -42.10
N PHE Z 41 -53.81 32.54 -42.27
CA PHE Z 41 -52.91 32.17 -41.19
C PHE Z 41 -51.54 32.83 -41.30
N ILE Z 42 -51.10 33.16 -42.51
CA ILE Z 42 -49.81 33.82 -42.74
C ILE Z 42 -50.04 35.01 -43.66
N GLU Z 43 -48.94 35.66 -44.03
CA GLU Z 43 -48.99 36.87 -44.86
C GLU Z 43 -48.43 36.58 -46.25
N LYS Z 44 -48.59 37.57 -47.13
CA LYS Z 44 -48.22 37.39 -48.53
C LYS Z 44 -46.72 37.46 -48.77
N ASP Z 45 -45.95 38.00 -47.82
CA ASP Z 45 -44.49 38.00 -47.98
C ASP Z 45 -43.89 36.61 -47.81
N THR Z 46 -44.69 35.65 -47.34
CA THR Z 46 -44.19 34.29 -47.19
C THR Z 46 -43.80 33.69 -48.54
N PHE Z 47 -44.54 34.05 -49.60
CA PHE Z 47 -44.20 33.56 -50.92
C PHE Z 47 -42.88 34.14 -51.40
N VAL Z 48 -42.63 35.41 -51.12
CA VAL Z 48 -41.35 36.01 -51.46
C VAL Z 48 -40.22 35.33 -50.70
N ARG Z 49 -40.44 35.08 -49.41
CA ARG Z 49 -39.44 34.37 -48.61
C ARG Z 49 -39.15 32.99 -49.19
N TRP Z 50 -40.21 32.26 -49.56
CA TRP Z 50 -40.05 30.93 -50.12
C TRP Z 50 -39.29 30.97 -51.43
N SER Z 51 -39.61 31.95 -52.29
CA SER Z 51 -38.94 32.06 -53.58
C SER Z 51 -37.46 32.36 -53.39
N ILE Z 52 -37.13 33.26 -52.47
CA ILE Z 52 -35.73 33.59 -52.21
C ILE Z 52 -35.00 32.36 -51.70
N GLY Z 53 -35.61 31.64 -50.75
CA GLY Z 53 -34.97 30.46 -50.21
C GLY Z 53 -34.71 29.40 -51.26
N VAL Z 54 -35.70 29.15 -52.12
CA VAL Z 54 -35.56 28.11 -53.14
C VAL Z 54 -34.54 28.52 -54.19
N ILE Z 55 -34.54 29.80 -54.58
CA ILE Z 55 -33.56 30.27 -55.56
C ILE Z 55 -32.14 30.14 -55.00
N ILE Z 56 -31.95 30.51 -53.73
CA ILE Z 56 -30.63 30.38 -53.12
C ILE Z 56 -30.21 28.91 -53.03
N ALA Z 57 -31.13 28.04 -52.61
CA ALA Z 57 -30.80 26.62 -52.48
C ALA Z 57 -30.49 26.00 -53.84
N GLY Z 58 -31.12 26.50 -54.90
CA GLY Z 58 -30.86 25.94 -56.22
C GLY Z 58 -29.46 26.19 -56.71
N SER Z 59 -28.93 27.39 -56.45
CA SER Z 59 -27.60 27.79 -56.88
C SER Z 59 -26.63 27.83 -55.71
N ALA Z 60 -26.75 26.87 -54.79
CA ALA Z 60 -25.83 26.81 -53.65
C ALA Z 60 -24.40 26.58 -54.11
N VAL Z 61 -24.21 25.67 -55.07
CA VAL Z 61 -22.87 25.35 -55.54
C VAL Z 61 -22.23 26.57 -56.19
N GLN Z 62 -22.99 27.29 -57.02
CA GLN Z 62 -22.44 28.44 -57.71
C GLN Z 62 -22.05 29.54 -56.72
N ILE Z 63 -22.89 29.80 -55.72
CA ILE Z 63 -22.56 30.81 -54.72
C ILE Z 63 -21.34 30.39 -53.91
N THR Z 64 -21.26 29.10 -53.55
CA THR Z 64 -20.11 28.62 -52.81
C THR Z 64 -18.82 28.77 -53.62
N ALA Z 65 -18.87 28.47 -54.92
CA ALA Z 65 -17.72 28.68 -55.77
C ALA Z 65 -17.37 30.16 -55.93
N MET Z 66 -18.36 31.04 -55.93
CA MET Z 66 -18.09 32.47 -56.04
C MET Z 66 -17.44 33.03 -54.78
N LEU Z 67 -17.90 32.60 -53.61
CA LEU Z 67 -17.37 33.16 -52.37
C LEU Z 67 -16.11 32.45 -51.91
N PHE Z 68 -16.13 31.12 -51.84
CA PHE Z 68 -14.98 30.35 -51.38
C PHE Z 68 -13.99 30.18 -52.54
N THR Z 69 -13.14 31.18 -52.69
CA THR Z 69 -12.13 31.16 -53.75
C THR Z 69 -10.77 30.76 -53.20
N ALA AA 1 -31.04 1.24 -54.75
CA ALA AA 1 -29.95 1.73 -53.93
C ALA AA 1 -29.90 3.25 -53.92
N GLN AA 2 -28.72 3.80 -54.26
CA GLN AA 2 -28.50 5.25 -54.31
C GLN AA 2 -28.70 5.91 -52.95
N GLY AA 3 -28.83 5.10 -51.90
CA GLY AA 3 -28.94 5.62 -50.55
C GLY AA 3 -30.27 6.26 -50.26
N LEU AA 4 -30.52 7.43 -50.84
CA LEU AA 4 -31.69 8.22 -50.51
C LEU AA 4 -32.81 8.06 -51.53
N GLU AA 5 -32.84 6.96 -52.27
CA GLU AA 5 -33.97 6.68 -53.14
C GLU AA 5 -35.22 6.35 -52.33
N LYS AA 6 -35.05 5.58 -51.26
CA LYS AA 6 -36.19 5.20 -50.43
C LYS AA 6 -36.82 6.42 -49.75
N ALA AA 7 -35.97 7.32 -49.23
CA ALA AA 7 -36.49 8.53 -48.61
C ALA AA 7 -37.20 9.41 -49.63
N ARG AA 8 -36.66 9.49 -50.85
CA ARG AA 8 -37.33 10.25 -51.90
C ARG AA 8 -38.68 9.65 -52.24
N SER AA 9 -38.77 8.32 -52.30
CA SER AA 9 -40.05 7.68 -52.59
C SER AA 9 -41.06 7.95 -51.47
N VAL AA 10 -40.61 7.90 -50.22
CA VAL AA 10 -41.49 8.19 -49.10
C VAL AA 10 -41.98 9.63 -49.18
N LEU AA 11 -41.09 10.56 -49.50
CA LEU AA 11 -41.49 11.96 -49.63
C LEU AA 11 -42.47 12.15 -50.78
N GLU AA 12 -42.28 11.44 -51.90
CA GLU AA 12 -43.23 11.54 -53.00
C GLU AA 12 -44.60 11.02 -52.59
N THR AA 13 -44.63 9.90 -51.86
CA THR AA 13 -45.91 9.39 -51.37
C THR AA 13 -46.59 10.39 -50.45
N LEU AA 14 -45.82 10.99 -49.54
CA LEU AA 14 -46.38 12.00 -48.64
C LEU AA 14 -46.91 13.20 -49.42
N GLN AA 15 -46.18 13.64 -50.43
CA GLN AA 15 -46.63 14.77 -51.24
C GLN AA 15 -47.92 14.45 -51.97
N GLN AA 16 -48.02 13.24 -52.54
CA GLN AA 16 -49.24 12.85 -53.24
C GLN AA 16 -50.43 12.80 -52.29
N GLU AA 17 -50.23 12.23 -51.10
CA GLU AA 17 -51.33 12.16 -50.14
C GLU AA 17 -51.76 13.53 -49.67
N LEU AA 18 -50.80 14.42 -49.42
CA LEU AA 18 -51.14 15.79 -49.03
C LEU AA 18 -51.88 16.51 -50.15
N THR AA 19 -51.46 16.28 -51.40
CA THR AA 19 -52.16 16.89 -52.53
C THR AA 19 -53.58 16.38 -52.62
N THR AA 20 -53.79 15.09 -52.32
CA THR AA 20 -55.14 14.55 -52.30
C THR AA 20 -55.98 15.19 -51.20
N ILE AA 21 -55.39 15.38 -50.02
CA ILE AA 21 -56.13 15.95 -48.89
C ILE AA 21 -56.47 17.42 -49.11
N VAL AA 22 -55.57 18.17 -49.76
CA VAL AA 22 -55.70 19.64 -49.77
C VAL AA 22 -57.05 20.16 -50.26
N PRO AA 23 -57.62 19.66 -51.37
CA PRO AA 23 -58.86 20.27 -51.86
C PRO AA 23 -59.99 20.30 -50.85
N ILE AA 24 -60.07 19.28 -50.00
CA ILE AA 24 -61.11 19.27 -48.96
C ILE AA 24 -60.89 20.40 -47.98
N ALA AA 25 -59.64 20.61 -47.56
CA ALA AA 25 -59.33 21.71 -46.64
C ALA AA 25 -59.63 23.05 -47.29
N ALA AA 26 -59.28 23.20 -48.58
CA ALA AA 26 -59.57 24.46 -49.26
C ALA AA 26 -61.06 24.71 -49.35
N ALA AA 27 -61.85 23.67 -49.65
CA ALA AA 27 -63.29 23.82 -49.72
C ALA AA 27 -63.88 24.19 -48.37
N VAL AA 28 -63.39 23.58 -47.29
CA VAL AA 28 -63.88 23.92 -45.95
C VAL AA 28 -63.53 25.36 -45.60
N ILE AA 29 -62.31 25.78 -45.95
CA ILE AA 29 -61.91 27.16 -45.69
C ILE AA 29 -62.82 28.13 -46.44
N LEU AA 30 -63.10 27.85 -47.71
CA LEU AA 30 -63.98 28.73 -48.47
C LEU AA 30 -65.39 28.74 -47.90
N LEU AA 31 -65.88 27.57 -47.47
CA LEU AA 31 -67.22 27.50 -46.88
C LEU AA 31 -67.30 28.37 -45.63
N CYS AA 32 -66.29 28.31 -44.78
CA CYS AA 32 -66.30 29.15 -43.59
C CYS AA 32 -66.14 30.63 -43.94
N LEU AA 33 -65.30 30.94 -44.92
CA LEU AA 33 -65.05 32.34 -45.29
C LEU AA 33 -66.28 32.98 -45.89
N GLY AA 34 -67.06 32.23 -46.67
CA GLY AA 34 -68.28 32.79 -47.23
C GLY AA 34 -69.26 33.24 -46.17
N ILE AA 35 -69.48 32.39 -45.16
CA ILE AA 35 -70.40 32.75 -44.09
C ILE AA 35 -69.82 33.87 -43.23
N ALA AA 36 -68.51 33.86 -43.01
CA ALA AA 36 -67.89 34.93 -42.23
C ALA AA 36 -68.04 36.28 -42.95
N TYR AA 37 -67.85 36.29 -44.27
CA TYR AA 37 -68.01 37.51 -45.04
C TYR AA 37 -69.47 37.97 -45.08
N ALA AA 38 -70.41 37.02 -45.19
CA ALA AA 38 -71.81 37.38 -45.21
C ALA AA 38 -72.24 37.98 -43.88
N GLY AA 39 -71.58 37.60 -42.79
CA GLY AA 39 -71.87 38.09 -41.47
C GLY AA 39 -71.12 39.32 -41.04
N ARG AA 40 -70.46 40.02 -41.97
CA ARG AA 40 -69.72 41.25 -41.72
C ARG AA 40 -68.53 41.04 -40.78
N PHE AA 41 -67.94 39.85 -40.78
CA PHE AA 41 -66.79 39.59 -39.92
C PHE AA 41 -65.45 39.79 -40.62
N ILE AA 42 -65.42 39.78 -41.95
CA ILE AA 42 -64.21 40.01 -42.73
C ILE AA 42 -64.57 40.88 -43.92
N GLU AA 43 -63.58 41.13 -44.78
CA GLU AA 43 -63.74 41.98 -45.94
C GLU AA 43 -63.74 41.16 -47.23
N LYS AA 44 -63.97 41.84 -48.35
CA LYS AA 44 -64.09 41.17 -49.63
C LYS AA 44 -62.75 40.76 -50.23
N ASP AA 45 -61.65 41.31 -49.74
CA ASP AA 45 -60.34 40.91 -50.25
C ASP AA 45 -59.95 39.50 -49.79
N THR AA 46 -60.69 38.94 -48.83
CA THR AA 46 -60.40 37.59 -48.38
C THR AA 46 -60.56 36.58 -49.50
N PHE AA 47 -61.54 36.80 -50.38
CA PHE AA 47 -61.73 35.89 -51.50
C PHE AA 47 -60.56 35.96 -52.48
N VAL AA 48 -60.03 37.16 -52.71
CA VAL AA 48 -58.84 37.30 -53.57
C VAL AA 48 -57.65 36.60 -52.93
N ARG AA 49 -57.48 36.78 -51.62
CA ARG AA 49 -56.39 36.11 -50.92
C ARG AA 49 -56.52 34.60 -51.03
N TRP AA 50 -57.73 34.08 -50.83
CA TRP AA 50 -57.96 32.64 -50.92
C TRP AA 50 -57.69 32.12 -52.33
N SER AA 51 -58.13 32.87 -53.34
CA SER AA 51 -57.92 32.45 -54.72
C SER AA 51 -56.44 32.39 -55.05
N ILE AA 52 -55.68 33.42 -54.64
CA ILE AA 52 -54.26 33.43 -54.90
C ILE AA 52 -53.58 32.26 -54.19
N GLY AA 53 -53.94 32.03 -52.92
CA GLY AA 53 -53.34 30.94 -52.19
C GLY AA 53 -53.62 29.59 -52.82
N VAL AA 54 -54.86 29.36 -53.23
CA VAL AA 54 -55.24 28.07 -53.81
C VAL AA 54 -54.58 27.90 -55.18
N ILE AA 55 -54.51 28.95 -55.98
CA ILE AA 55 -53.85 28.85 -57.28
C ILE AA 55 -52.38 28.54 -57.11
N ILE AA 56 -51.71 29.18 -56.15
CA ILE AA 56 -50.30 28.89 -55.92
C ILE AA 56 -50.12 27.46 -55.43
N ALA AA 57 -51.00 27.01 -54.52
CA ALA AA 57 -50.88 25.64 -54.01
C ALA AA 57 -51.12 24.61 -55.09
N GLY AA 58 -52.02 24.89 -56.03
CA GLY AA 58 -52.34 23.92 -57.07
C GLY AA 58 -51.16 23.65 -57.99
N SER AA 59 -50.42 24.70 -58.34
CA SER AA 59 -49.26 24.60 -59.22
C SER AA 59 -47.96 24.70 -58.44
N ALA AA 60 -47.92 24.10 -57.25
CA ALA AA 60 -46.71 24.15 -56.44
C ALA AA 60 -45.55 23.43 -57.11
N VAL AA 61 -45.82 22.27 -57.72
CA VAL AA 61 -44.76 21.50 -58.36
C VAL AA 61 -44.19 22.26 -59.55
N GLN AA 62 -45.06 22.88 -60.34
CA GLN AA 62 -44.58 23.63 -61.51
C GLN AA 62 -43.71 24.81 -61.10
N ILE AA 63 -44.11 25.54 -60.06
CA ILE AA 63 -43.32 26.68 -59.60
C ILE AA 63 -42.00 26.20 -59.02
N THR AA 64 -42.03 25.09 -58.26
CA THR AA 64 -40.78 24.55 -57.71
C THR AA 64 -39.83 24.13 -58.82
N ALA AA 65 -40.34 23.50 -59.87
CA ALA AA 65 -39.51 23.14 -61.01
C ALA AA 65 -39.00 24.36 -61.77
N MET AA 66 -39.78 25.44 -61.82
CA MET AA 66 -39.33 26.65 -62.49
C MET AA 66 -38.22 27.34 -61.72
N LEU AA 67 -38.33 27.40 -60.39
CA LEU AA 67 -37.35 28.12 -59.60
C LEU AA 67 -36.12 27.27 -59.29
N PHE AA 68 -36.33 26.05 -58.78
CA PHE AA 68 -35.22 25.17 -58.42
C PHE AA 68 -34.73 24.44 -59.66
N THR AA 69 -33.94 25.14 -60.46
CA THR AA 69 -33.37 24.58 -61.67
C THR AA 69 -32.04 23.88 -61.38
N ALA BA 1 -56.05 1.69 -47.09
CA ALA BA 1 -54.66 1.97 -46.79
C ALA BA 1 -54.27 3.37 -47.30
N GLN BA 2 -53.16 3.44 -48.05
CA GLN BA 2 -52.69 4.68 -48.65
C GLN BA 2 -52.35 5.73 -47.61
N GLY BA 3 -52.27 5.32 -46.34
CA GLY BA 3 -51.84 6.20 -45.28
C GLY BA 3 -52.85 7.25 -44.88
N LEU BA 4 -53.13 8.20 -45.77
CA LEU BA 4 -53.96 9.35 -45.44
C LEU BA 4 -55.37 9.22 -45.98
N GLU BA 5 -55.80 8.01 -46.36
CA GLU BA 5 -57.19 7.82 -46.76
C GLU BA 5 -58.13 8.05 -45.59
N LYS BA 6 -57.75 7.59 -44.39
CA LYS BA 6 -58.60 7.77 -43.22
C LYS BA 6 -58.77 9.24 -42.87
N ALA BA 7 -57.66 10.00 -42.91
CA ALA BA 7 -57.75 11.43 -42.63
C ALA BA 7 -58.61 12.14 -43.67
N ARG BA 8 -58.48 11.75 -44.93
CA ARG BA 8 -59.31 12.34 -45.97
C ARG BA 8 -60.80 12.03 -45.74
N SER BA 9 -61.11 10.80 -45.32
CA SER BA 9 -62.49 10.46 -45.04
C SER BA 9 -63.03 11.27 -43.86
N VAL BA 10 -62.21 11.45 -42.82
CA VAL BA 10 -62.63 12.26 -41.68
C VAL BA 10 -62.88 13.70 -42.11
N LEU BA 11 -62.01 14.23 -42.97
CA LEU BA 11 -62.20 15.59 -43.46
C LEU BA 11 -63.47 15.71 -44.30
N GLU BA 12 -63.77 14.69 -45.10
CA GLU BA 12 -65.01 14.72 -45.88
C GLU BA 12 -66.23 14.70 -44.96
N THR BA 13 -66.19 13.89 -43.91
CA THR BA 13 -67.30 13.87 -42.96
C THR BA 13 -67.46 15.22 -42.28
N LEU BA 14 -66.35 15.84 -41.87
CA LEU BA 14 -66.40 17.16 -41.25
C LEU BA 14 -66.97 18.19 -42.21
N GLN BA 15 -66.55 18.13 -43.48
CA GLN BA 15 -67.06 19.06 -44.48
C GLN BA 15 -68.56 18.91 -44.68
N GLN BA 16 -69.04 17.66 -44.75
CA GLN BA 16 -70.47 17.44 -44.89
C GLN BA 16 -71.24 17.97 -43.69
N GLU BA 17 -70.72 17.74 -42.48
CA GLU BA 17 -71.40 18.25 -41.29
C GLU BA 17 -71.44 19.77 -41.27
N LEU BA 18 -70.33 20.42 -41.63
CA LEU BA 18 -70.31 21.88 -41.69
C LEU BA 18 -71.27 22.40 -42.75
N THR BA 19 -71.35 21.72 -43.90
CA THR BA 19 -72.29 22.11 -44.93
C THR BA 19 -73.72 21.99 -44.42
N THR BA 20 -74.00 20.96 -43.63
CA THR BA 20 -75.33 20.83 -43.02
C THR BA 20 -75.61 21.98 -42.07
N ILE BA 21 -74.63 22.35 -41.25
CA ILE BA 21 -74.84 23.39 -40.25
C ILE BA 21 -74.98 24.77 -40.88
N VAL BA 22 -74.31 25.02 -42.00
CA VAL BA 22 -74.19 26.39 -42.52
C VAL BA 22 -75.53 27.06 -42.81
N PRO BA 23 -76.52 26.43 -43.44
CA PRO BA 23 -77.75 27.17 -43.78
C PRO BA 23 -78.45 27.77 -42.57
N ILE BA 24 -78.41 27.10 -41.42
CA ILE BA 24 -79.03 27.66 -40.22
C ILE BA 24 -78.32 28.93 -39.80
N ALA BA 25 -76.98 28.91 -39.83
CA ALA BA 25 -76.21 30.10 -39.49
C ALA BA 25 -76.49 31.24 -40.46
N ALA BA 26 -76.59 30.92 -41.75
CA ALA BA 26 -76.88 31.96 -42.74
C ALA BA 26 -78.27 32.55 -42.52
N ALA BA 27 -79.24 31.70 -42.19
CA ALA BA 27 -80.60 32.19 -41.93
C ALA BA 27 -80.62 33.09 -40.71
N VAL BA 28 -79.90 32.71 -39.64
CA VAL BA 28 -79.85 33.56 -38.45
C VAL BA 28 -79.17 34.89 -38.77
N ILE BA 29 -78.10 34.85 -39.57
CA ILE BA 29 -77.42 36.08 -39.95
C ILE BA 29 -78.36 37.00 -40.72
N LEU BA 30 -79.10 36.45 -41.68
CA LEU BA 30 -80.03 37.27 -42.45
C LEU BA 30 -81.16 37.81 -41.57
N LEU BA 31 -81.65 36.99 -40.64
CA LEU BA 31 -82.70 37.44 -39.74
C LEU BA 31 -82.23 38.62 -38.89
N CYS BA 32 -81.00 38.55 -38.37
CA CYS BA 32 -80.48 39.66 -37.59
C CYS BA 32 -80.22 40.88 -38.47
N LEU BA 33 -79.71 40.67 -39.69
CA LEU BA 33 -79.39 41.79 -40.57
C LEU BA 33 -80.64 42.53 -41.00
N GLY BA 34 -81.73 41.82 -41.25
CA GLY BA 34 -82.96 42.48 -41.64
C GLY BA 34 -83.46 43.43 -40.56
N ILE BA 35 -83.45 42.99 -39.31
CA ILE BA 35 -83.89 43.84 -38.21
C ILE BA 35 -82.91 44.99 -38.00
N ALA BA 36 -81.60 44.72 -38.13
CA ALA BA 36 -80.63 45.78 -37.97
C ALA BA 36 -80.80 46.86 -39.02
N TYR BA 37 -81.05 46.46 -40.27
CA TYR BA 37 -81.28 47.42 -41.34
C TYR BA 37 -82.61 48.15 -41.15
N ALA BA 38 -83.61 47.47 -40.60
CA ALA BA 38 -84.89 48.12 -40.34
C ALA BA 38 -84.73 49.25 -39.33
N GLY BA 39 -83.87 49.08 -38.34
CA GLY BA 39 -83.64 50.06 -37.31
C GLY BA 39 -82.60 51.11 -37.62
N ARG BA 40 -82.21 51.25 -38.88
CA ARG BA 40 -81.23 52.24 -39.33
C ARG BA 40 -79.86 52.04 -38.70
N PHE BA 41 -79.47 50.80 -38.44
CA PHE BA 41 -78.17 50.53 -37.84
C PHE BA 41 -77.10 50.15 -38.87
N ILE BA 42 -77.49 49.69 -40.04
CA ILE BA 42 -76.57 49.35 -41.12
C ILE BA 42 -77.13 49.91 -42.42
N GLU BA 43 -76.48 49.57 -43.53
CA GLU BA 43 -76.85 50.09 -44.84
C GLU BA 43 -77.38 48.96 -45.73
N LYS BA 44 -77.89 49.37 -46.89
CA LYS BA 44 -78.54 48.44 -47.81
C LYS BA 44 -77.56 47.56 -48.56
N ASP BA 45 -76.27 47.92 -48.61
CA ASP BA 45 -75.28 47.07 -49.25
C ASP BA 45 -75.01 45.80 -48.46
N THR BA 46 -75.48 45.74 -47.21
CA THR BA 46 -75.28 44.55 -46.40
C THR BA 46 -75.96 43.33 -47.02
N PHE BA 47 -77.14 43.54 -47.62
CA PHE BA 47 -77.84 42.42 -48.25
C PHE BA 47 -77.08 41.92 -49.47
N VAL BA 48 -76.50 42.82 -50.25
CA VAL BA 48 -75.68 42.40 -51.39
C VAL BA 48 -74.47 41.62 -50.91
N ARG BA 49 -73.81 42.12 -49.85
CA ARG BA 49 -72.66 41.41 -49.28
C ARG BA 49 -73.06 40.02 -48.81
N TRP BA 50 -74.20 39.91 -48.12
CA TRP BA 50 -74.67 38.64 -47.63
C TRP BA 50 -74.98 37.67 -48.77
N SER BA 51 -75.63 38.18 -49.82
CA SER BA 51 -75.95 37.33 -50.96
C SER BA 51 -74.69 36.81 -51.62
N ILE BA 52 -73.70 37.67 -51.80
CA ILE BA 52 -72.44 37.25 -52.42
C ILE BA 52 -71.76 36.19 -51.56
N GLY BA 53 -71.70 36.43 -50.24
CA GLY BA 53 -71.05 35.48 -49.36
C GLY BA 53 -71.74 34.12 -49.36
N VAL BA 54 -73.07 34.12 -49.32
CA VAL BA 54 -73.80 32.86 -49.28
C VAL BA 54 -73.68 32.12 -50.60
N ILE BA 55 -73.72 32.84 -51.72
CA ILE BA 55 -73.57 32.20 -53.02
C ILE BA 55 -72.17 31.59 -53.15
N ILE BA 56 -71.14 32.30 -52.69
CA ILE BA 56 -69.79 31.76 -52.75
C ILE BA 56 -69.67 30.53 -51.86
N ALA BA 57 -70.22 30.59 -50.65
CA ALA BA 57 -70.12 29.45 -49.73
C ALA BA 57 -70.89 28.24 -50.26
N GLY BA 58 -72.00 28.47 -50.96
CA GLY BA 58 -72.78 27.36 -51.48
C GLY BA 58 -72.04 26.56 -52.54
N SER BA 59 -71.30 27.24 -53.40
CA SER BA 59 -70.53 26.60 -54.45
C SER BA 59 -69.04 26.55 -54.11
N ALA BA 60 -68.72 26.33 -52.84
CA ALA BA 60 -67.32 26.27 -52.42
C ALA BA 60 -66.60 25.11 -53.09
N VAL BA 61 -67.24 23.94 -53.16
CA VAL BA 61 -66.60 22.77 -53.76
C VAL BA 61 -66.35 22.99 -55.24
N GLN BA 62 -67.33 23.57 -55.95
CA GLN BA 62 -67.16 23.81 -57.38
C GLN BA 62 -66.04 24.79 -57.66
N ILE BA 63 -65.95 25.87 -56.88
CA ILE BA 63 -64.89 26.85 -57.07
C ILE BA 63 -63.54 26.23 -56.74
N THR BA 64 -63.48 25.42 -55.68
CA THR BA 64 -62.23 24.76 -55.34
C THR BA 64 -61.77 23.81 -56.45
N ALA BA 65 -62.71 23.08 -57.05
CA ALA BA 65 -62.37 22.23 -58.18
C ALA BA 65 -61.97 23.03 -59.41
N MET BA 66 -62.56 24.21 -59.61
CA MET BA 66 -62.19 25.04 -60.75
C MET BA 66 -60.79 25.61 -60.60
N LEU BA 67 -60.41 26.01 -59.39
CA LEU BA 67 -59.11 26.64 -59.19
C LEU BA 67 -58.02 25.62 -58.91
N PHE BA 68 -58.24 24.71 -57.97
CA PHE BA 68 -57.23 23.72 -57.61
C PHE BA 68 -57.30 22.55 -58.59
N THR BA 69 -56.70 22.76 -59.75
CA THR BA 69 -56.66 21.73 -60.79
C THR BA 69 -55.37 20.92 -60.68
N ALA CA 1 -40.70 -16.79 -29.34
CA ALA CA 1 -39.25 -16.65 -29.43
C ALA CA 1 -38.87 -15.32 -30.07
N GLN CA 2 -37.82 -15.35 -30.90
CA GLN CA 2 -37.32 -14.18 -31.62
C GLN CA 2 -36.83 -13.09 -30.67
N GLY CA 3 -36.76 -13.41 -29.38
CA GLY CA 3 -36.20 -12.49 -28.41
C GLY CA 3 -37.10 -11.32 -28.06
N LEU CA 4 -37.34 -10.42 -29.01
CA LEU CA 4 -38.08 -9.20 -28.75
C LEU CA 4 -39.53 -9.29 -29.21
N GLU CA 5 -40.06 -10.49 -29.43
CA GLU CA 5 -41.48 -10.63 -29.72
C GLU CA 5 -42.32 -10.26 -28.52
N LYS CA 6 -41.88 -10.65 -27.32
CA LYS CA 6 -42.62 -10.33 -26.11
C LYS CA 6 -42.65 -8.83 -25.86
N ALA CA 7 -41.51 -8.16 -26.06
CA ALA CA 7 -41.47 -6.70 -25.90
C ALA CA 7 -42.38 -6.02 -26.93
N ARG CA 8 -42.40 -6.53 -28.16
CA ARG CA 8 -43.29 -5.97 -29.17
C ARG CA 8 -44.75 -6.15 -28.78
N SER CA 9 -45.09 -7.32 -28.22
CA SER CA 9 -46.47 -7.53 -27.79
C SER CA 9 -46.85 -6.59 -26.64
N VAL CA 10 -45.93 -6.38 -25.70
CA VAL CA 10 -46.19 -5.45 -24.60
C VAL CA 10 -46.38 -4.03 -25.14
N LEU CA 11 -45.55 -3.64 -26.11
CA LEU CA 11 -45.69 -2.31 -26.70
C LEU CA 11 -47.02 -2.18 -27.45
N GLU CA 12 -47.45 -3.24 -28.13
CA GLU CA 12 -48.76 -3.20 -28.80
C GLU CA 12 -49.89 -3.04 -27.80
N THR CA 13 -49.81 -3.76 -26.68
CA THR CA 13 -50.83 -3.61 -25.65
C THR CA 13 -50.85 -2.20 -25.09
N LEU CA 14 -49.67 -1.63 -24.83
CA LEU CA 14 -49.60 -0.26 -24.34
C LEU CA 14 -50.18 0.72 -25.35
N GLN CA 15 -49.89 0.51 -26.64
CA GLN CA 15 -50.43 1.38 -27.68
C GLN CA 15 -51.94 1.29 -27.73
N GLN CA 16 -52.50 0.08 -27.63
CA GLN CA 16 -53.95 -0.07 -27.64
C GLN CA 16 -54.58 0.63 -26.45
N GLU CA 17 -53.99 0.47 -25.26
CA GLU CA 17 -54.56 1.12 -24.08
C GLU CA 17 -54.48 2.64 -24.18
N LEU CA 18 -53.36 3.17 -24.67
CA LEU CA 18 -53.26 4.62 -24.86
C LEU CA 18 -54.26 5.11 -25.88
N THR CA 19 -54.46 4.36 -26.96
CA THR CA 19 -55.46 4.76 -27.95
C THR CA 19 -56.86 4.75 -27.34
N THR CA 20 -57.14 3.80 -26.46
CA THR CA 20 -58.42 3.78 -25.77
C THR CA 20 -58.58 5.00 -24.88
N ILE CA 21 -57.53 5.38 -24.16
CA ILE CA 21 -57.61 6.51 -23.24
C ILE CA 21 -57.74 7.84 -24.00
N VAL CA 22 -57.11 7.96 -25.17
CA VAL CA 22 -56.95 9.27 -25.81
C VAL CA 22 -58.27 10.01 -26.05
N PRO CA 23 -59.34 9.39 -26.55
CA PRO CA 23 -60.54 10.18 -26.88
C PRO CA 23 -61.11 10.94 -25.69
N ILE CA 24 -61.03 10.38 -24.49
CA ILE CA 24 -61.51 11.09 -23.31
C ILE CA 24 -60.68 12.35 -23.06
N ALA CA 25 -59.36 12.24 -23.19
CA ALA CA 25 -58.50 13.40 -23.01
C ALA CA 25 -58.78 14.45 -24.07
N ALA CA 26 -58.99 14.02 -25.32
CA ALA CA 26 -59.30 14.98 -26.38
C ALA CA 26 -60.63 15.69 -26.10
N ALA CA 27 -61.63 14.95 -25.62
CA ALA CA 27 -62.92 15.55 -25.30
C ALA CA 27 -62.80 16.56 -24.17
N VAL CA 28 -62.01 16.22 -23.14
CA VAL CA 28 -61.82 17.15 -22.03
C VAL CA 28 -61.09 18.41 -22.51
N ILE CA 29 -60.09 18.23 -23.38
CA ILE CA 29 -59.37 19.37 -23.92
C ILE CA 29 -60.30 20.27 -24.70
N LEU CA 30 -61.17 19.69 -25.54
CA LEU CA 30 -62.11 20.50 -26.30
C LEU CA 30 -63.10 21.20 -25.40
N LEU CA 31 -63.56 20.51 -24.36
CA LEU CA 31 -64.50 21.13 -23.42
C LEU CA 31 -63.88 22.34 -22.74
N CYS CA 32 -62.62 22.23 -22.32
CA CYS CA 32 -61.96 23.36 -21.69
C CYS CA 32 -61.70 24.48 -22.71
N LEU CA 33 -61.31 24.12 -23.93
CA LEU CA 33 -61.00 25.11 -24.95
C LEU CA 33 -62.24 25.91 -25.34
N GLY CA 34 -63.40 25.26 -25.41
CA GLY CA 34 -64.61 25.98 -25.76
C GLY CA 34 -64.94 27.08 -24.76
N ILE CA 35 -64.86 26.76 -23.46
CA ILE CA 35 -65.14 27.76 -22.44
C ILE CA 35 -64.05 28.83 -22.42
N ALA CA 36 -62.79 28.44 -22.63
CA ALA CA 36 -61.72 29.42 -22.66
C ALA CA 36 -61.91 30.41 -23.81
N TYR CA 37 -62.34 29.92 -24.97
CA TYR CA 37 -62.61 30.79 -26.10
C TYR CA 37 -63.85 31.64 -25.87
N ALA CA 38 -64.87 31.09 -25.19
CA ALA CA 38 -66.06 31.89 -24.88
C ALA CA 38 -65.72 33.03 -23.94
N GLY CA 39 -64.77 32.81 -23.04
CA GLY CA 39 -64.35 33.82 -22.08
C GLY CA 39 -63.30 34.78 -22.56
N ARG CA 40 -63.04 34.81 -23.87
CA ARG CA 40 -62.08 35.71 -24.49
C ARG CA 40 -60.65 35.48 -24.02
N PHE CA 41 -60.31 34.25 -23.66
CA PHE CA 41 -58.95 33.94 -23.20
C PHE CA 41 -58.06 33.42 -24.32
N ILE CA 42 -58.62 32.80 -25.35
CA ILE CA 42 -57.87 32.31 -26.50
C ILE CA 42 -58.59 32.73 -27.77
N GLU CA 43 -58.05 32.33 -28.91
CA GLU CA 43 -58.55 32.76 -30.21
C GLU CA 43 -59.17 31.59 -30.97
N LYS CA 44 -59.76 31.91 -32.12
CA LYS CA 44 -60.51 30.94 -32.90
C LYS CA 44 -59.63 29.92 -33.60
N ASP CA 45 -58.35 30.22 -33.82
CA ASP CA 45 -57.46 29.26 -34.45
C ASP CA 45 -57.19 28.06 -33.54
N THR CA 46 -57.53 28.17 -32.26
CA THR CA 46 -57.32 27.07 -31.33
C THR CA 46 -58.13 25.85 -31.74
N PHE CA 47 -59.34 26.07 -32.24
CA PHE CA 47 -60.18 24.94 -32.68
C PHE CA 47 -59.58 24.25 -33.88
N VAL CA 48 -59.03 25.03 -34.82
CA VAL CA 48 -58.36 24.44 -35.98
C VAL CA 48 -57.15 23.64 -35.53
N ARG CA 49 -56.37 24.19 -34.59
CA ARG CA 49 -55.22 23.47 -34.05
C ARG CA 49 -55.65 22.16 -33.41
N TRP CA 50 -56.71 22.21 -32.60
CA TRP CA 50 -57.21 21.01 -31.93
C TRP CA 50 -57.67 19.96 -32.95
N SER CA 51 -58.39 20.40 -33.98
CA SER CA 51 -58.87 19.47 -34.99
C SER CA 51 -57.71 18.81 -35.73
N ILE CA 52 -56.70 19.60 -36.09
CA ILE CA 52 -55.54 19.03 -36.78
C ILE CA 52 -54.83 18.03 -35.88
N GLY CA 53 -54.63 18.38 -34.61
CA GLY CA 53 -53.97 17.47 -33.70
C GLY CA 53 -54.73 16.18 -33.50
N VAL CA 54 -56.05 16.27 -33.35
CA VAL CA 54 -56.86 15.07 -33.12
C VAL CA 54 -56.89 14.20 -34.37
N ILE CA 55 -57.00 14.82 -35.55
CA ILE CA 55 -57.00 14.05 -36.79
C ILE CA 55 -55.67 13.33 -36.97
N ILE CA 56 -54.56 14.02 -36.70
CA ILE CA 56 -53.25 13.37 -36.82
C ILE CA 56 -53.13 12.23 -35.80
N ALA CA 57 -53.58 12.45 -34.57
CA ALA CA 57 -53.49 11.41 -33.56
C ALA CA 57 -54.36 10.21 -33.91
N GLY CA 58 -55.48 10.43 -34.58
CA GLY CA 58 -56.37 9.34 -34.92
C GLY CA 58 -55.76 8.37 -35.91
N SER CA 59 -55.02 8.89 -36.89
CA SER CA 59 -54.38 8.08 -37.92
C SER CA 59 -52.88 7.98 -37.69
N ALA CA 60 -52.45 7.84 -36.43
CA ALA CA 60 -51.03 7.73 -36.13
C ALA CA 60 -50.44 6.46 -36.75
N VAL CA 61 -51.16 5.34 -36.64
CA VAL CA 61 -50.64 4.08 -37.17
C VAL CA 61 -50.50 4.16 -38.68
N GLN CA 62 -51.50 4.73 -39.36
CA GLN CA 62 -51.45 4.81 -40.82
C GLN CA 62 -50.31 5.70 -41.29
N ILE CA 63 -50.12 6.85 -40.64
CA ILE CA 63 -49.03 7.75 -41.02
C ILE CA 63 -47.68 7.09 -40.76
N THR CA 64 -47.54 6.41 -39.62
CA THR CA 64 -46.29 5.71 -39.33
C THR CA 64 -46.01 4.62 -40.35
N ALA CA 65 -47.03 3.87 -40.76
CA ALA CA 65 -46.84 2.87 -41.79
C ALA CA 65 -46.51 3.48 -43.14
N MET CA 66 -47.05 4.67 -43.45
CA MET CA 66 -46.73 5.32 -44.70
C MET CA 66 -45.29 5.83 -44.72
N LEU CA 67 -44.82 6.40 -43.62
CA LEU CA 67 -43.48 6.98 -43.60
C LEU CA 67 -42.41 5.94 -43.30
N PHE CA 68 -42.61 5.11 -42.26
CA PHE CA 68 -41.63 4.10 -41.89
C PHE CA 68 -41.89 2.83 -42.71
N THR CA 69 -41.48 2.91 -43.98
CA THR CA 69 -41.65 1.78 -44.89
C THR CA 69 -40.54 0.74 -44.67
N ALA DA 1 -59.09 -5.15 -15.14
CA ALA DA 1 -57.75 -5.43 -15.64
C ALA DA 1 -57.39 -4.48 -16.79
N GLN DA 2 -56.69 -5.02 -17.79
CA GLN DA 2 -56.30 -4.28 -18.99
C GLN DA 2 -55.35 -3.13 -18.66
N GLY DA 3 -54.90 -3.05 -17.42
CA GLY DA 3 -53.91 -2.06 -17.03
C GLY DA 3 -54.42 -0.63 -16.94
N LEU DA 4 -54.92 -0.09 -18.04
CA LEU DA 4 -55.34 1.29 -18.10
C LEU DA 4 -56.86 1.45 -18.06
N GLU DA 5 -57.59 0.41 -17.70
CA GLU DA 5 -59.04 0.55 -17.51
C GLU DA 5 -59.34 1.45 -16.33
N LYS DA 6 -58.58 1.33 -15.24
CA LYS DA 6 -58.78 2.16 -14.07
C LYS DA 6 -58.53 3.62 -14.38
N ALA DA 7 -57.44 3.91 -15.11
CA ALA DA 7 -57.15 5.28 -15.50
C ALA DA 7 -58.23 5.84 -16.42
N ARG DA 8 -58.73 5.00 -17.32
CA ARG DA 8 -59.82 5.44 -18.19
C ARG DA 8 -61.07 5.77 -17.40
N SER DA 9 -61.40 4.96 -16.39
CA SER DA 9 -62.55 5.25 -15.55
C SER DA 9 -62.36 6.55 -14.78
N VAL DA 10 -61.16 6.78 -14.26
CA VAL DA 10 -60.86 8.03 -13.56
C VAL DA 10 -61.02 9.22 -14.50
N LEU DA 11 -60.53 9.08 -15.74
CA LEU DA 11 -60.67 10.16 -16.70
C LEU DA 11 -62.13 10.42 -17.05
N GLU DA 12 -62.92 9.36 -17.17
CA GLU DA 12 -64.35 9.54 -17.45
C GLU DA 12 -65.05 10.26 -16.30
N THR DA 13 -64.70 9.91 -15.06
CA THR DA 13 -65.27 10.61 -13.92
C THR DA 13 -64.88 12.08 -13.92
N LEU DA 14 -63.62 12.37 -14.22
CA LEU DA 14 -63.16 13.76 -14.29
C LEU DA 14 -63.90 14.51 -15.38
N GLN DA 15 -64.10 13.88 -16.54
CA GLN DA 15 -64.81 14.51 -17.63
C GLN DA 15 -66.24 14.82 -17.25
N GLN DA 16 -66.92 13.87 -16.59
CA GLN DA 16 -68.30 14.11 -16.15
C GLN DA 16 -68.37 15.27 -15.16
N GLU DA 17 -67.44 15.30 -14.20
CA GLU DA 17 -67.46 16.37 -13.21
C GLU DA 17 -67.18 17.73 -13.85
N LEU DA 18 -66.23 17.79 -14.78
CA LEU DA 18 -65.97 19.05 -15.46
C LEU DA 18 -67.15 19.49 -16.30
N THR DA 19 -67.83 18.53 -16.95
CA THR DA 19 -69.02 18.87 -17.72
C THR DA 19 -70.12 19.40 -16.82
N THR DA 20 -70.24 18.84 -15.61
CA THR DA 20 -71.21 19.36 -14.65
C THR DA 20 -70.86 20.79 -14.23
N ILE DA 21 -69.57 21.06 -14.00
CA ILE DA 21 -69.16 22.39 -13.57
C ILE DA 21 -69.34 23.43 -14.68
N VAL DA 22 -69.12 23.03 -15.94
CA VAL DA 22 -68.99 24.01 -17.02
C VAL DA 22 -70.19 24.96 -17.15
N PRO DA 23 -71.44 24.51 -17.10
CA PRO DA 23 -72.55 25.46 -17.35
C PRO DA 23 -72.55 26.66 -16.42
N ILE DA 24 -72.16 26.47 -15.15
CA ILE DA 24 -72.09 27.60 -14.22
C ILE DA 24 -71.04 28.59 -14.67
N ALA DA 25 -69.87 28.10 -15.09
CA ALA DA 25 -68.82 28.99 -15.58
C ALA DA 25 -69.28 29.75 -16.81
N ALA DA 26 -69.95 29.06 -17.74
CA ALA DA 26 -70.46 29.73 -18.93
C ALA DA 26 -71.49 30.79 -18.58
N ALA DA 27 -72.37 30.49 -17.62
CA ALA DA 27 -73.38 31.45 -17.20
C ALA DA 27 -72.74 32.69 -16.58
N VAL DA 28 -71.72 32.49 -15.74
CA VAL DA 28 -71.04 33.62 -15.13
C VAL DA 28 -70.33 34.44 -16.19
N ILE DA 29 -69.71 33.77 -17.17
CA ILE DA 29 -69.03 34.48 -18.25
C ILE DA 29 -70.03 35.34 -19.02
N LEU DA 30 -71.20 34.78 -19.35
CA LEU DA 30 -72.20 35.55 -20.09
C LEU DA 30 -72.74 36.70 -19.25
N LEU DA 31 -72.92 36.48 -17.96
CA LEU DA 31 -73.40 37.55 -17.09
C LEU DA 31 -72.41 38.72 -17.06
N CYS DA 32 -71.12 38.41 -16.98
CA CYS DA 32 -70.12 39.48 -17.00
C CYS DA 32 -70.06 40.14 -18.38
N LEU DA 33 -70.16 39.36 -19.44
CA LEU DA 33 -70.06 39.90 -20.79
C LEU DA 33 -71.21 40.84 -21.10
N GLY DA 34 -72.42 40.52 -20.64
CA GLY DA 34 -73.55 41.39 -20.89
C GLY DA 34 -73.36 42.77 -20.30
N ILE DA 35 -72.89 42.84 -19.05
CA ILE DA 35 -72.66 44.12 -18.41
C ILE DA 35 -71.48 44.83 -19.06
N ALA DA 36 -70.45 44.09 -19.43
CA ALA DA 36 -69.30 44.72 -20.09
C ALA DA 36 -69.71 45.35 -21.42
N TYR DA 37 -70.56 44.66 -22.18
CA TYR DA 37 -71.08 45.23 -23.42
C TYR DA 37 -72.01 46.41 -23.16
N ALA DA 38 -72.78 46.36 -22.08
CA ALA DA 38 -73.64 47.48 -21.73
C ALA DA 38 -72.81 48.72 -21.41
N GLY DA 39 -71.67 48.55 -20.76
CA GLY DA 39 -70.81 49.65 -20.39
C GLY DA 39 -69.85 50.11 -21.45
N ARG DA 40 -70.03 49.68 -22.70
CA ARG DA 40 -69.20 50.07 -23.83
C ARG DA 40 -67.75 49.63 -23.68
N PHE DA 41 -67.50 48.52 -23.01
CA PHE DA 41 -66.14 48.02 -22.86
C PHE DA 41 -65.75 46.99 -23.90
N ILE DA 42 -66.71 46.29 -24.49
CA ILE DA 42 -66.46 45.29 -25.53
C ILE DA 42 -67.46 45.52 -26.67
N GLU DA 43 -67.38 44.67 -27.68
CA GLU DA 43 -68.18 44.82 -28.89
C GLU DA 43 -69.23 43.72 -28.99
N LYS DA 44 -70.07 43.84 -30.02
CA LYS DA 44 -71.21 42.94 -30.18
C LYS DA 44 -70.83 41.55 -30.67
N ASP DA 45 -69.64 41.40 -31.27
CA ASP DA 45 -69.21 40.07 -31.71
C ASP DA 45 -68.86 39.17 -30.54
N THR DA 46 -68.77 39.74 -29.32
CA THR DA 46 -68.44 38.94 -28.15
C THR DA 46 -69.51 37.89 -27.89
N PHE DA 47 -70.78 38.23 -28.11
CA PHE DA 47 -71.85 37.27 -27.88
C PHE DA 47 -71.81 36.16 -28.91
N VAL DA 48 -71.47 36.48 -30.16
CA VAL DA 48 -71.31 35.45 -31.18
C VAL DA 48 -70.16 34.52 -30.80
N ARG DA 49 -69.05 35.08 -30.35
CA ARG DA 49 -67.92 34.26 -29.91
C ARG DA 49 -68.31 33.37 -28.74
N TRP DA 50 -69.05 33.92 -27.78
CA TRP DA 50 -69.48 33.14 -26.63
C TRP DA 50 -70.39 32.00 -27.05
N SER DA 51 -71.34 32.28 -27.95
CA SER DA 51 -72.26 31.24 -28.40
C SER DA 51 -71.52 30.14 -29.13
N ILE DA 52 -70.57 30.51 -29.99
CA ILE DA 52 -69.79 29.51 -30.71
C ILE DA 52 -68.99 28.64 -29.73
N GLY DA 53 -68.35 29.28 -28.76
CA GLY DA 53 -67.57 28.54 -27.79
C GLY DA 53 -68.42 27.59 -26.97
N VAL DA 54 -69.58 28.05 -26.53
CA VAL DA 54 -70.45 27.21 -25.70
C VAL DA 54 -71.01 26.06 -26.51
N ILE DA 55 -71.41 26.32 -27.76
CA ILE DA 55 -71.93 25.25 -28.60
C ILE DA 55 -70.85 24.20 -28.87
N ILE DA 56 -69.62 24.63 -29.13
CA ILE DA 56 -68.54 23.68 -29.36
C ILE DA 56 -68.25 22.88 -28.09
N ALA DA 57 -68.24 23.54 -26.93
CA ALA DA 57 -67.96 22.85 -25.68
C ALA DA 57 -69.06 21.84 -25.34
N GLY DA 58 -70.31 22.18 -25.67
CA GLY DA 58 -71.41 21.27 -25.35
C GLY DA 58 -71.34 19.96 -26.10
N SER DA 59 -70.91 20.01 -27.36
CA SER DA 59 -70.82 18.83 -28.21
C SER DA 59 -69.37 18.37 -28.36
N ALA DA 60 -68.60 18.45 -27.27
CA ALA DA 60 -67.19 18.04 -27.34
C ALA DA 60 -67.08 16.55 -27.62
N VAL DA 61 -67.89 15.73 -26.97
CA VAL DA 61 -67.81 14.29 -27.15
C VAL DA 61 -68.17 13.91 -28.58
N GLN DA 62 -69.22 14.53 -29.13
CA GLN DA 62 -69.65 14.20 -30.49
C GLN DA 62 -68.58 14.58 -31.51
N ILE DA 63 -67.99 15.76 -31.36
CA ILE DA 63 -66.93 16.18 -32.28
C ILE DA 63 -65.72 15.28 -32.15
N THR DA 64 -65.34 14.92 -30.92
CA THR DA 64 -64.21 14.02 -30.74
C THR DA 64 -64.47 12.66 -31.38
N ALA DA 65 -65.69 12.13 -31.24
CA ALA DA 65 -66.02 10.87 -31.90
C ALA DA 65 -66.04 10.99 -33.42
N MET DA 66 -66.46 12.13 -33.95
CA MET DA 66 -66.45 12.32 -35.39
C MET DA 66 -65.03 12.41 -35.94
N LEU DA 67 -64.14 13.11 -35.24
CA LEU DA 67 -62.79 13.31 -35.77
C LEU DA 67 -61.86 12.16 -35.41
N PHE DA 68 -61.84 11.74 -34.15
CA PHE DA 68 -60.98 10.65 -33.71
C PHE DA 68 -61.71 9.32 -33.88
N THR DA 69 -61.64 8.81 -35.11
CA THR DA 69 -62.28 7.54 -35.44
C THR DA 69 -61.26 6.40 -35.40
N ALA EA 1 -69.72 14.58 -1.78
CA ALA EA 1 -68.76 13.74 -2.47
C ALA EA 1 -68.67 14.12 -3.95
N GLN EA 2 -68.54 13.10 -4.80
CA GLN EA 2 -68.49 13.29 -6.26
C GLN EA 2 -67.30 14.15 -6.68
N GLY EA 3 -66.36 14.37 -5.77
CA GLY EA 3 -65.14 15.09 -6.10
C GLY EA 3 -65.31 16.57 -6.31
N LEU EA 4 -66.12 16.97 -7.30
CA LEU EA 4 -66.27 18.37 -7.66
C LEU EA 4 -67.63 18.94 -7.28
N GLU EA 5 -68.34 18.31 -6.36
CA GLU EA 5 -69.58 18.90 -5.86
C GLU EA 5 -69.30 20.16 -5.07
N LYS EA 6 -68.23 20.16 -4.27
CA LYS EA 6 -67.88 21.33 -3.48
C LYS EA 6 -67.53 22.51 -4.37
N ALA EA 7 -66.75 22.28 -5.42
CA ALA EA 7 -66.40 23.34 -6.36
C ALA EA 7 -67.64 23.87 -7.06
N ARG EA 8 -68.56 22.98 -7.43
CA ARG EA 8 -69.80 23.41 -8.05
C ARG EA 8 -70.63 24.28 -7.11
N SER EA 9 -70.70 23.90 -5.83
CA SER EA 9 -71.42 24.72 -4.86
C SER EA 9 -70.78 26.09 -4.70
N VAL EA 10 -69.45 26.14 -4.67
CA VAL EA 10 -68.75 27.42 -4.56
C VAL EA 10 -69.04 28.27 -5.79
N LEU EA 11 -69.03 27.67 -6.98
CA LEU EA 11 -69.34 28.42 -8.19
C LEU EA 11 -70.77 28.93 -8.19
N GLU EA 12 -71.72 28.13 -7.70
CA GLU EA 12 -73.10 28.59 -7.63
C GLU EA 12 -73.23 29.77 -6.67
N THR EA 13 -72.55 29.70 -5.52
CA THR EA 13 -72.59 30.83 -4.59
C THR EA 13 -71.98 32.08 -5.21
N LEU EA 14 -70.86 31.93 -5.93
CA LEU EA 14 -70.27 33.07 -6.60
C LEU EA 14 -71.21 33.65 -7.66
N GLN EA 15 -71.89 32.78 -8.40
CA GLN EA 15 -72.84 33.26 -9.40
C GLN EA 15 -73.98 34.03 -8.76
N GLN EA 16 -74.51 33.52 -7.64
CA GLN EA 16 -75.58 34.23 -6.96
C GLN EA 16 -75.11 35.59 -6.45
N GLU EA 17 -73.91 35.66 -5.88
CA GLU EA 17 -73.41 36.94 -5.40
C GLU EA 17 -73.20 37.93 -6.53
N LEU EA 18 -72.66 37.46 -7.66
CA LEU EA 18 -72.47 38.34 -8.80
C LEU EA 18 -73.81 38.81 -9.36
N THR EA 19 -74.82 37.93 -9.38
CA THR EA 19 -76.14 38.33 -9.83
C THR EA 19 -76.74 39.38 -8.90
N THR EA 20 -76.47 39.27 -7.61
CA THR EA 20 -76.90 40.31 -6.68
C THR EA 20 -76.21 41.63 -6.97
N ILE EA 21 -74.90 41.59 -7.23
CA ILE EA 21 -74.14 42.82 -7.44
C ILE EA 21 -74.52 43.51 -8.75
N VAL EA 22 -74.84 42.72 -9.79
CA VAL EA 22 -74.94 43.29 -11.14
C VAL EA 22 -75.94 44.43 -11.28
N PRO EA 23 -77.18 44.34 -10.75
CA PRO EA 23 -78.13 45.43 -11.00
C PRO EA 23 -77.65 46.81 -10.57
N ILE EA 24 -76.89 46.88 -9.47
CA ILE EA 24 -76.34 48.16 -9.05
C ILE EA 24 -75.37 48.70 -10.08
N ALA EA 25 -74.51 47.83 -10.62
CA ALA EA 25 -73.57 48.26 -11.65
C ALA EA 25 -74.29 48.71 -12.91
N ALA EA 26 -75.34 47.99 -13.29
CA ALA EA 26 -76.12 48.40 -14.47
C ALA EA 26 -76.78 49.75 -14.25
N ALA EA 27 -77.33 49.98 -13.05
CA ALA EA 27 -77.93 51.27 -12.74
C ALA EA 27 -76.92 52.39 -12.80
N VAL EA 28 -75.72 52.16 -12.26
CA VAL EA 28 -74.68 53.19 -12.30
C VAL EA 28 -74.25 53.47 -13.74
N ILE EA 29 -74.13 52.42 -14.54
CA ILE EA 29 -73.75 52.59 -15.94
C ILE EA 29 -74.80 53.42 -16.68
N LEU EA 30 -76.08 53.11 -16.46
CA LEU EA 30 -77.14 53.87 -17.13
C LEU EA 30 -77.16 55.32 -16.65
N LEU EA 31 -76.93 55.53 -15.35
CA LEU EA 31 -76.91 56.89 -14.82
C LEU EA 31 -75.80 57.71 -15.46
N CYS EA 32 -74.62 57.11 -15.63
CA CYS EA 32 -73.53 57.84 -16.29
C CYS EA 32 -73.81 58.04 -17.77
N LEU EA 33 -74.38 57.03 -18.44
CA LEU EA 33 -74.64 57.14 -19.87
C LEU EA 33 -75.66 58.22 -20.17
N GLY EA 34 -76.69 58.35 -19.34
CA GLY EA 34 -77.69 59.38 -19.57
C GLY EA 34 -77.09 60.77 -19.54
N ILE EA 35 -76.24 61.04 -18.55
CA ILE EA 35 -75.61 62.35 -18.46
C ILE EA 35 -74.63 62.57 -19.60
N ALA EA 36 -73.89 61.52 -19.97
CA ALA EA 36 -72.95 61.64 -21.09
C ALA EA 36 -73.69 61.96 -22.38
N TYR EA 37 -74.83 61.31 -22.61
CA TYR EA 37 -75.63 61.60 -23.80
C TYR EA 37 -76.25 62.98 -23.73
N ALA EA 38 -76.63 63.45 -22.54
CA ALA EA 38 -77.18 64.80 -22.42
C ALA EA 38 -76.14 65.84 -22.81
N GLY EA 39 -74.88 65.61 -22.47
CA GLY EA 39 -73.81 66.54 -22.77
C GLY EA 39 -73.16 66.38 -24.12
N ARG EA 40 -73.79 65.65 -25.04
CA ARG EA 40 -73.32 65.45 -26.41
C ARG EA 40 -71.98 64.73 -26.47
N PHE EA 41 -71.71 63.81 -25.54
CA PHE EA 41 -70.47 63.05 -25.57
C PHE EA 41 -70.61 61.69 -26.26
N ILE EA 42 -71.80 61.11 -26.27
CA ILE EA 42 -72.07 59.83 -26.92
C ILE EA 42 -73.32 59.98 -27.78
N GLU EA 43 -73.71 58.89 -28.43
CA GLU EA 43 -74.84 58.89 -29.35
C GLU EA 43 -76.01 58.10 -28.78
N LYS EA 44 -77.13 58.15 -29.51
CA LYS EA 44 -78.37 57.56 -29.04
C LYS EA 44 -78.36 56.04 -29.10
N ASP EA 45 -77.50 55.43 -29.91
CA ASP EA 45 -77.45 53.98 -29.98
C ASP EA 45 -76.87 53.36 -28.70
N THR EA 46 -76.26 54.18 -27.85
CA THR EA 46 -75.71 53.66 -26.60
C THR EA 46 -76.80 53.08 -25.71
N PHE EA 47 -77.99 53.69 -25.72
CA PHE EA 47 -79.08 53.17 -24.91
C PHE EA 47 -79.56 51.82 -25.43
N VAL EA 48 -79.62 51.66 -26.75
CA VAL EA 48 -79.97 50.36 -27.33
C VAL EA 48 -78.92 49.32 -26.96
N ARG EA 49 -77.65 49.70 -27.05
CA ARG EA 49 -76.58 48.78 -26.64
C ARG EA 49 -76.72 48.38 -25.18
N TRP EA 50 -77.01 49.34 -24.32
CA TRP EA 50 -77.16 49.06 -22.90
C TRP EA 50 -78.35 48.13 -22.65
N SER EA 51 -79.47 48.39 -23.33
CA SER EA 51 -80.65 47.56 -23.15
C SER EA 51 -80.38 46.12 -23.59
N ILE EA 52 -79.71 45.96 -24.73
CA ILE EA 52 -79.39 44.61 -25.21
C ILE EA 52 -78.46 43.91 -24.23
N GLY EA 53 -77.44 44.62 -23.75
CA GLY EA 53 -76.52 44.01 -22.81
C GLY EA 53 -77.18 43.59 -21.53
N VAL EA 54 -78.07 44.44 -20.99
CA VAL EA 54 -78.73 44.13 -19.73
C VAL EA 54 -79.71 42.98 -19.91
N ILE EA 55 -80.44 42.96 -21.03
CA ILE EA 55 -81.36 41.85 -21.27
C ILE EA 55 -80.61 40.55 -21.42
N ILE EA 56 -79.48 40.55 -22.12
CA ILE EA 56 -78.68 39.33 -22.25
C ILE EA 56 -78.13 38.90 -20.90
N ALA EA 57 -77.65 39.85 -20.10
CA ALA EA 57 -77.08 39.50 -18.79
C ALA EA 57 -78.14 38.93 -17.86
N GLY EA 58 -79.35 39.49 -17.89
CA GLY EA 58 -80.38 39.03 -16.97
C GLY EA 58 -80.78 37.60 -17.20
N SER EA 59 -80.78 37.15 -18.45
CA SER EA 59 -81.16 35.79 -18.82
C SER EA 59 -79.94 34.95 -19.18
N ALA EA 60 -78.85 35.12 -18.43
CA ALA EA 60 -77.64 34.35 -18.70
C ALA EA 60 -77.86 32.86 -18.49
N VAL EA 61 -78.56 32.49 -17.41
CA VAL EA 61 -78.78 31.08 -17.11
C VAL EA 61 -79.65 30.43 -18.17
N GLN EA 62 -80.71 31.12 -18.60
CA GLN EA 62 -81.61 30.56 -19.60
C GLN EA 62 -80.91 30.33 -20.92
N ILE EA 63 -80.11 31.31 -21.36
CA ILE EA 63 -79.36 31.16 -22.61
C ILE EA 63 -78.34 30.05 -22.49
N THR EA 64 -77.64 29.97 -21.36
CA THR EA 64 -76.66 28.91 -21.16
C THR EA 64 -77.32 27.54 -21.20
N ALA EA 65 -78.48 27.39 -20.58
CA ALA EA 65 -79.21 26.13 -20.63
C ALA EA 65 -79.72 25.81 -22.04
N MET EA 66 -80.12 26.84 -22.80
CA MET EA 66 -80.58 26.60 -24.17
C MET EA 66 -79.44 26.14 -25.06
N LEU EA 67 -78.25 26.73 -24.92
CA LEU EA 67 -77.15 26.38 -25.82
C LEU EA 67 -76.37 25.18 -25.32
N PHE EA 68 -75.98 25.16 -24.05
CA PHE EA 68 -75.17 24.06 -23.51
C PHE EA 68 -76.11 22.95 -23.03
N THR EA 69 -76.48 22.09 -23.97
CA THR EA 69 -77.35 20.96 -23.66
C THR EA 69 -76.53 19.67 -23.58
N ALA FA 1 43.61 -98.82 61.21
CA ALA FA 1 44.85 -99.33 60.64
C ALA FA 1 45.19 -98.63 59.32
N GLN FA 2 45.66 -99.40 58.36
CA GLN FA 2 46.01 -98.90 57.02
C GLN FA 2 47.08 -97.83 57.07
N GLY FA 3 47.76 -97.71 58.21
CA GLY FA 3 48.87 -96.79 58.34
C GLY FA 3 48.48 -95.32 58.46
N LEU FA 4 47.78 -94.81 57.45
CA LEU FA 4 47.50 -93.38 57.35
C LEU FA 4 46.04 -93.04 57.61
N GLU FA 5 45.27 -93.95 58.20
CA GLU FA 5 43.88 -93.63 58.54
C GLU FA 5 43.82 -92.53 59.59
N LYS FA 6 44.70 -92.60 60.60
CA LYS FA 6 44.71 -91.59 61.65
C LYS FA 6 45.05 -90.22 61.09
N ALA FA 7 46.06 -90.15 60.21
CA ALA FA 7 46.43 -88.89 59.60
C ALA FA 7 45.30 -88.34 58.74
N ARG FA 8 44.61 -89.22 58.01
CA ARG FA 8 43.48 -88.78 57.20
C ARG FA 8 42.35 -88.25 58.07
N SER FA 9 42.10 -88.89 59.22
CA SER FA 9 41.08 -88.39 60.13
C SER FA 9 41.46 -87.02 60.69
N VAL FA 10 42.74 -86.83 61.02
CA VAL FA 10 43.20 -85.54 61.51
C VAL FA 10 43.04 -84.48 60.43
N LEU FA 11 43.37 -84.82 59.18
CA LEU FA 11 43.19 -83.87 58.08
C LEU FA 11 41.72 -83.53 57.88
N GLU FA 12 40.83 -84.53 58.01
CA GLU FA 12 39.40 -84.25 57.88
C GLU FA 12 38.92 -83.31 58.99
N THR FA 13 39.39 -83.52 60.22
CA THR FA 13 39.02 -82.64 61.31
C THR FA 13 39.51 -81.22 61.06
N LEU FA 14 40.76 -81.09 60.58
CA LEU FA 14 41.30 -79.77 60.27
C LEU FA 14 40.49 -79.11 59.15
N GLN FA 15 40.10 -79.87 58.13
CA GLN FA 15 39.30 -79.32 57.05
C GLN FA 15 37.96 -78.82 57.57
N GLN FA 16 37.31 -79.61 58.44
CA GLN FA 16 36.03 -79.18 58.99
C GLN FA 16 36.18 -77.91 59.81
N GLU FA 17 37.23 -77.83 60.63
CA GLU FA 17 37.43 -76.65 61.45
C GLU FA 17 37.71 -75.41 60.59
N LEU FA 18 38.54 -75.55 59.56
CA LEU FA 18 38.80 -74.44 58.66
C LEU FA 18 37.54 -74.02 57.92
N THR FA 19 36.71 -75.00 57.52
CA THR FA 19 35.46 -74.68 56.85
C THR FA 19 34.54 -73.90 57.79
N THR FA 20 34.53 -74.26 59.07
CA THR FA 20 33.76 -73.51 60.05
C THR FA 20 34.28 -72.09 60.20
N ILE FA 21 35.61 -71.93 60.21
CA ILE FA 21 36.20 -70.61 60.40
C ILE FA 21 35.96 -69.70 59.19
N VAL FA 22 35.99 -70.26 57.98
CA VAL FA 22 36.05 -69.42 56.77
C VAL FA 22 34.92 -68.39 56.67
N PRO FA 23 33.64 -68.71 56.93
CA PRO FA 23 32.60 -67.69 56.72
C PRO FA 23 32.81 -66.41 57.50
N ILE FA 24 33.35 -66.49 58.71
CA ILE FA 24 33.63 -65.29 59.48
C ILE FA 24 34.68 -64.44 58.77
N ALA FA 25 35.73 -65.08 58.27
CA ALA FA 25 36.76 -64.34 57.54
C ALA FA 25 36.20 -63.71 56.29
N ALA FA 26 35.35 -64.44 55.56
CA ALA FA 26 34.74 -63.88 54.36
C ALA FA 26 33.85 -62.69 54.68
N ALA FA 27 33.09 -62.78 55.77
CA ALA FA 27 32.24 -61.66 56.17
C ALA FA 27 33.07 -60.44 56.55
N VAL FA 28 34.17 -60.66 57.28
CA VAL FA 28 35.04 -59.54 57.64
C VAL FA 28 35.66 -58.91 56.39
N ILE FA 29 36.09 -59.75 55.45
CA ILE FA 29 36.69 -59.24 54.22
C ILE FA 29 35.68 -58.41 53.45
N LEU FA 30 34.44 -58.89 53.33
CA LEU FA 30 33.43 -58.13 52.61
C LEU FA 30 33.09 -56.84 53.33
N LEU FA 31 33.05 -56.87 54.66
CA LEU FA 31 32.79 -55.66 55.42
C LEU FA 31 33.85 -54.61 55.17
N CYS FA 32 35.12 -55.01 55.14
CA CYS FA 32 36.19 -54.06 54.85
C CYS FA 32 36.12 -53.58 53.41
N LEU FA 33 35.84 -54.49 52.47
CA LEU FA 33 35.84 -54.14 51.06
C LEU FA 33 34.72 -53.16 50.72
N GLY FA 34 33.55 -53.33 51.34
CA GLY FA 34 32.46 -52.40 51.08
C GLY FA 34 32.81 -50.97 51.46
N ILE FA 35 33.42 -50.79 52.64
CA ILE FA 35 33.81 -49.46 53.07
C ILE FA 35 34.95 -48.92 52.21
N ALA FA 36 35.89 -49.79 51.83
CA ALA FA 36 36.99 -49.34 50.97
C ALA FA 36 36.46 -48.87 49.62
N TYR FA 37 35.48 -49.58 49.06
CA TYR FA 37 34.86 -49.16 47.82
C TYR FA 37 34.04 -47.89 48.00
N ALA FA 38 33.43 -47.71 49.17
CA ALA FA 38 32.69 -46.47 49.42
C ALA FA 38 33.62 -45.26 49.42
N GLY FA 39 34.83 -45.43 49.95
CA GLY FA 39 35.80 -44.36 50.04
C GLY FA 39 36.69 -44.18 48.84
N ARG FA 40 36.34 -44.76 47.70
CA ARG FA 40 37.08 -44.63 46.45
C ARG FA 40 38.47 -45.24 46.51
N PHE FA 41 38.67 -46.27 47.32
CA PHE FA 41 39.98 -46.91 47.42
C PHE FA 41 40.14 -48.11 46.51
N ILE FA 42 39.05 -48.75 46.10
CA ILE FA 42 39.07 -49.88 45.18
C ILE FA 42 37.97 -49.68 44.14
N GLU FA 43 37.86 -50.64 43.23
CA GLU FA 43 36.90 -50.59 42.14
C GLU FA 43 35.76 -51.57 42.35
N LYS FA 44 34.77 -51.50 41.47
CA LYS FA 44 33.57 -52.32 41.61
C LYS FA 44 33.81 -53.78 41.30
N ASP FA 45 34.86 -54.12 40.54
CA ASP FA 45 35.14 -55.51 40.22
C ASP FA 45 35.62 -56.29 41.42
N THR FA 46 35.98 -55.61 42.52
CA THR FA 46 36.39 -56.30 43.73
C THR FA 46 35.27 -57.17 44.28
N PHE FA 47 34.03 -56.69 44.18
CA PHE FA 47 32.89 -57.48 44.64
C PHE FA 47 32.72 -58.74 43.80
N VAL FA 48 32.91 -58.64 42.49
CA VAL FA 48 32.83 -59.82 41.64
C VAL FA 48 33.94 -60.80 41.98
N ARG FA 49 35.14 -60.29 42.20
CA ARG FA 49 36.25 -61.15 42.62
C ARG FA 49 35.93 -61.86 43.93
N TRP FA 50 35.38 -61.12 44.89
CA TRP FA 50 35.03 -61.71 46.18
C TRP FA 50 33.96 -62.77 46.02
N SER FA 51 32.96 -62.52 45.19
CA SER FA 51 31.90 -63.49 44.97
C SER FA 51 32.45 -64.76 44.35
N ILE FA 52 33.31 -64.62 43.35
CA ILE FA 52 33.91 -65.80 42.70
C ILE FA 52 34.73 -66.58 43.71
N GLY FA 53 35.54 -65.88 44.51
CA GLY FA 53 36.37 -66.57 45.49
C GLY FA 53 35.55 -67.30 46.52
N VAL FA 54 34.48 -66.66 47.02
CA VAL FA 54 33.65 -67.30 48.04
C VAL FA 54 32.90 -68.49 47.47
N ILE FA 55 32.38 -68.36 46.25
CA ILE FA 55 31.68 -69.47 45.62
C ILE FA 55 32.62 -70.65 45.40
N ILE FA 56 33.84 -70.39 44.93
CA ILE FA 56 34.80 -71.47 44.73
C ILE FA 56 35.17 -72.12 46.06
N ALA FA 57 35.41 -71.31 47.09
CA ALA FA 57 35.79 -71.86 48.39
C ALA FA 57 34.65 -72.66 49.02
N GLY FA 58 33.41 -72.27 48.73
CA GLY FA 58 32.28 -72.98 49.32
C GLY FA 58 32.16 -74.40 48.81
N SER FA 59 32.39 -74.61 47.52
CA SER FA 59 32.29 -75.92 46.88
C SER FA 59 33.67 -76.50 46.59
N ALA FA 60 34.61 -76.30 47.51
CA ALA FA 60 35.96 -76.82 47.32
C ALA FA 60 35.97 -78.34 47.25
N VAL FA 61 35.22 -78.99 48.14
CA VAL FA 61 35.20 -80.44 48.18
C VAL FA 61 34.62 -81.00 46.89
N GLN FA 62 33.53 -80.40 46.40
CA GLN FA 62 32.89 -80.89 45.20
C GLN FA 62 33.80 -80.75 43.98
N ILE FA 63 34.48 -79.62 43.86
CA ILE FA 63 35.40 -79.42 42.74
C ILE FA 63 36.57 -80.38 42.84
N THR FA 64 37.10 -80.59 44.06
CA THR FA 64 38.18 -81.54 44.24
C THR FA 64 37.76 -82.95 43.83
N ALA FA 65 36.55 -83.36 44.21
CA ALA FA 65 36.05 -84.66 43.78
C ALA FA 65 35.82 -84.75 42.29
N MET FA 66 35.38 -83.67 41.66
CA MET FA 66 35.19 -83.67 40.21
C MET FA 66 36.51 -83.78 39.46
N LEU FA 67 37.54 -83.09 39.92
CA LEU FA 67 38.82 -83.11 39.21
C LEU FA 67 39.68 -84.30 39.61
N PHE FA 68 39.85 -84.53 40.92
CA PHE FA 68 40.68 -85.64 41.39
C PHE FA 68 39.85 -86.92 41.44
N THR FA 69 39.76 -87.56 40.27
CA THR FA 69 39.00 -88.79 40.14
C THR FA 69 39.89 -90.02 40.26
N ALA GA 1 36.25 -76.71 73.04
CA ALA GA 1 37.12 -77.74 72.47
C ALA GA 1 37.14 -77.64 70.95
N GLN GA 2 37.15 -78.80 70.29
CA GLN GA 2 37.14 -78.89 68.83
C GLN GA 2 38.35 -78.20 68.20
N GLY GA 3 39.38 -77.95 69.01
CA GLY GA 3 40.62 -77.40 68.50
C GLY GA 3 40.58 -75.93 68.14
N LEU GA 4 39.69 -75.55 67.21
CA LEU GA 4 39.66 -74.20 66.69
C LEU GA 4 38.40 -73.44 67.04
N GLU GA 5 37.72 -73.81 68.15
CA GLU GA 5 36.59 -73.03 68.60
C GLU GA 5 37.04 -71.68 69.16
N LYS GA 6 38.17 -71.67 69.86
CA LYS GA 6 38.67 -70.43 70.44
C LYS GA 6 39.01 -69.41 69.36
N ALA GA 7 39.65 -69.86 68.28
CA ALA GA 7 39.96 -68.97 67.17
C ALA GA 7 38.70 -68.43 66.52
N ARG GA 8 37.69 -69.28 66.38
CA ARG GA 8 36.41 -68.82 65.83
C ARG GA 8 35.77 -67.76 66.72
N SER GA 9 35.83 -67.97 68.04
CA SER GA 9 35.27 -66.97 68.95
C SER GA 9 36.03 -65.65 68.85
N VAL GA 10 37.35 -65.71 68.75
CA VAL GA 10 38.15 -64.49 68.60
C VAL GA 10 37.79 -63.78 67.31
N LEU GA 11 37.61 -64.53 66.22
CA LEU GA 11 37.23 -63.93 64.95
C LEU GA 11 35.84 -63.30 65.02
N GLU GA 12 34.91 -63.96 65.74
CA GLU GA 12 33.59 -63.38 65.91
C GLU GA 12 33.66 -62.06 66.69
N THR GA 13 34.48 -62.02 67.74
CA THR GA 13 34.64 -60.79 68.50
C THR GA 13 35.23 -59.69 67.63
N LEU GA 14 36.24 -60.03 66.83
CA LEU GA 14 36.85 -59.05 65.93
C LEU GA 14 35.84 -58.54 64.91
N GLN GA 15 35.01 -59.45 64.38
CA GLN GA 15 33.98 -59.04 63.43
C GLN GA 15 32.98 -58.09 64.07
N GLN GA 16 32.56 -58.39 65.30
CA GLN GA 16 31.62 -57.50 65.98
C GLN GA 16 32.25 -56.13 66.22
N GLU GA 17 33.51 -56.10 66.64
CA GLU GA 17 34.16 -54.81 66.90
C GLU GA 17 34.32 -53.99 65.63
N LEU GA 18 34.71 -54.64 64.53
CA LEU GA 18 34.84 -53.93 63.26
C LEU GA 18 33.47 -53.44 62.78
N THR GA 19 32.43 -54.24 62.97
CA THR GA 19 31.09 -53.81 62.60
C THR GA 19 30.66 -52.60 63.41
N THR GA 20 31.03 -52.57 64.69
CA THR GA 20 30.74 -51.39 65.51
C THR GA 20 31.49 -50.17 65.02
N ILE GA 21 32.77 -50.35 64.63
CA ILE GA 21 33.58 -49.22 64.18
C ILE GA 21 33.08 -48.68 62.85
N VAL GA 22 32.62 -49.56 61.95
CA VAL GA 22 32.41 -49.16 60.55
C VAL GA 22 31.49 -47.95 60.38
N PRO GA 23 30.34 -47.83 61.06
CA PRO GA 23 29.45 -46.70 60.77
C PRO GA 23 30.11 -45.33 60.94
N ILE GA 24 31.00 -45.19 61.91
CA ILE GA 24 31.71 -43.93 62.08
C ILE GA 24 32.60 -43.65 60.87
N ALA GA 25 33.29 -44.67 60.38
CA ALA GA 25 34.14 -44.49 59.20
C ALA GA 25 33.30 -44.12 57.99
N ALA GA 26 32.14 -44.76 57.82
CA ALA GA 26 31.27 -44.44 56.70
C ALA GA 26 30.75 -43.01 56.79
N ALA GA 27 30.38 -42.57 58.01
CA ALA GA 27 29.91 -41.20 58.18
C ALA GA 27 31.01 -40.19 57.89
N VAL GA 28 32.24 -40.47 58.32
CA VAL GA 28 33.35 -39.56 58.03
C VAL GA 28 33.61 -39.51 56.53
N ILE GA 29 33.57 -40.67 55.87
CA ILE GA 29 33.78 -40.71 54.42
C ILE GA 29 32.72 -39.88 53.71
N LEU GA 30 31.45 -40.03 54.10
CA LEU GA 30 30.40 -39.26 53.46
C LEU GA 30 30.54 -37.77 53.74
N LEU GA 31 30.95 -37.42 54.96
CA LEU GA 31 31.16 -36.00 55.29
C LEU GA 31 32.24 -35.40 54.41
N CYS GA 32 33.34 -36.13 54.19
CA CYS GA 32 34.39 -35.63 53.30
C CYS GA 32 33.92 -35.57 51.86
N LEU GA 33 33.18 -36.59 51.41
CA LEU GA 33 32.74 -36.65 50.03
C LEU GA 33 31.77 -35.53 49.69
N GLY GA 34 30.88 -35.18 50.62
CA GLY GA 34 29.95 -34.10 50.36
C GLY GA 34 30.65 -32.78 50.10
N ILE GA 35 31.65 -32.46 50.93
CA ILE GA 35 32.39 -31.21 50.75
C ILE GA 35 33.25 -31.27 49.49
N ALA GA 36 33.85 -32.42 49.22
CA ALA GA 36 34.64 -32.56 48.00
C ALA GA 36 33.79 -32.36 46.76
N TYR GA 37 32.57 -32.90 46.76
CA TYR GA 37 31.66 -32.70 45.65
C TYR GA 37 31.17 -31.26 45.58
N ALA GA 38 31.02 -30.60 46.73
CA ALA GA 38 30.60 -29.20 46.71
C ALA GA 38 31.64 -28.33 46.03
N GLY GA 39 32.92 -28.63 46.24
CA GLY GA 39 34.01 -27.86 45.69
C GLY GA 39 34.47 -28.27 44.31
N ARG GA 40 33.67 -29.05 43.59
CA ARG GA 40 33.96 -29.50 42.23
C ARG GA 40 35.18 -30.41 42.15
N PHE GA 41 35.46 -31.17 43.20
CA PHE GA 41 36.61 -32.07 43.20
C PHE GA 41 36.27 -33.49 42.78
N ILE GA 42 35.02 -33.91 42.92
CA ILE GA 42 34.56 -35.23 42.49
C ILE GA 42 33.21 -35.06 41.79
N GLU GA 43 32.64 -36.18 41.35
CA GLU GA 43 31.41 -36.18 40.59
C GLU GA 43 30.26 -36.78 41.41
N LYS GA 44 29.06 -36.70 40.83
CA LYS GA 44 27.84 -37.10 41.53
C LYS GA 44 27.70 -38.61 41.66
N ASP GA 45 28.38 -39.38 40.81
CA ASP GA 45 28.31 -40.84 40.94
C ASP GA 45 29.04 -41.34 42.16
N THR GA 46 29.82 -40.48 42.81
CA THR GA 46 30.50 -40.87 44.05
C THR GA 46 29.49 -41.23 45.13
N PHE GA 47 28.38 -40.51 45.19
CA PHE GA 47 27.35 -40.82 46.17
C PHE GA 47 26.72 -42.18 45.90
N VAL GA 48 26.49 -42.50 44.63
CA VAL GA 48 25.95 -43.81 44.28
C VAL GA 48 26.93 -44.90 44.68
N ARG GA 49 28.22 -44.68 44.40
CA ARG GA 49 29.24 -45.64 44.78
C ARG GA 49 29.27 -45.85 46.29
N TRP GA 50 29.20 -44.75 47.04
CA TRP GA 50 29.21 -44.83 48.49
C TRP GA 50 27.98 -45.58 49.01
N SER GA 51 26.82 -45.31 48.43
CA SER GA 51 25.60 -46.00 48.85
C SER GA 51 25.71 -47.49 48.60
N ILE GA 52 26.20 -47.88 47.43
CA ILE GA 52 26.36 -49.30 47.11
C ILE GA 52 27.34 -49.95 48.08
N GLY GA 53 28.46 -49.28 48.34
CA GLY GA 53 29.46 -49.85 49.24
C GLY GA 53 28.93 -50.02 50.64
N VAL GA 54 28.23 -49.01 51.16
CA VAL GA 54 27.69 -49.08 52.51
C VAL GA 54 26.61 -50.14 52.61
N ILE GA 55 25.74 -50.24 51.60
CA ILE GA 55 24.71 -51.27 51.62
C ILE GA 55 25.32 -52.66 51.59
N ILE GA 56 26.35 -52.87 50.77
CA ILE GA 56 27.01 -54.17 50.73
C ILE GA 56 27.67 -54.48 52.06
N ALA GA 57 28.34 -53.49 52.67
CA ALA GA 57 29.02 -53.72 53.93
C ALA GA 57 28.03 -54.00 55.06
N GLY GA 58 26.85 -53.38 55.01
CA GLY GA 58 25.88 -53.58 56.06
C GLY GA 58 25.36 -55.01 56.13
N SER GA 59 25.14 -55.62 54.97
CA SER GA 59 24.63 -56.98 54.87
C SER GA 59 25.72 -57.96 54.48
N ALA GA 60 26.94 -57.75 55.00
CA ALA GA 60 28.05 -58.63 54.65
C ALA GA 60 27.80 -60.05 55.13
N VAL GA 61 27.29 -60.21 56.35
CA VAL GA 61 27.07 -61.54 56.91
C VAL GA 61 26.01 -62.28 56.11
N GLN GA 62 24.92 -61.58 55.74
CA GLN GA 62 23.85 -62.23 55.00
C GLN GA 62 24.32 -62.67 53.62
N ILE GA 63 25.08 -61.82 52.93
CA ILE GA 63 25.60 -62.18 51.62
C ILE GA 63 26.57 -63.35 51.73
N THR GA 64 27.43 -63.34 52.75
CA THR GA 64 28.35 -64.45 52.96
C THR GA 64 27.60 -65.75 53.20
N ALA GA 65 26.55 -65.71 54.02
CA ALA GA 65 25.74 -66.90 54.26
C ALA GA 65 25.00 -67.36 53.01
N MET GA 66 24.59 -66.43 52.15
CA MET GA 66 23.90 -66.80 50.92
C MET GA 66 24.85 -67.46 49.93
N LEU GA 67 26.07 -66.92 49.79
CA LEU GA 67 27.00 -67.47 48.81
C LEU GA 67 27.76 -68.68 49.34
N PHE GA 68 28.27 -68.59 50.57
CA PHE GA 68 29.04 -69.69 51.17
C PHE GA 68 28.08 -70.64 51.88
N THR GA 69 27.48 -71.52 51.08
CA THR GA 69 26.55 -72.51 51.61
C THR GA 69 27.26 -73.82 51.96
N ALA HA 1 36.74 -51.59 77.78
CA ALA HA 1 37.23 -52.88 77.30
C ALA HA 1 36.83 -53.12 75.86
N GLN HA 2 36.45 -54.36 75.55
CA GLN HA 2 36.00 -54.77 74.22
C GLN HA 2 37.08 -54.58 73.16
N GLY HA 3 38.31 -54.34 73.60
CA GLY HA 3 39.43 -54.25 72.69
C GLY HA 3 39.49 -52.99 71.85
N LEU HA 4 38.45 -52.75 71.04
CA LEU HA 4 38.46 -51.66 70.09
C LEU HA 4 37.54 -50.50 70.49
N GLU HA 5 37.22 -50.38 71.78
CA GLU HA 5 36.43 -49.23 72.23
C GLU HA 5 37.25 -47.95 72.15
N LYS HA 6 38.53 -48.02 72.48
CA LYS HA 6 39.38 -46.83 72.44
C LYS HA 6 39.50 -46.29 71.02
N ALA HA 7 39.68 -47.18 70.04
CA ALA HA 7 39.75 -46.75 68.65
C ALA HA 7 38.44 -46.11 68.20
N ARG HA 8 37.32 -46.69 68.62
CA ARG HA 8 36.02 -46.11 68.29
C ARG HA 8 35.86 -44.72 68.89
N SER HA 9 36.31 -44.53 70.14
CA SER HA 9 36.24 -43.21 70.76
C SER HA 9 37.11 -42.20 70.03
N VAL HA 10 38.31 -42.62 69.62
CA VAL HA 10 39.19 -41.73 68.88
C VAL HA 10 38.55 -41.35 67.54
N LEU HA 11 37.91 -42.33 66.87
CA LEU HA 11 37.23 -42.02 65.62
C LEU HA 11 36.06 -41.08 65.83
N GLU HA 12 35.34 -41.23 66.94
CA GLU HA 12 34.26 -40.30 67.24
C GLU HA 12 34.78 -38.89 67.45
N THR HA 13 35.90 -38.76 68.17
CA THR HA 13 36.50 -37.45 68.37
C THR HA 13 36.94 -36.84 67.03
N LEU HA 14 37.54 -37.66 66.17
CA LEU HA 14 37.95 -37.18 64.86
C LEU HA 14 36.76 -36.73 64.03
N GLN HA 15 35.67 -37.49 64.09
CA GLN HA 15 34.47 -37.11 63.35
C GLN HA 15 33.90 -35.80 63.87
N GLN HA 16 33.87 -35.62 65.19
CA GLN HA 16 33.38 -34.36 65.74
C GLN HA 16 34.25 -33.18 65.30
N GLU HA 17 35.57 -33.36 65.33
CA GLU HA 17 36.46 -32.27 64.94
C GLU HA 17 36.30 -31.93 63.46
N LEU HA 18 36.20 -32.95 62.60
CA LEU HA 18 36.00 -32.69 61.18
C LEU HA 18 34.66 -32.01 60.93
N THR HA 19 33.62 -32.41 61.67
CA THR HA 19 32.32 -31.76 61.54
C THR HA 19 32.41 -30.30 61.96
N THR HA 20 33.19 -30.01 62.99
CA THR HA 20 33.38 -28.62 63.40
C THR HA 20 34.11 -27.82 62.32
N ILE HA 21 35.12 -28.42 61.70
CA ILE HA 21 35.90 -27.72 60.68
C ILE HA 21 35.08 -27.49 59.41
N VAL HA 22 34.20 -28.43 59.06
CA VAL HA 22 33.60 -28.43 57.72
C VAL HA 22 32.89 -27.13 57.36
N PRO HA 23 32.07 -26.50 58.23
CA PRO HA 23 31.34 -25.31 57.79
C PRO HA 23 32.24 -24.19 57.29
N ILE HA 24 33.42 -24.01 57.89
CA ILE HA 24 34.35 -22.99 57.42
C ILE HA 24 34.81 -23.30 55.99
N ALA HA 25 35.14 -24.56 55.73
CA ALA HA 25 35.55 -24.95 54.38
C ALA HA 25 34.43 -24.74 53.38
N ALA HA 26 33.20 -25.10 53.75
CA ALA HA 26 32.06 -24.89 52.86
C ALA HA 26 31.84 -23.41 52.58
N ALA HA 27 31.98 -22.57 53.61
CA ALA HA 27 31.81 -21.13 53.42
C ALA HA 27 32.88 -20.56 52.50
N VAL HA 28 34.12 -21.01 52.67
CA VAL HA 28 35.20 -20.54 51.79
C VAL HA 28 34.95 -20.99 50.36
N ILE HA 29 34.50 -22.23 50.18
CA ILE HA 29 34.20 -22.72 48.83
C ILE HA 29 33.10 -21.87 48.20
N LEU HA 30 32.04 -21.59 48.95
CA LEU HA 30 30.95 -20.78 48.39
C LEU HA 30 31.42 -19.36 48.07
N LEU HA 31 32.26 -18.79 48.93
CA LEU HA 31 32.78 -17.46 48.67
C LEU HA 31 33.59 -17.42 47.38
N CYS HA 32 34.42 -18.44 47.16
CA CYS HA 32 35.17 -18.50 45.90
C CYS HA 32 34.25 -18.72 44.71
N LEU HA 33 33.25 -19.60 44.86
CA LEU HA 33 32.37 -19.93 43.75
C LEU HA 33 31.54 -18.73 43.32
N GLY HA 34 31.12 -17.90 44.28
CA GLY HA 34 30.34 -16.73 43.93
C GLY HA 34 31.11 -15.79 43.01
N ILE HA 35 32.36 -15.51 43.35
CA ILE HA 35 33.17 -14.63 42.51
C ILE HA 35 33.51 -15.31 41.19
N ALA HA 36 33.76 -16.62 41.22
CA ALA HA 36 34.05 -17.33 39.97
C ALA HA 36 32.88 -17.26 39.01
N TYR HA 37 31.65 -17.42 39.52
CA TYR HA 37 30.47 -17.30 38.69
C TYR HA 37 30.24 -15.86 38.25
N ALA HA 38 30.56 -14.89 39.10
CA ALA HA 38 30.41 -13.49 38.71
C ALA HA 38 31.34 -13.14 37.56
N GLY HA 39 32.53 -13.73 37.53
CA GLY HA 39 33.50 -13.46 36.49
C GLY HA 39 33.37 -14.32 35.25
N ARG HA 40 32.23 -15.01 35.09
CA ARG HA 40 31.95 -15.86 33.93
C ARG HA 40 32.92 -17.02 33.81
N PHE HA 41 33.43 -17.54 34.92
CA PHE HA 41 34.35 -18.67 34.89
C PHE HA 41 33.67 -20.02 35.07
N ILE HA 42 32.52 -20.06 35.74
CA ILE HA 42 31.75 -21.29 35.93
C ILE HA 42 30.29 -20.99 35.61
N GLU HA 43 29.45 -22.00 35.79
CA GLU HA 43 28.04 -21.92 35.42
C GLU HA 43 27.15 -21.93 36.65
N LYS HA 44 25.86 -21.72 36.42
CA LYS HA 44 24.90 -21.57 37.50
C LYS HA 44 24.58 -22.87 38.21
N ASP HA 45 24.81 -24.02 37.57
CA ASP HA 45 24.56 -25.30 38.24
C ASP HA 45 25.57 -25.58 39.32
N THR HA 46 26.65 -24.79 39.39
CA THR HA 46 27.63 -24.96 40.45
C THR HA 46 27.01 -24.74 41.82
N PHE HA 47 26.11 -23.75 41.93
CA PHE HA 47 25.46 -23.49 43.21
C PHE HA 47 24.55 -24.64 43.61
N VAL HA 48 23.85 -25.24 42.64
CA VAL HA 48 23.02 -26.41 42.93
C VAL HA 48 23.89 -27.56 43.41
N ARG HA 49 25.02 -27.78 42.73
CA ARG HA 49 25.94 -28.83 43.15
C ARG HA 49 26.45 -28.59 44.56
N TRP HA 50 26.81 -27.35 44.87
CA TRP HA 50 27.30 -27.01 46.19
C TRP HA 50 26.22 -27.24 47.25
N SER HA 51 24.99 -26.84 46.95
CA SER HA 51 23.89 -27.04 47.89
C SER HA 51 23.67 -28.52 48.16
N ILE HA 52 23.67 -29.34 47.11
CA ILE HA 52 23.48 -30.78 47.29
C ILE HA 52 24.61 -31.36 48.12
N GLY HA 53 25.85 -30.98 47.82
CA GLY HA 53 26.97 -31.50 48.57
C GLY HA 53 26.93 -31.12 50.04
N VAL HA 54 26.60 -29.86 50.32
CA VAL HA 54 26.56 -29.41 51.71
C VAL HA 54 25.41 -30.06 52.46
N ILE HA 55 24.25 -30.21 51.81
CA ILE HA 55 23.12 -30.87 52.46
C ILE HA 55 23.46 -32.32 52.78
N ILE HA 56 24.13 -33.02 51.84
CA ILE HA 56 24.51 -34.41 52.11
C ILE HA 56 25.53 -34.47 53.24
N ALA HA 57 26.50 -33.55 53.24
CA ALA HA 57 27.52 -33.55 54.29
C ALA HA 57 26.93 -33.25 55.66
N GLY HA 58 25.91 -32.39 55.71
CA GLY HA 58 25.31 -32.04 56.98
C GLY HA 58 24.62 -33.22 57.66
N SER HA 59 23.99 -34.08 56.87
CA SER HA 59 23.27 -35.24 57.38
C SER HA 59 23.99 -36.54 57.06
N ALA HA 60 25.33 -36.52 57.15
CA ALA HA 60 26.10 -37.73 56.87
C ALA HA 60 25.77 -38.84 57.87
N VAL HA 61 25.68 -38.49 59.16
CA VAL HA 61 25.43 -39.49 60.19
C VAL HA 61 24.06 -40.13 60.00
N GLN HA 62 23.05 -39.31 59.72
CA GLN HA 62 21.70 -39.82 59.56
C GLN HA 62 21.60 -40.74 58.34
N ILE HA 63 22.22 -40.35 57.24
CA ILE HA 63 22.19 -41.19 56.04
C ILE HA 63 22.93 -42.50 56.29
N THR HA 64 24.07 -42.44 56.97
CA THR HA 64 24.80 -43.66 57.29
C THR HA 64 23.98 -44.58 58.18
N ALA HA 65 23.32 -44.03 59.19
CA ALA HA 65 22.45 -44.84 60.04
C ALA HA 65 21.26 -45.41 59.30
N MET HA 66 20.75 -44.70 58.29
CA MET HA 66 19.64 -45.23 57.51
C MET HA 66 20.09 -46.36 56.59
N LEU HA 67 21.27 -46.25 55.98
CA LEU HA 67 21.73 -47.27 55.05
C LEU HA 67 22.41 -48.43 55.78
N PHE HA 68 23.32 -48.13 56.70
CA PHE HA 68 24.05 -49.17 57.44
C PHE HA 68 23.26 -49.53 58.69
N THR HA 69 22.24 -50.37 58.49
CA THR HA 69 21.39 -50.80 59.59
C THR HA 69 21.97 -52.03 60.28
N ALA IA 1 43.46 -26.94 72.69
CA ALA IA 1 43.21 -28.37 72.76
C ALA IA 1 42.29 -28.82 71.64
N GLN IA 2 41.58 -29.93 71.88
CA GLN IA 2 40.60 -30.48 70.93
C GLN IA 2 41.25 -30.92 69.62
N GLY IA 3 42.59 -30.87 69.55
CA GLY IA 3 43.30 -31.32 68.38
C GLY IA 3 43.21 -30.38 67.20
N LEU IA 4 42.01 -30.22 66.62
CA LEU IA 4 41.84 -29.46 65.40
C LEU IA 4 41.35 -28.04 65.64
N GLU IA 5 41.47 -27.55 66.88
CA GLU IA 5 41.12 -26.16 67.14
C GLU IA 5 42.07 -25.20 66.44
N LYS IA 6 43.36 -25.54 66.42
CA LYS IA 6 44.34 -24.70 65.75
C LYS IA 6 44.08 -24.62 64.25
N ALA IA 7 43.77 -25.76 63.63
CA ALA IA 7 43.44 -25.76 62.21
C ALA IA 7 42.17 -24.96 61.95
N ARG IA 8 41.19 -25.06 62.85
CA ARG IA 8 39.98 -24.27 62.70
C ARG IA 8 40.28 -22.78 62.77
N SER IA 9 41.16 -22.37 63.70
CA SER IA 9 41.53 -20.97 63.78
C SER IA 9 42.25 -20.51 62.51
N VAL IA 10 43.13 -21.35 61.98
CA VAL IA 10 43.84 -21.01 60.74
C VAL IA 10 42.84 -20.85 59.59
N LEU IA 11 41.86 -21.76 59.51
CA LEU IA 11 40.85 -21.66 58.46
C LEU IA 11 40.00 -20.41 58.63
N GLU IA 12 39.68 -20.04 59.87
CA GLU IA 12 38.94 -18.80 60.09
C GLU IA 12 39.73 -17.58 59.63
N THR IA 13 41.04 -17.57 59.93
CA THR IA 13 41.87 -16.46 59.47
C THR IA 13 41.92 -16.40 57.95
N LEU IA 14 42.06 -17.57 57.30
CA LEU IA 14 42.08 -17.60 55.85
C LEU IA 14 40.76 -17.11 55.28
N GLN IA 15 39.64 -17.50 55.87
CA GLN IA 15 38.34 -17.04 55.41
C GLN IA 15 38.20 -15.53 55.55
N GLN IA 16 38.65 -14.98 56.68
CA GLN IA 16 38.58 -13.53 56.87
C GLN IA 16 39.42 -12.80 55.84
N GLU IA 17 40.64 -13.30 55.58
CA GLU IA 17 41.50 -12.63 54.60
C GLU IA 17 40.92 -12.71 53.20
N LEU IA 18 40.36 -13.86 52.82
CA LEU IA 18 39.74 -13.97 51.50
C LEU IA 18 38.51 -13.07 51.40
N THR IA 19 37.74 -12.96 52.48
CA THR IA 19 36.60 -12.04 52.47
C THR IA 19 37.05 -10.60 52.31
N THR IA 20 38.17 -10.24 52.93
CA THR IA 20 38.70 -8.90 52.75
C THR IA 20 39.14 -8.67 51.31
N ILE IA 21 39.78 -9.67 50.70
CA ILE IA 21 40.27 -9.52 49.33
C ILE IA 21 39.12 -9.44 48.33
N VAL IA 22 38.04 -10.20 48.56
CA VAL IA 22 37.03 -10.40 47.51
C VAL IA 22 36.47 -9.11 46.92
N PRO IA 23 36.09 -8.08 47.69
CA PRO IA 23 35.45 -6.92 47.07
C PRO IA 23 36.29 -6.26 46.00
N ILE IA 24 37.62 -6.23 46.16
CA ILE IA 24 38.48 -5.67 45.14
C ILE IA 24 38.37 -6.48 43.85
N ALA IA 25 38.40 -7.81 43.97
CA ALA IA 25 38.28 -8.66 42.79
C ALA IA 25 36.93 -8.47 42.11
N ALA IA 26 35.85 -8.35 42.90
CA ALA IA 26 34.54 -8.14 42.32
C ALA IA 26 34.46 -6.80 41.59
N ALA IA 27 35.06 -5.76 42.19
CA ALA IA 27 35.06 -4.46 41.54
C ALA IA 27 35.85 -4.47 40.24
N VAL IA 28 36.99 -5.18 40.23
CA VAL IA 28 37.77 -5.28 39.00
C VAL IA 28 36.99 -6.04 37.93
N ILE IA 29 36.32 -7.11 38.33
CA ILE IA 29 35.52 -7.89 37.38
C ILE IA 29 34.42 -7.02 36.78
N LEU IA 30 33.73 -6.25 37.63
CA LEU IA 30 32.67 -5.39 37.12
C LEU IA 30 33.22 -4.30 36.21
N LEU IA 31 34.39 -3.75 36.55
CA LEU IA 31 35.01 -2.74 35.71
C LEU IA 31 35.33 -3.28 34.33
N CYS IA 32 35.86 -4.51 34.27
CA CYS IA 32 36.14 -5.11 32.97
C CYS IA 32 34.84 -5.44 32.23
N LEU IA 33 33.84 -5.95 32.93
CA LEU IA 33 32.59 -6.36 32.29
C LEU IA 33 31.85 -5.17 31.70
N GLY IA 34 31.84 -4.04 32.39
CA GLY IA 34 31.15 -2.87 31.87
C GLY IA 34 31.73 -2.41 30.54
N ILE IA 35 33.05 -2.35 30.43
CA ILE IA 35 33.68 -1.94 29.19
C ILE IA 35 33.49 -3.00 28.11
N ALA IA 36 33.56 -4.28 28.49
CA ALA IA 36 33.34 -5.34 27.50
C ALA IA 36 31.92 -5.26 26.93
N TYR IA 37 30.93 -4.98 27.78
CA TYR IA 37 29.57 -4.82 27.32
C TYR IA 37 29.40 -3.56 26.48
N ALA IA 38 30.12 -2.48 26.83
CA ALA IA 38 30.05 -1.27 26.02
C ALA IA 38 30.61 -1.50 24.62
N GLY IA 39 31.60 -2.39 24.50
CA GLY IA 39 32.19 -2.71 23.23
C GLY IA 39 31.52 -3.80 22.45
N ARG IA 40 30.29 -4.17 22.82
CA ARG IA 40 29.51 -5.20 22.15
C ARG IA 40 30.17 -6.57 22.20
N PHE IA 41 30.96 -6.85 23.24
CA PHE IA 41 31.62 -8.15 23.36
C PHE IA 41 30.82 -9.16 24.17
N ILE IA 42 29.99 -8.72 25.11
CA ILE IA 42 29.15 -9.60 25.90
C ILE IA 42 27.73 -9.03 25.90
N GLU IA 43 26.84 -9.70 26.63
CA GLU IA 43 25.42 -9.34 26.64
C GLU IA 43 25.04 -8.73 27.97
N LYS IA 44 23.77 -8.28 28.05
CA LYS IA 44 23.29 -7.57 29.21
C LYS IA 44 23.05 -8.48 30.42
N ASP IA 45 22.81 -9.77 30.19
CA ASP IA 45 22.57 -10.68 31.31
C ASP IA 45 23.82 -10.95 32.12
N THR IA 46 24.99 -10.53 31.62
CA THR IA 46 26.22 -10.69 32.37
C THR IA 46 26.18 -9.89 33.67
N PHE IA 47 25.55 -8.71 33.64
CA PHE IA 47 25.42 -7.92 34.86
C PHE IA 47 24.54 -8.63 35.88
N VAL IA 48 23.47 -9.27 35.42
CA VAL IA 48 22.61 -10.04 36.33
C VAL IA 48 23.39 -11.21 36.93
N ARG IA 49 24.16 -11.90 36.08
CA ARG IA 49 24.99 -13.00 36.57
C ARG IA 49 25.98 -12.51 37.63
N TRP IA 50 26.63 -11.38 37.36
CA TRP IA 50 27.59 -10.83 38.31
C TRP IA 50 26.92 -10.45 39.62
N SER IA 51 25.74 -9.83 39.54
CA SER IA 51 25.02 -9.43 40.74
C SER IA 51 24.63 -10.65 41.57
N ILE IA 52 24.16 -11.70 40.91
CA ILE IA 52 23.79 -12.92 41.63
C ILE IA 52 25.01 -13.53 42.31
N GLY IA 53 26.13 -13.59 41.58
CA GLY IA 53 27.34 -14.15 42.15
C GLY IA 53 27.84 -13.37 43.34
N VAL IA 54 27.84 -12.04 43.24
CA VAL IA 54 28.33 -11.20 44.32
C VAL IA 54 27.41 -11.28 45.53
N ILE IA 55 26.09 -11.29 45.31
CA ILE IA 55 25.16 -11.40 46.41
C ILE IA 55 25.30 -12.73 47.12
N ILE IA 56 25.49 -13.81 46.36
CA ILE IA 56 25.70 -15.12 46.98
C ILE IA 56 27.01 -15.13 47.77
N ALA IA 57 28.06 -14.53 47.21
CA ALA IA 57 29.35 -14.50 47.91
C ALA IA 57 29.28 -13.69 49.19
N GLY IA 58 28.50 -12.61 49.19
CA GLY IA 58 28.42 -11.76 50.38
C GLY IA 58 27.82 -12.48 51.57
N SER IA 59 26.81 -13.31 51.35
CA SER IA 59 26.14 -14.05 52.41
C SER IA 59 26.53 -15.53 52.37
N ALA IA 60 27.79 -15.81 52.10
CA ALA IA 60 28.24 -17.20 52.05
C ALA IA 60 28.14 -17.87 53.41
N VAL IA 61 28.54 -17.16 54.47
CA VAL IA 61 28.51 -17.73 55.81
C VAL IA 61 27.08 -18.01 56.24
N GLN IA 62 26.17 -17.07 55.97
CA GLN IA 62 24.78 -17.25 56.36
C GLN IA 62 24.14 -18.42 55.63
N ILE IA 63 24.40 -18.53 54.32
CA ILE IA 63 23.85 -19.65 53.56
C ILE IA 63 24.41 -20.98 54.05
N THR IA 64 25.71 -21.02 54.32
CA THR IA 64 26.31 -22.25 54.84
C THR IA 64 25.72 -22.64 56.19
N ALA IA 65 25.50 -21.66 57.08
CA ALA IA 65 24.87 -21.94 58.35
C ALA IA 65 23.42 -22.39 58.20
N MET IA 66 22.71 -21.87 57.19
CA MET IA 66 21.34 -22.30 56.96
C MET IA 66 21.28 -23.73 56.43
N LEU IA 67 22.21 -24.09 55.54
CA LEU IA 67 22.17 -25.43 54.94
C LEU IA 67 22.85 -26.47 55.83
N PHE IA 68 24.08 -26.18 56.29
CA PHE IA 68 24.82 -27.13 57.12
C PHE IA 68 24.44 -26.91 58.58
N THR IA 69 23.27 -27.44 58.94
CA THR IA 69 22.76 -27.31 60.30
C THR IA 69 23.38 -28.35 61.22
N ALA JA 1 51.53 -7.34 57.77
CA ALA JA 1 51.11 -8.58 58.41
C ALA JA 1 49.80 -9.08 57.81
N GLN JA 2 49.06 -9.85 58.62
CA GLN JA 2 47.74 -10.37 58.24
C GLN JA 2 47.80 -11.31 57.04
N GLY JA 3 49.01 -11.61 56.57
CA GLY JA 3 49.18 -12.53 55.47
C GLY JA 3 48.81 -11.97 54.11
N LEU JA 4 47.53 -11.68 53.90
CA LEU JA 4 47.04 -11.25 52.59
C LEU JA 4 46.88 -9.74 52.50
N GLU JA 5 47.50 -8.99 53.40
CA GLU JA 5 47.50 -7.53 53.25
C GLU JA 5 48.31 -7.10 52.05
N LYS JA 6 49.45 -7.77 51.81
CA LYS JA 6 50.29 -7.43 50.67
C LYS JA 6 49.57 -7.71 49.35
N ALA JA 7 48.92 -8.87 49.26
CA ALA JA 7 48.16 -9.19 48.06
C ALA JA 7 47.00 -8.23 47.87
N ARG JA 8 46.37 -7.80 48.96
CA ARG JA 8 45.30 -6.81 48.86
C ARG JA 8 45.83 -5.48 48.33
N SER JA 9 47.01 -5.05 48.79
CA SER JA 9 47.60 -3.82 48.28
C SER JA 9 47.93 -3.95 46.80
N VAL JA 10 48.45 -5.11 46.39
CA VAL JA 10 48.76 -5.32 44.97
C VAL JA 10 47.48 -5.26 44.14
N LEU JA 11 46.40 -5.88 44.63
CA LEU JA 11 45.12 -5.83 43.92
C LEU JA 11 44.58 -4.41 43.84
N GLU JA 12 44.73 -3.62 44.90
CA GLU JA 12 44.29 -2.24 44.86
C GLU JA 12 45.08 -1.44 43.82
N THR JA 13 46.39 -1.65 43.76
CA THR JA 13 47.20 -0.98 42.75
C THR JA 13 46.77 -1.38 41.34
N LEU JA 14 46.53 -2.67 41.14
CA LEU JA 14 46.05 -3.14 39.83
C LEU JA 14 44.73 -2.50 39.48
N GLN JA 15 43.81 -2.42 40.44
CA GLN JA 15 42.51 -1.81 40.19
C GLN JA 15 42.65 -0.33 39.82
N GLN JA 16 43.50 0.39 40.53
CA GLN JA 16 43.72 1.80 40.20
C GLN JA 16 44.29 1.97 38.80
N GLU JA 17 45.26 1.13 38.43
CA GLU JA 17 45.85 1.24 37.11
C GLU JA 17 44.85 0.91 36.02
N LEU JA 18 44.02 -0.13 36.23
CA LEU JA 18 42.99 -0.46 35.25
C LEU JA 18 41.97 0.67 35.14
N THR JA 19 41.61 1.29 36.27
CA THR JA 19 40.69 2.43 36.24
C THR JA 19 41.29 3.58 35.45
N THR JA 20 42.60 3.80 35.58
CA THR JA 20 43.25 4.84 34.80
C THR JA 20 43.22 4.51 33.31
N ILE JA 21 43.46 3.25 32.96
CA ILE JA 21 43.49 2.86 31.55
C ILE JA 21 42.10 2.94 30.91
N VAL JA 22 41.05 2.59 31.67
CA VAL JA 22 39.73 2.35 31.07
C VAL JA 22 39.20 3.52 30.25
N PRO JA 23 39.26 4.78 30.70
CA PRO JA 23 38.62 5.85 29.90
C PRO JA 23 39.16 5.94 28.48
N ILE JA 24 40.44 5.68 28.26
CA ILE JA 24 40.99 5.69 26.92
C ILE JA 24 40.34 4.59 26.07
N ALA JA 25 40.20 3.40 26.64
CA ALA JA 25 39.56 2.31 25.91
C ALA JA 25 38.11 2.64 25.59
N ALA JA 26 37.39 3.24 26.54
CA ALA JA 26 36.01 3.62 26.29
C ALA JA 26 35.91 4.68 25.20
N ALA JA 27 36.84 5.64 25.21
CA ALA JA 27 36.83 6.68 24.18
C ALA JA 27 37.11 6.09 22.80
N VAL JA 28 38.06 5.15 22.72
CA VAL JA 28 38.35 4.50 21.44
C VAL JA 28 37.14 3.69 20.97
N ILE JA 29 36.49 2.99 21.90
CA ILE JA 29 35.30 2.22 21.54
C ILE JA 29 34.21 3.13 21.00
N LEU JA 30 33.98 4.27 21.64
CA LEU JA 30 32.95 5.19 21.16
C LEU JA 30 33.35 5.79 19.81
N LEU JA 31 34.63 6.09 19.63
CA LEU JA 31 35.09 6.62 18.35
C LEU JA 31 34.83 5.64 17.22
N CYS JA 32 35.09 4.36 17.46
CA CYS JA 32 34.82 3.36 16.44
C CYS JA 32 33.32 3.16 16.23
N LEU JA 33 32.54 3.16 17.32
CA LEU JA 33 31.10 2.93 17.21
C LEU JA 33 30.41 4.06 16.46
N GLY JA 34 30.83 5.30 16.66
CA GLY JA 34 30.22 6.40 15.95
C GLY JA 34 30.37 6.28 14.45
N ILE JA 35 31.57 5.94 13.99
CA ILE JA 35 31.80 5.78 12.56
C ILE JA 35 31.08 4.54 12.04
N ALA JA 36 31.06 3.46 12.82
CA ALA JA 36 30.34 2.26 12.40
C ALA JA 36 28.85 2.56 12.22
N TYR JA 37 28.27 3.33 13.13
CA TYR JA 37 26.86 3.72 12.99
C TYR JA 37 26.66 4.70 11.86
N ALA JA 38 27.65 5.55 11.58
CA ALA JA 38 27.53 6.48 10.46
C ALA JA 38 27.45 5.74 9.14
N GLY JA 39 28.21 4.66 8.99
CA GLY JA 39 28.24 3.88 7.77
C GLY JA 39 27.18 2.81 7.67
N ARG JA 40 26.15 2.86 8.51
CA ARG JA 40 25.04 1.92 8.51
C ARG JA 40 25.48 0.49 8.83
N PHE JA 41 26.48 0.32 9.69
CA PHE JA 41 26.95 -1.01 10.07
C PHE JA 41 26.34 -1.52 11.36
N ILE JA 42 25.93 -0.64 12.26
CA ILE JA 42 25.27 -1.02 13.51
C ILE JA 42 24.03 -0.17 13.68
N GLU JA 43 23.34 -0.36 14.80
CA GLU JA 43 22.07 0.31 15.06
C GLU JA 43 22.23 1.37 16.14
N LYS JA 44 21.16 2.14 16.33
CA LYS JA 44 21.19 3.28 17.23
C LYS JA 44 21.22 2.89 18.69
N ASP JA 45 20.75 1.69 19.04
CA ASP JA 45 20.76 1.26 20.44
C ASP JA 45 22.17 0.97 20.94
N THR JA 46 23.15 0.93 20.03
CA THR JA 46 24.54 0.70 20.43
C THR JA 46 25.03 1.81 21.35
N PHE JA 47 24.64 3.05 21.08
CA PHE JA 47 25.03 4.15 21.94
C PHE JA 47 24.44 4.00 23.34
N VAL JA 48 23.19 3.55 23.42
CA VAL JA 48 22.57 3.29 24.72
C VAL JA 48 23.33 2.20 25.46
N ARG JA 49 23.67 1.13 24.75
CA ARG JA 49 24.45 0.05 25.36
C ARG JA 49 25.79 0.54 25.87
N TRP JA 50 26.47 1.37 25.06
CA TRP JA 50 27.76 1.91 25.45
C TRP JA 50 27.63 2.79 26.69
N SER JA 51 26.60 3.63 26.73
CA SER JA 51 26.39 4.50 27.88
C SER JA 51 26.13 3.69 29.13
N ILE JA 52 25.29 2.66 29.03
CA ILE JA 52 25.01 1.82 30.19
C ILE JA 52 26.29 1.14 30.68
N GLY JA 53 27.07 0.58 29.75
CA GLY JA 53 28.29 -0.10 30.14
C GLY JA 53 29.28 0.83 30.81
N VAL JA 54 29.46 2.03 30.24
CA VAL JA 54 30.42 2.98 30.80
C VAL JA 54 29.97 3.47 32.17
N ILE JA 55 28.67 3.75 32.32
CA ILE JA 55 28.17 4.21 33.61
C ILE JA 55 28.32 3.13 34.66
N ILE JA 56 28.06 1.87 34.30
CA ILE JA 56 28.26 0.77 35.25
C ILE JA 56 29.73 0.64 35.62
N ALA JA 57 30.62 0.74 34.64
CA ALA JA 57 32.06 0.59 34.91
C ALA JA 57 32.57 1.72 35.79
N GLY JA 58 32.08 2.94 35.58
CA GLY JA 58 32.56 4.07 36.35
C GLY JA 58 32.26 3.95 37.83
N SER JA 59 31.08 3.46 38.18
CA SER JA 59 30.66 3.29 39.56
C SER JA 59 30.74 1.82 39.97
N ALA JA 60 31.78 1.12 39.51
CA ALA JA 60 31.93 -0.29 39.83
C ALA JA 60 32.18 -0.49 41.33
N VAL JA 61 33.02 0.36 41.92
CA VAL JA 61 33.35 0.21 43.33
C VAL JA 61 32.12 0.44 44.20
N GLN JA 62 31.34 1.47 43.88
CA GLN JA 62 30.15 1.77 44.67
C GLN JA 62 29.12 0.65 44.58
N ILE JA 63 28.91 0.11 43.38
CA ILE JA 63 27.95 -0.98 43.22
C ILE JA 63 28.43 -2.22 43.96
N THR JA 64 29.73 -2.52 43.88
CA THR JA 64 30.27 -3.66 44.61
C THR JA 64 30.11 -3.49 46.12
N ALA JA 65 30.34 -2.28 46.62
CA ALA JA 65 30.13 -2.02 48.03
C ALA JA 65 28.67 -2.11 48.44
N MET JA 66 27.75 -1.74 47.55
CA MET JA 66 26.33 -1.86 47.85
C MET JA 66 25.88 -3.32 47.88
N LEU JA 67 26.39 -4.14 46.96
CA LEU JA 67 25.94 -5.53 46.89
C LEU JA 67 26.70 -6.43 47.85
N PHE JA 68 28.02 -6.27 47.93
CA PHE JA 68 28.83 -7.10 48.82
C PHE JA 68 28.98 -6.42 50.17
N THR JA 69 27.97 -6.62 51.01
CA THR JA 69 27.95 -6.03 52.34
C THR JA 69 28.40 -7.03 53.39
N ALA KA 1 57.05 4.36 35.34
CA ALA KA 1 56.73 3.39 36.38
C ALA KA 1 55.23 3.14 36.44
N GLN KA 2 54.72 2.88 37.64
CA GLN KA 2 53.30 2.67 37.90
C GLN KA 2 52.76 1.46 37.15
N GLY KA 3 53.64 0.67 36.56
CA GLY KA 3 53.23 -0.56 35.90
C GLY KA 3 52.52 -0.37 34.58
N LEU KA 4 51.39 0.34 34.60
CA LEU KA 4 50.57 0.49 33.40
C LEU KA 4 50.63 1.89 32.81
N GLU KA 5 51.70 2.65 33.09
CA GLU KA 5 51.87 3.94 32.44
C GLU KA 5 52.26 3.76 30.98
N LYS KA 6 53.13 2.79 30.69
CA LYS KA 6 53.54 2.54 29.31
C LYS KA 6 52.38 2.08 28.46
N ALA KA 7 51.55 1.18 28.98
CA ALA KA 7 50.38 0.73 28.25
C ALA KA 7 49.40 1.87 28.01
N ARG KA 8 49.23 2.74 29.02
CA ARG KA 8 48.37 3.89 28.84
C ARG KA 8 48.90 4.83 27.76
N SER KA 9 50.21 5.04 27.72
CA SER KA 9 50.79 5.88 26.67
C SER KA 9 50.58 5.27 25.30
N VAL KA 10 50.74 3.95 25.18
CA VAL KA 10 50.51 3.28 23.91
C VAL KA 10 49.06 3.42 23.49
N LEU KA 11 48.13 3.28 24.44
CA LEU KA 11 46.71 3.45 24.12
C LEU KA 11 46.41 4.88 23.69
N GLU KA 12 47.04 5.86 24.33
CA GLU KA 12 46.83 7.25 23.92
C GLU KA 12 47.35 7.48 22.50
N THR KA 13 48.51 6.92 22.17
CA THR KA 13 49.03 7.05 20.81
C THR KA 13 48.09 6.40 19.81
N LEU KA 14 47.57 5.22 20.13
CA LEU KA 14 46.63 4.55 19.23
C LEU KA 14 45.37 5.37 19.05
N GLN KA 15 44.86 5.97 20.14
CA GLN KA 15 43.67 6.79 20.05
C GLN KA 15 43.91 8.00 19.17
N GLN KA 16 45.07 8.65 19.31
CA GLN KA 16 45.38 9.80 18.46
C GLN KA 16 45.46 9.39 17.00
N GLU KA 17 46.09 8.26 16.71
CA GLU KA 17 46.21 7.81 15.32
C GLU KA 17 44.84 7.48 14.73
N LEU KA 18 43.99 6.80 15.49
CA LEU KA 18 42.65 6.50 15.01
C LEU KA 18 41.85 7.77 14.78
N THR KA 19 41.99 8.75 15.68
CA THR KA 19 41.31 10.03 15.49
C THR KA 19 41.79 10.72 14.23
N THR KA 20 43.08 10.61 13.93
CA THR KA 20 43.60 11.18 12.68
C THR KA 20 43.01 10.46 11.47
N ILE KA 21 42.91 9.14 11.53
CA ILE KA 21 42.41 8.38 10.39
C ILE KA 21 40.93 8.62 10.15
N VAL KA 22 40.14 8.79 11.22
CA VAL KA 22 38.68 8.75 11.09
C VAL KA 22 38.11 9.73 10.07
N PRO KA 23 38.55 11.00 9.99
CA PRO KA 23 37.91 11.91 9.03
C PRO KA 23 37.93 11.42 7.59
N ILE KA 24 39.01 10.74 7.17
CA ILE KA 24 39.05 10.20 5.82
C ILE KA 24 37.97 9.15 5.63
N ALA KA 25 37.82 8.25 6.60
CA ALA KA 25 36.78 7.23 6.52
C ALA KA 25 35.39 7.84 6.48
N ALA KA 26 35.16 8.87 7.30
CA ALA KA 26 33.86 9.53 7.31
C ALA KA 26 33.58 10.21 5.97
N ALA KA 27 34.60 10.85 5.39
CA ALA KA 27 34.42 11.49 4.09
C ALA KA 27 34.12 10.48 3.01
N VAL KA 28 34.81 9.34 3.02
CA VAL KA 28 34.54 8.29 2.03
C VAL KA 28 33.12 7.74 2.21
N ILE KA 29 32.71 7.53 3.46
CA ILE KA 29 31.37 7.04 3.72
C ILE KA 29 30.32 8.02 3.19
N LEU KA 30 30.52 9.31 3.45
CA LEU KA 30 29.55 10.29 2.96
C LEU KA 30 29.55 10.36 1.44
N LEU KA 31 30.72 10.24 0.82
CA LEU KA 31 30.78 10.25 -0.64
C LEU KA 31 30.01 9.09 -1.23
N CYS KA 32 30.15 7.90 -0.65
CA CYS KA 32 29.39 6.74 -1.13
C CYS KA 32 27.90 6.90 -0.86
N LEU KA 33 27.54 7.42 0.32
CA LEU KA 33 26.13 7.55 0.69
C LEU KA 33 25.41 8.56 -0.21
N GLY KA 34 26.10 9.65 -0.58
CA GLY KA 34 25.46 10.62 -1.46
C GLY KA 34 25.07 10.02 -2.80
N ILE KA 35 25.98 9.26 -3.41
CA ILE KA 35 25.68 8.63 -4.69
C ILE KA 35 24.63 7.54 -4.52
N ALA KA 36 24.69 6.80 -3.41
CA ALA KA 36 23.67 5.78 -3.18
C ALA KA 36 22.29 6.39 -3.05
N TYR KA 37 22.19 7.52 -2.36
CA TYR KA 37 20.91 8.21 -2.23
C TYR KA 37 20.46 8.82 -3.55
N ALA KA 38 21.41 9.31 -4.36
CA ALA KA 38 21.04 9.88 -5.64
C ALA KA 38 20.42 8.83 -6.56
N GLY KA 39 20.94 7.60 -6.51
CA GLY KA 39 20.46 6.53 -7.34
C GLY KA 39 19.31 5.72 -6.78
N ARG KA 40 18.62 6.24 -5.76
CA ARG KA 40 17.46 5.60 -5.16
C ARG KA 40 17.79 4.27 -4.49
N PHE KA 41 18.97 4.14 -3.89
CA PHE KA 41 19.34 2.90 -3.21
C PHE KA 41 19.15 2.96 -1.70
N ILE KA 42 19.09 4.15 -1.12
CA ILE KA 42 18.86 4.33 0.31
C ILE KA 42 17.87 5.47 0.49
N GLU KA 43 17.57 5.81 1.74
CA GLU KA 43 16.59 6.83 2.07
C GLU KA 43 17.27 8.08 2.62
N LYS KA 44 16.47 9.12 2.84
CA LYS KA 44 16.99 10.42 3.25
C LYS KA 44 17.43 10.45 4.70
N ASP KA 45 16.92 9.56 5.55
CA ASP KA 45 17.34 9.55 6.95
C ASP KA 45 18.77 9.08 7.12
N THR KA 46 19.38 8.54 6.06
CA THR KA 46 20.77 8.10 6.13
C THR KA 46 21.70 9.27 6.43
N PHE KA 47 21.41 10.44 5.87
CA PHE KA 47 22.23 11.62 6.15
C PHE KA 47 22.12 12.03 7.61
N VAL KA 48 20.91 11.96 8.17
CA VAL KA 48 20.73 12.26 9.59
C VAL KA 48 21.52 11.28 10.45
N ARG KA 49 21.44 9.99 10.10
CA ARG KA 49 22.20 8.98 10.83
C ARG KA 49 23.69 9.24 10.74
N TRP KA 50 24.17 9.59 9.55
CA TRP KA 50 25.59 9.87 9.36
C TRP KA 50 26.03 11.06 10.19
N SER KA 51 25.22 12.13 10.19
CA SER KA 51 25.57 13.32 10.96
C SER KA 51 25.61 13.00 12.45
N ILE KA 52 24.64 12.24 12.95
CA ILE KA 52 24.62 11.87 14.35
C ILE KA 52 25.85 11.05 14.70
N GLY KA 53 26.17 10.07 13.87
CA GLY KA 53 27.33 9.22 14.15
C GLY KA 53 28.63 10.00 14.15
N VAL KA 54 28.80 10.89 13.17
CA VAL KA 54 30.05 11.66 13.08
C VAL KA 54 30.16 12.64 14.24
N ILE KA 55 29.05 13.29 14.61
CA ILE KA 55 29.09 14.21 15.74
C ILE KA 55 29.43 13.48 17.02
N ILE KA 56 28.85 12.29 17.22
CA ILE KA 56 29.19 11.50 18.42
C ILE KA 56 30.65 11.08 18.40
N ALA KA 57 31.15 10.65 17.24
CA ALA KA 57 32.54 10.20 17.16
C ALA KA 57 33.51 11.35 17.39
N GLY KA 58 33.17 12.56 16.92
CA GLY KA 58 34.06 13.68 17.09
C GLY KA 58 34.28 14.06 18.54
N SER KA 59 33.23 13.99 19.35
CA SER KA 59 33.29 14.32 20.76
C SER KA 59 33.26 13.07 21.63
N ALA KA 60 33.94 12.01 21.19
CA ALA KA 60 33.98 10.78 21.97
C ALA KA 60 34.68 10.99 23.31
N VAL KA 61 35.80 11.73 23.30
CA VAL KA 61 36.55 11.94 24.53
C VAL KA 61 35.73 12.73 25.54
N GLN KA 62 35.04 13.77 25.08
CA GLN KA 62 34.25 14.60 25.98
C GLN KA 62 33.09 13.81 26.59
N ILE KA 63 32.40 13.01 25.77
CA ILE KA 63 31.30 12.20 26.30
C ILE KA 63 31.82 11.17 27.28
N THR KA 64 32.96 10.55 26.97
CA THR KA 64 33.54 9.57 27.89
C THR KA 64 33.92 10.22 29.22
N ALA KA 65 34.51 11.41 29.17
CA ALA KA 65 34.84 12.14 30.40
C ALA KA 65 33.60 12.57 31.17
N MET KA 66 32.49 12.83 30.48
CA MET KA 66 31.26 13.20 31.16
C MET KA 66 30.60 11.99 31.83
N LEU KA 67 30.64 10.82 31.20
CA LEU KA 67 29.99 9.66 31.76
C LEU KA 67 30.88 8.91 32.74
N PHE KA 68 32.15 8.68 32.37
CA PHE KA 68 33.07 7.95 33.24
C PHE KA 68 33.78 8.94 34.16
N THR KA 69 33.13 9.19 35.30
CA THR KA 69 33.66 10.12 36.28
C THR KA 69 34.19 9.39 37.52
N ALA LA 1 56.49 6.96 9.62
CA ALA LA 1 56.41 6.64 11.04
C ALA LA 1 55.02 6.92 11.60
N GLN LA 2 54.96 7.21 12.89
CA GLN LA 2 53.71 7.54 13.59
C GLN LA 2 52.71 6.38 13.54
N GLY LA 3 53.17 5.21 13.11
CA GLY LA 3 52.33 4.03 13.10
C GLY LA 3 51.32 3.99 11.96
N LEU LA 4 50.33 4.88 12.00
CA LEU LA 4 49.23 4.85 11.05
C LEU LA 4 49.31 5.96 10.01
N GLU LA 5 50.52 6.46 9.71
CA GLU LA 5 50.65 7.43 8.62
C GLU LA 5 50.51 6.75 7.27
N LYS LA 6 51.07 5.55 7.13
CA LYS LA 6 50.97 4.82 5.87
C LYS LA 6 49.53 4.45 5.57
N ALA LA 7 48.79 3.99 6.57
CA ALA LA 7 47.38 3.67 6.38
C ALA LA 7 46.58 4.92 6.02
N ARG LA 8 46.92 6.05 6.64
CA ARG LA 8 46.25 7.30 6.28
C ARG LA 8 46.53 7.69 4.85
N SER LA 9 47.77 7.53 4.39
CA SER LA 9 48.09 7.83 2.99
C SER LA 9 47.33 6.92 2.03
N VAL LA 10 47.23 5.63 2.37
CA VAL LA 10 46.48 4.71 1.53
C VAL LA 10 45.01 5.10 1.48
N LEU LA 11 44.45 5.50 2.63
CA LEU LA 11 43.06 5.93 2.66
C LEU LA 11 42.86 7.20 1.84
N GLU LA 12 43.80 8.13 1.90
CA GLU LA 12 43.70 9.34 1.08
C GLU LA 12 43.73 9.00 -0.41
N THR LA 13 44.60 8.08 -0.81
CA THR LA 13 44.63 7.66 -2.21
C THR LA 13 43.32 7.02 -2.62
N LEU LA 14 42.77 6.16 -1.77
CA LEU LA 14 41.49 5.53 -2.08
C LEU LA 14 40.38 6.57 -2.20
N GLN LA 15 40.38 7.56 -1.31
CA GLN LA 15 39.36 8.62 -1.37
C GLN LA 15 39.48 9.42 -2.66
N GLN LA 16 40.71 9.75 -3.06
CA GLN LA 16 40.90 10.49 -4.30
C GLN LA 16 40.42 9.67 -5.51
N GLU LA 17 40.74 8.38 -5.53
CA GLU LA 17 40.30 7.56 -6.66
C GLU LA 17 38.79 7.42 -6.71
N LEU LA 18 38.15 7.24 -5.54
CA LEU LA 18 36.69 7.17 -5.53
C LEU LA 18 36.06 8.49 -5.95
N THR LA 19 36.66 9.60 -5.54
CA THR LA 19 36.17 10.91 -5.97
C THR LA 19 36.29 11.06 -7.48
N THR LA 20 37.38 10.55 -8.07
CA THR LA 20 37.53 10.59 -9.52
C THR LA 20 36.47 9.74 -10.21
N ILE LA 21 36.19 8.56 -9.65
CA ILE LA 21 35.22 7.66 -10.29
C ILE LA 21 33.79 8.18 -10.17
N VAL LA 22 33.48 8.87 -9.07
CA VAL LA 22 32.07 9.20 -8.78
C VAL LA 22 31.35 9.94 -9.89
N PRO LA 23 31.92 10.99 -10.52
CA PRO LA 23 31.14 11.74 -11.51
C PRO LA 23 30.60 10.89 -12.64
N ILE LA 24 31.36 9.88 -13.08
CA ILE LA 24 30.87 8.99 -14.13
C ILE LA 24 29.64 8.23 -13.65
N ALA LA 25 29.68 7.72 -12.42
CA ALA LA 25 28.54 7.00 -11.87
C ALA LA 25 27.32 7.91 -11.75
N ALA LA 26 27.53 9.15 -11.30
CA ALA LA 26 26.43 10.08 -11.18
C ALA LA 26 25.82 10.41 -12.54
N ALA LA 27 26.68 10.58 -13.55
CA ALA LA 27 26.18 10.86 -14.90
C ALA LA 27 25.38 9.68 -15.44
N VAL LA 28 25.86 8.45 -15.22
CA VAL LA 28 25.12 7.28 -15.67
C VAL LA 28 23.78 7.17 -14.94
N ILE LA 29 23.78 7.44 -13.64
CA ILE LA 29 22.54 7.39 -12.88
C ILE LA 29 21.55 8.40 -13.41
N LEU LA 30 22.00 9.62 -13.68
CA LEU LA 30 21.10 10.64 -14.22
C LEU LA 30 20.60 10.26 -15.61
N LEU LA 31 21.46 9.68 -16.43
CA LEU LA 31 21.04 9.27 -17.77
C LEU LA 31 19.95 8.21 -17.70
N CYS LA 32 20.09 7.25 -16.78
CA CYS LA 32 19.05 6.24 -16.63
C CYS LA 32 17.78 6.84 -16.04
N LEU LA 33 17.92 7.74 -15.07
CA LEU LA 33 16.75 8.32 -14.41
C LEU LA 33 15.94 9.17 -15.37
N GLY LA 34 16.60 9.91 -16.25
CA GLY LA 34 15.86 10.74 -17.19
C GLY LA 34 14.97 9.90 -18.10
N ILE LA 35 15.49 8.81 -18.64
CA ILE LA 35 14.70 7.95 -19.51
C ILE LA 35 13.63 7.23 -18.71
N ALA LA 36 13.94 6.82 -17.48
CA ALA LA 36 12.92 6.17 -16.66
C ALA LA 36 11.76 7.11 -16.37
N TYR LA 37 12.07 8.38 -16.08
CA TYR LA 37 11.02 9.37 -15.87
C TYR LA 37 10.26 9.68 -17.14
N ALA LA 38 10.93 9.69 -18.28
CA ALA LA 38 10.23 9.94 -19.54
C ALA LA 38 9.23 8.85 -19.85
N GLY LA 39 9.53 7.62 -19.44
CA GLY LA 39 8.64 6.49 -19.66
C GLY LA 39 7.61 6.25 -18.60
N ARG LA 40 7.36 7.23 -17.73
CA ARG LA 40 6.37 7.15 -16.66
C ARG LA 40 6.69 6.06 -15.64
N PHE LA 41 7.96 5.73 -15.46
CA PHE LA 41 8.35 4.70 -14.50
C PHE LA 41 8.64 5.25 -13.11
N ILE LA 42 9.03 6.52 -13.00
CA ILE LA 42 9.29 7.17 -11.72
C ILE LA 42 8.66 8.56 -11.74
N GLU LA 43 8.82 9.28 -10.64
CA GLU LA 43 8.21 10.59 -10.47
C GLU LA 43 9.25 11.68 -10.55
N LYS LA 44 8.78 12.93 -10.55
CA LYS LA 44 9.64 14.08 -10.78
C LYS LA 44 10.52 14.42 -9.58
N ASP LA 45 10.15 13.98 -8.38
CA ASP LA 45 10.99 14.24 -7.22
C ASP LA 45 12.30 13.47 -7.27
N THR LA 46 12.42 12.51 -8.19
CA THR LA 46 13.67 11.78 -8.33
C THR LA 46 14.81 12.71 -8.71
N PHE LA 47 14.54 13.70 -9.56
CA PHE LA 47 15.58 14.65 -9.94
C PHE LA 47 16.04 15.48 -8.75
N VAL LA 48 15.09 15.89 -7.90
CA VAL LA 48 15.46 16.64 -6.70
C VAL LA 48 16.30 15.77 -5.77
N ARG LA 49 15.89 14.51 -5.60
CA ARG LA 49 16.67 13.58 -4.78
C ARG LA 49 18.08 13.40 -5.33
N TRP LA 50 18.20 13.24 -6.65
CA TRP LA 50 19.50 13.07 -7.27
C TRP LA 50 20.37 14.31 -7.08
N SER LA 51 19.78 15.49 -7.25
CA SER LA 51 20.54 16.72 -7.07
C SER LA 51 21.04 16.86 -5.64
N ILE LA 52 20.16 16.56 -4.66
CA ILE LA 52 20.56 16.64 -3.26
C ILE LA 52 21.70 15.67 -2.98
N GLY LA 53 21.58 14.43 -3.47
CA GLY LA 53 22.60 13.44 -3.22
C GLY LA 53 23.94 13.82 -3.84
N VAL LA 54 23.90 14.33 -5.08
CA VAL LA 54 25.15 14.69 -5.76
C VAL LA 54 25.79 15.90 -5.11
N ILE LA 55 24.99 16.89 -4.71
CA ILE LA 55 25.55 18.05 -4.03
C ILE LA 55 26.18 17.66 -2.70
N ILE LA 56 25.53 16.76 -1.95
CA ILE LA 56 26.11 16.30 -0.69
C ILE LA 56 27.40 15.53 -0.95
N ALA LA 57 27.42 14.67 -1.97
CA ALA LA 57 28.62 13.90 -2.26
C ALA LA 57 29.77 14.79 -2.73
N GLY LA 58 29.45 15.87 -3.43
CA GLY LA 58 30.50 16.75 -3.93
C GLY LA 58 31.27 17.43 -2.81
N SER LA 59 30.57 17.89 -1.78
CA SER LA 59 31.17 18.58 -0.65
C SER LA 59 31.26 17.68 0.57
N ALA LA 60 31.54 16.39 0.36
CA ALA LA 60 31.64 15.46 1.47
C ALA LA 60 32.78 15.82 2.40
N VAL LA 61 33.93 16.21 1.85
CA VAL LA 61 35.09 16.55 2.68
C VAL LA 61 34.79 17.78 3.52
N GLN LA 62 34.16 18.80 2.92
CA GLN LA 62 33.85 20.02 3.65
C GLN LA 62 32.87 19.75 4.79
N ILE LA 63 31.83 18.96 4.53
CA ILE LA 63 30.86 18.63 5.57
C ILE LA 63 31.52 17.83 6.68
N THR LA 64 32.37 16.87 6.32
CA THR LA 64 33.07 16.08 7.34
C THR LA 64 33.97 16.97 8.19
N ALA LA 65 34.68 17.91 7.57
CA ALA LA 65 35.50 18.84 8.33
C ALA LA 65 34.67 19.77 9.20
N MET LA 66 33.45 20.10 8.78
CA MET LA 66 32.59 20.96 9.58
C MET LA 66 32.03 20.22 10.79
N LEU LA 67 31.64 18.96 10.61
CA LEU LA 67 31.05 18.22 11.73
C LEU LA 67 32.10 17.59 12.62
N PHE LA 68 33.08 16.89 12.04
CA PHE LA 68 34.12 16.23 12.81
C PHE LA 68 35.25 17.23 13.10
N THR LA 69 35.00 18.08 14.08
CA THR LA 69 35.98 19.08 14.50
C THR LA 69 36.88 18.55 15.60
N ALA MA 1 48.23 2.93 -14.08
CA ALA MA 1 48.44 2.92 -12.63
C ALA MA 1 47.28 3.58 -11.91
N GLN MA 2 47.59 4.21 -10.77
CA GLN MA 2 46.61 4.94 -9.97
C GLN MA 2 45.48 4.02 -9.47
N GLY MA 3 45.66 2.72 -9.63
CA GLY MA 3 44.70 1.76 -9.13
C GLY MA 3 43.40 1.71 -9.90
N LEU MA 4 42.58 2.75 -9.77
CA LEU MA 4 41.24 2.75 -10.31
C LEU MA 4 41.14 3.43 -11.67
N GLU MA 5 42.26 3.61 -12.37
CA GLU MA 5 42.20 4.13 -13.72
C GLU MA 5 41.51 3.15 -14.66
N LYS MA 6 41.80 1.86 -14.50
CA LYS MA 6 41.16 0.85 -15.34
C LYS MA 6 39.65 0.81 -15.12
N ALA MA 7 39.23 0.86 -13.85
CA ALA MA 7 37.81 0.89 -13.54
C ALA MA 7 37.14 2.13 -14.11
N ARG MA 8 37.84 3.28 -14.04
CA ARG MA 8 37.29 4.50 -14.61
C ARG MA 8 37.14 4.38 -16.13
N SER MA 9 38.12 3.78 -16.80
CA SER MA 9 38.00 3.58 -18.24
C SER MA 9 36.83 2.67 -18.58
N VAL MA 10 36.65 1.60 -17.81
CA VAL MA 10 35.52 0.70 -18.04
C VAL MA 10 34.20 1.44 -17.83
N LEU MA 11 34.12 2.27 -16.79
CA LEU MA 11 32.91 3.05 -16.55
C LEU MA 11 32.63 4.02 -17.67
N GLU MA 12 33.69 4.65 -18.20
CA GLU MA 12 33.50 5.56 -19.33
C GLU MA 12 32.99 4.83 -20.56
N THR MA 13 33.53 3.64 -20.82
CA THR MA 13 33.03 2.85 -21.95
C THR MA 13 31.57 2.47 -21.76
N LEU MA 14 31.21 2.06 -20.53
CA LEU MA 14 29.82 1.72 -20.26
C LEU MA 14 28.91 2.93 -20.45
N GLN MA 15 29.35 4.11 -20.00
CA GLN MA 15 28.56 5.31 -20.15
C GLN MA 15 28.37 5.65 -21.62
N GLN MA 16 29.42 5.54 -22.42
CA GLN MA 16 29.31 5.82 -23.86
C GLN MA 16 28.34 4.85 -24.53
N GLU MA 17 28.43 3.56 -24.19
CA GLU MA 17 27.54 2.59 -24.81
C GLU MA 17 26.08 2.83 -24.40
N LEU MA 18 25.84 3.14 -23.13
CA LEU MA 18 24.48 3.44 -22.70
C LEU MA 18 23.95 4.70 -23.37
N THR MA 19 24.82 5.71 -23.55
CA THR MA 19 24.40 6.91 -24.26
C THR MA 19 24.05 6.59 -25.71
N THR MA 20 24.80 5.69 -26.33
CA THR MA 20 24.46 5.28 -27.69
C THR MA 20 23.11 4.57 -27.73
N ILE MA 21 22.85 3.72 -26.76
CA ILE MA 21 21.60 2.95 -26.74
C ILE MA 21 20.39 3.83 -26.45
N VAL MA 22 20.56 4.86 -25.60
CA VAL MA 22 19.40 5.58 -25.06
C VAL MA 22 18.48 6.17 -26.11
N PRO MA 23 18.95 6.84 -27.17
CA PRO MA 23 18.00 7.47 -28.11
C PRO MA 23 16.99 6.50 -28.70
N ILE MA 24 17.39 5.25 -28.95
CA ILE MA 24 16.45 4.27 -29.48
C ILE MA 24 15.35 3.98 -28.46
N ALA MA 25 15.72 3.82 -27.19
CA ALA MA 25 14.73 3.58 -26.16
C ALA MA 25 13.78 4.77 -26.02
N ALA MA 26 14.33 5.99 -26.07
CA ALA MA 26 13.48 7.17 -25.99
C ALA MA 26 12.53 7.25 -27.17
N ALA MA 27 13.01 6.92 -28.38
CA ALA MA 27 12.15 6.93 -29.55
C ALA MA 27 11.03 5.91 -29.44
N VAL MA 28 11.35 4.70 -28.95
CA VAL MA 28 10.31 3.69 -28.78
C VAL MA 28 9.30 4.13 -27.74
N ILE MA 29 9.77 4.75 -26.65
CA ILE MA 29 8.86 5.24 -25.62
C ILE MA 29 7.93 6.29 -26.20
N LEU MA 30 8.47 7.22 -26.99
CA LEU MA 30 7.62 8.25 -27.59
C LEU MA 30 6.63 7.65 -28.58
N LEU MA 31 7.06 6.66 -29.35
CA LEU MA 31 6.16 6.01 -30.29
C LEU MA 31 5.00 5.35 -29.57
N CYS MA 32 5.27 4.68 -28.45
CA CYS MA 32 4.19 4.07 -27.69
C CYS MA 32 3.30 5.11 -27.04
N LEU MA 33 3.91 6.20 -26.53
CA LEU MA 33 3.13 7.24 -25.86
C LEU MA 33 2.18 7.94 -26.81
N GLY MA 34 2.62 8.18 -28.05
CA GLY MA 34 1.74 8.82 -29.01
C GLY MA 34 0.47 8.03 -29.26
N ILE MA 35 0.61 6.73 -29.46
CA ILE MA 35 -0.56 5.88 -29.71
C ILE MA 35 -1.40 5.76 -28.45
N ALA MA 36 -0.76 5.67 -27.28
CA ALA MA 36 -1.53 5.60 -26.03
C ALA MA 36 -2.35 6.86 -25.83
N TYR MA 37 -1.77 8.02 -26.13
CA TYR MA 37 -2.51 9.28 -26.04
C TYR MA 37 -3.62 9.35 -27.08
N ALA MA 38 -3.38 8.85 -28.29
CA ALA MA 38 -4.40 8.88 -29.32
C ALA MA 38 -5.62 8.06 -28.93
N GLY MA 39 -5.42 6.98 -28.19
CA GLY MA 39 -6.48 6.11 -27.75
C GLY MA 39 -7.14 6.49 -26.45
N ARG MA 40 -6.91 7.71 -25.97
CA ARG MA 40 -7.49 8.23 -24.74
C ARG MA 40 -7.08 7.44 -23.51
N PHE MA 41 -5.88 6.86 -23.51
CA PHE MA 41 -5.40 6.10 -22.36
C PHE MA 41 -4.59 6.95 -21.37
N ILE MA 42 -3.91 7.98 -21.85
CA ILE MA 42 -3.11 8.87 -21.01
C ILE MA 42 -3.49 10.30 -21.34
N GLU MA 43 -2.83 11.25 -20.69
CA GLU MA 43 -3.15 12.66 -20.83
C GLU MA 43 -2.02 13.40 -21.57
N LYS MA 44 -2.28 14.67 -21.87
CA LYS MA 44 -1.37 15.46 -22.69
C LYS MA 44 -0.10 15.88 -21.96
N ASP MA 45 -0.11 15.85 -20.62
CA ASP MA 45 1.10 16.20 -19.88
C ASP MA 45 2.18 15.12 -20.01
N THR MA 46 1.82 13.96 -20.55
CA THR MA 46 2.80 12.90 -20.75
C THR MA 46 3.89 13.35 -21.72
N PHE MA 47 3.52 14.11 -22.75
CA PHE MA 47 4.50 14.60 -23.70
C PHE MA 47 5.47 15.58 -23.04
N VAL MA 48 4.95 16.45 -22.17
CA VAL MA 48 5.82 17.37 -21.44
C VAL MA 48 6.76 16.60 -20.53
N ARG MA 49 6.23 15.59 -19.83
CA ARG MA 49 7.07 14.75 -18.98
C ARG MA 49 8.17 14.09 -19.78
N TRP MA 50 7.81 13.53 -20.95
CA TRP MA 50 8.79 12.87 -21.80
C TRP MA 50 9.86 13.85 -22.28
N SER MA 51 9.44 15.05 -22.68
CA SER MA 51 10.40 16.05 -23.15
C SER MA 51 11.36 16.43 -22.04
N ILE MA 52 10.85 16.64 -20.83
CA ILE MA 52 11.71 16.98 -19.71
C ILE MA 52 12.70 15.87 -19.43
N GLY MA 53 12.21 14.62 -19.42
CA GLY MA 53 13.09 13.50 -19.15
C GLY MA 53 14.19 13.36 -20.18
N VAL MA 54 13.83 13.49 -21.47
CA VAL MA 54 14.82 13.32 -22.53
C VAL MA 54 15.82 14.47 -22.52
N ILE MA 55 15.36 15.70 -22.28
CA ILE MA 55 16.27 16.83 -22.23
C ILE MA 55 17.24 16.68 -21.06
N ILE MA 56 16.76 16.23 -19.90
CA ILE MA 56 17.64 16.03 -18.76
C ILE MA 56 18.64 14.92 -19.04
N ALA MA 57 18.19 13.82 -19.64
CA ALA MA 57 19.09 12.71 -19.91
C ALA MA 57 20.13 13.09 -20.96
N GLY MA 58 19.77 13.97 -21.89
CA GLY MA 58 20.71 14.36 -22.93
C GLY MA 58 21.91 15.11 -22.40
N SER MA 59 21.70 15.99 -21.44
CA SER MA 59 22.76 16.79 -20.83
C SER MA 59 23.11 16.29 -19.44
N ALA MA 60 23.10 14.97 -19.26
CA ALA MA 60 23.42 14.40 -17.95
C ALA MA 60 24.85 14.72 -17.53
N VAL MA 61 25.79 14.63 -18.48
CA VAL MA 61 27.19 14.91 -18.15
C VAL MA 61 27.36 16.37 -17.74
N GLN MA 62 26.71 17.28 -18.46
CA GLN MA 62 26.83 18.70 -18.15
C GLN MA 62 26.25 19.02 -16.78
N ILE MA 63 25.08 18.46 -16.46
CA ILE MA 63 24.48 18.70 -15.16
C ILE MA 63 25.34 18.11 -14.06
N THR MA 64 25.89 16.92 -14.27
CA THR MA 64 26.77 16.32 -13.27
C THR MA 64 28.01 17.16 -13.05
N ALA MA 65 28.61 17.69 -14.12
CA ALA MA 65 29.77 18.55 -13.98
C ALA MA 65 29.42 19.89 -13.33
N MET MA 66 28.19 20.35 -13.50
CA MET MA 66 27.77 21.59 -12.85
C MET MA 66 27.54 21.41 -11.36
N LEU MA 67 26.94 20.28 -10.96
CA LEU MA 67 26.64 20.08 -9.55
C LEU MA 67 27.80 19.46 -8.79
N PHE MA 68 28.40 18.41 -9.33
CA PHE MA 68 29.54 17.75 -8.67
C PHE MA 68 30.83 18.45 -9.08
N THR MA 69 31.12 19.53 -8.38
CA THR MA 69 32.32 20.32 -8.63
C THR MA 69 33.46 19.89 -7.71
N ALA NA 1 31.55 -6.15 -31.83
CA ALA NA 1 32.23 -5.74 -30.61
C ALA NA 1 31.51 -4.59 -29.95
N GLN NA 2 32.28 -3.73 -29.27
CA GLN NA 2 31.76 -2.54 -28.59
C GLN NA 2 30.76 -2.90 -27.49
N GLY NA 3 30.65 -4.18 -27.17
CA GLY NA 3 29.84 -4.62 -26.06
C GLY NA 3 28.35 -4.55 -26.32
N LEU NA 4 27.81 -3.33 -26.46
CA LEU NA 4 26.38 -3.13 -26.57
C LEU NA 4 25.94 -2.87 -28.00
N GLU NA 5 26.75 -3.22 -28.99
CA GLU NA 5 26.32 -3.12 -30.38
C GLU NA 5 25.18 -4.10 -30.66
N LYS NA 6 25.27 -5.31 -30.12
CA LYS NA 6 24.22 -6.29 -30.32
C LYS NA 6 22.89 -5.83 -29.71
N ALA NA 7 22.96 -5.28 -28.49
CA ALA NA 7 21.75 -4.78 -27.85
C ALA NA 7 21.14 -3.64 -28.65
N ARG NA 8 21.99 -2.74 -29.17
CA ARG NA 8 21.47 -1.65 -30.00
C ARG NA 8 20.81 -2.17 -31.27
N SER NA 9 21.42 -3.18 -31.90
CA SER NA 9 20.82 -3.76 -33.10
C SER NA 9 19.46 -4.40 -32.79
N VAL NA 10 19.37 -5.12 -31.67
CA VAL NA 10 18.11 -5.72 -31.28
C VAL NA 10 17.06 -4.65 -31.00
N LEU NA 11 17.47 -3.57 -30.33
CA LEU NA 11 16.54 -2.48 -30.07
C LEU NA 11 16.06 -1.84 -31.36
N GLU NA 12 16.96 -1.67 -32.33
CA GLU NA 12 16.55 -1.11 -33.62
C GLU NA 12 15.55 -2.01 -34.33
N THR NA 13 15.78 -3.33 -34.29
CA THR NA 13 14.83 -4.26 -34.88
C THR NA 13 13.47 -4.17 -34.20
N LEU NA 14 13.47 -4.09 -32.87
CA LEU NA 14 12.22 -3.94 -32.13
C LEU NA 14 11.51 -2.65 -32.51
N GLN NA 15 12.25 -1.56 -32.64
CA GLN NA 15 11.66 -0.28 -33.01
C GLN NA 15 11.04 -0.35 -34.41
N GLN NA 16 11.75 -0.97 -35.35
CA GLN NA 16 11.22 -1.09 -36.70
C GLN NA 16 9.94 -1.92 -36.72
N GLU NA 17 9.93 -3.04 -35.98
CA GLU NA 17 8.73 -3.88 -35.95
C GLU NA 17 7.55 -3.15 -35.30
N LEU NA 18 7.80 -2.42 -34.21
CA LEU NA 18 6.73 -1.67 -33.58
C LEU NA 18 6.21 -0.57 -34.50
N THR NA 19 7.11 0.09 -35.23
CA THR NA 19 6.68 1.11 -36.18
C THR NA 19 5.84 0.49 -37.29
N THR NA 20 6.17 -0.73 -37.70
CA THR NA 20 5.35 -1.42 -38.68
C THR NA 20 3.96 -1.72 -38.13
N ILE NA 21 3.90 -2.17 -36.87
CA ILE NA 21 2.61 -2.54 -36.27
C ILE NA 21 1.74 -1.31 -36.03
N VAL NA 22 2.34 -0.17 -35.66
CA VAL NA 22 1.56 0.95 -35.13
C VAL NA 22 0.44 1.43 -36.05
N PRO NA 23 0.64 1.59 -37.37
CA PRO NA 23 -0.46 2.13 -38.18
C PRO NA 23 -1.75 1.32 -38.11
N ILE NA 24 -1.65 0.00 -37.97
CA ILE NA 24 -2.85 -0.81 -37.82
C ILE NA 24 -3.57 -0.46 -36.52
N ALA NA 25 -2.81 -0.30 -35.44
CA ALA NA 25 -3.43 0.08 -34.17
C ALA NA 25 -4.08 1.44 -34.26
N ALA NA 26 -3.42 2.40 -34.92
CA ALA NA 26 -4.01 3.73 -35.08
C ALA NA 26 -5.30 3.67 -35.90
N ALA NA 27 -5.30 2.86 -36.97
CA ALA NA 27 -6.50 2.73 -37.79
C ALA NA 27 -7.64 2.12 -37.00
N VAL NA 28 -7.35 1.10 -36.19
CA VAL NA 28 -8.39 0.48 -35.37
C VAL NA 28 -8.92 1.48 -34.34
N ILE NA 29 -8.03 2.25 -33.73
CA ILE NA 29 -8.45 3.25 -32.76
C ILE NA 29 -9.37 4.27 -33.41
N LEU NA 30 -9.00 4.76 -34.60
CA LEU NA 30 -9.85 5.73 -35.27
C LEU NA 30 -11.18 5.13 -35.68
N LEU NA 31 -11.18 3.87 -36.12
CA LEU NA 31 -12.43 3.21 -36.49
C LEU NA 31 -13.36 3.11 -35.29
N CYS NA 32 -12.82 2.79 -34.12
CA CYS NA 32 -13.67 2.72 -32.93
C CYS NA 32 -14.12 4.11 -32.49
N LEU NA 33 -13.24 5.10 -32.58
CA LEU NA 33 -13.58 6.45 -32.13
C LEU NA 33 -14.67 7.07 -32.99
N GLY NA 34 -14.64 6.81 -34.30
CA GLY NA 34 -15.67 7.36 -35.16
C GLY NA 34 -17.06 6.88 -34.77
N ILE NA 35 -17.20 5.58 -34.53
CA ILE NA 35 -18.50 5.03 -34.14
C ILE NA 35 -18.88 5.52 -32.74
N ALA NA 36 -17.91 5.59 -31.83
CA ALA NA 36 -18.22 6.08 -30.50
C ALA NA 36 -18.72 7.52 -30.54
N TYR NA 37 -18.10 8.35 -31.36
CA TYR NA 37 -18.55 9.73 -31.54
C TYR NA 37 -19.91 9.81 -32.20
N ALA NA 38 -20.18 8.94 -33.18
CA ALA NA 38 -21.47 8.97 -33.87
C ALA NA 38 -22.60 8.63 -32.91
N GLY NA 39 -22.34 7.78 -31.93
CA GLY NA 39 -23.33 7.39 -30.96
C GLY NA 39 -23.46 8.28 -29.75
N ARG NA 40 -22.87 9.48 -29.81
CA ARG NA 40 -22.91 10.47 -28.73
C ARG NA 40 -22.25 9.97 -27.45
N PHE NA 41 -21.22 9.13 -27.58
CA PHE NA 41 -20.51 8.63 -26.41
C PHE NA 41 -19.30 9.47 -26.02
N ILE NA 42 -18.67 10.14 -26.99
CA ILE NA 42 -17.52 10.99 -26.74
C ILE NA 42 -17.73 12.31 -27.47
N GLU NA 43 -16.74 13.20 -27.37
CA GLU NA 43 -16.84 14.54 -27.93
C GLU NA 43 -15.93 14.68 -29.15
N LYS NA 44 -16.05 15.84 -29.80
CA LYS NA 44 -15.32 16.08 -31.05
C LYS NA 44 -13.84 16.37 -30.82
N ASP NA 45 -13.44 16.75 -29.60
CA ASP NA 45 -12.03 16.97 -29.33
C ASP NA 45 -11.23 15.68 -29.36
N THR NA 46 -11.90 14.53 -29.32
CA THR NA 46 -11.20 13.26 -29.40
C THR NA 46 -10.47 13.11 -30.72
N PHE NA 47 -11.06 13.60 -31.80
CA PHE NA 47 -10.40 13.53 -33.10
C PHE NA 47 -9.13 14.37 -33.12
N VAL NA 48 -9.17 15.56 -32.52
CA VAL NA 48 -7.98 16.39 -32.44
C VAL NA 48 -6.91 15.71 -31.59
N ARG NA 49 -7.32 15.12 -30.47
CA ARG NA 49 -6.39 14.38 -29.63
C ARG NA 49 -5.73 13.24 -30.40
N TRP NA 50 -6.54 12.49 -31.16
CA TRP NA 50 -6.04 11.38 -31.95
C TRP NA 50 -5.06 11.86 -33.00
N SER NA 51 -5.39 12.96 -33.68
CA SER NA 51 -4.52 13.50 -34.71
C SER NA 51 -3.18 13.93 -34.12
N ILE NA 52 -3.22 14.61 -32.97
CA ILE NA 52 -1.98 15.04 -32.32
C ILE NA 52 -1.15 13.82 -31.93
N GLY NA 53 -1.78 12.81 -31.35
CA GLY NA 53 -1.05 11.63 -30.94
C GLY NA 53 -0.42 10.91 -32.11
N VAL NA 54 -1.16 10.76 -33.21
CA VAL NA 54 -0.63 10.05 -34.37
C VAL NA 54 0.48 10.84 -35.04
N ILE NA 55 0.34 12.17 -35.12
CA ILE NA 55 1.40 12.98 -35.71
C ILE NA 55 2.66 12.92 -34.86
N ILE NA 56 2.52 12.95 -33.53
CA ILE NA 56 3.70 12.85 -32.66
C ILE NA 56 4.34 11.48 -32.80
N ALA NA 57 3.54 10.42 -32.81
CA ALA NA 57 4.09 9.07 -32.93
C ALA NA 57 4.75 8.84 -34.29
N GLY NA 58 4.27 9.53 -35.32
CA GLY NA 58 4.83 9.34 -36.65
C GLY NA 58 6.27 9.81 -36.75
N SER NA 59 6.58 10.93 -36.12
CA SER NA 59 7.92 11.52 -36.14
C SER NA 59 8.62 11.41 -34.79
N ALA NA 60 8.47 10.26 -34.13
CA ALA NA 60 9.11 10.06 -32.84
C ALA NA 60 10.64 10.12 -32.96
N VAL NA 61 11.17 9.51 -34.02
CA VAL NA 61 12.63 9.50 -34.19
C VAL NA 61 13.16 10.92 -34.40
N GLN NA 62 12.46 11.71 -35.22
CA GLN NA 62 12.92 13.07 -35.48
C GLN NA 62 12.86 13.93 -34.23
N ILE NA 63 11.78 13.81 -33.45
CA ILE NA 63 11.68 14.58 -32.22
C ILE NA 63 12.76 14.16 -31.23
N THR NA 64 13.02 12.85 -31.13
CA THR NA 64 14.08 12.38 -30.25
C THR NA 64 15.44 12.91 -30.68
N ALA NA 65 15.73 12.89 -31.98
CA ALA NA 65 16.98 13.44 -32.48
C ALA NA 65 17.08 14.94 -32.29
N MET NA 66 15.95 15.65 -32.27
CA MET NA 66 15.96 17.08 -31.99
C MET NA 66 16.22 17.36 -30.52
N LEU NA 67 15.62 16.59 -29.62
CA LEU NA 67 15.77 16.86 -28.19
C LEU NA 67 17.01 16.19 -27.60
N PHE NA 68 17.25 14.92 -27.93
CA PHE NA 68 18.40 14.21 -27.40
C PHE NA 68 19.59 14.37 -28.35
N THR NA 69 20.23 15.54 -28.24
CA THR NA 69 21.38 15.84 -29.07
C THR NA 69 22.67 15.34 -28.41
N ALA OA 1 8.59 -15.13 -39.93
CA ALA OA 1 9.81 -14.50 -39.43
C ALA OA 1 9.54 -13.04 -39.05
N GLN OA 2 10.62 -12.27 -38.91
CA GLN OA 2 10.55 -10.84 -38.58
C GLN OA 2 9.93 -10.60 -37.21
N GLY OA 3 9.68 -11.67 -36.46
CA GLY OA 3 9.19 -11.54 -35.11
C GLY OA 3 7.74 -11.11 -35.00
N LEU OA 4 7.45 -9.87 -35.38
CA LEU OA 4 6.11 -9.31 -35.19
C LEU OA 4 5.29 -9.35 -36.47
N GLU OA 5 5.70 -10.13 -37.47
CA GLU OA 5 4.85 -10.31 -38.64
C GLU OA 5 3.57 -11.03 -38.28
N LYS OA 6 3.64 -12.04 -37.41
CA LYS OA 6 2.46 -12.77 -36.99
C LYS OA 6 1.50 -11.86 -36.23
N ALA OA 7 2.03 -11.04 -35.32
CA ALA OA 7 1.19 -10.09 -34.59
C ALA OA 7 0.56 -9.08 -35.54
N ARG OA 8 1.31 -8.64 -36.55
CA ARG OA 8 0.76 -7.71 -37.53
C ARG OA 8 -0.37 -8.37 -38.31
N SER OA 9 -0.22 -9.64 -38.69
CA SER OA 9 -1.29 -10.33 -39.40
C SER OA 9 -2.52 -10.49 -38.52
N VAL OA 10 -2.32 -10.81 -37.24
CA VAL OA 10 -3.45 -10.92 -36.32
C VAL OA 10 -4.17 -9.60 -36.19
N LEU OA 11 -3.41 -8.51 -36.07
CA LEU OA 11 -4.02 -7.18 -35.98
C LEU OA 11 -4.78 -6.82 -37.25
N GLU OA 12 -4.24 -7.19 -38.42
CA GLU OA 12 -4.94 -6.93 -39.66
C GLU OA 12 -6.26 -7.70 -39.72
N THR OA 13 -6.25 -8.97 -39.27
CA THR OA 13 -7.49 -9.74 -39.24
C THR OA 13 -8.51 -9.11 -38.30
N LEU OA 14 -8.04 -8.66 -37.13
CA LEU OA 14 -8.94 -8.00 -36.18
C LEU OA 14 -9.51 -6.72 -36.79
N GLN OA 15 -8.68 -5.95 -37.48
CA GLN OA 15 -9.15 -4.72 -38.11
C GLN OA 15 -10.19 -5.01 -39.17
N GLN OA 16 -9.97 -6.04 -40.00
CA GLN OA 16 -10.95 -6.40 -41.02
C GLN OA 16 -12.27 -6.82 -40.39
N GLU OA 17 -12.21 -7.62 -39.32
CA GLU OA 17 -13.44 -8.08 -38.68
C GLU OA 17 -14.20 -6.92 -38.04
N LEU OA 18 -13.48 -6.01 -37.39
CA LEU OA 18 -14.15 -4.83 -36.81
C LEU OA 18 -14.76 -3.96 -37.90
N THR OA 19 -14.06 -3.81 -39.03
CA THR OA 19 -14.61 -3.05 -40.14
C THR OA 19 -15.88 -3.71 -40.67
N THR OA 20 -15.91 -5.04 -40.72
CA THR OA 20 -17.12 -5.74 -41.13
C THR OA 20 -18.27 -5.51 -40.17
N ILE OA 21 -17.98 -5.55 -38.87
CA ILE OA 21 -19.03 -5.38 -37.85
C ILE OA 21 -19.57 -3.96 -37.83
N VAL OA 22 -18.70 -2.97 -38.07
CA VAL OA 22 -19.08 -1.57 -37.79
C VAL OA 22 -20.34 -1.11 -38.49
N PRO OA 23 -20.59 -1.40 -39.78
CA PRO OA 23 -21.80 -0.85 -40.42
C PRO OA 23 -23.09 -1.22 -39.71
N ILE OA 24 -23.18 -2.42 -39.15
CA ILE OA 24 -24.38 -2.80 -38.41
C ILE OA 24 -24.55 -1.92 -37.18
N ALA OA 25 -23.47 -1.68 -36.45
CA ALA OA 25 -23.54 -0.81 -35.28
C ALA OA 25 -23.95 0.60 -35.67
N ALA OA 26 -23.40 1.12 -36.77
CA ALA OA 26 -23.77 2.46 -37.21
C ALA OA 26 -25.24 2.52 -37.62
N ALA OA 27 -25.73 1.48 -38.30
CA ALA OA 27 -27.13 1.45 -38.70
C ALA OA 27 -28.05 1.41 -37.49
N VAL OA 28 -27.70 0.60 -36.48
CA VAL OA 28 -28.52 0.54 -35.27
C VAL OA 28 -28.49 1.88 -34.55
N ILE OA 29 -27.33 2.52 -34.50
CA ILE OA 29 -27.23 3.84 -33.86
C ILE OA 29 -28.12 4.83 -34.57
N LEU OA 30 -28.09 4.86 -35.90
CA LEU OA 30 -28.95 5.80 -36.63
C LEU OA 30 -30.42 5.48 -36.43
N LEU OA 31 -30.77 4.19 -36.41
CA LEU OA 31 -32.16 3.81 -36.19
C LEU OA 31 -32.66 4.31 -34.83
N CYS OA 32 -31.84 4.16 -33.79
CA CYS OA 32 -32.23 4.66 -32.47
C CYS OA 32 -32.28 6.18 -32.46
N LEU OA 33 -31.32 6.84 -33.11
CA LEU OA 33 -31.27 8.30 -33.10
C LEU OA 33 -32.47 8.91 -33.80
N GLY OA 34 -32.91 8.31 -34.90
CA GLY OA 34 -34.08 8.85 -35.60
C GLY OA 34 -35.31 8.87 -34.72
N ILE OA 35 -35.58 7.76 -34.02
CA ILE OA 35 -36.74 7.70 -33.14
C ILE OA 35 -36.57 8.62 -31.95
N ALA OA 36 -35.35 8.70 -31.41
CA ALA OA 36 -35.13 9.61 -30.28
C ALA OA 36 -35.38 11.06 -30.68
N TYR OA 37 -34.93 11.44 -31.88
CA TYR OA 37 -35.19 12.78 -32.38
C TYR OA 37 -36.67 13.00 -32.68
N ALA OA 38 -37.36 11.95 -33.11
CA ALA OA 38 -38.80 12.07 -33.36
C ALA OA 38 -39.55 12.38 -32.07
N GLY OA 39 -39.14 11.76 -30.97
CA GLY OA 39 -39.77 11.97 -29.69
C GLY OA 39 -39.31 13.17 -28.91
N ARG OA 40 -38.61 14.10 -29.55
CA ARG OA 40 -38.13 15.34 -28.95
C ARG OA 40 -37.15 15.11 -27.82
N PHE OA 41 -36.36 14.03 -27.88
CA PHE OA 41 -35.38 13.74 -26.83
C PHE OA 41 -34.00 14.29 -27.14
N ILE OA 42 -33.66 14.50 -28.41
CA ILE OA 42 -32.38 15.05 -28.82
C ILE OA 42 -32.63 16.15 -29.85
N GLU OA 43 -31.55 16.69 -30.40
CA GLU OA 43 -31.61 17.80 -31.33
C GLU OA 43 -31.12 17.38 -32.72
N LYS OA 44 -31.30 18.29 -33.67
CA LYS OA 44 -31.02 17.98 -35.08
C LYS OA 44 -29.53 17.94 -35.40
N ASP OA 45 -28.68 18.50 -34.54
CA ASP OA 45 -27.24 18.41 -34.78
C ASP OA 45 -26.73 16.99 -34.57
N THR OA 46 -27.53 16.12 -33.96
CA THR OA 46 -27.12 14.75 -33.74
C THR OA 46 -26.89 14.02 -35.06
N PHE OA 47 -27.72 14.31 -36.07
CA PHE OA 47 -27.53 13.68 -37.37
C PHE OA 47 -26.23 14.13 -38.02
N VAL OA 48 -25.89 15.41 -37.88
CA VAL OA 48 -24.62 15.90 -38.40
C VAL OA 48 -23.46 15.23 -37.69
N ARG OA 49 -23.56 15.11 -36.36
CA ARG OA 49 -22.52 14.42 -35.59
C ARG OA 49 -22.37 12.98 -36.05
N TRP OA 50 -23.49 12.29 -36.25
CA TRP OA 50 -23.46 10.90 -36.69
C TRP OA 50 -22.82 10.78 -38.06
N SER OA 51 -23.17 11.67 -38.98
CA SER OA 51 -22.60 11.63 -40.32
C SER OA 51 -21.10 11.85 -40.28
N ILE OA 52 -20.65 12.83 -39.49
CA ILE OA 52 -19.23 13.09 -39.38
C ILE OA 52 -18.50 11.87 -38.81
N GLY OA 53 -19.06 11.28 -37.77
CA GLY OA 53 -18.43 10.12 -37.16
C GLY OA 53 -18.34 8.93 -38.11
N VAL OA 54 -19.43 8.67 -38.84
CA VAL OA 54 -19.45 7.53 -39.74
C VAL OA 54 -18.50 7.77 -40.91
N ILE OA 55 -18.46 9.00 -41.44
CA ILE OA 55 -17.54 9.29 -42.54
C ILE OA 55 -16.10 9.14 -42.08
N ILE OA 56 -15.77 9.62 -40.88
CA ILE OA 56 -14.41 9.48 -40.38
C ILE OA 56 -14.05 8.02 -40.16
N ALA OA 57 -14.97 7.24 -39.57
CA ALA OA 57 -14.69 5.83 -39.34
C ALA OA 57 -14.55 5.06 -40.64
N GLY OA 58 -15.28 5.46 -41.68
CA GLY OA 58 -15.21 4.75 -42.94
C GLY OA 58 -13.84 4.84 -43.59
N SER OA 59 -13.23 6.02 -43.54
CA SER OA 59 -11.92 6.26 -44.14
C SER OA 59 -10.84 6.35 -43.06
N ALA OA 60 -10.93 5.51 -42.03
CA ALA OA 60 -9.93 5.53 -40.97
C ALA OA 60 -8.56 5.14 -41.49
N VAL OA 61 -8.50 4.14 -42.37
CA VAL OA 61 -7.22 3.68 -42.90
C VAL OA 61 -6.55 4.78 -43.71
N GLN OA 62 -7.32 5.47 -44.55
CA GLN OA 62 -6.74 6.53 -45.38
C GLN OA 62 -6.24 7.69 -44.54
N ILE OA 63 -7.00 8.08 -43.51
CA ILE OA 63 -6.57 9.17 -42.65
C ILE OA 63 -5.32 8.78 -41.88
N THR OA 64 -5.26 7.54 -41.39
CA THR OA 64 -4.06 7.08 -40.71
C THR OA 64 -2.85 7.06 -41.64
N ALA OA 65 -3.04 6.63 -42.89
CA ALA OA 65 -1.96 6.66 -43.86
C ALA OA 65 -1.53 8.08 -44.21
N MET OA 66 -2.45 9.05 -44.18
CA MET OA 66 -2.08 10.43 -44.45
C MET OA 66 -1.32 11.05 -43.29
N LEU OA 67 -1.73 10.75 -42.06
CA LEU OA 67 -1.08 11.37 -40.90
C LEU OA 67 0.17 10.61 -40.47
N PHE OA 68 0.08 9.29 -40.34
CA PHE OA 68 1.23 8.48 -39.93
C PHE OA 68 2.04 8.10 -41.17
N THR OA 69 2.92 9.01 -41.57
CA THR OA 69 3.76 8.80 -42.73
C THR OA 69 5.10 8.18 -42.33
N ALA PA 1 -16.77 -19.46 -38.31
CA ALA PA 1 -15.38 -19.11 -38.59
C ALA PA 1 -15.22 -17.60 -38.72
N GLN PA 2 -14.05 -17.18 -39.17
CA GLN PA 2 -13.72 -15.75 -39.36
C GLN PA 2 -13.79 -14.98 -38.04
N GLY PA 3 -13.90 -15.70 -36.92
CA GLY PA 3 -13.87 -15.07 -35.62
C GLY PA 3 -15.13 -14.31 -35.25
N LEU PA 4 -15.38 -13.19 -35.92
CA LEU PA 4 -16.47 -12.31 -35.55
C LEU PA 4 -17.70 -12.48 -36.45
N GLU PA 5 -17.82 -13.61 -37.14
CA GLU PA 5 -19.03 -13.88 -37.90
C GLU PA 5 -20.22 -14.08 -36.97
N LYS PA 6 -20.01 -14.78 -35.85
CA LYS PA 6 -21.09 -15.00 -34.90
C LYS PA 6 -21.58 -13.69 -34.30
N ALA PA 7 -20.64 -12.81 -33.93
CA ALA PA 7 -21.02 -11.51 -33.38
C ALA PA 7 -21.77 -10.69 -34.42
N ARG PA 8 -21.34 -10.75 -35.67
CA ARG PA 8 -22.05 -10.05 -36.73
C ARG PA 8 -23.48 -10.59 -36.90
N SER PA 9 -23.64 -11.90 -36.84
CA SER PA 9 -24.98 -12.49 -36.95
C SER PA 9 -25.86 -12.05 -35.78
N VAL PA 10 -25.31 -12.03 -34.57
CA VAL PA 10 -26.07 -11.58 -33.41
C VAL PA 10 -26.48 -10.12 -33.58
N LEU PA 11 -25.56 -9.28 -34.07
CA LEU PA 11 -25.88 -7.88 -34.29
C LEU PA 11 -26.96 -7.73 -35.36
N GLU PA 12 -26.91 -8.54 -36.41
CA GLU PA 12 -27.94 -8.48 -37.43
C GLU PA 12 -29.31 -8.86 -36.86
N THR PA 13 -29.34 -9.90 -36.02
CA THR PA 13 -30.60 -10.28 -35.39
C THR PA 13 -31.13 -9.17 -34.50
N LEU PA 14 -30.24 -8.54 -33.73
CA LEU PA 14 -30.66 -7.42 -32.88
C LEU PA 14 -31.19 -6.27 -33.71
N GLN PA 15 -30.53 -5.98 -34.83
CA GLN PA 15 -30.99 -4.90 -35.70
C GLN PA 15 -32.36 -5.20 -36.27
N GLN PA 16 -32.60 -6.45 -36.70
CA GLN PA 16 -33.91 -6.81 -37.22
C GLN PA 16 -34.99 -6.69 -36.15
N GLU PA 17 -34.68 -7.14 -34.93
CA GLU PA 17 -35.69 -7.05 -33.87
C GLU PA 17 -35.98 -5.60 -33.50
N LEU PA 18 -34.95 -4.75 -33.44
CA LEU PA 18 -35.19 -3.34 -33.16
C LEU PA 18 -35.99 -2.68 -34.28
N THR PA 19 -35.71 -3.05 -35.53
CA THR PA 19 -36.48 -2.52 -36.64
C THR PA 19 -37.94 -2.95 -36.53
N THR PA 20 -38.19 -4.18 -36.10
CA THR PA 20 -39.56 -4.63 -35.90
C THR PA 20 -40.25 -3.84 -34.80
N ILE PA 21 -39.54 -3.58 -33.69
CA ILE PA 21 -40.14 -2.87 -32.56
C ILE PA 21 -40.42 -1.41 -32.90
N VAL PA 22 -39.55 -0.78 -33.70
CA VAL PA 22 -39.60 0.68 -33.84
C VAL PA 22 -40.94 1.24 -34.28
N PRO PA 23 -41.64 0.68 -35.29
CA PRO PA 23 -42.88 1.33 -35.75
C PRO PA 23 -43.91 1.53 -34.66
N ILE PA 24 -44.00 0.61 -33.71
CA ILE PA 24 -44.93 0.77 -32.60
C ILE PA 24 -44.55 1.98 -31.76
N ALA PA 25 -43.25 2.14 -31.48
CA ALA PA 25 -42.79 3.30 -30.72
C ALA PA 25 -43.07 4.59 -31.47
N ALA PA 26 -42.84 4.61 -32.78
CA ALA PA 26 -43.12 5.81 -33.56
C ALA PA 26 -44.61 6.13 -33.55
N ALA PA 27 -45.47 5.12 -33.66
CA ALA PA 27 -46.90 5.34 -33.63
C ALA PA 27 -47.35 5.90 -32.29
N VAL PA 28 -46.82 5.36 -31.19
CA VAL PA 28 -47.18 5.85 -29.86
C VAL PA 28 -46.71 7.30 -29.71
N ILE PA 29 -45.49 7.60 -30.18
CA ILE PA 29 -44.99 8.96 -30.09
C ILE PA 29 -45.88 9.92 -30.85
N LEU PA 30 -46.29 9.55 -32.07
CA LEU PA 30 -47.16 10.43 -32.85
C LEU PA 30 -48.52 10.59 -32.18
N LEU PA 31 -49.05 9.51 -31.61
CA LEU PA 31 -50.34 9.60 -30.92
C LEU PA 31 -50.27 10.58 -29.75
N CYS PA 32 -49.18 10.53 -28.98
CA CYS PA 32 -49.04 11.46 -27.87
C CYS PA 32 -48.82 12.89 -28.37
N LEU PA 33 -48.03 13.04 -29.44
CA LEU PA 33 -47.73 14.38 -29.95
C LEU PA 33 -48.98 15.05 -30.50
N GLY PA 34 -49.86 14.29 -31.14
CA GLY PA 34 -51.08 14.89 -31.65
C GLY PA 34 -51.94 15.48 -30.56
N ILE PA 35 -52.12 14.74 -29.45
CA ILE PA 35 -52.92 15.24 -28.34
C ILE PA 35 -52.22 16.40 -27.65
N ALA PA 36 -50.89 16.33 -27.53
CA ALA PA 36 -50.16 17.44 -26.92
C ALA PA 36 -50.30 18.71 -27.74
N TYR PA 37 -50.25 18.59 -29.07
CA TYR PA 37 -50.45 19.74 -29.94
C TYR PA 37 -51.88 20.24 -29.88
N ALA PA 38 -52.85 19.34 -29.73
CA ALA PA 38 -54.25 19.77 -29.62
C ALA PA 38 -54.46 20.59 -28.35
N GLY PA 39 -53.80 20.21 -27.26
CA GLY PA 39 -53.93 20.88 -25.99
C GLY PA 39 -53.04 22.10 -25.81
N ARG PA 40 -52.44 22.60 -26.88
CA ARG PA 40 -51.61 23.80 -26.88
C ARG PA 40 -50.35 23.66 -26.03
N PHE PA 41 -49.79 22.46 -25.93
CA PHE PA 41 -48.58 22.25 -25.18
C PHE PA 41 -47.31 22.30 -26.03
N ILE PA 42 -47.40 22.01 -27.33
CA ILE PA 42 -46.28 22.06 -28.24
C ILE PA 42 -46.70 22.82 -29.49
N GLU PA 43 -45.80 22.91 -30.46
CA GLU PA 43 -46.02 23.67 -31.67
C GLU PA 43 -46.08 22.76 -32.89
N LYS PA 44 -46.46 23.34 -34.02
CA LYS PA 44 -46.71 22.57 -35.22
C LYS PA 44 -45.44 22.04 -35.88
N ASP PA 45 -44.28 22.60 -35.56
CA ASP PA 45 -43.04 22.08 -36.11
C ASP PA 45 -42.69 20.71 -35.54
N THR PA 46 -43.37 20.30 -34.46
CA THR PA 46 -43.12 18.99 -33.88
C THR PA 46 -43.44 17.88 -34.86
N PHE PA 47 -44.50 18.05 -35.65
CA PHE PA 47 -44.86 17.04 -36.64
C PHE PA 47 -43.81 16.93 -37.73
N VAL PA 48 -43.25 18.06 -38.16
CA VAL PA 48 -42.16 18.04 -39.13
C VAL PA 48 -40.95 17.33 -38.55
N ARG PA 49 -40.62 17.63 -37.29
CA ARG PA 49 -39.52 16.95 -36.62
C ARG PA 49 -39.75 15.45 -36.57
N TRP PA 50 -40.97 15.04 -36.21
CA TRP PA 50 -41.30 13.63 -36.13
C TRP PA 50 -41.17 12.95 -37.48
N SER PA 51 -41.67 13.62 -38.54
CA SER PA 51 -41.59 13.04 -39.87
C SER PA 51 -40.15 12.87 -40.32
N ILE PA 52 -39.31 13.88 -40.06
CA ILE PA 52 -37.90 13.78 -40.43
C ILE PA 52 -37.24 12.64 -39.67
N GLY PA 53 -37.50 12.55 -38.37
CA GLY PA 53 -36.90 11.50 -37.58
C GLY PA 53 -37.31 10.11 -38.04
N VAL PA 54 -38.59 9.93 -38.33
CA VAL PA 54 -39.08 8.61 -38.74
C VAL PA 54 -38.55 8.26 -40.13
N ILE PA 55 -38.50 9.24 -41.04
CA ILE PA 55 -37.97 8.98 -42.36
C ILE PA 55 -36.50 8.59 -42.29
N ILE PA 56 -35.71 9.29 -41.47
CA ILE PA 56 -34.30 8.94 -41.32
C ILE PA 56 -34.15 7.56 -40.70
N ALA PA 57 -34.96 7.25 -39.67
CA ALA PA 57 -34.85 5.95 -39.02
C ALA PA 57 -35.22 4.82 -39.97
N GLY PA 58 -36.22 5.03 -40.83
CA GLY PA 58 -36.65 3.99 -41.73
C GLY PA 58 -35.57 3.59 -42.72
N SER PA 59 -34.79 4.55 -43.19
CA SER PA 59 -33.71 4.32 -44.15
C SER PA 59 -32.34 4.41 -43.48
N ALA PA 60 -32.24 3.90 -42.25
CA ALA PA 60 -30.95 3.91 -41.56
C ALA PA 60 -29.92 3.06 -42.30
N VAL PA 61 -30.33 1.89 -42.77
CA VAL PA 61 -29.39 1.00 -43.46
C VAL PA 61 -28.87 1.65 -44.74
N GLN PA 62 -29.77 2.27 -45.51
CA GLN PA 62 -29.36 2.88 -46.77
C GLN PA 62 -28.41 4.05 -46.55
N ILE PA 63 -28.69 4.89 -45.55
CA ILE PA 63 -27.80 6.01 -45.27
C ILE PA 63 -26.45 5.51 -44.79
N THR PA 64 -26.44 4.49 -43.92
CA THR PA 64 -25.18 3.92 -43.45
C THR PA 64 -24.38 3.34 -44.60
N ALA PA 65 -25.03 2.67 -45.53
CA ALA PA 65 -24.34 2.13 -46.70
C ALA PA 65 -23.81 3.23 -47.62
N MET PA 66 -24.54 4.34 -47.74
CA MET PA 66 -24.07 5.43 -48.57
C MET PA 66 -22.86 6.13 -47.96
N LEU PA 67 -22.87 6.33 -46.64
CA LEU PA 67 -21.77 7.05 -46.00
C LEU PA 67 -20.59 6.15 -45.69
N PHE PA 68 -20.83 5.01 -45.06
CA PHE PA 68 -19.75 4.08 -44.72
C PHE PA 68 -19.45 3.19 -45.91
N THR PA 69 -18.58 3.68 -46.78
CA THR PA 69 -18.18 2.95 -47.98
C THR PA 69 -16.89 2.18 -47.74
N ALA QA 1 67.02 -40.85 83.87
CA ALA QA 1 67.03 -42.30 83.75
C ALA QA 1 65.90 -42.77 82.83
N GLN QA 2 65.16 -43.78 83.29
CA GLN QA 2 64.03 -44.34 82.56
C GLN QA 2 64.46 -44.93 81.21
N GLY QA 3 65.75 -45.15 81.05
CA GLY QA 3 66.27 -45.82 79.86
C GLY QA 3 66.24 -44.99 78.60
N LEU QA 4 65.05 -44.57 78.19
CA LEU QA 4 64.87 -43.89 76.90
C LEU QA 4 64.50 -42.43 77.04
N GLU QA 5 64.75 -41.81 78.21
CA GLU QA 5 64.50 -40.39 78.34
C GLU QA 5 65.46 -39.58 77.47
N LYS QA 6 66.72 -39.99 77.41
CA LYS QA 6 67.69 -39.29 76.57
C LYS QA 6 67.31 -39.37 75.10
N ALA QA 7 66.90 -40.56 74.64
CA ALA QA 7 66.47 -40.72 73.26
C ALA QA 7 65.24 -39.87 72.96
N ARG QA 8 64.30 -39.82 73.91
CA ARG QA 8 63.10 -39.01 73.73
C ARG QA 8 63.46 -37.53 73.65
N SER QA 9 64.41 -37.07 74.47
CA SER QA 9 64.85 -35.69 74.38
C SER QA 9 65.50 -35.39 73.04
N VAL QA 10 66.32 -36.33 72.54
CA VAL QA 10 66.95 -36.15 71.23
C VAL QA 10 65.88 -36.06 70.14
N LEU QA 11 64.87 -36.93 70.21
CA LEU QA 11 63.80 -36.89 69.22
C LEU QA 11 63.03 -35.58 69.30
N GLU QA 12 62.77 -35.08 70.50
CA GLU QA 12 62.09 -33.80 70.63
C GLU QA 12 62.92 -32.66 70.04
N THR QA 13 64.23 -32.68 70.28
CA THR QA 13 65.10 -31.66 69.69
C THR QA 13 65.06 -31.73 68.17
N LEU QA 14 65.11 -32.95 67.61
CA LEU QA 14 65.04 -33.11 66.16
C LEU QA 14 63.70 -32.60 65.62
N GLN QA 15 62.61 -32.89 66.32
CA GLN QA 15 61.30 -32.41 65.89
C GLN QA 15 61.24 -30.89 65.91
N GLN QA 16 61.79 -30.27 66.95
CA GLN QA 16 61.80 -28.81 67.01
C GLN QA 16 62.61 -28.22 65.86
N GLU QA 17 63.77 -28.80 65.57
CA GLU QA 17 64.60 -28.29 64.47
C GLU QA 17 63.89 -28.46 63.13
N LEU QA 18 63.25 -29.60 62.90
CA LEU QA 18 62.52 -29.81 61.66
C LEU QA 18 61.35 -28.83 61.55
N THR QA 19 60.65 -28.59 62.66
CA THR QA 19 59.57 -27.62 62.65
C THR QA 19 60.08 -26.22 62.32
N THR QA 20 61.27 -25.88 62.83
CA THR QA 20 61.87 -24.60 62.48
C THR QA 20 62.20 -24.52 61.00
N ILE QA 21 62.72 -25.61 60.43
CA ILE QA 21 63.12 -25.61 59.02
C ILE QA 21 61.91 -25.55 58.09
N VAL QA 22 60.81 -26.21 58.47
CA VAL QA 22 59.71 -26.43 57.52
C VAL QA 22 59.18 -25.17 56.86
N PRO QA 23 58.92 -24.07 57.57
CA PRO QA 23 58.29 -22.91 56.90
C PRO QA 23 59.06 -22.39 55.71
N ILE QA 24 60.39 -22.44 55.75
CA ILE QA 24 61.18 -22.01 54.60
C ILE QA 24 60.93 -22.91 53.40
N ALA QA 25 60.89 -24.23 53.64
CA ALA QA 25 60.61 -25.17 52.56
C ALA QA 25 59.21 -24.94 52.00
N ALA QA 26 58.23 -24.70 52.87
CA ALA QA 26 56.88 -24.44 52.39
C ALA QA 26 56.81 -23.17 51.57
N ALA QA 27 57.52 -22.13 51.99
CA ALA QA 27 57.55 -20.88 51.23
C ALA QA 27 58.19 -21.08 49.86
N VAL QA 28 59.29 -21.85 49.81
CA VAL QA 28 59.94 -22.12 48.53
C VAL QA 28 59.01 -22.91 47.62
N ILE QA 29 58.32 -23.91 48.17
CA ILE QA 29 57.40 -24.72 47.38
C ILE QA 29 56.28 -23.85 46.83
N LEU QA 30 55.73 -22.95 47.66
CA LEU QA 30 54.66 -22.08 47.17
C LEU QA 30 55.17 -21.12 46.11
N LEU QA 31 56.39 -20.60 46.28
CA LEU QA 31 56.96 -19.72 45.27
C LEU QA 31 57.10 -20.43 43.94
N CYS QA 32 57.57 -21.67 43.96
CA CYS QA 32 57.68 -22.43 42.71
C CYS QA 32 56.31 -22.74 42.12
N LEU QA 33 55.35 -23.10 42.97
CA LEU QA 33 54.02 -23.47 42.49
C LEU QA 33 53.32 -22.29 41.85
N GLY QA 34 53.48 -21.08 42.41
CA GLY QA 34 52.85 -19.91 41.82
C GLY QA 34 53.32 -19.65 40.41
N ILE QA 35 54.63 -19.74 40.19
CA ILE QA 35 55.17 -19.52 38.85
C ILE QA 35 54.76 -20.65 37.91
N ALA QA 36 54.75 -21.89 38.42
CA ALA QA 36 54.34 -23.02 37.58
C ALA QA 36 52.89 -22.85 37.13
N TYR QA 37 52.02 -22.40 38.04
CA TYR QA 37 50.63 -22.14 37.68
C TYR QA 37 50.51 -20.97 36.73
N ALA QA 38 51.35 -19.93 36.90
CA ALA QA 38 51.33 -18.80 35.98
C ALA QA 38 51.74 -19.24 34.58
N GLY QA 39 52.68 -20.15 34.47
CA GLY QA 39 53.16 -20.65 33.19
C GLY QA 39 52.36 -21.77 32.59
N ARG QA 40 51.16 -22.04 33.11
CA ARG QA 40 50.25 -23.06 32.61
C ARG QA 40 50.83 -24.46 32.69
N PHE QA 41 51.64 -24.74 33.71
CA PHE QA 41 52.22 -26.07 33.87
C PHE QA 41 51.48 -26.94 34.88
N ILE QA 42 50.69 -26.35 35.77
CA ILE QA 42 49.89 -27.08 36.74
C ILE QA 42 48.49 -26.47 36.77
N GLU QA 43 47.65 -26.97 37.67
CA GLU QA 43 46.27 -26.55 37.77
C GLU QA 43 46.02 -25.82 39.08
N LYS QA 44 44.82 -25.24 39.19
CA LYS QA 44 44.48 -24.39 40.32
C LYS QA 44 44.26 -25.17 41.62
N ASP QA 45 43.98 -26.47 41.54
CA ASP QA 45 43.79 -27.26 42.76
C ASP QA 45 45.10 -27.48 43.50
N THR QA 46 46.24 -27.15 42.88
CA THR QA 46 47.52 -27.30 43.55
C THR QA 46 47.61 -26.39 44.76
N PHE QA 47 47.02 -25.19 44.68
CA PHE QA 47 47.02 -24.29 45.82
C PHE QA 47 46.20 -24.86 46.98
N VAL QA 48 45.07 -25.48 46.66
CA VAL QA 48 44.26 -26.11 47.71
C VAL QA 48 45.02 -27.26 48.35
N ARG QA 49 45.69 -28.07 47.52
CA ARG QA 49 46.50 -29.16 48.04
C ARG QA 49 47.59 -28.65 48.95
N TRP QA 50 48.28 -27.58 48.53
CA TRP QA 50 49.35 -27.01 49.34
C TRP QA 50 48.81 -26.47 50.65
N SER QA 51 47.67 -25.78 50.61
CA SER QA 51 47.08 -25.24 51.83
C SER QA 51 46.74 -26.35 52.80
N ILE QA 52 46.12 -27.43 52.29
CA ILE QA 52 45.77 -28.55 53.16
C ILE QA 52 47.02 -29.17 53.77
N GLY QA 53 48.05 -29.38 52.95
CA GLY QA 53 49.27 -29.97 53.46
C GLY QA 53 49.93 -29.13 54.53
N VAL QA 54 49.99 -27.81 54.30
CA VAL QA 54 50.64 -26.93 55.26
C VAL QA 54 49.83 -26.84 56.55
N ILE QA 55 48.50 -26.80 56.43
CA ILE QA 55 47.67 -26.77 57.63
C ILE QA 55 47.85 -28.05 58.44
N ILE QA 56 47.89 -29.20 57.78
CA ILE QA 56 48.10 -30.46 58.49
C ILE QA 56 49.47 -30.48 59.15
N ALA QA 57 50.50 -30.01 58.45
CA ALA QA 57 51.84 -30.01 59.00
C ALA QA 57 51.95 -29.09 60.20
N GLY QA 58 51.28 -27.94 60.16
CA GLY QA 58 51.40 -26.99 61.24
C GLY QA 58 50.86 -27.52 62.55
N SER QA 59 49.75 -28.25 62.50
CA SER QA 59 49.11 -28.82 63.70
C SER QA 59 49.38 -30.32 63.82
N ALA QA 60 50.60 -30.74 63.45
CA ALA QA 60 50.93 -32.17 63.51
C ALA QA 60 50.90 -32.67 64.94
N VAL QA 61 51.45 -31.89 65.89
CA VAL QA 61 51.50 -32.33 67.27
C VAL QA 61 50.09 -32.47 67.85
N GLN QA 62 49.22 -31.50 67.55
CA GLN QA 62 47.86 -31.56 68.06
C GLN QA 62 47.09 -32.75 67.50
N ILE QA 63 47.26 -33.02 66.20
CA ILE QA 63 46.59 -34.17 65.60
C ILE QA 63 47.11 -35.46 66.20
N THR QA 64 48.42 -35.57 66.38
CA THR QA 64 48.98 -36.77 66.99
C THR QA 64 48.47 -36.96 68.42
N ALA QA 65 48.36 -35.88 69.19
CA ALA QA 65 47.80 -35.98 70.53
C ALA QA 65 46.32 -36.35 70.51
N MET QA 66 45.58 -35.91 69.49
CA MET QA 66 44.17 -36.27 69.40
C MET QA 66 43.98 -37.74 69.03
N LEU QA 67 44.81 -38.26 68.13
CA LEU QA 67 44.66 -39.64 67.69
C LEU QA 67 45.35 -40.61 68.63
N PHE QA 68 46.63 -40.40 68.91
CA PHE QA 68 47.40 -41.30 69.77
C PHE QA 68 47.15 -40.93 71.23
N THR QA 69 46.09 -41.52 71.78
CA THR QA 69 45.71 -41.27 73.16
C THR QA 69 45.97 -42.49 74.03
N ALA RA 1 74.71 -22.69 66.52
CA ALA RA 1 74.66 -24.12 66.80
C ALA RA 1 73.27 -24.69 66.54
N GLN RA 2 72.71 -25.35 67.56
CA GLN RA 2 71.35 -25.91 67.50
C GLN RA 2 71.23 -26.95 66.39
N GLY RA 3 72.36 -27.49 65.94
CA GLY RA 3 72.35 -28.58 64.99
C GLY RA 3 71.97 -28.21 63.57
N LEU RA 4 70.76 -27.70 63.38
CA LEU RA 4 70.23 -27.46 62.04
C LEU RA 4 70.07 -25.98 61.72
N GLU RA 5 70.75 -25.10 62.45
CA GLU RA 5 70.70 -23.68 62.10
C GLU RA 5 71.45 -23.42 60.81
N LYS RA 6 72.54 -24.14 60.57
CA LYS RA 6 73.30 -23.98 59.33
C LYS RA 6 72.45 -24.33 58.11
N ALA RA 7 71.71 -25.45 58.20
CA ALA RA 7 70.83 -25.83 57.11
C ALA RA 7 69.72 -24.81 56.91
N ARG RA 8 69.22 -24.23 58.01
CA ARG RA 8 68.20 -23.19 57.89
C ARG RA 8 68.75 -21.96 57.19
N SER RA 9 69.99 -21.57 57.50
CA SER RA 9 70.61 -20.44 56.81
C SER RA 9 70.79 -20.74 55.34
N VAL RA 10 71.21 -21.97 55.01
CA VAL RA 10 71.36 -22.35 53.61
C VAL RA 10 70.02 -22.27 52.88
N LEU RA 11 68.96 -22.76 53.52
CA LEU RA 11 67.64 -22.71 52.90
C LEU RA 11 67.17 -21.27 52.73
N GLU RA 12 67.45 -20.40 53.70
CA GLU RA 12 67.08 -18.99 53.56
C GLU RA 12 67.82 -18.35 52.39
N THR RA 13 69.11 -18.66 52.23
CA THR RA 13 69.86 -18.13 51.10
C THR RA 13 69.28 -18.63 49.78
N LEU RA 14 68.93 -19.92 49.72
CA LEU RA 14 68.34 -20.46 48.50
C LEU RA 14 67.00 -19.78 48.20
N GLN RA 15 66.20 -19.55 49.23
CA GLN RA 15 64.90 -18.89 49.04
C GLN RA 15 65.09 -17.47 48.53
N GLN RA 16 66.05 -16.73 49.08
CA GLN RA 16 66.30 -15.38 48.61
C GLN RA 16 66.76 -15.37 47.16
N GLU RA 17 67.65 -16.30 46.80
CA GLU RA 17 68.12 -16.35 45.41
C GLU RA 17 66.99 -16.71 44.45
N LEU RA 18 66.14 -17.66 44.83
CA LEU RA 18 65.01 -18.01 43.98
C LEU RA 18 64.04 -16.85 43.85
N THR RA 19 63.81 -16.12 44.94
CA THR RA 19 62.94 -14.94 44.88
C THR RA 19 63.53 -13.89 43.95
N THR RA 20 64.86 -13.74 43.96
CA THR RA 20 65.52 -12.83 43.04
C THR RA 20 65.32 -13.26 41.59
N ILE RA 21 65.46 -14.57 41.32
CA ILE RA 21 65.35 -15.06 39.95
C ILE RA 21 63.93 -14.97 39.43
N VAL RA 22 62.92 -15.18 40.29
CA VAL RA 22 61.55 -15.38 39.82
C VAL RA 22 61.04 -14.26 38.92
N PRO RA 23 61.21 -12.96 39.23
CA PRO RA 23 60.59 -11.94 38.38
C PRO RA 23 60.98 -12.02 36.92
N ILE RA 24 62.23 -12.40 36.62
CA ILE RA 24 62.64 -12.56 35.23
C ILE RA 24 61.84 -13.67 34.56
N ALA RA 25 61.67 -14.79 35.26
CA ALA RA 25 60.88 -15.89 34.71
C ALA RA 25 59.43 -15.47 34.48
N ALA RA 26 58.86 -14.73 35.42
CA ALA RA 26 57.48 -14.27 35.27
C ALA RA 26 57.37 -13.32 34.08
N ALA RA 27 58.34 -12.43 33.89
CA ALA RA 27 58.31 -11.51 32.77
C ALA RA 27 58.42 -12.26 31.44
N VAL RA 28 59.29 -13.27 31.38
CA VAL RA 28 59.42 -14.06 30.16
C VAL RA 28 58.14 -14.82 29.87
N ILE RA 29 57.52 -15.39 30.91
CA ILE RA 29 56.27 -16.10 30.72
C ILE RA 29 55.19 -15.16 30.19
N LEU RA 30 55.10 -13.95 30.76
CA LEU RA 30 54.10 -13.00 30.29
C LEU RA 30 54.38 -12.57 28.86
N LEU RA 31 55.65 -12.36 28.51
CA LEU RA 31 56.00 -11.99 27.15
C LEU RA 31 55.58 -13.07 26.15
N CYS RA 32 55.82 -14.34 26.50
CA CYS RA 32 55.41 -15.42 25.61
C CYS RA 32 53.89 -15.54 25.55
N LEU RA 33 53.22 -15.37 26.69
CA LEU RA 33 51.76 -15.53 26.72
C LEU RA 33 51.07 -14.44 25.92
N GLY RA 34 51.60 -13.22 25.95
CA GLY RA 34 51.00 -12.15 25.17
C GLY RA 34 51.00 -12.44 23.69
N ILE RA 35 52.13 -12.92 23.17
CA ILE RA 35 52.21 -13.26 21.75
C ILE RA 35 51.37 -14.48 21.43
N ALA RA 36 51.33 -15.46 22.34
CA ALA RA 36 50.49 -16.62 22.12
C ALA RA 36 49.02 -16.23 22.04
N TYR RA 37 48.58 -15.33 22.90
CA TYR RA 37 47.21 -14.84 22.85
C TYR RA 37 46.94 -14.01 21.61
N ALA RA 38 47.91 -13.21 21.17
CA ALA RA 38 47.74 -12.44 19.96
C ALA RA 38 47.60 -13.33 18.73
N GLY RA 39 48.26 -14.49 18.75
CA GLY RA 39 48.21 -15.43 17.65
C GLY RA 39 47.08 -16.43 17.70
N ARG RA 40 46.08 -16.21 18.55
CA ARG RA 40 44.90 -17.06 18.67
C ARG RA 40 45.24 -18.47 19.11
N PHE RA 41 46.30 -18.65 19.89
CA PHE RA 41 46.68 -19.97 20.37
C PHE RA 41 46.16 -20.29 21.76
N ILE RA 42 45.84 -19.29 22.56
CA ILE RA 42 45.28 -19.47 23.90
C ILE RA 42 44.10 -18.50 24.06
N GLU RA 43 43.55 -18.47 25.26
CA GLU RA 43 42.38 -17.67 25.55
C GLU RA 43 42.70 -16.58 26.57
N LYS RA 44 41.70 -15.73 26.81
CA LYS RA 44 41.89 -14.56 27.66
C LYS RA 44 42.01 -14.89 29.13
N ASP RA 45 41.55 -16.07 29.56
CA ASP RA 45 41.68 -16.45 30.97
C ASP RA 45 43.13 -16.72 31.34
N THR RA 46 44.02 -16.83 30.36
CA THR RA 46 45.43 -17.07 30.65
C THR RA 46 46.04 -15.91 31.43
N PHE RA 47 45.65 -14.68 31.10
CA PHE RA 47 46.19 -13.52 31.81
C PHE RA 47 45.70 -13.49 33.26
N VAL RA 48 44.44 -13.85 33.49
CA VAL RA 48 43.94 -13.95 34.85
C VAL RA 48 44.68 -15.02 35.63
N ARG RA 49 44.90 -16.18 35.00
CA ARG RA 49 45.66 -17.25 35.64
C ARG RA 49 47.06 -16.78 36.00
N TRP RA 50 47.73 -16.10 35.07
CA TRP RA 50 49.08 -15.61 35.31
C TRP RA 50 49.11 -14.60 36.45
N SER RA 51 48.13 -13.69 36.47
CA SER RA 51 48.08 -12.68 37.52
C SER RA 51 47.88 -13.34 38.88
N ILE RA 52 46.98 -14.31 38.96
CA ILE RA 52 46.75 -14.99 40.23
C ILE RA 52 48.01 -15.72 40.68
N GLY RA 53 48.66 -16.42 39.75
CA GLY RA 53 49.87 -17.14 40.10
C GLY RA 53 50.97 -16.24 40.59
N VAL RA 54 51.18 -15.12 39.89
CA VAL RA 54 52.25 -14.20 40.27
C VAL RA 54 51.95 -13.53 41.60
N ILE RA 55 50.69 -13.14 41.82
CA ILE RA 55 50.33 -12.53 43.09
C ILE RA 55 50.53 -13.51 44.24
N ILE RA 56 50.14 -14.77 44.06
CA ILE RA 56 50.35 -15.76 45.10
C ILE RA 56 51.84 -16.00 45.34
N ALA RA 57 52.63 -16.06 44.27
CA ALA RA 57 54.06 -16.31 44.42
C ALA RA 57 54.76 -15.14 45.12
N GLY RA 58 54.30 -13.92 44.88
CA GLY RA 58 54.94 -12.76 45.47
C GLY RA 58 54.83 -12.74 47.00
N SER RA 59 53.68 -13.16 47.51
CA SER RA 59 53.41 -13.15 48.95
C SER RA 59 53.48 -14.57 49.53
N ALA RA 60 54.43 -15.37 49.05
CA ALA RA 60 54.54 -16.74 49.53
C ALA RA 60 54.89 -16.78 51.01
N VAL RA 61 55.81 -15.92 51.45
CA VAL RA 61 56.23 -15.93 52.85
C VAL RA 61 55.07 -15.53 53.75
N GLN RA 62 54.32 -14.50 53.36
CA GLN RA 62 53.20 -14.04 54.17
C GLN RA 62 52.12 -15.12 54.30
N ILE RA 63 51.80 -15.80 53.20
CA ILE RA 63 50.80 -16.86 53.25
C ILE RA 63 51.30 -18.02 54.10
N THR RA 64 52.58 -18.38 53.97
CA THR RA 64 53.13 -19.44 54.79
C THR RA 64 53.08 -19.09 56.26
N ALA RA 65 53.38 -17.85 56.62
CA ALA RA 65 53.26 -17.42 58.00
C ALA RA 65 51.81 -17.41 58.48
N MET RA 66 50.86 -17.07 57.62
CA MET RA 66 49.46 -17.07 58.00
C MET RA 66 48.94 -18.48 58.24
N LEU RA 67 49.36 -19.45 57.42
CA LEU RA 67 48.84 -20.80 57.55
C LEU RA 67 49.66 -21.64 58.52
N PHE RA 68 50.98 -21.67 58.36
CA PHE RA 68 51.84 -22.47 59.24
C PHE RA 68 52.16 -21.65 60.50
N THR RA 69 51.23 -21.70 61.43
CA THR RA 69 51.38 -20.98 62.69
C THR RA 69 51.79 -21.93 63.82
N ALA SA 1 79.23 -13.71 42.52
CA ALA SA 1 78.98 -14.77 43.48
C ALA SA 1 77.50 -14.89 43.78
N GLN SA 2 77.18 -15.00 45.07
CA GLN SA 2 75.79 -15.08 45.54
C GLN SA 2 75.05 -16.28 44.96
N GLY SA 3 75.80 -17.26 44.46
CA GLY SA 3 75.22 -18.50 43.99
C GLY SA 3 74.51 -18.41 42.65
N LEU SA 4 73.37 -17.72 42.61
CA LEU SA 4 72.51 -17.70 41.43
C LEU SA 4 72.60 -16.40 40.66
N GLU SA 5 73.68 -15.63 40.82
CA GLU SA 5 73.84 -14.42 40.02
C GLU SA 5 74.11 -14.76 38.56
N LYS SA 6 74.90 -15.81 38.31
CA LYS SA 6 75.19 -16.21 36.94
C LYS SA 6 73.95 -16.68 36.22
N ALA SA 7 73.12 -17.48 36.90
CA ALA SA 7 71.85 -17.92 36.31
C ALA SA 7 70.93 -16.73 36.06
N ARG SA 8 70.92 -15.76 36.97
CA ARG SA 8 70.11 -14.56 36.76
C ARG SA 8 70.58 -13.78 35.54
N SER SA 9 71.89 -13.66 35.37
CA SER SA 9 72.41 -12.98 34.18
C SER SA 9 72.03 -13.72 32.90
N VAL SA 10 72.11 -15.05 32.94
CA VAL SA 10 71.72 -15.83 31.76
C VAL SA 10 70.24 -15.63 31.45
N LEU SA 11 69.40 -15.63 32.49
CA LEU SA 11 67.97 -15.40 32.27
C LEU SA 11 67.70 -14.00 31.72
N GLU SA 12 68.43 -13.00 32.22
CA GLU SA 12 68.25 -11.64 31.69
C GLU SA 12 68.65 -11.57 30.22
N THR SA 13 69.75 -12.24 29.85
CA THR SA 13 70.15 -12.26 28.45
C THR SA 13 69.10 -12.95 27.59
N LEU SA 14 68.55 -14.06 28.07
CA LEU SA 14 67.50 -14.75 27.34
C LEU SA 14 66.26 -13.87 27.18
N GLN SA 15 65.91 -13.14 28.25
CA GLN SA 15 64.76 -12.25 28.18
C GLN SA 15 64.97 -11.14 27.16
N GLN SA 16 66.18 -10.55 27.14
CA GLN SA 16 66.47 -9.51 26.17
C GLN SA 16 66.39 -10.05 24.74
N GLU SA 17 66.95 -11.24 24.51
CA GLU SA 17 66.91 -11.82 23.17
C GLU SA 17 65.48 -12.13 22.73
N LEU SA 18 64.67 -12.67 23.64
CA LEU SA 18 63.27 -12.94 23.30
C LEU SA 18 62.52 -11.65 23.02
N THR SA 19 62.79 -10.60 23.80
CA THR SA 19 62.16 -9.31 23.55
C THR SA 19 62.56 -8.77 22.19
N THR SA 20 63.82 -8.98 21.79
CA THR SA 20 64.25 -8.56 20.47
C THR SA 20 63.52 -9.33 19.36
N ILE SA 21 63.35 -10.64 19.56
CA ILE SA 21 62.72 -11.46 18.53
C ILE SA 21 61.22 -11.18 18.42
N VAL SA 22 60.56 -10.86 19.55
CA VAL SA 22 59.10 -10.82 19.55
C VAL SA 22 58.48 -9.91 18.49
N PRO SA 23 58.96 -8.67 18.26
CA PRO SA 23 58.25 -7.81 17.31
C PRO SA 23 58.10 -8.41 15.93
N ILE SA 24 59.08 -9.17 15.47
CA ILE SA 24 58.97 -9.83 14.17
C ILE SA 24 57.84 -10.85 14.18
N ALA SA 25 57.74 -11.63 15.26
CA ALA SA 25 56.65 -12.60 15.37
C ALA SA 25 55.30 -11.90 15.38
N ALA SA 26 55.19 -10.80 16.12
CA ALA SA 26 53.92 -10.06 16.17
C ALA SA 26 53.58 -9.50 14.79
N ALA SA 27 54.57 -8.99 14.07
CA ALA SA 27 54.32 -8.45 12.74
C ALA SA 27 53.86 -9.54 11.77
N VAL SA 28 54.50 -10.70 11.83
CA VAL SA 28 54.09 -11.80 10.95
C VAL SA 28 52.67 -12.26 11.30
N ILE SA 29 52.36 -12.33 12.60
CA ILE SA 29 51.02 -12.71 13.02
C ILE SA 29 49.99 -11.72 12.49
N LEU SA 30 50.28 -10.42 12.61
CA LEU SA 30 49.34 -9.43 12.11
C LEU SA 30 49.19 -9.50 10.59
N LEU SA 31 50.29 -9.73 9.89
CA LEU SA 31 50.23 -9.85 8.43
C LEU SA 31 49.34 -11.02 8.02
N CYS SA 32 49.48 -12.15 8.71
CA CYS SA 32 48.62 -13.29 8.39
C CYS SA 32 47.17 -13.02 8.78
N LEU SA 33 46.94 -12.38 9.93
CA LEU SA 33 45.58 -12.15 10.40
C LEU SA 33 44.84 -11.19 9.47
N GLY SA 34 45.52 -10.16 8.97
CA GLY SA 34 44.86 -9.24 8.06
C GLY SA 34 44.36 -9.92 6.81
N ILE SA 35 45.18 -10.78 6.21
CA ILE SA 35 44.77 -11.48 5.00
C ILE SA 35 43.68 -12.50 5.32
N ALA SA 36 43.78 -13.16 6.48
CA ALA SA 36 42.72 -14.09 6.86
C ALA SA 36 41.39 -13.39 7.02
N TYR SA 37 41.41 -12.19 7.64
CA TYR SA 37 40.20 -11.40 7.78
C TYR SA 37 39.68 -10.92 6.43
N ALA SA 38 40.58 -10.57 5.52
CA ALA SA 38 40.15 -10.14 4.18
C ALA SA 38 39.44 -11.28 3.45
N GLY SA 39 39.84 -12.51 3.72
CA GLY SA 39 39.26 -13.67 3.07
C GLY SA 39 38.05 -14.27 3.77
N ARG SA 40 37.47 -13.58 4.75
CA ARG SA 40 36.30 -14.03 5.50
C ARG SA 40 36.57 -15.30 6.29
N PHE SA 41 37.81 -15.51 6.74
CA PHE SA 41 38.13 -16.69 7.53
C PHE SA 41 38.08 -16.45 9.03
N ILE SA 42 38.25 -15.19 9.48
CA ILE SA 42 38.15 -14.83 10.88
C ILE SA 42 37.27 -13.60 11.00
N GLU SA 43 37.16 -13.07 12.20
CA GLU SA 43 36.28 -11.94 12.49
C GLU SA 43 37.08 -10.72 12.92
N LYS SA 44 36.37 -9.62 13.11
CA LYS SA 44 37.01 -8.33 13.40
C LYS SA 44 37.53 -8.24 14.82
N ASP SA 45 37.03 -9.06 15.76
CA ASP SA 45 37.55 -9.04 17.11
C ASP SA 45 38.97 -9.57 17.19
N THR SA 46 39.45 -10.22 16.14
CA THR SA 46 40.81 -10.74 16.12
C THR SA 46 41.83 -9.61 16.25
N PHE SA 47 41.56 -8.47 15.61
CA PHE SA 47 42.47 -7.34 15.71
C PHE SA 47 42.52 -6.78 17.12
N VAL SA 48 41.36 -6.73 17.79
CA VAL SA 48 41.33 -6.28 19.18
C VAL SA 48 42.13 -7.24 20.06
N ARG SA 49 41.93 -8.55 19.84
CA ARG SA 49 42.69 -9.54 20.61
C ARG SA 49 44.19 -9.39 20.37
N TRP SA 50 44.59 -9.20 19.12
CA TRP SA 50 46.00 -9.04 18.79
C TRP SA 50 46.57 -7.80 19.45
N SER SA 51 45.83 -6.69 19.41
CA SER SA 51 46.31 -5.46 20.02
C SER SA 51 46.49 -5.62 21.52
N ILE SA 52 45.52 -6.25 22.18
CA ILE SA 52 45.63 -6.47 23.62
C ILE SA 52 46.83 -7.34 23.94
N GLY SA 53 46.99 -8.43 23.18
CA GLY SA 53 48.10 -9.33 23.44
C GLY SA 53 49.45 -8.66 23.25
N VAL SA 54 49.59 -7.88 22.17
CA VAL SA 54 50.87 -7.23 21.90
C VAL SA 54 51.14 -6.14 22.94
N ILE SA 55 50.11 -5.40 23.35
CA ILE SA 55 50.30 -4.37 24.36
C ILE SA 55 50.73 -4.99 25.68
N ILE SA 56 50.11 -6.10 26.07
CA ILE SA 56 50.50 -6.78 27.31
C ILE SA 56 51.92 -7.31 27.21
N ALA SA 57 52.28 -7.90 26.06
CA ALA SA 57 53.63 -8.44 25.90
C ALA SA 57 54.67 -7.33 25.92
N GLY SA 58 54.32 -6.14 25.42
CA GLY SA 58 55.28 -5.06 25.37
C GLY SA 58 55.70 -4.58 26.75
N SER SA 59 54.74 -4.47 27.67
CA SER SA 59 55.00 -3.99 29.02
C SER SA 59 55.00 -5.14 30.02
N ALA SA 60 55.58 -6.28 29.62
CA ALA SA 60 55.62 -7.43 30.51
C ALA SA 60 56.43 -7.14 31.76
N VAL SA 61 57.58 -6.48 31.60
CA VAL SA 61 58.43 -6.17 32.75
C VAL SA 61 57.72 -5.25 33.72
N GLN SA 62 57.03 -4.22 33.20
CA GLN SA 62 56.35 -3.28 34.07
C GLN SA 62 55.21 -3.95 34.84
N ILE SA 63 54.43 -4.80 34.17
CA ILE SA 63 53.35 -5.50 34.85
C ILE SA 63 53.90 -6.45 35.90
N THR SA 64 54.98 -7.16 35.57
CA THR SA 64 55.60 -8.06 36.54
C THR SA 64 56.09 -7.29 37.76
N ALA SA 65 56.71 -6.12 37.56
CA ALA SA 65 57.14 -5.31 38.69
C ALA SA 65 55.96 -4.77 39.48
N MET SA 66 54.84 -4.48 38.84
CA MET SA 66 53.67 -3.99 39.56
C MET SA 66 53.04 -5.09 40.42
N LEU SA 67 52.96 -6.31 39.88
CA LEU SA 67 52.30 -7.39 40.62
C LEU SA 67 53.26 -8.09 41.58
N PHE SA 68 54.43 -8.51 41.10
CA PHE SA 68 55.39 -9.23 41.93
C PHE SA 68 56.25 -8.21 42.69
N THR SA 69 55.71 -7.79 43.84
CA THR SA 69 56.40 -6.83 44.68
C THR SA 69 57.10 -7.52 45.84
N ALA TA 1 76.88 -13.22 16.88
CA ALA TA 1 76.73 -13.82 18.20
C ALA TA 1 75.40 -13.43 18.83
N GLN TA 2 75.44 -13.02 20.10
CA GLN TA 2 74.26 -12.58 20.84
C GLN TA 2 73.22 -13.69 20.95
N GLY TA 3 73.60 -14.92 20.63
CA GLY TA 3 72.71 -16.05 20.78
C GLY TA 3 71.62 -16.15 19.72
N LEU TA 4 70.65 -15.24 19.77
CA LEU TA 4 69.47 -15.34 18.93
C LEU TA 4 69.50 -14.36 17.75
N GLU TA 5 70.69 -13.91 17.34
CA GLU TA 5 70.77 -13.08 16.15
C GLU TA 5 70.44 -13.88 14.90
N LYS TA 6 70.91 -15.12 14.82
CA LYS TA 6 70.65 -15.95 13.65
C LYS TA 6 69.16 -16.25 13.50
N ALA TA 7 68.50 -16.57 14.61
CA ALA TA 7 67.06 -16.80 14.57
C ALA TA 7 66.31 -15.55 14.16
N ARG TA 8 66.75 -14.39 14.63
CA ARG TA 8 66.12 -13.14 14.23
C ARG TA 8 66.29 -12.88 12.74
N SER TA 9 67.48 -13.18 12.20
CA SER TA 9 67.69 -13.01 10.77
C SER TA 9 66.80 -13.95 9.97
N VAL TA 10 66.65 -15.20 10.43
CA VAL TA 10 65.77 -16.14 9.75
C VAL TA 10 64.33 -15.66 9.79
N LEU TA 11 63.89 -15.13 10.93
CA LEU TA 11 62.53 -14.62 11.04
C LEU TA 11 62.33 -13.40 10.14
N GLU TA 12 63.34 -12.54 10.02
CA GLU TA 12 63.22 -11.40 9.12
C GLU TA 12 63.10 -11.86 7.67
N THR TA 13 63.89 -12.87 7.29
CA THR TA 13 63.78 -13.40 5.93
C THR TA 13 62.40 -14.00 5.69
N LEU TA 14 61.88 -14.74 6.66
CA LEU TA 14 60.53 -15.30 6.52
C LEU TA 14 59.49 -14.20 6.40
N GLN TA 15 59.62 -13.14 7.19
CA GLN TA 15 58.67 -12.04 7.11
C GLN TA 15 58.72 -11.36 5.75
N GLN TA 16 59.92 -11.15 5.22
CA GLN TA 16 60.04 -10.54 3.89
C GLN TA 16 59.41 -11.41 2.82
N GLU TA 17 59.66 -12.73 2.89
CA GLU TA 17 59.09 -13.62 1.88
C GLU TA 17 57.57 -13.67 1.98
N LEU TA 18 57.02 -13.72 3.19
CA LEU TA 18 55.57 -13.71 3.34
C LEU TA 18 54.97 -12.39 2.84
N THR TA 19 55.65 -11.27 3.11
CA THR TA 19 55.18 -9.98 2.60
C THR TA 19 55.18 -9.96 1.09
N THR TA 20 56.20 -10.58 0.46
CA THR TA 20 56.23 -10.66 -0.99
C THR TA 20 55.06 -11.51 -1.51
N ILE TA 21 54.78 -12.63 -0.84
CA ILE TA 21 53.72 -13.52 -1.31
C ILE TA 21 52.34 -12.90 -1.14
N VAL TA 22 52.14 -12.12 -0.07
CA VAL TA 22 50.78 -11.71 0.30
C VAL TA 22 50.00 -11.02 -0.81
N PRO TA 23 50.54 -10.07 -1.57
CA PRO TA 23 49.70 -9.36 -2.55
C PRO TA 23 49.03 -10.27 -3.55
N ILE TA 24 49.69 -11.36 -3.95
CA ILE TA 24 49.07 -12.31 -4.87
C ILE TA 24 47.85 -12.94 -4.22
N ALA TA 25 47.98 -13.35 -2.95
CA ALA TA 25 46.84 -13.94 -2.24
C ALA TA 25 45.71 -12.95 -2.10
N ALA TA 26 46.03 -11.69 -1.79
CA ALA TA 26 44.99 -10.67 -1.67
C ALA TA 26 44.27 -10.45 -3.00
N ALA TA 27 45.03 -10.42 -4.10
CA ALA TA 27 44.43 -10.24 -5.41
C ALA TA 27 43.52 -11.41 -5.78
N VAL TA 28 43.96 -12.64 -5.47
CA VAL TA 28 43.11 -13.80 -5.75
C VAL TA 28 41.84 -13.76 -4.91
N ILE TA 29 41.97 -13.37 -3.64
CA ILE TA 29 40.79 -13.27 -2.79
C ILE TA 29 39.82 -12.24 -3.35
N LEU TA 30 40.32 -11.08 -3.77
CA LEU TA 30 39.43 -10.07 -4.33
C LEU TA 30 38.79 -10.53 -5.63
N LEU TA 31 39.55 -11.25 -6.46
CA LEU TA 31 38.99 -11.76 -7.71
C LEU TA 31 37.85 -12.74 -7.44
N CYS TA 32 38.01 -13.61 -6.44
CA CYS TA 32 36.94 -14.52 -6.09
C CYS TA 32 35.75 -13.78 -5.47
N LEU TA 33 36.03 -12.79 -4.63
CA LEU TA 33 34.95 -12.06 -3.94
C LEU TA 33 34.10 -11.27 -4.92
N GLY TA 34 34.73 -10.68 -5.95
CA GLY TA 34 33.95 -9.94 -6.93
C GLY TA 34 32.93 -10.80 -7.64
N ILE TA 35 33.34 -11.99 -8.09
CA ILE TA 35 32.43 -12.89 -8.78
C ILE TA 35 31.38 -13.42 -7.81
N ALA TA 36 31.78 -13.70 -6.56
CA ALA TA 36 30.80 -14.16 -5.57
C ALA TA 36 29.74 -13.10 -5.32
N TYR TA 37 30.14 -11.84 -5.24
CA TYR TA 37 29.19 -10.75 -5.06
C TYR TA 37 28.32 -10.55 -6.29
N ALA TA 38 28.87 -10.76 -7.48
CA ALA TA 38 28.07 -10.61 -8.69
C ALA TA 38 26.95 -11.64 -8.73
N GLY TA 39 27.21 -12.85 -8.27
CA GLY TA 39 26.25 -13.92 -8.28
C GLY TA 39 25.29 -13.96 -7.11
N ARG TA 40 25.22 -12.89 -6.32
CA ARG TA 40 24.33 -12.77 -5.17
C ARG TA 40 24.63 -13.79 -4.08
N PHE TA 41 25.90 -14.17 -3.91
CA PHE TA 41 26.28 -15.11 -2.87
C PHE TA 41 26.75 -14.45 -1.59
N ILE TA 42 27.26 -13.22 -1.66
CA ILE TA 42 27.68 -12.46 -0.50
C ILE TA 42 27.14 -11.04 -0.63
N GLU TA 43 27.47 -10.20 0.34
CA GLU TA 43 26.96 -8.83 0.39
C GLU TA 43 28.07 -7.82 0.14
N LYS TA 44 27.68 -6.55 0.07
CA LYS TA 44 28.60 -5.49 -0.30
C LYS TA 44 29.59 -5.13 0.81
N ASP TA 45 29.28 -5.47 2.06
CA ASP TA 45 30.22 -5.18 3.14
C ASP TA 45 31.47 -6.03 3.05
N THR TA 46 31.47 -7.07 2.21
CA THR TA 46 32.64 -7.91 2.05
C THR TA 46 33.81 -7.11 1.49
N PHE TA 47 33.53 -6.16 0.59
CA PHE TA 47 34.60 -5.33 0.04
C PHE TA 47 35.18 -4.42 1.10
N VAL TA 48 34.34 -3.89 1.99
CA VAL TA 48 34.83 -3.07 3.09
C VAL TA 48 35.72 -3.91 4.01
N ARG TA 49 35.27 -5.13 4.32
CA ARG TA 49 36.07 -6.03 5.15
C ARG TA 49 37.41 -6.33 4.49
N TRP TA 50 37.41 -6.60 3.19
CA TRP TA 50 38.63 -6.90 2.46
C TRP TA 50 39.57 -5.71 2.47
N SER TA 51 39.04 -4.50 2.25
CA SER TA 51 39.87 -3.31 2.25
C SER TA 51 40.49 -3.08 3.60
N ILE TA 52 39.72 -3.24 4.67
CA ILE TA 52 40.26 -3.06 6.02
C ILE TA 52 41.35 -4.08 6.29
N GLY TA 53 41.11 -5.34 5.93
CA GLY TA 53 42.10 -6.38 6.17
C GLY TA 53 43.38 -6.13 5.41
N VAL TA 54 43.28 -5.73 4.14
CA VAL TA 54 44.46 -5.51 3.33
C VAL TA 54 45.24 -4.29 3.81
N ILE TA 55 44.52 -3.22 4.20
CA ILE TA 55 45.20 -2.05 4.73
C ILE TA 55 45.92 -2.37 6.04
N ILE TA 56 45.29 -3.15 6.90
CA ILE TA 56 45.94 -3.54 8.15
C ILE TA 56 47.17 -4.40 7.88
N ALA TA 57 47.05 -5.35 6.95
CA ALA TA 57 48.17 -6.23 6.66
C ALA TA 57 49.32 -5.48 6.00
N GLY TA 58 49.01 -4.46 5.20
CA GLY TA 58 50.05 -3.72 4.51
C GLY TA 58 50.98 -2.98 5.46
N SER TA 59 50.42 -2.38 6.50
CA SER TA 59 51.19 -1.63 7.49
C SER TA 59 51.33 -2.40 8.79
N ALA TA 60 51.51 -3.73 8.69
CA ALA TA 60 51.65 -4.54 9.89
C ALA TA 60 52.88 -4.16 10.69
N VAL TA 61 54.00 -3.90 10.01
CA VAL TA 61 55.24 -3.53 10.69
C VAL TA 61 55.06 -2.22 11.43
N GLN TA 62 54.43 -1.23 10.80
CA GLN TA 62 54.24 0.06 11.43
C GLN TA 62 53.35 -0.04 12.66
N ILE TA 63 52.25 -0.79 12.55
CA ILE TA 63 51.36 -0.95 13.70
C ILE TA 63 52.06 -1.70 14.83
N THR TA 64 52.83 -2.73 14.50
CA THR TA 64 53.57 -3.46 15.53
C THR TA 64 54.59 -2.57 16.22
N ALA TA 65 55.29 -1.73 15.46
CA ALA TA 65 56.21 -0.78 16.08
C ALA TA 65 55.50 0.25 16.92
N MET TA 66 54.28 0.66 16.53
CA MET TA 66 53.54 1.63 17.34
C MET TA 66 53.05 1.02 18.64
N LEU TA 67 52.59 -0.22 18.62
CA LEU TA 67 52.03 -0.83 19.83
C LEU TA 67 53.12 -1.46 20.70
N PHE TA 68 54.06 -2.18 20.10
CA PHE TA 68 55.12 -2.85 20.86
C PHE TA 68 56.32 -1.90 21.00
N THR TA 69 56.25 -1.06 22.02
CA THR TA 69 57.30 -0.10 22.30
C THR TA 69 58.22 -0.58 23.42
N ALA UA 1 66.07 -19.07 -5.95
CA ALA UA 1 66.25 -19.26 -4.52
C ALA UA 1 65.25 -18.42 -3.73
N GLN UA 2 65.74 -17.74 -2.70
CA GLN UA 2 64.92 -16.87 -1.85
C GLN UA 2 63.83 -17.66 -1.12
N GLY UA 3 63.93 -18.99 -1.16
CA GLY UA 3 63.00 -19.83 -0.41
C GLY UA 3 61.61 -19.90 -0.97
N LEU UA 4 60.91 -18.77 -1.06
CA LEU UA 4 59.52 -18.75 -1.45
C LEU UA 4 59.29 -18.20 -2.85
N GLU UA 5 60.31 -18.23 -3.70
CA GLU UA 5 60.11 -17.84 -5.10
C GLU UA 5 59.26 -18.86 -5.83
N LYS UA 6 59.47 -20.14 -5.55
CA LYS UA 6 58.69 -21.19 -6.23
C LYS UA 6 57.22 -21.10 -5.84
N ALA UA 7 56.94 -20.89 -4.56
CA ALA UA 7 55.55 -20.74 -4.13
C ALA UA 7 54.91 -19.50 -4.75
N ARG UA 8 55.67 -18.42 -4.85
CA ARG UA 8 55.15 -17.22 -5.48
C ARG UA 8 54.84 -17.45 -6.96
N SER UA 9 55.71 -18.17 -7.66
CA SER UA 9 55.44 -18.50 -9.06
C SER UA 9 54.20 -19.37 -9.20
N VAL UA 10 54.04 -20.35 -8.32
CA VAL UA 10 52.85 -21.20 -8.36
C VAL UA 10 51.60 -20.38 -8.10
N LEU UA 11 51.65 -19.45 -7.15
CA LEU UA 11 50.50 -18.58 -6.87
C LEU UA 11 50.19 -17.69 -8.06
N GLU UA 12 51.23 -17.17 -8.73
CA GLU UA 12 50.98 -16.35 -9.91
C GLU UA 12 50.32 -17.17 -11.02
N THR UA 13 50.77 -18.41 -11.22
CA THR UA 13 50.14 -19.27 -12.22
C THR UA 13 48.68 -19.54 -11.88
N LEU UA 14 48.41 -19.82 -10.59
CA LEU UA 14 47.03 -20.04 -10.17
C LEU UA 14 46.18 -18.80 -10.39
N GLN UA 15 46.73 -17.62 -10.08
CA GLN UA 15 46.00 -16.38 -10.28
C GLN UA 15 45.68 -16.15 -11.75
N GLN UA 16 46.65 -16.41 -12.63
CA GLN UA 16 46.41 -16.24 -14.06
C GLN UA 16 45.34 -17.21 -14.55
N GLU UA 17 45.39 -18.46 -14.09
CA GLU UA 17 44.39 -19.43 -14.52
C GLU UA 17 43.00 -19.06 -14.03
N LEU UA 18 42.89 -18.60 -12.79
CA LEU UA 18 41.59 -18.17 -12.28
C LEU UA 18 41.09 -16.95 -13.03
N THR UA 19 41.98 -16.02 -13.37
CA THR UA 19 41.59 -14.86 -14.16
C THR UA 19 41.08 -15.28 -15.53
N THR UA 20 41.70 -16.31 -16.12
CA THR UA 20 41.22 -16.83 -17.39
C THR UA 20 39.83 -17.45 -17.25
N ILE UA 21 39.61 -18.20 -16.17
CA ILE UA 21 38.33 -18.87 -15.98
C ILE UA 21 37.20 -17.87 -15.69
N VAL UA 22 37.52 -16.79 -14.98
CA VAL UA 22 36.46 -15.94 -14.42
C VAL UA 22 35.48 -15.40 -15.46
N PRO UA 23 35.90 -14.89 -16.63
CA PRO UA 23 34.91 -14.29 -17.54
C PRO UA 23 33.79 -15.22 -17.94
N ILE UA 24 34.09 -16.52 -18.10
CA ILE UA 24 33.04 -17.47 -18.44
C ILE UA 24 32.03 -17.57 -17.30
N ALA UA 25 32.51 -17.63 -16.05
CA ALA UA 25 31.61 -17.70 -14.91
C ALA UA 25 30.76 -16.44 -14.82
N ALA UA 26 31.35 -15.27 -15.07
CA ALA UA 26 30.60 -14.03 -15.04
C ALA UA 26 29.53 -14.01 -16.14
N ALA UA 27 29.88 -14.49 -17.33
CA ALA UA 27 28.91 -14.54 -18.42
C ALA UA 27 27.76 -15.47 -18.10
N VAL UA 28 28.05 -16.63 -17.51
CA VAL UA 28 26.99 -17.56 -17.13
C VAL UA 28 26.10 -16.95 -16.06
N ILE UA 29 26.71 -16.26 -15.09
CA ILE UA 29 25.93 -15.60 -14.04
C ILE UA 29 25.00 -14.56 -14.64
N LEU UA 30 25.51 -13.74 -15.58
CA LEU UA 30 24.66 -12.73 -16.20
C LEU UA 30 23.56 -13.36 -17.02
N LEU UA 31 23.86 -14.45 -17.73
CA LEU UA 31 22.85 -15.14 -18.52
C LEU UA 31 21.73 -15.66 -17.63
N CYS UA 32 22.07 -16.23 -16.47
CA CYS UA 32 21.04 -16.70 -15.56
C CYS UA 32 20.27 -15.55 -14.94
N LEU UA 33 20.96 -14.46 -14.58
CA LEU UA 33 20.30 -13.32 -13.93
C LEU UA 33 19.33 -12.64 -14.88
N GLY UA 34 19.66 -12.56 -16.16
CA GLY UA 34 18.74 -11.95 -17.11
C GLY UA 34 17.41 -12.68 -17.18
N ILE UA 35 17.46 -14.00 -17.27
CA ILE UA 35 16.23 -14.79 -17.33
C ILE UA 35 15.50 -14.74 -16.00
N ALA UA 36 16.23 -14.76 -14.88
CA ALA UA 36 15.59 -14.68 -13.58
C ALA UA 36 14.85 -13.36 -13.41
N TYR UA 37 15.45 -12.26 -13.88
CA TYR UA 37 14.79 -10.97 -13.83
C TYR UA 37 13.61 -10.91 -14.79
N ALA UA 38 13.72 -11.55 -15.95
CA ALA UA 38 12.61 -11.59 -16.90
C ALA UA 38 11.41 -12.30 -16.30
N GLY UA 39 11.65 -13.32 -15.48
CA GLY UA 39 10.60 -14.08 -14.84
C GLY UA 39 10.07 -13.51 -13.55
N ARG UA 40 10.40 -12.25 -13.23
CA ARG UA 40 9.95 -11.55 -12.04
C ARG UA 40 10.44 -12.21 -10.75
N PHE UA 41 11.56 -12.93 -10.81
CA PHE UA 41 12.10 -13.60 -9.63
C PHE UA 41 13.05 -12.73 -8.82
N ILE UA 42 13.68 -11.73 -9.44
CA ILE UA 42 14.58 -10.82 -8.76
C ILE UA 42 14.28 -9.40 -9.22
N GLU UA 43 15.04 -8.44 -8.71
CA GLU UA 43 14.81 -7.03 -8.97
C GLU UA 43 15.90 -6.45 -9.88
N LYS UA 44 15.69 -5.21 -10.31
CA LYS UA 44 16.55 -4.58 -11.30
C LYS UA 44 17.90 -4.18 -10.73
N ASP UA 45 18.04 -4.07 -9.42
CA ASP UA 45 19.35 -3.74 -8.85
C ASP UA 45 20.33 -4.88 -8.97
N THR UA 46 19.87 -6.06 -9.39
CA THR UA 46 20.76 -7.20 -9.57
C THR UA 46 21.82 -6.91 -10.63
N PHE UA 47 21.43 -6.23 -11.71
CA PHE UA 47 22.38 -5.90 -12.76
C PHE UA 47 23.42 -4.89 -12.28
N VAL UA 48 22.99 -3.94 -11.45
CA VAL UA 48 23.94 -3.00 -10.86
C VAL UA 48 24.93 -3.73 -9.97
N ARG UA 49 24.42 -4.65 -9.14
CA ARG UA 49 25.30 -5.45 -8.28
C ARG UA 49 26.28 -6.26 -9.12
N TRP UA 50 25.79 -6.89 -10.19
CA TRP UA 50 26.66 -7.69 -11.04
C TRP UA 50 27.73 -6.84 -11.70
N SER UA 51 27.36 -5.65 -12.18
CA SER UA 51 28.33 -4.77 -12.82
C SER UA 51 29.40 -4.34 -11.83
N ILE UA 52 28.99 -3.99 -10.60
CA ILE UA 52 29.97 -3.59 -9.60
C ILE UA 52 30.90 -4.75 -9.29
N GLY UA 53 30.35 -5.95 -9.12
CA GLY UA 53 31.18 -7.10 -8.80
C GLY UA 53 32.18 -7.42 -9.91
N VAL UA 54 31.71 -7.39 -11.16
CA VAL UA 54 32.59 -7.73 -12.27
C VAL UA 54 33.66 -6.66 -12.46
N ILE UA 55 33.29 -5.39 -12.29
CA ILE UA 55 34.28 -4.32 -12.40
C ILE UA 55 35.33 -4.44 -11.31
N ILE UA 56 34.92 -4.74 -10.08
CA ILE UA 56 35.88 -4.89 -8.99
C ILE UA 56 36.79 -6.09 -9.24
N ALA UA 57 36.22 -7.21 -9.68
CA ALA UA 57 37.03 -8.40 -9.93
C ALA UA 57 37.97 -8.20 -11.10
N GLY UA 58 37.58 -7.35 -12.06
CA GLY UA 58 38.42 -7.13 -13.23
C GLY UA 58 39.73 -6.42 -12.89
N SER UA 59 39.66 -5.44 -11.99
CA SER UA 59 40.83 -4.66 -11.59
C SER UA 59 41.30 -5.07 -10.19
N ALA UA 60 41.26 -6.36 -9.89
CA ALA UA 60 41.67 -6.84 -8.57
C ALA UA 60 43.14 -6.56 -8.32
N VAL UA 61 43.99 -6.80 -9.32
CA VAL UA 61 45.42 -6.58 -9.15
C VAL UA 61 45.72 -5.11 -8.89
N GLN UA 62 45.07 -4.22 -9.65
CA GLN UA 62 45.32 -2.79 -9.48
C GLN UA 62 44.86 -2.30 -8.12
N ILE UA 63 43.69 -2.73 -7.68
CA ILE UA 63 43.19 -2.32 -6.37
C ILE UA 63 44.10 -2.84 -5.26
N THR UA 64 44.53 -4.11 -5.38
CA THR UA 64 45.43 -4.66 -4.37
C THR UA 64 46.76 -3.91 -4.33
N ALA UA 65 47.30 -3.54 -5.49
CA ALA UA 65 48.50 -2.74 -5.51
C ALA UA 65 48.29 -1.34 -4.95
N MET UA 66 47.10 -0.77 -5.13
CA MET UA 66 46.82 0.55 -4.58
C MET UA 66 46.70 0.51 -3.05
N LEU UA 67 46.07 -0.52 -2.50
CA LEU UA 67 45.87 -0.58 -1.06
C LEU UA 67 47.07 -1.20 -0.34
N PHE UA 68 47.61 -2.29 -0.87
CA PHE UA 68 48.74 -2.97 -0.23
C PHE UA 68 50.04 -2.35 -0.74
N THR UA 69 50.40 -1.22 -0.14
CA THR UA 69 51.62 -0.51 -0.50
C THR UA 69 52.74 -0.84 0.46
N ALA VA 1 47.68 -28.30 -21.55
CA ALA VA 1 48.16 -28.18 -20.18
C ALA VA 1 47.56 -26.96 -19.49
N GLN VA 2 48.42 -26.16 -18.87
CA GLN VA 2 48.03 -24.94 -18.17
C GLN VA 2 47.11 -25.23 -16.98
N GLY VA 3 46.97 -26.50 -16.63
CA GLY VA 3 46.21 -26.87 -15.45
C GLY VA 3 44.71 -26.71 -15.58
N LEU VA 4 44.25 -25.50 -15.82
CA LEU VA 4 42.81 -25.21 -15.84
C LEU VA 4 42.25 -25.04 -17.24
N GLU VA 5 42.94 -25.57 -18.26
CA GLU VA 5 42.37 -25.56 -19.60
C GLU VA 5 41.16 -26.49 -19.67
N LYS VA 6 41.24 -27.65 -19.02
CA LYS VA 6 40.14 -28.61 -19.04
C LYS VA 6 38.91 -28.02 -18.35
N ALA VA 7 39.11 -27.39 -17.19
CA ALA VA 7 38.00 -26.77 -16.49
C ALA VA 7 37.38 -25.65 -17.31
N ARG VA 8 38.23 -24.86 -17.99
CA ARG VA 8 37.70 -23.79 -18.84
C ARG VA 8 36.89 -24.36 -19.99
N SER VA 9 37.35 -25.46 -20.60
CA SER VA 9 36.59 -26.08 -21.67
C SER VA 9 35.25 -26.59 -21.17
N VAL VA 10 35.24 -27.20 -19.97
CA VAL VA 10 33.99 -27.68 -19.39
C VAL VA 10 33.04 -26.53 -19.14
N LEU VA 11 33.56 -25.42 -18.62
CA LEU VA 11 32.72 -24.24 -18.38
C LEU VA 11 32.17 -23.69 -19.68
N GLU VA 12 32.97 -23.68 -20.74
CA GLU VA 12 32.49 -23.21 -22.04
C GLU VA 12 31.38 -24.11 -22.57
N THR VA 13 31.53 -25.43 -22.42
CA THR VA 13 30.47 -26.34 -22.83
C THR VA 13 29.20 -26.10 -22.04
N LEU VA 14 29.33 -25.90 -20.73
CA LEU VA 14 28.16 -25.61 -19.89
C LEU VA 14 27.49 -24.32 -20.32
N GLN VA 15 28.29 -23.29 -20.62
CA GLN VA 15 27.73 -22.01 -21.06
C GLN VA 15 26.98 -22.16 -22.38
N GLN VA 16 27.56 -22.90 -23.32
CA GLN VA 16 26.88 -23.12 -24.60
C GLN VA 16 25.57 -23.87 -24.41
N GLU VA 17 25.57 -24.90 -23.57
CA GLU VA 17 24.34 -25.66 -23.34
C GLU VA 17 23.28 -24.80 -22.68
N LEU VA 18 23.66 -24.00 -21.69
CA LEU VA 18 22.70 -23.12 -21.05
C LEU VA 18 22.18 -22.07 -22.02
N THR VA 19 23.04 -21.54 -22.89
CA THR VA 19 22.60 -20.60 -23.90
C THR VA 19 21.59 -21.25 -24.84
N THR VA 20 21.81 -22.52 -25.18
CA THR VA 20 20.85 -23.24 -26.01
C THR VA 20 19.52 -23.40 -25.29
N ILE VA 21 19.55 -23.71 -23.99
CA ILE VA 21 18.31 -23.93 -23.24
C ILE VA 21 17.54 -22.63 -23.04
N VAL VA 22 18.23 -21.51 -22.88
CA VAL VA 22 17.58 -20.28 -22.42
C VAL VA 22 16.39 -19.84 -23.28
N PRO VA 23 16.46 -19.83 -24.62
CA PRO VA 23 15.32 -19.31 -25.40
C PRO VA 23 14.01 -20.01 -25.10
N ILE VA 24 14.04 -21.32 -24.84
CA ILE VA 24 12.81 -22.03 -24.51
C ILE VA 24 12.23 -21.52 -23.20
N ALA VA 25 13.08 -21.32 -22.20
CA ALA VA 25 12.61 -20.79 -20.92
C ALA VA 25 12.04 -19.38 -21.09
N ALA VA 26 12.71 -18.55 -21.90
CA ALA VA 26 12.19 -17.20 -22.14
C ALA VA 26 10.84 -17.24 -22.83
N ALA VA 27 10.69 -18.14 -23.82
CA ALA VA 27 9.42 -18.25 -24.52
C ALA VA 27 8.30 -18.71 -23.58
N VAL VA 28 8.59 -19.68 -22.72
CA VAL VA 28 7.57 -20.14 -21.77
C VAL VA 28 7.21 -19.02 -20.80
N ILE VA 29 8.22 -18.27 -20.34
CA ILE VA 29 7.95 -17.16 -19.44
C ILE VA 29 7.04 -16.13 -20.09
N LEU VA 30 7.34 -15.77 -21.35
CA LEU VA 30 6.51 -14.79 -22.04
C LEU VA 30 5.10 -15.32 -22.27
N LEU VA 31 4.98 -16.60 -22.61
CA LEU VA 31 3.66 -17.19 -22.81
C LEU VA 31 2.83 -17.12 -21.53
N CYS VA 32 3.45 -17.40 -20.39
CA CYS VA 32 2.71 -17.30 -19.13
C CYS VA 32 2.40 -15.86 -18.78
N LEU VA 33 3.34 -14.94 -19.02
CA LEU VA 33 3.13 -13.54 -18.66
C LEU VA 33 2.01 -12.93 -19.48
N GLY VA 34 1.91 -13.27 -20.76
CA GLY VA 34 0.84 -12.72 -21.57
C GLY VA 34 -0.53 -13.10 -21.06
N ILE VA 35 -0.71 -14.37 -20.70
CA ILE VA 35 -1.99 -14.83 -20.19
C ILE VA 35 -2.27 -14.23 -18.81
N ALA VA 36 -1.24 -14.11 -17.98
CA ALA VA 36 -1.43 -13.49 -16.67
C ALA VA 36 -1.86 -12.04 -16.81
N TYR VA 37 -1.25 -11.32 -17.76
CA TYR VA 37 -1.63 -9.94 -18.01
C TYR VA 37 -3.04 -9.84 -18.57
N ALA VA 38 -3.43 -10.78 -19.44
CA ALA VA 38 -4.78 -10.75 -19.99
C ALA VA 38 -5.82 -10.96 -18.91
N GLY VA 39 -5.48 -11.71 -17.86
CA GLY VA 39 -6.36 -11.96 -16.75
C GLY VA 39 -6.32 -10.94 -15.64
N ARG VA 40 -5.71 -9.78 -15.87
CA ARG VA 40 -5.61 -8.69 -14.91
C ARG VA 40 -4.84 -9.08 -13.65
N PHE VA 41 -3.88 -9.99 -13.75
CA PHE VA 41 -3.11 -10.41 -12.60
C PHE VA 41 -1.81 -9.64 -12.43
N ILE VA 42 -1.27 -9.07 -13.51
CA ILE VA 42 -0.05 -8.28 -13.47
C ILE VA 42 -0.26 -7.01 -14.29
N GLU VA 43 0.78 -6.20 -14.39
CA GLU VA 43 0.71 -4.92 -15.07
C GLU VA 43 1.51 -4.93 -16.36
N LYS VA 44 1.35 -3.85 -17.14
CA LYS VA 44 1.94 -3.79 -18.47
C LYS VA 44 3.44 -3.61 -18.45
N ASP VA 45 4.03 -3.16 -17.34
CA ASP VA 45 5.48 -3.03 -17.26
C ASP VA 45 6.18 -4.38 -17.24
N THR VA 46 5.42 -5.46 -17.06
CA THR VA 46 6.02 -6.79 -17.04
C THR VA 46 6.67 -7.12 -18.38
N PHE VA 47 6.04 -6.71 -19.47
CA PHE VA 47 6.60 -6.97 -20.80
C PHE VA 47 7.90 -6.18 -21.00
N VAL VA 48 7.93 -4.94 -20.51
CA VAL VA 48 9.16 -4.16 -20.58
C VAL VA 48 10.27 -4.82 -19.78
N ARG VA 49 9.94 -5.27 -18.57
CA ARG VA 49 10.91 -5.97 -17.74
C ARG VA 49 11.43 -7.23 -18.44
N TRP VA 50 10.52 -7.99 -19.04
CA TRP VA 50 10.90 -9.22 -19.73
C TRP VA 50 11.81 -8.91 -20.92
N SER VA 51 11.48 -7.88 -21.68
CA SER VA 51 12.30 -7.50 -22.82
C SER VA 51 13.70 -7.09 -22.38
N ILE VA 52 13.78 -6.30 -21.31
CA ILE VA 52 15.09 -5.88 -20.81
C ILE VA 52 15.90 -7.10 -20.36
N GLY VA 53 15.26 -8.01 -19.62
CA GLY VA 53 15.95 -9.19 -19.15
C GLY VA 53 16.46 -10.06 -20.28
N VAL VA 54 15.62 -10.28 -21.29
CA VAL VA 54 16.03 -11.15 -22.40
C VAL VA 54 17.12 -10.48 -23.23
N ILE VA 55 17.03 -9.16 -23.42
CA ILE VA 55 18.07 -8.46 -24.17
C ILE VA 55 19.40 -8.54 -23.43
N ILE VA 56 19.38 -8.34 -22.11
CA ILE VA 56 20.62 -8.42 -21.34
C ILE VA 56 21.18 -9.84 -21.39
N ALA VA 57 20.32 -10.85 -21.25
CA ALA VA 57 20.79 -12.24 -21.29
C ALA VA 57 21.35 -12.60 -22.66
N GLY VA 58 20.80 -12.02 -23.72
CA GLY VA 58 21.25 -12.36 -25.06
C GLY VA 58 22.69 -11.93 -25.32
N SER VA 59 23.07 -10.77 -24.81
CA SER VA 59 24.42 -10.22 -25.00
C SER VA 59 25.24 -10.31 -23.72
N ALA VA 60 25.08 -11.41 -22.97
CA ALA VA 60 25.82 -11.57 -21.73
C ALA VA 60 27.32 -11.64 -21.98
N VAL VA 61 27.73 -12.38 -23.02
CA VAL VA 61 29.14 -12.50 -23.33
C VAL VA 61 29.74 -11.15 -23.69
N GLN VA 62 29.05 -10.38 -24.53
CA GLN VA 62 29.56 -9.08 -24.96
C GLN VA 62 29.67 -8.11 -23.79
N ILE VA 63 28.66 -8.09 -22.93
CA ILE VA 63 28.69 -7.21 -21.77
C ILE VA 63 29.82 -7.61 -20.83
N THR VA 64 29.99 -8.92 -20.59
CA THR VA 64 31.08 -9.36 -19.74
C THR VA 64 32.44 -9.00 -20.32
N ALA VA 65 32.61 -9.12 -21.63
CA ALA VA 65 33.84 -8.69 -22.27
C ALA VA 65 34.05 -7.18 -22.14
N MET VA 66 32.97 -6.40 -22.24
CA MET VA 66 33.10 -4.95 -22.10
C MET VA 66 33.50 -4.54 -20.68
N LEU VA 67 32.94 -5.21 -19.68
CA LEU VA 67 33.22 -4.81 -18.30
C LEU VA 67 34.49 -5.47 -17.75
N PHE VA 68 34.64 -6.78 -17.95
CA PHE VA 68 35.81 -7.50 -17.45
C PHE VA 68 36.92 -7.46 -18.49
N THR VA 69 37.72 -6.40 -18.40
CA THR VA 69 38.82 -6.20 -19.34
C THR VA 69 40.17 -6.45 -18.66
N ALA WA 1 23.48 -36.71 -27.33
CA ALA WA 1 24.46 -36.37 -26.30
C ALA WA 1 24.37 -34.89 -25.94
N GLN WA 2 25.54 -34.23 -25.90
CA GLN WA 2 25.64 -32.81 -25.60
C GLN WA 2 25.16 -32.47 -24.20
N GLY WA 3 24.88 -33.49 -23.40
CA GLY WA 3 24.49 -33.28 -22.01
C GLY WA 3 23.07 -32.77 -21.83
N LEU WA 4 22.81 -31.53 -22.25
CA LEU WA 4 21.53 -30.88 -21.98
C LEU WA 4 20.58 -30.97 -23.16
N GLU WA 5 20.81 -31.90 -24.09
CA GLU WA 5 19.83 -32.12 -25.16
C GLU WA 5 18.54 -32.67 -24.59
N LYS WA 6 18.64 -33.60 -23.63
CA LYS WA 6 17.44 -34.19 -23.04
C LYS WA 6 16.61 -33.14 -22.30
N ALA WA 7 17.28 -32.27 -21.54
CA ALA WA 7 16.58 -31.21 -20.84
C ALA WA 7 15.92 -30.24 -21.80
N ARG WA 8 16.60 -29.92 -22.91
CA ARG WA 8 16.01 -29.06 -23.93
C ARG WA 8 14.78 -29.70 -24.56
N SER WA 9 14.84 -31.01 -24.83
CA SER WA 9 13.69 -31.71 -25.37
C SER WA 9 12.52 -31.69 -24.40
N VAL WA 10 12.80 -31.91 -23.11
CA VAL WA 10 11.74 -31.87 -22.10
C VAL WA 10 11.12 -30.49 -22.04
N LEU WA 11 11.96 -29.45 -22.09
CA LEU WA 11 11.44 -28.08 -22.08
C LEU WA 11 10.58 -27.80 -23.31
N GLU WA 12 11.00 -28.30 -24.47
CA GLU WA 12 10.20 -28.11 -25.68
C GLU WA 12 8.85 -28.79 -25.55
N THR WA 13 8.82 -30.01 -25.00
CA THR WA 13 7.56 -30.70 -24.79
C THR WA 13 6.67 -29.94 -23.83
N LEU WA 14 7.24 -29.43 -22.73
CA LEU WA 14 6.47 -28.63 -21.79
C LEU WA 14 5.92 -27.38 -22.45
N GLN WA 15 6.73 -26.72 -23.28
CA GLN WA 15 6.27 -25.52 -23.97
C GLN WA 15 5.11 -25.83 -24.91
N GLN WA 16 5.21 -26.93 -25.66
CA GLN WA 16 4.13 -27.30 -26.55
C GLN WA 16 2.84 -27.60 -25.78
N GLU WA 17 2.96 -28.32 -24.66
CA GLU WA 17 1.77 -28.65 -23.88
C GLU WA 17 1.13 -27.40 -23.29
N LEU WA 18 1.96 -26.49 -22.77
CA LEU WA 18 1.41 -25.23 -22.23
C LEU WA 18 0.76 -24.41 -23.33
N THR WA 19 1.37 -24.38 -24.52
CA THR WA 19 0.77 -23.66 -25.64
C THR WA 19 -0.58 -24.27 -26.01
N THR WA 20 -0.69 -25.59 -25.97
CA THR WA 20 -1.97 -26.23 -26.23
C THR WA 20 -3.01 -25.86 -25.18
N ILE WA 21 -2.60 -25.82 -23.90
CA ILE WA 21 -3.55 -25.50 -22.83
C ILE WA 21 -4.00 -24.04 -22.88
N VAL WA 22 -3.11 -23.14 -23.29
CA VAL WA 22 -3.37 -21.70 -23.12
C VAL WA 22 -4.69 -21.23 -23.73
N PRO WA 23 -5.06 -21.60 -24.96
CA PRO WA 23 -6.29 -21.02 -25.54
C PRO WA 23 -7.54 -21.26 -24.70
N ILE WA 24 -7.63 -22.41 -24.03
CA ILE WA 24 -8.77 -22.67 -23.16
C ILE WA 24 -8.80 -21.66 -22.02
N ALA WA 25 -7.65 -21.42 -21.40
CA ALA WA 25 -7.59 -20.45 -20.32
C ALA WA 25 -7.94 -19.05 -20.80
N ALA WA 26 -7.45 -18.67 -21.98
CA ALA WA 26 -7.78 -17.35 -22.52
C ALA WA 26 -9.27 -17.22 -22.79
N ALA WA 27 -9.88 -18.28 -23.33
CA ALA WA 27 -11.32 -18.23 -23.60
C ALA WA 27 -12.12 -18.13 -22.30
N VAL WA 28 -11.71 -18.86 -21.26
CA VAL WA 28 -12.41 -18.77 -19.99
C VAL WA 28 -12.24 -17.37 -19.38
N ILE WA 29 -11.04 -16.79 -19.50
CA ILE WA 29 -10.81 -15.45 -18.99
C ILE WA 29 -11.71 -14.45 -19.71
N LEU WA 30 -11.79 -14.55 -21.03
CA LEU WA 30 -12.64 -13.62 -21.78
C LEU WA 30 -14.11 -13.81 -21.43
N LEU WA 31 -14.54 -15.07 -21.24
CA LEU WA 31 -15.92 -15.32 -20.86
C LEU WA 31 -16.25 -14.69 -19.52
N CYS WA 32 -15.35 -14.80 -18.55
CA CYS WA 32 -15.59 -14.16 -17.26
C CYS WA 32 -15.55 -12.63 -17.37
N LEU WA 33 -14.62 -12.11 -18.16
CA LEU WA 33 -14.48 -10.66 -18.28
C LEU WA 33 -15.69 -10.03 -18.93
N GLY WA 34 -16.28 -10.70 -19.93
CA GLY WA 34 -17.47 -10.16 -20.57
C GLY WA 34 -18.62 -9.99 -19.61
N ILE WA 35 -18.86 -11.00 -18.78
CA ILE WA 35 -19.95 -10.93 -17.81
C ILE WA 35 -19.63 -9.91 -16.73
N ALA WA 36 -18.37 -9.83 -16.30
CA ALA WA 36 -17.99 -8.83 -15.31
C ALA WA 36 -18.21 -7.42 -15.84
N TYR WA 37 -17.88 -7.20 -17.11
CA TYR WA 37 -18.11 -5.90 -17.73
C TYR WA 37 -19.61 -5.61 -17.89
N ALA WA 38 -20.40 -6.63 -18.24
CA ALA WA 38 -21.84 -6.42 -18.39
C ALA WA 38 -22.47 -6.05 -17.05
N GLY WA 39 -21.90 -6.52 -15.95
CA GLY WA 39 -22.39 -6.19 -14.63
C GLY WA 39 -21.82 -4.93 -14.01
N ARG WA 40 -21.14 -4.11 -14.81
CA ARG WA 40 -20.56 -2.84 -14.37
C ARG WA 40 -19.47 -3.02 -13.32
N PHE WA 41 -18.76 -4.15 -13.33
CA PHE WA 41 -17.71 -4.41 -12.36
C PHE WA 41 -16.33 -3.99 -12.85
N ILE WA 42 -16.11 -3.92 -14.17
CA ILE WA 42 -14.84 -3.52 -14.75
C ILE WA 42 -15.12 -2.55 -15.90
N GLU WA 43 -14.05 -2.08 -16.53
CA GLU WA 43 -14.14 -1.06 -17.56
C GLU WA 43 -13.81 -1.65 -18.94
N LYS WA 44 -14.10 -0.86 -19.97
CA LYS WA 44 -13.97 -1.34 -21.35
C LYS WA 44 -12.52 -1.53 -21.77
N ASP WA 45 -11.57 -0.91 -21.08
CA ASP WA 45 -10.16 -1.11 -21.44
C ASP WA 45 -9.68 -2.52 -21.09
N THR WA 46 -10.47 -3.27 -20.31
CA THR WA 46 -10.11 -4.64 -19.99
C THR WA 46 -10.03 -5.50 -21.24
N PHE WA 47 -10.93 -5.26 -22.20
CA PHE WA 47 -10.90 -6.02 -23.44
C PHE WA 47 -9.64 -5.70 -24.25
N VAL WA 48 -9.22 -4.44 -24.26
CA VAL WA 48 -7.98 -4.07 -24.94
C VAL WA 48 -6.79 -4.73 -24.27
N ARG WA 49 -6.78 -4.72 -22.93
CA ARG WA 49 -5.72 -5.39 -22.20
C ARG WA 49 -5.66 -6.87 -22.52
N TRP WA 50 -6.83 -7.52 -22.55
CA TRP WA 50 -6.90 -8.95 -22.87
C TRP WA 50 -6.40 -9.22 -24.27
N SER WA 51 -6.79 -8.38 -25.23
CA SER WA 51 -6.35 -8.57 -26.61
C SER WA 51 -4.85 -8.44 -26.73
N ILE WA 52 -4.27 -7.42 -26.07
CA ILE WA 52 -2.82 -7.25 -26.11
C ILE WA 52 -2.13 -8.45 -25.50
N GLY WA 53 -2.63 -8.91 -24.35
CA GLY WA 53 -2.00 -10.05 -23.69
C GLY WA 53 -2.06 -11.31 -24.52
N VAL WA 54 -3.21 -11.58 -25.14
CA VAL WA 54 -3.36 -12.79 -25.94
C VAL WA 54 -2.52 -12.71 -27.20
N ILE WA 55 -2.46 -11.54 -27.84
CA ILE WA 55 -1.62 -11.39 -29.02
C ILE WA 55 -0.15 -11.60 -28.67
N ILE WA 56 0.30 -11.05 -27.54
CA ILE WA 56 1.67 -11.26 -27.13
C ILE WA 56 1.94 -12.73 -26.83
N ALA WA 57 1.01 -13.38 -26.12
CA ALA WA 57 1.20 -14.78 -25.78
C ALA WA 57 1.22 -15.67 -27.03
N GLY WA 58 0.47 -15.30 -28.06
CA GLY WA 58 0.43 -16.11 -29.26
C GLY WA 58 1.76 -16.15 -29.99
N SER WA 59 2.47 -15.03 -30.02
CA SER WA 59 3.75 -14.92 -30.71
C SER WA 59 4.92 -14.85 -29.74
N ALA WA 60 4.85 -15.62 -28.66
CA ALA WA 60 5.95 -15.62 -27.69
C ALA WA 60 7.24 -16.13 -28.30
N VAL WA 61 7.15 -17.21 -29.10
CA VAL WA 61 8.35 -17.78 -29.71
C VAL WA 61 9.00 -16.80 -30.66
N GLN WA 62 8.19 -16.13 -31.49
CA GLN WA 62 8.73 -15.19 -32.46
C GLN WA 62 9.38 -14.00 -31.77
N ILE WA 63 8.74 -13.47 -30.73
CA ILE WA 63 9.32 -12.34 -30.01
C ILE WA 63 10.62 -12.74 -29.33
N THR WA 64 10.65 -13.93 -28.72
CA THR WA 64 11.87 -14.40 -28.10
C THR WA 64 12.99 -14.56 -29.12
N ALA WA 65 12.69 -15.12 -30.30
CA ALA WA 65 13.68 -15.24 -31.35
C ALA WA 65 14.13 -13.87 -31.87
N MET WA 66 13.25 -12.87 -31.84
CA MET WA 66 13.65 -11.54 -32.28
C MET WA 66 14.56 -10.86 -31.27
N LEU WA 67 14.28 -11.02 -29.98
CA LEU WA 67 15.08 -10.33 -28.96
C LEU WA 67 16.33 -11.13 -28.60
N PHE WA 68 16.20 -12.42 -28.33
CA PHE WA 68 17.33 -13.25 -27.93
C PHE WA 68 18.03 -13.78 -29.19
N THR WA 69 18.83 -12.92 -29.78
CA THR WA 69 19.58 -13.27 -30.99
C THR WA 69 20.95 -13.83 -30.65
N ALA XA 1 -2.23 -39.73 -22.98
CA ALA XA 1 -0.85 -39.42 -22.64
C ALA XA 1 -0.56 -37.94 -22.85
N GLN XA 2 0.62 -37.64 -23.41
CA GLN XA 2 1.04 -36.27 -23.73
C GLN XA 2 1.13 -35.40 -22.48
N GLY XA 3 1.07 -36.02 -21.31
CA GLY XA 3 1.25 -35.30 -20.06
C GLY XA 3 0.12 -34.40 -19.66
N LEU XA 4 -0.20 -33.40 -20.48
CA LEU XA 4 -1.20 -32.40 -20.12
C LEU XA 4 -2.50 -32.57 -20.89
N GLU XA 5 -2.76 -33.75 -21.44
CA GLU XA 5 -4.06 -33.99 -22.06
C GLU XA 5 -5.16 -34.03 -21.00
N LYS XA 6 -4.88 -34.62 -19.85
CA LYS XA 6 -5.87 -34.71 -18.79
C LYS XA 6 -6.25 -33.33 -18.27
N ALA XA 7 -5.24 -32.48 -18.03
CA ALA XA 7 -5.52 -31.12 -17.57
C ALA XA 7 -6.27 -30.33 -18.63
N ARG XA 8 -5.95 -30.54 -19.90
CA ARG XA 8 -6.69 -29.89 -20.97
C ARG XA 8 -8.15 -30.32 -21.00
N SER XA 9 -8.40 -31.62 -20.80
CA SER XA 9 -9.78 -32.09 -20.75
C SER XA 9 -10.53 -31.51 -19.56
N VAL XA 10 -9.87 -31.43 -18.41
CA VAL XA 10 -10.51 -30.84 -17.23
C VAL XA 10 -10.83 -29.36 -17.48
N LEU XA 11 -9.91 -28.64 -18.10
CA LEU XA 11 -10.16 -27.23 -18.42
C LEU XA 11 -11.30 -27.07 -19.41
N GLU XA 12 -11.38 -27.96 -20.41
CA GLU XA 12 -12.48 -27.89 -21.36
C GLU XA 12 -13.82 -28.15 -20.66
N THR XA 13 -13.85 -29.11 -19.74
CA THR XA 13 -15.08 -29.36 -18.99
C THR XA 13 -15.47 -28.16 -18.15
N LEU XA 14 -14.48 -27.53 -17.49
CA LEU XA 14 -14.75 -26.33 -16.70
C LEU XA 14 -15.29 -25.22 -17.58
N GLN XA 15 -14.70 -25.05 -18.77
CA GLN XA 15 -15.17 -24.01 -19.69
C GLN XA 15 -16.60 -24.27 -20.13
N GLN XA 16 -16.93 -25.52 -20.44
CA GLN XA 16 -18.30 -25.84 -20.84
C GLN XA 16 -19.29 -25.56 -19.71
N GLU XA 17 -18.93 -25.94 -18.48
CA GLU XA 17 -19.83 -25.71 -17.36
C GLU XA 17 -20.02 -24.23 -17.09
N LEU XA 18 -18.93 -23.45 -17.16
CA LEU XA 18 -19.06 -22.01 -16.98
C LEU XA 18 -19.90 -21.39 -18.08
N THR XA 19 -19.75 -21.87 -19.32
CA THR XA 19 -20.57 -21.37 -20.41
C THR XA 19 -22.04 -21.68 -20.16
N THR XA 20 -22.33 -22.87 -19.62
CA THR XA 20 -23.71 -23.20 -19.29
C THR XA 20 -24.26 -22.29 -18.20
N ILE XA 21 -23.44 -21.99 -17.19
CA ILE XA 21 -23.89 -21.16 -16.08
C ILE XA 21 -24.11 -19.71 -16.51
N VAL XA 22 -23.28 -19.20 -17.42
CA VAL XA 22 -23.24 -17.75 -17.69
C VAL XA 22 -24.60 -17.16 -18.06
N PRO XA 23 -25.40 -17.75 -18.95
CA PRO XA 23 -26.64 -17.05 -19.37
C PRO XA 23 -27.56 -16.70 -18.22
N ILE XA 24 -27.64 -17.54 -17.20
CA ILE XA 24 -28.46 -17.22 -16.04
C ILE XA 24 -27.95 -15.97 -15.34
N ALA XA 25 -26.63 -15.88 -15.16
CA ALA XA 25 -26.05 -14.70 -14.52
C ALA XA 25 -26.29 -13.46 -15.37
N ALA XA 26 -26.16 -13.58 -16.69
CA ALA XA 26 -26.42 -12.43 -17.56
C ALA XA 26 -27.87 -11.99 -17.47
N ALA XA 27 -28.79 -12.95 -17.42
CA ALA XA 27 -30.21 -12.62 -17.30
C ALA XA 27 -30.50 -11.92 -15.98
N VAL XA 28 -29.91 -12.40 -14.89
CA VAL XA 28 -30.12 -11.75 -13.60
C VAL XA 28 -29.55 -10.34 -13.60
N ILE XA 29 -28.37 -10.18 -14.21
CA ILE XA 29 -27.77 -8.85 -14.31
C ILE XA 29 -28.67 -7.90 -15.07
N LEU XA 30 -29.22 -8.36 -16.21
CA LEU XA 30 -30.11 -7.50 -16.98
C LEU XA 30 -31.39 -7.19 -16.21
N LEU XA 31 -31.92 -8.17 -15.49
CA LEU XA 31 -33.13 -7.94 -14.71
C LEU XA 31 -32.88 -6.87 -13.64
N CYS XA 32 -31.74 -6.92 -12.97
CA CYS XA 32 -31.42 -5.90 -11.99
C CYS XA 32 -31.18 -4.55 -12.64
N LEU XA 33 -30.49 -4.53 -13.79
CA LEU XA 33 -30.17 -3.27 -14.45
C LEU XA 33 -31.42 -2.56 -14.94
N GLY XA 34 -32.39 -3.32 -15.47
CA GLY XA 34 -33.62 -2.69 -15.93
C GLY XA 34 -34.36 -1.96 -14.83
N ILE XA 35 -34.48 -2.60 -13.66
CA ILE XA 35 -35.17 -1.98 -12.55
C ILE XA 35 -34.36 -0.81 -12.00
N ALA XA 36 -33.04 -0.94 -11.95
CA ALA XA 36 -32.21 0.17 -11.49
C ALA XA 36 -32.35 1.37 -12.41
N TYR XA 37 -32.39 1.14 -13.72
CA TYR XA 37 -32.61 2.23 -14.67
C TYR XA 37 -34.00 2.82 -14.54
N ALA XA 38 -35.01 1.99 -14.29
CA ALA XA 38 -36.36 2.50 -14.10
C ALA XA 38 -36.44 3.39 -12.87
N GLY XA 39 -35.63 3.12 -11.86
CA GLY XA 39 -35.61 3.90 -10.65
C GLY XA 39 -34.67 5.08 -10.67
N ARG XA 40 -34.20 5.49 -11.85
CA ARG XA 40 -33.31 6.63 -12.03
C ARG XA 40 -31.99 6.48 -11.32
N PHE XA 41 -31.52 5.25 -11.11
CA PHE XA 41 -30.26 5.02 -10.42
C PHE XA 41 -29.07 4.89 -11.35
N ILE XA 42 -29.28 4.54 -12.63
CA ILE XA 42 -28.23 4.42 -13.61
C ILE XA 42 -28.71 5.05 -14.92
N GLU XA 43 -27.85 5.05 -15.92
CA GLU XA 43 -28.10 5.72 -17.19
C GLU XA 43 -28.40 4.70 -18.28
N LYS XA 44 -28.84 5.21 -19.43
CA LYS XA 44 -29.28 4.36 -20.52
C LYS XA 44 -28.13 3.66 -21.25
N ASP XA 45 -26.90 4.16 -21.12
CA ASP XA 45 -25.78 3.50 -21.76
C ASP XA 45 -25.43 2.19 -21.09
N THR XA 46 -26.00 1.92 -19.91
CA THR XA 46 -25.75 0.65 -19.24
C THR XA 46 -26.24 -0.52 -20.07
N PHE XA 47 -27.35 -0.34 -20.79
CA PHE XA 47 -27.85 -1.42 -21.64
C PHE XA 47 -26.91 -1.69 -22.80
N VAL XA 48 -26.32 -0.63 -23.37
CA VAL XA 48 -25.33 -0.82 -24.44
C VAL XA 48 -24.11 -1.54 -23.90
N ARG XA 49 -23.66 -1.14 -22.70
CA ARG XA 49 -22.53 -1.83 -22.07
C ARG XA 49 -22.83 -3.30 -21.85
N TRP XA 50 -24.02 -3.60 -21.36
CA TRP XA 50 -24.42 -4.98 -21.11
C TRP XA 50 -24.46 -5.77 -22.41
N SER XA 51 -25.02 -5.17 -23.47
CA SER XA 51 -25.09 -5.86 -24.75
C SER XA 51 -23.70 -6.17 -25.29
N ILE XA 52 -22.78 -5.21 -25.19
CA ILE XA 52 -21.43 -5.43 -25.67
C ILE XA 52 -20.75 -6.54 -24.86
N GLY XA 53 -20.92 -6.50 -23.54
CA GLY XA 53 -20.31 -7.52 -22.70
C GLY XA 53 -20.83 -8.90 -23.00
N VAL XA 54 -22.15 -9.04 -23.15
CA VAL XA 54 -22.72 -10.35 -23.40
C VAL XA 54 -22.34 -10.86 -24.79
N ILE XA 55 -22.32 -9.97 -25.78
CA ILE XA 55 -21.92 -10.39 -27.12
C ILE XA 55 -20.47 -10.85 -27.14
N ILE XA 56 -19.59 -10.14 -26.43
CA ILE XA 56 -18.19 -10.56 -26.36
C ILE XA 56 -18.06 -11.88 -25.64
N ALA XA 57 -18.80 -12.06 -24.53
CA ALA XA 57 -18.70 -13.30 -23.77
C ALA XA 57 -19.23 -14.48 -24.56
N GLY XA 58 -20.27 -14.27 -25.36
CA GLY XA 58 -20.85 -15.36 -26.12
C GLY XA 58 -19.90 -15.95 -27.15
N SER XA 59 -19.12 -15.10 -27.81
CA SER XA 59 -18.16 -15.52 -28.83
C SER XA 59 -16.73 -15.49 -28.30
N ALA XA 60 -16.55 -15.86 -27.02
CA ALA XA 60 -15.21 -15.84 -26.43
C ALA XA 60 -14.28 -16.83 -27.14
N VAL XA 61 -14.78 -18.02 -27.45
CA VAL XA 61 -13.95 -19.03 -28.10
C VAL XA 61 -13.52 -18.56 -29.48
N GLN XA 62 -14.44 -17.97 -30.24
CA GLN XA 62 -14.12 -17.51 -31.58
C GLN XA 62 -13.09 -16.39 -31.55
N ILE XA 63 -13.24 -15.44 -30.64
CA ILE XA 63 -12.28 -14.35 -30.54
C ILE XA 63 -10.92 -14.88 -30.10
N THR XA 64 -10.90 -15.81 -29.15
CA THR XA 64 -9.63 -16.40 -28.73
C THR XA 64 -8.95 -17.12 -29.87
N ALA XA 65 -9.70 -17.87 -30.68
CA ALA XA 65 -9.14 -18.52 -31.85
C ALA XA 65 -8.66 -17.53 -32.90
N MET XA 66 -9.33 -16.38 -33.03
CA MET XA 66 -8.90 -15.37 -34.00
C MET XA 66 -7.61 -14.70 -33.57
N LEU XA 67 -7.45 -14.40 -32.28
CA LEU XA 67 -6.27 -13.69 -31.84
C LEU XA 67 -5.11 -14.62 -31.52
N PHE XA 68 -5.37 -15.72 -30.81
CA PHE XA 68 -4.32 -16.67 -30.46
C PHE XA 68 -4.18 -17.70 -31.59
N THR XA 69 -3.40 -17.32 -32.59
CA THR XA 69 -3.16 -18.18 -33.75
C THR XA 69 -1.82 -18.91 -33.64
N ALA YA 1 -24.99 -34.72 -11.49
CA ALA YA 1 -23.56 -34.70 -11.75
C ALA YA 1 -23.16 -33.43 -12.50
N GLN YA 2 -22.22 -33.59 -13.43
CA GLN YA 2 -21.76 -32.49 -14.30
C GLN YA 2 -21.10 -31.37 -13.50
N GLY YA 3 -20.88 -31.59 -12.21
CA GLY YA 3 -20.16 -30.64 -11.39
C GLY YA 3 -20.92 -29.38 -11.04
N LEU YA 4 -21.31 -28.60 -12.06
CA LEU YA 4 -21.95 -27.32 -11.84
C LEU YA 4 -23.45 -27.34 -12.12
N GLU YA 5 -24.07 -28.53 -12.12
CA GLU YA 5 -25.52 -28.59 -12.24
C GLU YA 5 -26.18 -28.02 -10.99
N LYS YA 6 -25.63 -28.32 -9.81
CA LYS YA 6 -26.22 -27.82 -8.57
C LYS YA 6 -26.14 -26.30 -8.50
N ALA YA 7 -24.99 -25.73 -8.87
CA ALA YA 7 -24.86 -24.28 -8.89
C ALA YA 7 -25.80 -23.64 -9.89
N ARG YA 8 -25.98 -24.26 -11.05
CA ARG YA 8 -26.92 -23.75 -12.03
C ARG YA 8 -28.35 -23.80 -11.51
N SER YA 9 -28.71 -24.88 -10.80
CA SER YA 9 -30.04 -24.95 -10.22
C SER YA 9 -30.25 -23.86 -9.17
N VAL YA 10 -29.23 -23.62 -8.34
CA VAL YA 10 -29.33 -22.57 -7.34
C VAL YA 10 -29.49 -21.21 -8.00
N LEU YA 11 -28.74 -20.96 -9.07
CA LEU YA 11 -28.86 -19.70 -9.79
C LEU YA 11 -30.24 -19.54 -10.42
N GLU YA 12 -30.80 -20.63 -10.95
CA GLU YA 12 -32.13 -20.56 -11.52
C GLU YA 12 -33.17 -20.25 -10.44
N THR YA 13 -33.03 -20.86 -9.27
CA THR YA 13 -33.94 -20.55 -8.17
C THR YA 13 -33.83 -19.09 -7.76
N LEU YA 14 -32.61 -18.58 -7.67
CA LEU YA 14 -32.41 -17.16 -7.34
C LEU YA 14 -33.04 -16.26 -8.39
N GLN YA 15 -32.87 -16.60 -9.67
CA GLN YA 15 -33.45 -15.80 -10.74
C GLN YA 15 -34.98 -15.80 -10.65
N GLN YA 16 -35.58 -16.96 -10.39
CA GLN YA 16 -37.03 -17.02 -10.28
C GLN YA 16 -37.52 -16.18 -9.10
N GLU YA 17 -36.84 -16.26 -7.97
CA GLU YA 17 -37.26 -15.49 -6.80
C GLU YA 17 -37.11 -13.99 -7.04
N LEU YA 18 -36.02 -13.57 -7.68
CA LEU YA 18 -35.84 -12.16 -7.99
C LEU YA 18 -36.90 -11.68 -8.98
N THR YA 19 -37.24 -12.52 -9.97
CA THR YA 19 -38.29 -12.17 -10.91
C THR YA 19 -39.62 -12.00 -10.20
N THR YA 20 -39.89 -12.87 -9.21
CA THR YA 20 -41.13 -12.73 -8.43
C THR YA 20 -41.12 -11.44 -7.63
N ILE YA 21 -39.98 -11.07 -7.05
CA ILE YA 21 -39.91 -9.87 -6.22
C ILE YA 21 -40.02 -8.60 -7.06
N VAL YA 22 -39.47 -8.61 -8.28
CA VAL YA 22 -39.30 -7.36 -9.03
C VAL YA 22 -40.58 -6.56 -9.23
N PRO YA 23 -41.72 -7.15 -9.62
CA PRO YA 23 -42.91 -6.30 -9.91
C PRO YA 23 -43.33 -5.42 -8.75
N ILE YA 24 -43.18 -5.88 -7.52
CA ILE YA 24 -43.51 -5.04 -6.37
C ILE YA 24 -42.59 -3.83 -6.32
N ALA YA 25 -41.29 -4.04 -6.54
CA ALA YA 25 -40.35 -2.92 -6.54
C ALA YA 25 -40.68 -1.94 -7.66
N ALA YA 26 -41.01 -2.45 -8.85
CA ALA YA 26 -41.38 -1.58 -9.96
C ALA YA 26 -42.63 -0.77 -9.63
N ALA YA 27 -43.61 -1.40 -9.01
CA ALA YA 27 -44.84 -0.69 -8.64
C ALA YA 27 -44.56 0.40 -7.62
N VAL YA 28 -43.71 0.11 -6.62
CA VAL YA 28 -43.36 1.12 -5.64
C VAL YA 28 -42.61 2.28 -6.30
N ILE YA 29 -41.70 1.96 -7.21
CA ILE YA 29 -40.97 3.00 -7.91
C ILE YA 29 -41.92 3.90 -8.70
N LEU YA 30 -42.87 3.29 -9.41
CA LEU YA 30 -43.83 4.09 -10.19
C LEU YA 30 -44.72 4.92 -9.27
N LEU YA 31 -45.13 4.36 -8.13
CA LEU YA 31 -45.94 5.11 -7.19
C LEU YA 31 -45.19 6.33 -6.68
N CYS YA 32 -43.91 6.18 -6.37
CA CYS YA 32 -43.12 7.34 -5.93
C CYS YA 32 -42.92 8.33 -7.07
N LEU YA 33 -42.67 7.84 -8.28
CA LEU YA 33 -42.41 8.72 -9.42
C LEU YA 33 -43.63 9.56 -9.77
N GLY YA 34 -44.82 8.98 -9.70
CA GLY YA 34 -46.02 9.74 -10.00
C GLY YA 34 -46.20 10.93 -9.09
N ILE YA 35 -46.02 10.72 -7.78
CA ILE YA 35 -46.16 11.81 -6.83
C ILE YA 35 -45.04 12.82 -6.98
N ALA YA 36 -43.82 12.34 -7.25
CA ALA YA 36 -42.70 13.26 -7.46
C ALA YA 36 -42.94 14.15 -8.67
N TYR YA 37 -43.50 13.59 -9.74
CA TYR YA 37 -43.83 14.38 -10.92
C TYR YA 37 -44.98 15.34 -10.64
N ALA YA 38 -45.99 14.90 -9.89
CA ALA YA 38 -47.10 15.79 -9.56
C ALA YA 38 -46.62 16.97 -8.72
N GLY YA 39 -45.57 16.78 -7.94
CA GLY YA 39 -45.01 17.82 -7.12
C GLY YA 39 -43.95 18.68 -7.78
N ARG YA 40 -43.82 18.59 -9.11
CA ARG YA 40 -42.87 19.38 -9.89
C ARG YA 40 -41.42 19.10 -9.51
N PHE YA 41 -41.11 17.88 -9.06
CA PHE YA 41 -39.75 17.52 -8.68
C PHE YA 41 -38.97 16.82 -9.77
N ILE YA 42 -39.63 16.24 -10.77
CA ILE YA 42 -38.99 15.57 -11.89
C ILE YA 42 -39.73 15.95 -13.16
N GLU YA 43 -39.29 15.39 -14.29
CA GLU YA 43 -39.83 15.71 -15.59
C GLU YA 43 -40.65 14.55 -16.14
N LYS YA 44 -41.34 14.82 -17.25
CA LYS YA 44 -42.26 13.84 -17.82
C LYS YA 44 -41.55 12.68 -18.50
N ASP YA 45 -40.28 12.84 -18.88
CA ASP YA 45 -39.55 11.76 -19.52
C ASP YA 45 -39.24 10.63 -18.55
N THR YA 46 -39.41 10.85 -17.25
CA THR YA 46 -39.16 9.81 -16.26
C THR YA 46 -40.09 8.62 -16.48
N PHE YA 47 -41.33 8.87 -16.89
CA PHE YA 47 -42.25 7.78 -17.15
C PHE YA 47 -41.81 6.95 -18.34
N VAL YA 48 -41.30 7.61 -19.39
CA VAL YA 48 -40.76 6.87 -20.53
C VAL YA 48 -39.56 6.04 -20.12
N ARG YA 49 -38.67 6.62 -19.30
CA ARG YA 49 -37.53 5.89 -18.79
C ARG YA 49 -37.96 4.67 -18.00
N TRP YA 50 -38.96 4.84 -17.13
CA TRP YA 50 -39.45 3.75 -16.31
C TRP YA 50 -40.06 2.65 -17.18
N SER YA 51 -40.84 3.04 -18.18
CA SER YA 51 -41.45 2.06 -19.07
C SER YA 51 -40.39 1.26 -19.82
N ILE YA 52 -39.37 1.96 -20.34
CA ILE YA 52 -38.30 1.27 -21.06
C ILE YA 52 -37.58 0.29 -20.13
N GLY YA 53 -37.27 0.75 -18.91
CA GLY YA 53 -36.56 -0.11 -17.98
C GLY YA 53 -37.36 -1.34 -17.60
N VAL YA 54 -38.66 -1.16 -17.33
CA VAL YA 54 -39.49 -2.28 -16.93
C VAL YA 54 -39.70 -3.24 -18.09
N ILE YA 55 -39.89 -2.72 -19.30
CA ILE YA 55 -40.04 -3.60 -20.46
C ILE YA 55 -38.78 -4.41 -20.69
N ILE YA 56 -37.60 -3.79 -20.55
CA ILE YA 56 -36.35 -4.52 -20.71
C ILE YA 56 -36.20 -5.57 -19.62
N ALA YA 57 -36.54 -5.21 -18.37
CA ALA YA 57 -36.40 -6.16 -17.27
C ALA YA 57 -37.33 -7.35 -17.43
N GLY YA 58 -38.55 -7.12 -17.93
CA GLY YA 58 -39.51 -8.21 -18.07
C GLY YA 58 -39.05 -9.27 -19.05
N SER YA 59 -38.35 -8.87 -20.10
CA SER YA 59 -37.86 -9.78 -21.12
C SER YA 59 -36.35 -9.97 -21.02
N ALA YA 60 -35.83 -10.05 -19.79
CA ALA YA 60 -34.40 -10.25 -19.60
C ALA YA 60 -33.95 -11.59 -20.16
N VAL YA 61 -34.73 -12.64 -19.91
CA VAL YA 61 -34.36 -13.97 -20.38
C VAL YA 61 -34.35 -14.02 -21.90
N GLN YA 62 -35.36 -13.42 -22.53
CA GLN YA 62 -35.45 -13.46 -23.99
C GLN YA 62 -34.29 -12.71 -24.64
N ILE YA 63 -33.97 -11.52 -24.12
CA ILE YA 63 -32.85 -10.75 -24.67
C ILE YA 63 -31.54 -11.49 -24.45
N THR YA 64 -31.35 -12.08 -23.27
CA THR YA 64 -30.13 -12.84 -23.02
C THR YA 64 -30.00 -14.03 -23.96
N ALA YA 65 -31.10 -14.74 -24.22
CA ALA YA 65 -31.07 -15.84 -25.18
C ALA YA 65 -30.82 -15.35 -26.60
N MET YA 66 -31.32 -14.17 -26.96
CA MET YA 66 -31.06 -13.65 -28.30
C MET YA 66 -29.61 -13.25 -28.49
N LEU YA 67 -29.00 -12.63 -27.49
CA LEU YA 67 -27.62 -12.15 -27.64
C LEU YA 67 -26.59 -13.22 -27.32
N PHE YA 68 -26.79 -13.98 -26.24
CA PHE YA 68 -25.85 -15.01 -25.85
C PHE YA 68 -26.24 -16.34 -26.51
N THR YA 69 -25.77 -16.51 -27.74
CA THR YA 69 -26.05 -17.72 -28.50
C THR YA 69 -24.84 -18.64 -28.54
N ALA ZA 1 -41.71 -20.69 2.80
CA ALA ZA 1 -40.40 -21.10 2.29
C ALA ZA 1 -40.00 -20.27 1.08
N GLN ZA 2 -39.41 -20.94 0.08
CA GLN ZA 2 -39.02 -20.31 -1.18
C GLN ZA 2 -37.97 -19.21 -0.98
N GLY ZA 3 -37.44 -19.10 0.23
CA GLY ZA 3 -36.36 -18.16 0.50
C GLY ZA 3 -36.78 -16.71 0.51
N LEU ZA 4 -37.30 -16.20 -0.61
CA LEU ZA 4 -37.63 -14.79 -0.73
C LEU ZA 4 -39.13 -14.53 -0.61
N GLU ZA 5 -39.88 -15.45 0.00
CA GLU ZA 5 -41.28 -15.17 0.30
C GLU ZA 5 -41.39 -14.12 1.40
N LYS ZA 6 -40.53 -14.20 2.41
CA LYS ZA 6 -40.56 -13.23 3.50
C LYS ZA 6 -40.25 -11.83 3.00
N ALA ZA 7 -39.22 -11.70 2.17
CA ALA ZA 7 -38.88 -10.40 1.60
C ALA ZA 7 -40.00 -9.86 0.72
N ARG ZA 8 -40.65 -10.74 -0.04
CA ARG ZA 8 -41.78 -10.32 -0.86
C ARG ZA 8 -42.94 -9.84 0.00
N SER ZA 9 -43.21 -10.53 1.11
CA SER ZA 9 -44.28 -10.09 1.99
C SER ZA 9 -43.95 -8.73 2.61
N VAL ZA 10 -42.69 -8.53 3.02
CA VAL ZA 10 -42.29 -7.24 3.57
C VAL ZA 10 -42.44 -6.14 2.53
N LEU ZA 11 -42.06 -6.43 1.27
CA LEU ZA 11 -42.21 -5.44 0.22
C LEU ZA 11 -43.67 -5.11 -0.05
N GLU ZA 12 -44.54 -6.13 -0.01
CA GLU ZA 12 -45.97 -5.87 -0.19
C GLU ZA 12 -46.52 -5.00 0.93
N THR ZA 13 -46.10 -5.26 2.17
CA THR ZA 13 -46.54 -4.43 3.29
C THR ZA 13 -46.05 -2.99 3.11
N LEU ZA 14 -44.79 -2.82 2.71
CA LEU ZA 14 -44.27 -1.47 2.49
C LEU ZA 14 -45.04 -0.77 1.37
N GLN ZA 15 -45.35 -1.49 0.30
CA GLN ZA 15 -46.11 -0.89 -0.80
C GLN ZA 15 -47.49 -0.47 -0.35
N GLN ZA 16 -48.17 -1.31 0.44
CA GLN ZA 16 -49.49 -0.95 0.93
C GLN ZA 16 -49.43 0.29 1.82
N GLU ZA 17 -48.44 0.35 2.71
CA GLU ZA 17 -48.33 1.50 3.60
C GLU ZA 17 -48.02 2.77 2.82
N LEU ZA 18 -47.13 2.70 1.83
CA LEU ZA 18 -46.85 3.88 1.01
C LEU ZA 18 -48.08 4.30 0.23
N THR ZA 19 -48.85 3.34 -0.28
CA THR ZA 19 -50.09 3.66 -0.97
C THR ZA 19 -51.06 4.37 -0.03
N THR ZA 20 -51.13 3.92 1.22
CA THR ZA 20 -51.99 4.58 2.20
C THR ZA 20 -51.53 6.02 2.45
N ILE ZA 21 -50.22 6.22 2.55
CA ILE ZA 21 -49.69 7.56 2.85
C ILE ZA 21 -49.86 8.51 1.67
N VAL ZA 22 -49.78 8.00 0.45
CA VAL ZA 22 -49.68 8.89 -0.73
C VAL ZA 22 -50.81 9.89 -0.85
N PRO ZA 23 -52.10 9.54 -0.67
CA PRO ZA 23 -53.16 10.53 -0.90
C PRO ZA 23 -53.00 11.80 -0.09
N ILE ZA 24 -52.52 11.70 1.14
CA ILE ZA 24 -52.28 12.90 1.96
C ILE ZA 24 -51.22 13.78 1.30
N ALA ZA 25 -50.14 13.17 0.83
CA ALA ZA 25 -49.09 13.94 0.17
C ALA ZA 25 -49.61 14.60 -1.09
N ALA ZA 26 -50.41 13.89 -1.88
CA ALA ZA 26 -50.97 14.48 -3.09
C ALA ZA 26 -51.91 15.64 -2.76
N ALA ZA 27 -52.72 15.48 -1.72
CA ALA ZA 27 -53.62 16.56 -1.33
C ALA ZA 27 -52.87 17.78 -0.86
N VAL ZA 28 -51.80 17.59 -0.08
CA VAL ZA 28 -50.99 18.72 0.36
C VAL ZA 28 -50.31 19.39 -0.82
N ILE ZA 29 -49.82 18.60 -1.77
CA ILE ZA 29 -49.20 19.17 -2.96
C ILE ZA 29 -50.20 20.02 -3.74
N LEU ZA 30 -51.41 19.51 -3.93
CA LEU ZA 30 -52.42 20.28 -4.64
C LEU ZA 30 -52.81 21.54 -3.88
N LEU ZA 31 -52.90 21.45 -2.55
CA LEU ZA 31 -53.23 22.62 -1.75
C LEU ZA 31 -52.17 23.71 -1.91
N CYS ZA 32 -50.90 23.32 -1.90
CA CYS ZA 32 -49.84 24.31 -2.11
C CYS ZA 32 -49.85 24.84 -3.53
N LEU ZA 33 -50.09 23.97 -4.52
CA LEU ZA 33 -50.07 24.40 -5.91
C LEU ZA 33 -51.19 25.39 -6.22
N GLY ZA 34 -52.37 25.19 -5.63
CA GLY ZA 34 -53.46 26.12 -5.86
C GLY ZA 34 -53.12 27.53 -5.40
N ILE ZA 35 -52.55 27.66 -4.22
CA ILE ZA 35 -52.18 28.98 -3.70
C ILE ZA 35 -51.02 29.56 -4.51
N ALA ZA 36 -50.06 28.71 -4.90
CA ALA ZA 36 -48.94 29.20 -5.71
C ALA ZA 36 -49.43 29.74 -7.05
N TYR ZA 37 -50.38 29.04 -7.68
CA TYR ZA 37 -50.95 29.52 -8.93
C TYR ZA 37 -51.79 30.77 -8.73
N ALA ZA 38 -52.49 30.87 -7.59
CA ALA ZA 38 -53.27 32.07 -7.31
C ALA ZA 38 -52.37 33.28 -7.17
N GLY ZA 39 -51.18 33.10 -6.61
CA GLY ZA 39 -50.23 34.17 -6.43
C GLY ZA 39 -49.34 34.46 -7.62
N ARG ZA 40 -49.67 33.93 -8.79
CA ARG ZA 40 -48.93 34.14 -10.03
C ARG ZA 40 -47.50 33.62 -9.96
N PHE ZA 41 -47.28 32.54 -9.21
CA PHE ZA 41 -45.94 31.97 -9.10
C PHE ZA 41 -45.69 30.80 -10.05
N ILE ZA 42 -46.74 30.17 -10.55
CA ILE ZA 42 -46.63 29.07 -11.50
C ILE ZA 42 -47.70 29.25 -12.57
N GLU ZA 43 -47.76 28.29 -13.50
CA GLU ZA 43 -48.65 28.37 -14.65
C GLU ZA 43 -49.77 27.34 -14.54
N LYS ZA 44 -50.73 27.46 -15.45
CA LYS ZA 44 -51.93 26.63 -15.41
C LYS ZA 44 -51.69 25.19 -15.81
N ASP ZA 45 -50.59 24.90 -16.52
CA ASP ZA 45 -50.29 23.51 -16.88
C ASP ZA 45 -49.87 22.69 -15.67
N THR ZA 46 -49.61 23.34 -14.53
CA THR ZA 46 -49.23 22.62 -13.33
C THR ZA 46 -50.35 21.69 -12.88
N PHE ZA 47 -51.61 22.12 -13.02
CA PHE ZA 47 -52.73 21.28 -12.62
C PHE ZA 47 -52.84 20.05 -13.51
N VAL ZA 48 -52.61 20.22 -14.82
CA VAL ZA 48 -52.60 19.07 -15.72
C VAL ZA 48 -51.47 18.11 -15.36
N ARG ZA 49 -50.29 18.67 -15.07
CA ARG ZA 49 -49.16 17.83 -14.66
C ARG ZA 49 -49.49 17.05 -13.39
N TRP ZA 50 -50.09 17.73 -12.41
CA TRP ZA 50 -50.45 17.09 -11.15
C TRP ZA 50 -51.48 15.98 -11.38
N SER ZA 51 -52.48 16.25 -12.21
CA SER ZA 51 -53.51 15.25 -12.49
C SER ZA 51 -52.90 14.03 -13.16
N ILE ZA 52 -52.01 14.24 -14.13
CA ILE ZA 52 -51.37 13.12 -14.80
C ILE ZA 52 -50.54 12.31 -13.82
N GLY ZA 53 -49.77 13.00 -12.98
CA GLY ZA 53 -48.94 12.28 -12.01
C GLY ZA 53 -49.76 11.48 -11.02
N VAL ZA 54 -50.85 12.07 -10.51
CA VAL ZA 54 -51.69 11.37 -9.54
C VAL ZA 54 -52.41 10.19 -10.19
N ILE ZA 55 -52.90 10.37 -11.42
CA ILE ZA 55 -53.55 9.26 -12.10
C ILE ZA 55 -52.58 8.12 -12.35
N ILE ZA 56 -51.34 8.43 -12.75
CA ILE ZA 56 -50.35 7.39 -12.97
C ILE ZA 56 -50.01 6.68 -11.65
N ALA ZA 57 -49.82 7.45 -10.57
CA ALA ZA 57 -49.47 6.83 -9.29
C ALA ZA 57 -50.61 5.99 -8.75
N GLY ZA 58 -51.86 6.38 -9.05
CA GLY ZA 58 -53.00 5.63 -8.55
C GLY ZA 58 -53.08 4.22 -9.12
N SER ZA 59 -52.76 4.07 -10.40
CA SER ZA 59 -52.81 2.79 -11.08
C SER ZA 59 -51.43 2.23 -11.33
N ALA ZA 60 -50.52 2.42 -10.37
CA ALA ZA 60 -49.15 1.93 -10.54
C ALA ZA 60 -49.12 0.41 -10.66
N VAL ZA 61 -49.90 -0.28 -9.83
CA VAL ZA 61 -49.92 -1.74 -9.87
C VAL ZA 61 -50.41 -2.24 -11.21
N GLN ZA 62 -51.49 -1.63 -11.73
CA GLN ZA 62 -52.06 -2.08 -12.99
C GLN ZA 62 -51.09 -1.85 -14.15
N ILE ZA 63 -50.46 -0.68 -14.18
CA ILE ZA 63 -49.51 -0.40 -15.25
C ILE ZA 63 -48.31 -1.35 -15.16
N THR ZA 64 -47.81 -1.59 -13.96
CA THR ZA 64 -46.68 -2.51 -13.80
C THR ZA 64 -47.06 -3.92 -14.25
N ALA ZA 65 -48.27 -4.37 -13.92
CA ALA ZA 65 -48.73 -5.67 -14.39
C ALA ZA 65 -48.90 -5.71 -15.90
N MET ZA 66 -49.34 -4.62 -16.52
CA MET ZA 66 -49.47 -4.60 -17.97
C MET ZA 66 -48.12 -4.65 -18.66
N LEU ZA 67 -47.12 -3.94 -18.14
CA LEU ZA 67 -45.82 -3.89 -18.80
C LEU ZA 67 -44.94 -5.07 -18.41
N PHE ZA 68 -44.84 -5.37 -17.12
CA PHE ZA 68 -43.99 -6.47 -16.65
C PHE ZA 68 -44.81 -7.77 -16.67
N THR ZA 69 -44.91 -8.34 -17.86
CA THR ZA 69 -45.64 -9.58 -18.05
C THR ZA 69 -44.71 -10.79 -17.89
N ALA AB 1 -49.84 0.83 15.20
CA ALA AB 1 -48.96 -0.14 14.55
C ALA AB 1 -48.90 0.12 13.04
N GLN AB 2 -48.83 -0.96 12.27
CA GLN AB 2 -48.81 -0.90 10.80
C GLN AB 2 -47.61 -0.14 10.28
N GLY AB 3 -46.65 0.15 11.15
CA GLY AB 3 -45.42 0.79 10.72
C GLY AB 3 -45.55 2.27 10.38
N LEU AB 4 -46.38 2.59 9.40
CA LEU AB 4 -46.47 3.97 8.92
C LEU AB 4 -47.76 4.66 9.35
N GLU AB 5 -48.43 4.16 10.38
CA GLU AB 5 -49.58 4.87 10.92
C GLU AB 5 -49.14 6.18 11.58
N LYS AB 6 -48.02 6.16 12.29
CA LYS AB 6 -47.53 7.37 12.95
C LYS AB 6 -47.20 8.46 11.93
N ALA AB 7 -46.50 8.08 10.85
CA ALA AB 7 -46.16 9.04 9.81
C ALA AB 7 -47.42 9.57 9.13
N ARG AB 8 -48.42 8.71 8.93
CA ARG AB 8 -49.66 9.14 8.33
C ARG AB 8 -50.39 10.13 9.23
N SER AB 9 -50.40 9.89 10.54
CA SER AB 9 -51.01 10.83 11.47
C SER AB 9 -50.28 12.17 11.45
N VAL AB 10 -48.95 12.14 11.41
CA VAL AB 10 -48.18 13.37 11.34
C VAL AB 10 -48.50 14.13 10.07
N LEU AB 11 -48.62 13.41 8.95
CA LEU AB 11 -48.96 14.06 7.69
C LEU AB 11 -50.36 14.67 7.73
N GLU AB 12 -51.31 13.98 8.35
CA GLU AB 12 -52.65 14.54 8.49
C GLU AB 12 -52.63 15.81 9.33
N THR AB 13 -51.85 15.81 10.42
CA THR AB 13 -51.73 17.02 11.23
C THR AB 13 -51.12 18.16 10.44
N LEU AB 14 -50.07 17.89 9.67
CA LEU AB 14 -49.45 18.92 8.85
C LEU AB 14 -50.43 19.45 7.81
N GLN AB 15 -51.21 18.56 7.20
CA GLN AB 15 -52.19 18.99 6.20
C GLN AB 15 -53.25 19.87 6.84
N GLN AB 16 -53.73 19.51 8.02
CA GLN AB 16 -54.72 20.34 8.70
C GLN AB 16 -54.15 21.71 9.03
N GLU AB 17 -52.91 21.76 9.52
CA GLU AB 17 -52.32 23.05 9.85
C GLU AB 17 -52.12 23.92 8.61
N LEU AB 18 -51.66 23.32 7.52
CA LEU AB 18 -51.51 24.09 6.28
C LEU AB 18 -52.85 24.58 5.76
N THR AB 19 -53.89 23.74 5.87
CA THR AB 19 -55.22 24.18 5.47
C THR AB 19 -55.69 25.34 6.31
N THR AB 20 -55.38 25.31 7.61
CA THR AB 20 -55.73 26.43 8.48
C THR AB 20 -55.00 27.70 8.06
N ILE AB 21 -53.72 27.58 7.71
CA ILE AB 21 -52.92 28.75 7.35
C ILE AB 21 -53.34 29.33 6.00
N VAL AB 22 -53.78 28.49 5.07
CA VAL AB 22 -53.95 28.93 3.67
C VAL AB 22 -54.88 30.12 3.51
N PRO AB 23 -56.06 30.19 4.15
CA PRO AB 23 -56.97 31.32 3.86
C PRO AB 23 -56.33 32.68 4.11
N ILE AB 24 -55.49 32.80 5.13
CA ILE AB 24 -54.82 34.07 5.39
C ILE AB 24 -53.90 34.43 4.23
N ALA AB 25 -53.13 33.46 3.73
CA ALA AB 25 -52.26 33.72 2.60
C ALA AB 25 -53.05 34.12 1.37
N ALA AB 26 -54.17 33.44 1.11
CA ALA AB 26 -55.00 33.79 -0.04
C ALA AB 26 -55.58 35.19 0.10
N ALA AB 27 -56.01 35.56 1.31
CA ALA AB 27 -56.55 36.89 1.54
C ALA AB 27 -55.49 37.96 1.32
N VAL AB 28 -54.27 37.72 1.80
CA VAL AB 28 -53.19 38.68 1.59
C VAL AB 28 -52.87 38.80 0.11
N ILE AB 29 -52.86 37.67 -0.61
CA ILE AB 29 -52.60 37.70 -2.04
C ILE AB 29 -53.66 38.53 -2.76
N LEU AB 30 -54.94 38.32 -2.41
CA LEU AB 30 -55.99 39.09 -3.06
C LEU AB 30 -55.90 40.58 -2.71
N LEU AB 31 -55.55 40.89 -1.46
CA LEU AB 31 -55.38 42.28 -1.07
C LEU AB 31 -54.30 42.95 -1.88
N CYS AB 32 -53.17 42.27 -2.09
CA CYS AB 32 -52.11 42.85 -2.92
C CYS AB 32 -52.53 42.94 -4.38
N LEU AB 33 -53.24 41.93 -4.88
CA LEU AB 33 -53.62 41.92 -6.29
C LEU AB 33 -54.62 43.03 -6.62
N GLY AB 34 -55.53 43.32 -5.70
CA GLY AB 34 -56.48 44.40 -5.94
C GLY AB 34 -55.78 45.74 -6.13
N ILE AB 35 -54.82 46.05 -5.27
CA ILE AB 35 -54.08 47.30 -5.39
C ILE AB 35 -53.21 47.29 -6.63
N ALA AB 36 -52.59 46.15 -6.95
CA ALA AB 36 -51.77 46.08 -8.14
C ALA AB 36 -52.59 46.31 -9.40
N TYR AB 37 -53.80 45.75 -9.44
CA TYR AB 37 -54.69 45.99 -10.57
C TYR AB 37 -55.19 47.42 -10.61
N ALA AB 38 -55.42 48.03 -9.45
CA ALA AB 38 -55.86 49.42 -9.41
C ALA AB 38 -54.81 50.35 -10.01
N GLY AB 39 -53.54 50.08 -9.74
CA GLY AB 39 -52.45 50.90 -10.23
C GLY AB 39 -51.96 50.57 -11.62
N ARG AB 40 -52.71 49.77 -12.38
CA ARG AB 40 -52.39 49.41 -13.76
C ARG AB 40 -51.11 48.59 -13.87
N PHE AB 41 -50.82 47.73 -12.90
CA PHE AB 41 -49.64 46.89 -12.97
C PHE AB 41 -49.92 45.48 -13.48
N ILE AB 42 -51.16 45.03 -13.41
CA ILE AB 42 -51.56 43.72 -13.90
C ILE AB 42 -52.89 43.86 -14.64
N GLU AB 43 -53.40 42.75 -15.14
CA GLU AB 43 -54.61 42.74 -15.94
C GLU AB 43 -55.76 42.08 -15.18
N LYS AB 44 -56.94 42.13 -15.79
CA LYS AB 44 -58.16 41.67 -15.12
C LYS AB 44 -58.26 40.15 -15.05
N ASP AB 45 -57.49 39.42 -15.86
CA ASP AB 45 -57.51 37.96 -15.77
C ASP AB 45 -56.87 37.45 -14.49
N THR AB 46 -56.18 38.32 -13.76
CA THR AB 46 -55.55 37.90 -12.52
C THR AB 46 -56.58 37.46 -11.49
N PHE AB 47 -57.73 38.13 -11.45
CA PHE AB 47 -58.77 37.76 -10.50
C PHE AB 47 -59.39 36.42 -10.85
N VAL AB 48 -59.56 36.14 -12.14
CA VAL AB 48 -60.06 34.82 -12.55
C VAL AB 48 -59.05 33.75 -12.18
N ARG AB 49 -57.76 34.01 -12.43
CA ARG AB 49 -56.71 33.07 -12.04
C ARG AB 49 -56.73 32.82 -10.54
N TRP AB 50 -56.87 33.88 -9.75
CA TRP AB 50 -56.89 33.75 -8.30
C TRP AB 50 -58.10 32.93 -7.85
N SER AB 51 -59.26 33.19 -8.44
CA SER AB 51 -60.47 32.45 -8.09
C SER AB 51 -60.32 30.97 -8.41
N ILE AB 52 -59.77 30.66 -9.59
CA ILE AB 52 -59.57 29.26 -9.96
C ILE AB 52 -58.60 28.59 -8.99
N GLY AB 53 -57.50 29.26 -8.67
CA GLY AB 53 -56.53 28.68 -7.76
C GLY AB 53 -57.11 28.43 -6.38
N VAL AB 54 -57.87 29.39 -5.86
CA VAL AB 54 -58.43 29.24 -4.52
C VAL AB 54 -59.50 28.17 -4.51
N ILE AB 55 -60.32 28.09 -5.55
CA ILE AB 55 -61.33 27.04 -5.62
C ILE AB 55 -60.67 25.67 -5.68
N ILE AB 56 -59.61 25.52 -6.47
CA ILE AB 56 -58.91 24.25 -6.54
C ILE AB 56 -58.28 23.90 -5.21
N ALA AB 57 -57.65 24.87 -4.55
CA ALA AB 57 -57.01 24.61 -3.27
C ALA AB 57 -58.04 24.27 -2.19
N GLY AB 58 -59.24 24.82 -2.29
CA GLY AB 58 -60.26 24.55 -1.29
C GLY AB 58 -60.71 23.11 -1.29
N SER AB 59 -60.89 22.53 -2.47
CA SER AB 59 -61.33 21.15 -2.63
C SER AB 59 -60.19 20.24 -3.04
N ALA AB 60 -59.00 20.47 -2.46
CA ALA AB 60 -57.85 19.64 -2.79
C ALA AB 60 -58.09 18.18 -2.37
N VAL AB 61 -58.64 17.98 -1.17
CA VAL AB 61 -58.87 16.62 -0.69
C VAL AB 61 -59.88 15.90 -1.59
N GLN AB 62 -60.95 16.60 -1.97
CA GLN AB 62 -61.97 15.97 -2.80
C GLN AB 62 -61.43 15.59 -4.17
N ILE AB 63 -60.66 16.48 -4.78
CA ILE AB 63 -60.08 16.18 -6.09
C ILE AB 63 -59.09 15.03 -5.98
N THR AB 64 -58.25 15.02 -4.95
CA THR AB 64 -57.31 13.93 -4.77
C THR AB 64 -58.01 12.60 -4.56
N ALA AB 65 -59.08 12.58 -3.78
CA ALA AB 65 -59.86 11.35 -3.60
C ALA AB 65 -60.58 10.94 -4.87
N MET AB 66 -60.98 11.88 -5.71
CA MET AB 66 -61.60 11.54 -6.99
C MET AB 66 -60.61 10.94 -7.96
N LEU AB 67 -59.37 11.44 -7.98
CA LEU AB 67 -58.39 10.95 -8.94
C LEU AB 67 -57.63 9.74 -8.42
N PHE AB 68 -57.11 9.81 -7.19
CA PHE AB 68 -56.35 8.69 -6.63
C PHE AB 68 -57.30 7.71 -5.96
N THR AB 69 -57.84 6.81 -6.78
CA THR AB 69 -58.78 5.81 -6.31
C THR AB 69 -58.11 4.45 -6.10
N ALA BB 1 -49.81 26.10 20.90
CA ALA BB 1 -49.61 24.71 20.50
C ALA BB 1 -50.10 24.49 19.08
N GLN BB 2 -50.48 23.25 18.77
CA GLN BB 2 -50.98 22.85 17.45
C GLN BB 2 -49.96 23.13 16.36
N GLY BB 3 -48.70 23.34 16.75
CA GLY BB 3 -47.62 23.51 15.80
C GLY BB 3 -47.61 24.86 15.10
N LEU BB 4 -48.56 25.10 14.20
CA LEU BB 4 -48.52 26.27 13.34
C LEU BB 4 -49.47 27.37 13.80
N GLU BB 5 -49.83 27.39 15.09
CA GLU BB 5 -50.60 28.50 15.61
C GLU BB 5 -49.79 29.80 15.58
N LYS BB 6 -48.49 29.70 15.91
CA LYS BB 6 -47.64 30.88 15.94
C LYS BB 6 -47.50 31.49 14.55
N ALA BB 7 -47.28 30.66 13.54
CA ALA BB 7 -47.17 31.15 12.17
C ALA BB 7 -48.47 31.78 11.71
N ARG BB 8 -49.60 31.17 12.08
CA ARG BB 8 -50.90 31.75 11.73
C ARG BB 8 -51.11 33.11 12.39
N SER BB 9 -50.70 33.25 13.65
CA SER BB 9 -50.82 34.54 14.32
C SER BB 9 -49.94 35.59 13.65
N VAL BB 10 -48.72 35.19 13.27
CA VAL BB 10 -47.82 36.12 12.57
C VAL BB 10 -48.43 36.55 11.25
N LEU BB 11 -49.04 35.61 10.52
CA LEU BB 11 -49.67 35.93 9.25
C LEU BB 11 -50.86 36.87 9.45
N GLU BB 12 -51.64 36.65 10.52
CA GLU BB 12 -52.74 37.56 10.80
C GLU BB 12 -52.25 38.96 11.09
N THR BB 13 -51.15 39.07 11.86
CA THR BB 13 -50.59 40.38 12.14
C THR BB 13 -50.11 41.05 10.86
N LEU BB 14 -49.45 40.29 9.98
CA LEU BB 14 -49.00 40.85 8.71
C LEU BB 14 -50.17 41.32 7.86
N GLN BB 15 -51.25 40.53 7.85
CA GLN BB 15 -52.43 40.91 7.09
C GLN BB 15 -53.05 42.19 7.62
N GLN BB 16 -53.14 42.32 8.95
CA GLN BB 16 -53.67 43.54 9.52
C GLN BB 16 -52.81 44.75 9.18
N GLU BB 17 -51.48 44.60 9.26
CA GLU BB 17 -50.61 45.72 8.93
C GLU BB 17 -50.70 46.11 7.47
N LEU BB 18 -50.76 45.12 6.57
CA LEU BB 18 -50.91 45.43 5.15
C LEU BB 18 -52.25 46.10 4.87
N THR BB 19 -53.31 45.64 5.54
CA THR BB 19 -54.62 46.27 5.38
C THR BB 19 -54.58 47.71 5.86
N THR BB 20 -53.84 47.98 6.92
CA THR BB 20 -53.69 49.36 7.39
C THR BB 20 -52.95 50.21 6.36
N ILE BB 21 -51.89 49.66 5.76
CA ILE BB 21 -51.09 50.42 4.81
C ILE BB 21 -51.85 50.68 3.51
N VAL BB 22 -52.68 49.73 3.07
CA VAL BB 22 -53.23 49.78 1.72
C VAL BB 22 -53.99 51.06 1.38
N PRO BB 23 -54.87 51.60 2.24
CA PRO BB 23 -55.63 52.78 1.84
C PRO BB 23 -54.77 53.97 1.42
N ILE BB 24 -53.62 54.15 2.07
CA ILE BB 24 -52.72 55.23 1.69
C ILE BB 24 -52.20 55.01 0.27
N ALA BB 25 -51.82 53.76 -0.04
CA ALA BB 25 -51.36 53.46 -1.39
C ALA BB 25 -52.45 53.69 -2.42
N ALA BB 26 -53.69 53.30 -2.09
CA ALA BB 26 -54.79 53.51 -3.02
C ALA BB 26 -55.05 55.00 -3.25
N ALA BB 27 -54.98 55.79 -2.17
CA ALA BB 27 -55.19 57.23 -2.31
C ALA BB 27 -54.09 57.87 -3.15
N VAL BB 28 -52.84 57.45 -2.95
CA VAL BB 28 -51.75 58.00 -3.76
C VAL BB 28 -51.92 57.60 -5.22
N ILE BB 29 -52.32 56.35 -5.47
CA ILE BB 29 -52.55 55.89 -6.84
C ILE BB 29 -53.64 56.73 -7.50
N LEU BB 30 -54.74 56.98 -6.79
CA LEU BB 30 -55.82 57.77 -7.37
C LEU BB 30 -55.39 59.21 -7.60
N LEU BB 31 -54.60 59.76 -6.68
CA LEU BB 31 -54.10 61.13 -6.86
C LEU BB 31 -53.24 61.22 -8.12
N CYS BB 32 -52.37 60.24 -8.35
CA CYS BB 32 -51.56 60.27 -9.56
C CYS BB 32 -52.41 60.04 -10.81
N LEU BB 33 -53.40 59.15 -10.73
CA LEU BB 33 -54.22 58.83 -11.88
C LEU BB 33 -55.07 60.02 -12.30
N GLY BB 34 -55.57 60.79 -11.34
CA GLY BB 34 -56.36 61.97 -11.68
C GLY BB 34 -55.57 62.98 -12.49
N ILE BB 35 -54.33 63.25 -12.07
CA ILE BB 35 -53.49 64.19 -12.80
C ILE BB 35 -53.08 63.62 -14.14
N ALA BB 36 -52.79 62.31 -14.20
CA ALA BB 36 -52.45 61.69 -15.48
C ALA BB 36 -53.60 61.79 -16.46
N TYR BB 37 -54.83 61.56 -15.98
CA TYR BB 37 -56.00 61.70 -16.84
C TYR BB 37 -56.22 63.14 -17.26
N ALA BB 38 -56.01 64.09 -16.36
CA ALA BB 38 -56.16 65.50 -16.71
C ALA BB 38 -55.14 65.93 -17.76
N GLY BB 39 -54.00 65.25 -17.80
CA GLY BB 39 -52.96 65.55 -18.76
C GLY BB 39 -53.04 64.81 -20.07
N ARG BB 40 -54.15 64.12 -20.34
CA ARG BB 40 -54.37 63.37 -21.57
C ARG BB 40 -53.39 62.23 -21.76
N PHE BB 41 -52.89 61.65 -20.67
CA PHE BB 41 -51.95 60.53 -20.76
C PHE BB 41 -52.62 59.17 -20.65
N ILE BB 42 -53.79 59.09 -20.00
CA ILE BB 42 -54.53 57.85 -19.85
C ILE BB 42 -56.00 58.13 -20.17
N GLU BB 43 -56.80 57.08 -20.17
CA GLU BB 43 -58.20 57.16 -20.58
C GLU BB 43 -59.12 57.04 -19.36
N LYS BB 44 -60.41 57.23 -19.62
CA LYS BB 44 -61.40 57.30 -18.54
C LYS BB 44 -61.69 55.95 -17.91
N ASP BB 45 -61.41 54.84 -18.60
CA ASP BB 45 -61.64 53.53 -18.01
C ASP BB 45 -60.68 53.24 -16.86
N THR BB 46 -59.64 54.07 -16.70
CA THR BB 46 -58.71 53.89 -15.59
C THR BB 46 -59.41 54.03 -14.25
N PHE BB 47 -60.35 54.97 -14.15
CA PHE BB 47 -61.07 55.16 -12.89
C PHE BB 47 -61.95 53.96 -12.58
N VAL BB 48 -62.59 53.39 -13.59
CA VAL BB 48 -63.40 52.18 -13.38
C VAL BB 48 -62.51 51.03 -12.93
N ARG BB 49 -61.34 50.89 -13.57
CA ARG BB 49 -60.41 49.85 -13.17
C ARG BB 49 -59.97 50.04 -11.72
N TRP BB 50 -59.67 51.28 -11.34
CA TRP BB 50 -59.23 51.58 -9.98
C TRP BB 50 -60.34 51.27 -8.98
N SER BB 51 -61.58 51.64 -9.31
CA SER BB 51 -62.69 51.38 -8.42
C SER BB 51 -62.90 49.88 -8.22
N ILE BB 52 -62.84 49.12 -9.32
CA ILE BB 52 -63.01 47.67 -9.21
C ILE BB 52 -61.90 47.07 -8.36
N GLY BB 53 -60.66 47.50 -8.60
CA GLY BB 53 -59.54 46.97 -7.83
C GLY BB 53 -59.66 47.27 -6.35
N VAL BB 54 -60.03 48.51 -6.03
CA VAL BB 54 -60.13 48.90 -4.61
C VAL BB 54 -61.29 48.19 -3.95
N ILE BB 55 -62.42 48.04 -4.64
CA ILE BB 55 -63.55 47.31 -4.06
C ILE BB 55 -63.18 45.86 -3.81
N ILE BB 56 -62.47 45.22 -4.75
CA ILE BB 56 -62.04 43.84 -4.54
C ILE BB 56 -61.07 43.76 -3.37
N ALA BB 57 -60.12 44.68 -3.29
CA ALA BB 57 -59.13 44.64 -2.21
C ALA BB 57 -59.77 44.90 -0.85
N GLY BB 58 -60.83 45.70 -0.80
CA GLY BB 58 -61.46 46.01 0.47
C GLY BB 58 -62.14 44.81 1.09
N SER BB 59 -62.81 43.99 0.28
CA SER BB 59 -63.51 42.80 0.75
C SER BB 59 -62.74 41.53 0.41
N ALA BB 60 -61.41 41.57 0.53
CA ALA BB 60 -60.60 40.40 0.22
C ALA BB 60 -60.92 39.24 1.16
N VAL BB 61 -61.07 39.54 2.46
CA VAL BB 61 -61.34 38.48 3.43
C VAL BB 61 -62.69 37.83 3.16
N GLN BB 62 -63.71 38.63 2.83
CA GLN BB 62 -65.03 38.09 2.56
C GLN BB 62 -65.02 37.20 1.33
N ILE BB 63 -64.34 37.65 0.27
CA ILE BB 63 -64.28 36.84 -0.96
C ILE BB 63 -63.52 35.54 -0.70
N THR BB 64 -62.41 35.62 0.04
CA THR BB 64 -61.66 34.41 0.35
C THR BB 64 -62.48 33.43 1.18
N ALA BB 65 -63.23 33.93 2.16
CA ALA BB 65 -64.11 33.06 2.94
C ALA BB 65 -65.24 32.48 2.10
N MET BB 66 -65.73 33.23 1.11
CA MET BB 66 -66.77 32.70 0.23
C MET BB 66 -66.24 31.61 -0.67
N LEU BB 67 -65.01 31.76 -1.19
CA LEU BB 67 -64.48 30.78 -2.13
C LEU BB 67 -63.80 29.62 -1.41
N PHE BB 68 -62.91 29.90 -0.47
CA PHE BB 68 -62.20 28.85 0.25
C PHE BB 68 -63.02 28.41 1.46
N THR BB 69 -64.00 27.55 1.18
CA THR BB 69 -64.88 27.03 2.22
C THR BB 69 -64.38 25.68 2.75
N ALA CB 1 -44.21 51.04 17.24
CA ALA CB 1 -44.29 49.58 17.25
C ALA CB 1 -45.24 49.10 16.15
N GLN CB 2 -45.82 47.91 16.36
CA GLN CB 2 -46.75 47.30 15.42
C GLN CB 2 -46.12 47.05 14.06
N GLY CB 3 -44.79 47.10 13.99
CA GLY CB 3 -44.07 46.77 12.79
C GLY CB 3 -44.14 47.80 11.69
N LEU CB 4 -45.31 47.94 11.05
CA LEU CB 4 -45.44 48.77 9.86
C LEU CB 4 -45.99 50.15 10.17
N GLU CB 5 -45.88 50.62 11.41
CA GLU CB 5 -46.24 52.00 11.70
C GLU CB 5 -45.28 52.96 11.02
N LYS CB 6 -43.98 52.63 11.01
CA LYS CB 6 -42.99 53.51 10.41
C LYS CB 6 -43.22 53.63 8.91
N ALA CB 7 -43.48 52.51 8.24
CA ALA CB 7 -43.75 52.56 6.80
C ALA CB 7 -45.02 53.34 6.51
N ARG CB 8 -46.03 53.19 7.36
CA ARG CB 8 -47.26 53.95 7.18
C ARG CB 8 -47.02 55.44 7.33
N SER CB 9 -46.21 55.84 8.31
CA SER CB 9 -45.87 57.26 8.47
C SER CB 9 -45.12 57.78 7.25
N VAL CB 10 -44.18 56.98 6.73
CA VAL CB 10 -43.44 57.39 5.54
C VAL CB 10 -44.38 57.57 4.36
N LEU CB 11 -45.31 56.64 4.19
CA LEU CB 11 -46.28 56.75 3.09
C LEU CB 11 -47.18 57.97 3.25
N GLU CB 12 -47.58 58.28 4.49
CA GLU CB 12 -48.38 59.48 4.71
C GLU CB 12 -47.59 60.74 4.36
N THR CB 13 -46.31 60.78 4.73
CA THR CB 13 -45.49 61.94 4.38
C THR CB 13 -45.35 62.06 2.86
N LEU CB 14 -45.13 60.93 2.18
CA LEU CB 14 -45.03 60.96 0.73
C LEU CB 14 -46.34 61.45 0.10
N GLN CB 15 -47.47 61.00 0.63
CA GLN CB 15 -48.77 61.43 0.12
C GLN CB 15 -48.95 62.94 0.31
N GLN CB 16 -48.57 63.45 1.47
CA GLN CB 16 -48.69 64.89 1.70
C GLN CB 16 -47.80 65.67 0.74
N GLU CB 17 -46.57 65.21 0.52
CA GLU CB 17 -45.69 65.92 -0.41
C GLU CB 17 -46.22 65.88 -1.84
N LEU CB 18 -46.74 64.74 -2.27
CA LEU CB 18 -47.30 64.65 -3.61
C LEU CB 18 -48.54 65.53 -3.74
N THR CB 19 -49.37 65.58 -2.69
CA THR CB 19 -50.53 66.46 -2.73
C THR CB 19 -50.10 67.92 -2.81
N THR CB 20 -48.99 68.27 -2.15
CA THR CB 20 -48.46 69.62 -2.28
C THR CB 20 -48.00 69.91 -3.71
N ILE CB 21 -47.31 68.95 -4.33
CA ILE CB 21 -46.76 69.18 -5.66
C ILE CB 21 -47.86 69.23 -6.72
N VAL CB 22 -48.97 68.51 -6.50
CA VAL CB 22 -49.96 68.31 -7.57
C VAL CB 22 -50.53 69.61 -8.12
N PRO CB 23 -50.96 70.58 -7.31
CA PRO CB 23 -51.61 71.77 -7.90
C PRO CB 23 -50.74 72.51 -8.90
N ILE CB 24 -49.44 72.57 -8.68
CA ILE CB 24 -48.55 73.21 -9.65
C ILE CB 24 -48.57 72.46 -10.98
N ALA CB 25 -48.52 71.14 -10.92
CA ALA CB 25 -48.57 70.34 -12.14
C ALA CB 25 -49.91 70.54 -12.86
N ALA CB 26 -51.00 70.57 -12.12
CA ALA CB 26 -52.31 70.77 -12.74
C ALA CB 26 -52.40 72.15 -13.39
N ALA CB 27 -51.86 73.17 -12.73
CA ALA CB 27 -51.86 74.51 -13.30
C ALA CB 27 -51.04 74.56 -14.59
N VAL CB 28 -49.87 73.92 -14.60
CA VAL CB 28 -49.06 73.90 -15.81
C VAL CB 28 -49.77 73.16 -16.93
N ILE CB 29 -50.42 72.04 -16.60
CA ILE CB 29 -51.16 71.29 -17.61
C ILE CB 29 -52.28 72.14 -18.21
N LEU CB 30 -53.03 72.84 -17.36
CA LEU CB 30 -54.11 73.68 -17.87
C LEU CB 30 -53.56 74.84 -18.71
N LEU CB 31 -52.44 75.42 -18.29
CA LEU CB 31 -51.83 76.49 -19.08
C LEU CB 31 -51.44 76.00 -20.46
N CYS CB 32 -50.84 74.81 -20.54
CA CYS CB 32 -50.48 74.27 -21.86
C CYS CB 32 -51.73 73.92 -22.67
N LEU CB 33 -52.75 73.37 -22.02
CA LEU CB 33 -53.95 72.97 -22.75
C LEU CB 33 -54.69 74.17 -23.32
N GLY CB 34 -54.70 75.29 -22.59
CA GLY CB 34 -55.35 76.49 -23.10
C GLY CB 34 -54.73 76.97 -24.39
N ILE CB 35 -53.39 77.02 -24.44
CA ILE CB 35 -52.71 77.46 -25.65
C ILE CB 35 -52.88 76.43 -26.76
N ALA CB 36 -52.86 75.14 -26.42
CA ALA CB 36 -53.06 74.11 -27.44
C ALA CB 36 -54.45 74.24 -28.06
N TYR CB 37 -55.47 74.47 -27.24
CA TYR CB 37 -56.81 74.67 -27.75
C TYR CB 37 -56.93 75.95 -28.56
N ALA CB 38 -56.21 77.00 -28.16
CA ALA CB 38 -56.23 78.25 -28.91
C ALA CB 38 -55.67 78.07 -30.30
N GLY CB 39 -54.66 77.22 -30.44
CA GLY CB 39 -54.02 76.97 -31.72
C GLY CB 39 -54.65 75.89 -32.57
N ARG CB 40 -55.88 75.48 -32.24
CA ARG CB 40 -56.63 74.47 -32.99
C ARG CB 40 -55.93 73.11 -33.00
N PHE CB 41 -55.21 72.76 -31.94
CA PHE CB 41 -54.52 71.48 -31.88
C PHE CB 41 -55.30 70.41 -31.13
N ILE CB 42 -56.20 70.78 -30.23
CA ILE CB 42 -57.04 69.84 -29.49
C ILE CB 42 -58.47 70.35 -29.52
N GLU CB 43 -59.35 69.63 -28.82
CA GLU CB 43 -60.78 69.91 -28.85
C GLU CB 43 -61.26 70.45 -27.51
N LYS CB 44 -62.52 70.89 -27.48
CA LYS CB 44 -63.07 71.55 -26.31
C LYS CB 44 -63.38 70.57 -25.16
N ASP CB 45 -63.50 69.28 -25.46
CA ASP CB 45 -63.74 68.31 -24.39
C ASP CB 45 -62.52 68.12 -23.50
N THR CB 46 -61.36 68.64 -23.91
CA THR CB 46 -60.16 68.53 -23.10
C THR CB 46 -60.33 69.25 -21.77
N PHE CB 47 -61.02 70.39 -21.76
CA PHE CB 47 -61.25 71.11 -20.52
C PHE CB 47 -62.14 70.31 -19.58
N VAL CB 48 -63.16 69.65 -20.12
CA VAL CB 48 -64.02 68.79 -19.29
C VAL CB 48 -63.21 67.64 -18.71
N ARG CB 49 -62.37 67.02 -19.54
CA ARG CB 49 -61.51 65.94 -19.06
C ARG CB 49 -60.59 66.43 -17.94
N TRP CB 50 -60.00 67.60 -18.13
CA TRP CB 50 -59.10 68.15 -17.11
C TRP CB 50 -59.84 68.45 -15.82
N SER CB 51 -61.04 69.02 -15.92
CA SER CB 51 -61.83 69.32 -14.73
C SER CB 51 -62.17 68.06 -13.98
N ILE CB 52 -62.59 67.02 -14.69
CA ILE CB 52 -62.93 65.75 -14.04
C ILE CB 52 -61.71 65.15 -13.36
N GLY CB 53 -60.56 65.17 -14.06
CA GLY CB 53 -59.37 64.60 -13.47
C GLY CB 53 -58.92 65.34 -12.22
N VAL CB 54 -58.96 66.67 -12.26
CA VAL CB 54 -58.52 67.45 -11.10
C VAL CB 54 -59.49 67.29 -9.94
N ILE CB 55 -60.80 67.25 -10.23
CA ILE CB 55 -61.77 67.03 -9.17
C ILE CB 55 -61.57 65.68 -8.51
N ILE CB 56 -61.34 64.63 -9.31
CA ILE CB 56 -61.12 63.30 -8.74
C ILE CB 56 -59.84 63.27 -7.92
N ALA CB 57 -58.76 63.87 -8.45
CA ALA CB 57 -57.50 63.85 -7.72
C ALA CB 57 -57.57 64.65 -6.43
N GLY CB 58 -58.37 65.72 -6.41
CA GLY CB 58 -58.48 66.54 -5.23
C GLY CB 58 -59.13 65.81 -4.07
N SER CB 59 -60.14 64.99 -4.36
CA SER CB 59 -60.86 64.23 -3.35
C SER CB 59 -60.49 62.75 -3.39
N ALA CB 60 -59.22 62.45 -3.62
CA ALA CB 60 -58.77 61.06 -3.67
C ALA CB 60 -58.96 60.37 -2.33
N VAL CB 61 -58.65 61.06 -1.24
CA VAL CB 61 -58.75 60.45 0.08
C VAL CB 61 -60.20 60.12 0.41
N GLN CB 62 -61.12 61.04 0.11
CA GLN CB 62 -62.52 60.81 0.42
C GLN CB 62 -63.08 59.64 -0.39
N ILE CB 63 -62.73 59.56 -1.67
CA ILE CB 63 -63.19 58.44 -2.50
C ILE CB 63 -62.62 57.13 -2.00
N THR CB 64 -61.33 57.13 -1.64
CA THR CB 64 -60.72 55.90 -1.11
C THR CB 64 -61.39 55.46 0.18
N ALA CB 65 -61.71 56.40 1.07
CA ALA CB 65 -62.43 56.05 2.28
C ALA CB 65 -63.85 55.57 1.99
N MET CB 66 -64.49 56.10 0.95
CA MET CB 66 -65.82 55.64 0.60
C MET CB 66 -65.81 54.22 0.04
N LEU CB 67 -64.79 53.89 -0.76
CA LEU CB 67 -64.77 52.57 -1.38
C LEU CB 67 -64.08 51.53 -0.50
N PHE CB 68 -62.87 51.83 -0.03
CA PHE CB 68 -62.12 50.87 0.80
C PHE CB 68 -62.56 51.02 2.25
N THR CB 69 -63.64 50.33 2.57
CA THR CB 69 -64.18 50.34 3.93
C THR CB 69 -63.82 49.06 4.68
N ALA DB 1 100.93 -32.61 49.72
CA ALA DB 1 100.67 -33.63 50.72
C ALA DB 1 99.18 -33.77 51.00
N GLN DB 2 98.82 -33.78 52.28
CA GLN DB 2 97.42 -33.83 52.73
C GLN DB 2 96.74 -35.14 52.31
N GLY DB 3 97.50 -36.06 51.73
CA GLY DB 3 96.97 -37.36 51.36
C GLY DB 3 96.05 -37.34 50.16
N LEU DB 4 94.96 -36.58 50.24
CA LEU DB 4 93.93 -36.58 49.21
C LEU DB 4 94.01 -35.38 48.30
N GLU DB 5 95.11 -34.63 48.33
CA GLU DB 5 95.26 -33.50 47.41
C GLU DB 5 95.37 -33.99 45.97
N LYS DB 6 96.07 -35.10 45.75
CA LYS DB 6 96.21 -35.64 44.40
C LYS DB 6 94.86 -36.08 43.85
N ALA DB 7 94.06 -36.74 44.68
CA ALA DB 7 92.72 -37.15 44.25
C ALA DB 7 91.85 -35.94 43.94
N ARG DB 8 91.97 -34.89 44.75
CA ARG DB 8 91.20 -33.67 44.48
C ARG DB 8 91.63 -33.02 43.17
N SER DB 9 92.94 -33.02 42.89
CA SER DB 9 93.41 -32.48 41.62
C SER DB 9 92.88 -33.29 40.44
N VAL DB 10 92.88 -34.62 40.57
CA VAL DB 10 92.34 -35.47 39.51
C VAL DB 10 90.86 -35.18 39.30
N LEU DB 11 90.12 -35.03 40.40
CA LEU DB 11 88.69 -34.71 40.29
C LEU DB 11 88.46 -33.36 39.63
N GLU DB 12 89.30 -32.37 39.95
CA GLU DB 12 89.17 -31.07 39.31
C GLU DB 12 89.45 -31.16 37.81
N THR DB 13 90.46 -31.92 37.43
CA THR DB 13 90.75 -32.10 36.01
C THR DB 13 89.59 -32.78 35.30
N LEU DB 14 89.02 -33.82 35.92
CA LEU DB 14 87.87 -34.50 35.34
C LEU DB 14 86.68 -33.55 35.21
N GLN DB 15 86.45 -32.72 36.23
CA GLN DB 15 85.36 -31.77 36.18
C GLN DB 15 85.55 -30.76 35.05
N GLN DB 16 86.77 -30.26 34.87
CA GLN DB 16 87.04 -29.33 33.79
C GLN DB 16 86.80 -29.99 32.43
N GLU DB 17 87.26 -31.23 32.27
CA GLU DB 17 87.08 -31.92 30.99
C GLU DB 17 85.60 -32.15 30.70
N LEU DB 18 84.83 -32.58 31.71
CA LEU DB 18 83.41 -32.79 31.51
C LEU DB 18 82.70 -31.48 31.21
N THR DB 19 83.11 -30.40 31.87
CA THR DB 19 82.52 -29.09 31.59
C THR DB 19 82.80 -28.67 30.16
N THR DB 20 84.00 -28.97 29.66
CA THR DB 20 84.31 -28.67 28.26
C THR DB 20 83.44 -29.51 27.32
N ILE DB 21 83.24 -30.79 27.66
CA ILE DB 21 82.47 -31.68 26.78
C ILE DB 21 80.99 -31.31 26.74
N VAL DB 22 80.43 -30.88 27.89
CA VAL DB 22 78.97 -30.77 27.99
C VAL DB 22 78.32 -29.90 26.91
N PRO DB 23 78.84 -28.72 26.56
CA PRO DB 23 78.11 -27.88 25.58
C PRO DB 23 77.84 -28.58 24.26
N ILE DB 24 78.75 -29.43 23.79
CA ILE DB 24 78.51 -30.18 22.56
C ILE DB 24 77.33 -31.12 22.74
N ALA DB 25 77.27 -31.81 23.89
CA ALA DB 25 76.15 -32.71 24.14
C ALA DB 25 74.84 -31.92 24.22
N ALA DB 26 74.86 -30.75 24.86
CA ALA DB 26 73.65 -29.94 24.94
C ALA DB 26 73.20 -29.49 23.56
N ALA DB 27 74.15 -29.09 22.71
CA ALA DB 27 73.81 -28.67 21.35
C ALA DB 27 73.21 -29.82 20.55
N VAL DB 28 73.79 -31.02 20.68
CA VAL DB 28 73.25 -32.18 19.97
C VAL DB 28 71.85 -32.50 20.46
N ILE DB 29 71.65 -32.45 21.78
CA ILE DB 29 70.34 -32.74 22.34
C ILE DB 29 69.31 -31.75 21.83
N LEU DB 30 69.66 -30.45 21.82
CA LEU DB 30 68.71 -29.46 21.32
C LEU DB 30 68.44 -29.64 19.83
N LEU DB 31 69.47 -29.99 19.06
CA LEU DB 31 69.27 -30.23 17.64
C LEU DB 31 68.30 -31.37 17.40
N CYS DB 32 68.43 -32.45 18.17
CA CYS DB 32 67.49 -33.56 18.04
C CYS DB 32 66.10 -33.18 18.51
N LEU DB 33 66.01 -32.42 19.61
CA LEU DB 33 64.72 -32.06 20.17
C LEU DB 33 63.94 -31.14 19.25
N GLY DB 34 64.62 -30.22 18.57
CA GLY DB 34 63.92 -29.34 17.64
C GLY DB 34 63.26 -30.10 16.51
N ILE DB 35 63.97 -31.06 15.93
CA ILE DB 35 63.39 -31.86 14.85
C ILE DB 35 62.30 -32.77 15.38
N ALA DB 36 62.49 -33.34 16.57
CA ALA DB 36 61.45 -34.19 17.14
C ALA DB 36 60.17 -33.41 17.39
N TYR DB 37 60.29 -32.17 17.90
CA TYR DB 37 59.13 -31.32 18.10
C TYR DB 37 58.51 -30.90 16.79
N ALA DB 38 59.33 -30.66 15.76
CA ALA DB 38 58.79 -30.29 14.45
C ALA DB 38 57.93 -31.40 13.88
N GLY DB 39 58.31 -32.66 14.12
CA GLY DB 39 57.59 -33.81 13.62
C GLY DB 39 56.46 -34.31 14.48
N ARG DB 40 56.00 -33.51 15.45
CA ARG DB 40 54.90 -33.85 16.34
C ARG DB 40 55.19 -35.06 17.21
N PHE DB 41 56.45 -35.25 17.62
CA PHE DB 41 56.80 -36.37 18.48
C PHE DB 41 56.85 -36.01 19.95
N ILE DB 42 57.10 -34.74 20.29
CA ILE DB 42 57.15 -34.26 21.66
C ILE DB 42 56.37 -32.96 21.75
N GLU DB 43 56.39 -32.35 22.93
CA GLU DB 43 55.62 -31.14 23.19
C GLU DB 43 56.54 -29.95 23.39
N LYS DB 44 55.91 -28.77 23.47
CA LYS DB 44 56.66 -27.52 23.54
C LYS DB 44 57.29 -27.27 24.90
N ASP DB 45 56.85 -27.97 25.95
CA ASP DB 45 57.48 -27.82 27.25
C ASP DB 45 58.87 -28.44 27.28
N THR DB 46 59.22 -29.24 26.27
CA THR DB 46 60.54 -29.85 26.23
C THR DB 46 61.62 -28.79 26.15
N PHE DB 47 61.36 -27.70 25.42
CA PHE DB 47 62.34 -26.61 25.33
C PHE DB 47 62.54 -25.93 26.68
N VAL DB 48 61.45 -25.74 27.43
CA VAL DB 48 61.57 -25.18 28.78
C VAL DB 48 62.39 -26.10 29.67
N ARG DB 49 62.11 -27.40 29.60
CA ARG DB 49 62.86 -28.37 30.39
C ARG DB 49 64.33 -28.33 30.02
N TRP DB 50 64.64 -28.27 28.73
CA TRP DB 50 66.02 -28.24 28.27
C TRP DB 50 66.73 -26.97 28.74
N SER DB 51 66.04 -25.84 28.67
CA SER DB 51 66.64 -24.58 29.11
C SER DB 51 66.94 -24.61 30.59
N ILE DB 52 66.00 -25.12 31.39
CA ILE DB 52 66.23 -25.21 32.83
C ILE DB 52 67.41 -26.13 33.13
N GLY DB 53 67.47 -27.28 32.45
CA GLY DB 53 68.56 -28.20 32.68
C GLY DB 53 69.91 -27.61 32.31
N VAL DB 54 69.97 -26.91 31.16
CA VAL DB 54 71.23 -26.32 30.72
C VAL DB 54 71.67 -25.21 31.67
N ILE DB 55 70.72 -24.37 32.11
CA ILE DB 55 71.07 -23.30 33.03
C ILE DB 55 71.59 -23.87 34.35
N ILE DB 56 70.94 -24.93 34.85
CA ILE DB 56 71.40 -25.54 36.09
C ILE DB 56 72.79 -26.15 35.91
N ALA DB 57 73.01 -26.84 34.79
CA ALA DB 57 74.30 -27.49 34.57
C ALA DB 57 75.42 -26.47 34.40
N GLY DB 58 75.13 -25.33 33.76
CA GLY DB 58 76.15 -24.34 33.54
C GLY DB 58 76.69 -23.74 34.84
N SER DB 59 75.79 -23.48 35.80
CA SER DB 59 76.16 -22.90 37.08
C SER DB 59 76.15 -23.95 38.19
N ALA DB 60 76.61 -25.16 37.88
CA ALA DB 60 76.63 -26.22 38.88
C ALA DB 60 77.58 -25.90 40.02
N VAL DB 61 78.75 -25.35 39.69
CA VAL DB 61 79.73 -25.04 40.72
C VAL DB 61 79.22 -23.96 41.66
N GLN DB 62 78.58 -22.93 41.11
CA GLN DB 62 78.05 -21.85 41.94
C GLN DB 62 76.96 -22.36 42.87
N ILE DB 63 76.06 -23.20 42.36
CA ILE DB 63 75.00 -23.75 43.19
C ILE DB 63 75.58 -24.65 44.28
N THR DB 64 76.57 -25.47 43.92
CA THR DB 64 77.22 -26.32 44.92
C THR DB 64 77.89 -25.51 46.00
N ALA DB 65 78.55 -24.41 45.64
CA ALA DB 65 79.14 -23.53 46.64
C ALA DB 65 78.10 -22.84 47.49
N MET DB 66 76.93 -22.51 46.92
CA MET DB 66 75.87 -21.89 47.70
C MET DB 66 75.26 -22.87 48.70
N LEU DB 67 75.09 -24.13 48.30
CA LEU DB 67 74.43 -25.10 49.18
C LEU DB 67 75.42 -25.77 50.13
N PHE DB 68 76.58 -26.21 49.62
CA PHE DB 68 77.57 -26.88 50.45
C PHE DB 68 78.50 -25.85 51.07
N THR DB 69 78.00 -25.21 52.11
CA THR DB 69 78.77 -24.19 52.82
C THR DB 69 79.57 -24.80 53.98
N ALA EB 1 96.56 -33.89 24.22
CA ALA EB 1 96.22 -34.85 25.26
C ALA EB 1 94.95 -34.46 25.98
N GLN EB 2 95.10 -33.90 27.19
CA GLN EB 2 93.98 -33.41 28.00
C GLN EB 2 93.00 -34.53 28.35
N GLY EB 3 93.38 -35.77 28.08
CA GLY EB 3 92.55 -36.90 28.43
C GLY EB 3 91.32 -37.07 27.55
N LEU EB 4 90.38 -36.13 27.63
CA LEU EB 4 89.10 -36.24 26.95
C LEU EB 4 89.00 -35.37 25.71
N GLU EB 5 90.13 -34.91 25.17
CA GLU EB 5 90.09 -34.13 23.94
C GLU EB 5 89.65 -34.99 22.76
N LYS EB 6 90.07 -36.25 22.74
CA LYS EB 6 89.68 -37.15 21.66
C LYS EB 6 88.17 -37.38 21.66
N ALA EB 7 87.59 -37.58 22.84
CA ALA EB 7 86.14 -37.75 22.94
C ALA EB 7 85.42 -36.49 22.50
N ARG EB 8 85.97 -35.32 22.83
CA ARG EB 8 85.37 -34.06 22.39
C ARG EB 8 85.41 -33.95 20.87
N SER EB 9 86.53 -34.35 20.25
CA SER EB 9 86.61 -34.32 18.79
C SER EB 9 85.60 -35.27 18.17
N VAL EB 10 85.44 -36.46 18.75
CA VAL EB 10 84.46 -37.41 18.24
C VAL EB 10 83.06 -36.83 18.35
N LEU EB 11 82.75 -36.17 19.47
CA LEU EB 11 81.44 -35.56 19.64
C LEU EB 11 81.23 -34.43 18.64
N GLU EB 12 82.27 -33.64 18.36
CA GLU EB 12 82.15 -32.59 17.34
C GLU EB 12 81.87 -33.19 15.97
N THR EB 13 82.55 -34.27 15.63
CA THR EB 13 82.30 -34.93 14.34
C THR EB 13 80.86 -35.45 14.27
N LEU EB 14 80.38 -36.06 15.36
CA LEU EB 14 79.01 -36.55 15.38
C LEU EB 14 78.02 -35.41 15.24
N GLN EB 15 78.28 -34.29 15.92
CA GLN EB 15 77.40 -33.13 15.81
C GLN EB 15 77.37 -32.59 14.39
N GLN EB 16 78.53 -32.51 13.74
CA GLN EB 16 78.56 -32.03 12.36
C GLN EB 16 77.78 -32.97 11.44
N GLU EB 17 77.95 -34.28 11.61
CA GLU EB 17 77.24 -35.22 10.75
C GLU EB 17 75.74 -35.15 10.97
N LEU EB 18 75.30 -35.06 12.23
CA LEU EB 18 73.87 -34.94 12.50
C LEU EB 18 73.32 -33.63 11.95
N THR EB 19 74.09 -32.54 12.03
CA THR EB 19 73.67 -31.28 11.45
C THR EB 19 73.52 -31.40 9.94
N THR EB 20 74.43 -32.13 9.29
CA THR EB 20 74.30 -32.36 7.86
C THR EB 20 73.06 -33.17 7.54
N ILE EB 21 72.76 -34.19 8.34
CA ILE EB 21 71.61 -35.04 8.08
C ILE EB 21 70.29 -34.30 8.30
N VAL EB 22 70.24 -33.42 9.30
CA VAL EB 22 68.95 -32.88 9.75
C VAL EB 22 68.12 -32.23 8.65
N PRO EB 23 68.66 -31.40 7.75
CA PRO EB 23 67.77 -30.73 6.78
C PRO EB 23 66.95 -31.69 5.93
N ILE EB 24 67.51 -32.85 5.59
CA ILE EB 24 66.75 -33.84 4.82
C ILE EB 24 65.57 -34.35 5.65
N ALA EB 25 65.79 -34.64 6.93
CA ALA EB 25 64.70 -35.08 7.78
C ALA EB 25 63.63 -34.00 7.91
N ALA EB 26 64.04 -32.74 8.06
CA ALA EB 26 63.07 -31.66 8.15
C ALA EB 26 62.27 -31.53 6.86
N ALA EB 27 62.93 -31.67 5.72
CA ALA EB 27 62.23 -31.59 4.43
C ALA EB 27 61.22 -32.72 4.29
N VAL EB 28 61.59 -33.94 4.67
CA VAL EB 28 60.66 -35.06 4.60
C VAL EB 28 59.48 -34.84 5.53
N ILE EB 29 59.76 -34.34 6.75
CA ILE EB 29 58.68 -34.08 7.70
C ILE EB 29 57.71 -33.06 7.13
N LEU EB 30 58.22 -31.97 6.56
CA LEU EB 30 57.34 -30.94 6.01
C LEU EB 30 56.57 -31.47 4.80
N LEU EB 31 57.22 -32.29 3.97
CA LEU EB 31 56.53 -32.88 2.83
C LEU EB 31 55.36 -33.74 3.27
N CYS EB 32 55.54 -34.54 4.33
CA CYS EB 32 54.44 -35.35 4.84
C CYS EB 32 53.37 -34.48 5.49
N LEU EB 33 53.79 -33.44 6.22
CA LEU EB 33 52.83 -32.58 6.93
C LEU EB 33 51.94 -31.83 5.96
N GLY EB 34 52.50 -31.37 4.84
CA GLY EB 34 51.68 -30.65 3.87
C GLY EB 34 50.57 -31.51 3.30
N ILE EB 35 50.88 -32.75 2.95
CA ILE EB 35 49.87 -33.65 2.41
C ILE EB 35 48.87 -34.03 3.49
N ALA EB 36 49.34 -34.25 4.72
CA ALA EB 36 48.42 -34.57 5.80
C ALA EB 36 47.44 -33.44 6.06
N TYR EB 37 47.93 -32.20 6.02
CA TYR EB 37 47.05 -31.04 6.19
C TYR EB 37 46.11 -30.88 5.00
N ALA EB 38 46.56 -31.23 3.80
CA ALA EB 38 45.69 -31.16 2.63
C ALA EB 38 44.50 -32.11 2.77
N GLY EB 39 44.73 -33.29 3.33
CA GLY EB 39 43.70 -34.29 3.51
C GLY EB 39 42.86 -34.16 4.76
N ARG EB 40 42.92 -33.02 5.43
CA ARG EB 40 42.15 -32.74 6.65
C ARG EB 40 42.50 -33.69 7.80
N PHE EB 41 43.76 -34.11 7.90
CA PHE EB 41 44.17 -35.00 8.98
C PHE EB 41 44.79 -34.25 10.16
N ILE EB 42 45.30 -33.04 9.94
CA ILE EB 42 45.90 -32.22 10.98
C ILE EB 42 45.44 -30.78 10.80
N GLU EB 43 45.91 -29.90 11.67
CA GLU EB 43 45.47 -28.51 11.69
C GLU EB 43 46.58 -27.60 11.19
N LYS EB 44 46.23 -26.31 11.05
CA LYS EB 44 47.13 -25.34 10.45
C LYS EB 44 48.23 -24.89 11.40
N ASP EB 45 48.08 -25.12 12.72
CA ASP EB 45 49.14 -24.77 13.65
C ASP EB 45 50.35 -25.69 13.51
N THR EB 46 50.20 -26.80 12.79
CA THR EB 46 51.32 -27.72 12.60
C THR EB 46 52.47 -27.04 11.89
N PHE EB 47 52.18 -26.15 10.93
CA PHE EB 47 53.24 -25.46 10.22
C PHE EB 47 53.98 -24.49 11.13
N VAL EB 48 53.26 -23.82 12.02
CA VAL EB 48 53.90 -22.94 13.00
C VAL EB 48 54.80 -23.76 13.92
N ARG EB 49 54.30 -24.91 14.39
CA ARG EB 49 55.10 -25.78 15.23
C ARG EB 49 56.36 -26.24 14.50
N TRP EB 50 56.21 -26.64 13.24
CA TRP EB 50 57.36 -27.10 12.45
C TRP EB 50 58.38 -25.99 12.26
N SER EB 51 57.91 -24.79 11.96
CA SER EB 51 58.83 -23.66 11.77
C SER EB 51 59.58 -23.35 13.05
N ILE EB 52 58.89 -23.35 14.19
CA ILE EB 52 59.55 -23.09 15.46
C ILE EB 52 60.60 -24.16 15.73
N GLY EB 53 60.25 -25.43 15.51
CA GLY EB 53 61.19 -26.50 15.76
C GLY EB 53 62.43 -26.42 14.87
N VAL EB 54 62.22 -26.13 13.58
CA VAL EB 54 63.34 -26.07 12.66
C VAL EB 54 64.23 -24.86 12.97
N ILE EB 55 63.63 -23.72 13.30
CA ILE EB 55 64.42 -22.54 13.64
C ILE EB 55 65.24 -22.80 14.90
N ILE EB 56 64.64 -23.45 15.90
CA ILE EB 56 65.39 -23.76 17.12
C ILE EB 56 66.52 -24.74 16.83
N ALA EB 57 66.25 -25.77 16.02
CA ALA EB 57 67.28 -26.77 15.72
C ALA EB 57 68.41 -26.16 14.90
N GLY EB 58 68.11 -25.19 14.05
CA GLY EB 58 69.14 -24.57 13.24
C GLY EB 58 70.16 -23.81 14.07
N SER EB 59 69.70 -23.08 15.08
CA SER EB 59 70.56 -22.29 15.95
C SER EB 59 70.75 -22.96 17.30
N ALA EB 60 70.86 -24.29 17.31
CA ALA EB 60 71.06 -25.01 18.57
C ALA EB 60 72.38 -24.63 19.21
N VAL EB 61 73.44 -24.51 18.42
CA VAL EB 61 74.76 -24.18 18.96
C VAL EB 61 74.74 -22.78 19.56
N GLN EB 62 74.12 -21.82 18.88
CA GLN EB 62 74.08 -20.45 19.38
C GLN EB 62 73.29 -20.38 20.69
N ILE EB 63 72.16 -21.07 20.76
CA ILE EB 63 71.37 -21.06 22.00
C ILE EB 63 72.14 -21.74 23.12
N THR EB 64 72.83 -22.84 22.82
CA THR EB 64 73.63 -23.50 23.84
C THR EB 64 74.75 -22.61 24.36
N ALA EB 65 75.42 -21.88 23.46
CA ALA EB 65 76.45 -20.94 23.88
C ALA EB 65 75.89 -19.77 24.65
N MET EB 66 74.64 -19.37 24.37
CA MET EB 66 74.03 -18.28 25.11
C MET EB 66 73.64 -18.71 26.52
N LEU EB 67 73.13 -19.93 26.67
CA LEU EB 67 72.65 -20.38 27.97
C LEU EB 67 73.78 -20.99 28.81
N PHE EB 68 74.65 -21.78 28.21
CA PHE EB 68 75.74 -22.43 28.93
C PHE EB 68 76.96 -21.52 28.94
N THR EB 69 76.95 -20.57 29.86
CA THR EB 69 78.04 -19.61 29.99
C THR EB 69 79.06 -20.09 31.02
N ALA FB 1 83.13 -41.83 2.84
CA ALA FB 1 83.43 -41.92 4.26
C ALA FB 1 82.56 -40.97 5.06
N GLN FB 2 83.20 -40.16 5.91
CA GLN FB 2 82.51 -39.13 6.71
C GLN FB 2 81.49 -39.74 7.67
N GLY FB 3 81.50 -41.06 7.81
CA GLY FB 3 80.62 -41.73 8.73
C GLY FB 3 79.17 -41.81 8.28
N LEU FB 4 78.48 -40.68 8.27
CA LEU FB 4 77.05 -40.66 8.00
C LEU FB 4 76.73 -40.22 6.57
N GLU FB 5 77.69 -40.32 5.65
CA GLU FB 5 77.39 -40.03 4.26
C GLU FB 5 76.42 -41.06 3.67
N LYS FB 6 76.59 -42.33 4.03
CA LYS FB 6 75.70 -43.37 3.52
C LYS FB 6 74.28 -43.16 4.00
N ALA FB 7 74.12 -42.82 5.28
CA ALA FB 7 72.78 -42.56 5.82
C ALA FB 7 72.16 -41.35 5.15
N ARG FB 8 72.96 -40.31 4.90
CA ARG FB 8 72.45 -39.14 4.20
C ARG FB 8 72.00 -39.50 2.79
N SER FB 9 72.76 -40.34 2.09
CA SER FB 9 72.36 -40.77 0.75
C SER FB 9 71.05 -41.56 0.79
N VAL FB 10 70.91 -42.44 1.78
CA VAL FB 10 69.68 -43.21 1.91
C VAL FB 10 68.50 -42.28 2.18
N LEU FB 11 68.70 -41.28 3.04
CA LEU FB 11 67.63 -40.32 3.31
C LEU FB 11 67.26 -39.51 2.07
N GLU FB 12 68.26 -39.13 1.28
CA GLU FB 12 67.97 -38.41 0.04
C GLU FB 12 67.18 -39.27 -0.93
N THR FB 13 67.54 -40.55 -1.04
CA THR FB 13 66.77 -41.46 -1.89
C THR FB 13 65.33 -41.59 -1.41
N LEU FB 14 65.15 -41.72 -0.09
CA LEU FB 14 63.79 -41.82 0.45
C LEU FB 14 63.00 -40.54 0.18
N GLN FB 15 63.65 -39.39 0.33
CA GLN FB 15 62.97 -38.12 0.07
C GLN FB 15 62.56 -38.02 -1.40
N GLN FB 16 63.44 -38.42 -2.32
CA GLN FB 16 63.08 -38.38 -3.73
C GLN FB 16 61.92 -39.31 -4.04
N GLU FB 17 61.93 -40.51 -3.47
CA GLU FB 17 60.84 -41.45 -3.72
C GLU FB 17 59.52 -40.93 -3.17
N LEU FB 18 59.55 -40.36 -1.96
CA LEU FB 18 58.32 -39.80 -1.39
C LEU FB 18 57.83 -38.61 -2.22
N THR FB 19 58.76 -37.79 -2.72
CA THR FB 19 58.35 -36.68 -3.58
C THR FB 19 57.70 -37.19 -4.86
N THR FB 20 58.21 -38.30 -5.41
CA THR FB 20 57.59 -38.90 -6.58
C THR FB 20 56.19 -39.41 -6.26
N ILE FB 21 56.02 -40.04 -5.10
CA ILE FB 21 54.72 -40.60 -4.73
C ILE FB 21 53.69 -39.52 -4.46
N VAL FB 22 54.11 -38.39 -3.86
CA VAL FB 22 53.14 -37.43 -3.31
C VAL FB 22 52.10 -36.94 -4.31
N PRO FB 23 52.43 -36.58 -5.56
CA PRO FB 23 51.40 -36.02 -6.44
C PRO FB 23 50.19 -36.93 -6.63
N ILE FB 24 50.40 -38.25 -6.67
CA ILE FB 24 49.28 -39.17 -6.79
C ILE FB 24 48.38 -39.09 -5.56
N ALA FB 25 48.98 -39.04 -4.36
CA ALA FB 25 48.19 -38.90 -3.15
C ALA FB 25 47.41 -37.59 -3.13
N ALA FB 26 48.05 -36.51 -3.56
CA ALA FB 26 47.35 -35.22 -3.60
C ALA FB 26 46.19 -35.26 -4.59
N ALA FB 27 46.39 -35.88 -5.74
CA ALA FB 27 45.33 -35.99 -6.74
C ALA FB 27 44.17 -36.81 -6.21
N VAL FB 28 44.45 -37.93 -5.53
CA VAL FB 28 43.39 -38.74 -4.95
C VAL FB 28 42.64 -37.97 -3.88
N ILE FB 29 43.36 -37.22 -3.04
CA ILE FB 29 42.72 -36.43 -2.01
C ILE FB 29 41.79 -35.39 -2.63
N LEU FB 30 42.26 -34.70 -3.67
CA LEU FB 30 41.42 -33.69 -4.31
C LEU FB 30 40.20 -34.33 -4.98
N LEU FB 31 40.39 -35.49 -5.60
CA LEU FB 31 39.27 -36.19 -6.23
C LEU FB 31 38.21 -36.55 -5.22
N CYS FB 32 38.62 -37.05 -4.05
CA CYS FB 32 37.64 -37.37 -3.02
C CYS FB 32 36.99 -36.12 -2.45
N LEU FB 33 37.77 -35.06 -2.25
CA LEU FB 33 37.25 -33.83 -1.66
C LEU FB 33 36.21 -33.18 -2.57
N GLY FB 34 36.44 -33.20 -3.89
CA GLY FB 34 35.48 -32.61 -4.79
C GLY FB 34 34.12 -33.26 -4.71
N ILE FB 35 34.09 -34.60 -4.69
CA ILE FB 35 32.82 -35.31 -4.60
C ILE FB 35 32.19 -35.12 -3.23
N ALA FB 36 33.00 -35.10 -2.17
CA ALA FB 36 32.46 -34.87 -0.83
C ALA FB 36 31.82 -33.49 -0.73
N TYR FB 37 32.45 -32.47 -1.32
CA TYR FB 37 31.89 -31.13 -1.33
C TYR FB 37 30.64 -31.06 -2.19
N ALA FB 38 30.60 -31.81 -3.30
CA ALA FB 38 29.41 -31.82 -4.14
C ALA FB 38 28.20 -32.36 -3.37
N GLY FB 39 28.43 -33.35 -2.52
CA GLY FB 39 27.36 -33.96 -1.74
C GLY FB 39 27.04 -33.27 -0.44
N ARG FB 40 27.51 -32.03 -0.24
CA ARG FB 40 27.23 -31.24 0.95
C ARG FB 40 27.80 -31.85 2.22
N PHE FB 41 28.91 -32.57 2.13
CA PHE FB 41 29.53 -33.16 3.31
C PHE FB 41 30.61 -32.28 3.92
N ILE FB 42 31.24 -31.41 3.14
CA ILE FB 42 32.26 -30.49 3.62
C ILE FB 42 32.00 -29.11 3.02
N GLU FB 43 32.78 -28.14 3.44
CA GLU FB 43 32.58 -26.75 3.04
C GLU FB 43 33.64 -26.33 2.02
N LYS FB 44 33.47 -25.11 1.50
CA LYS FB 44 34.31 -24.63 0.41
C LYS FB 44 35.72 -24.26 0.85
N ASP FB 45 35.95 -24.07 2.15
CA ASP FB 45 37.29 -23.78 2.62
C ASP FB 45 38.22 -24.99 2.52
N THR FB 46 37.66 -26.17 2.28
CA THR FB 46 38.48 -27.36 2.13
C THR FB 46 39.43 -27.24 0.95
N PHE FB 47 38.97 -26.61 -0.15
CA PHE FB 47 39.82 -26.43 -1.31
C PHE FB 47 40.97 -25.48 -1.01
N VAL FB 48 40.70 -24.43 -0.24
CA VAL FB 48 41.77 -23.51 0.16
C VAL FB 48 42.79 -24.24 1.04
N ARG FB 49 42.29 -25.05 1.97
CA ARG FB 49 43.19 -25.85 2.82
C ARG FB 49 44.05 -26.78 1.98
N TRP FB 50 43.43 -27.46 1.02
CA TRP FB 50 44.16 -28.38 0.15
C TRP FB 50 45.21 -27.65 -0.67
N SER FB 51 44.86 -26.48 -1.21
CA SER FB 51 45.79 -25.71 -2.01
C SER FB 51 46.99 -25.28 -1.18
N ILE FB 52 46.73 -24.78 0.03
CA ILE FB 52 47.82 -24.37 0.91
C ILE FB 52 48.72 -25.55 1.23
N GLY FB 53 48.12 -26.69 1.56
CA GLY FB 53 48.91 -27.86 1.88
C GLY FB 53 49.78 -28.33 0.72
N VAL FB 54 49.20 -28.37 -0.48
CA VAL FB 54 49.94 -28.84 -1.64
C VAL FB 54 51.05 -27.86 -2.00
N ILE FB 55 50.78 -26.56 -1.93
CA ILE FB 55 51.81 -25.57 -2.24
C ILE FB 55 52.95 -25.67 -1.24
N ILE FB 56 52.64 -25.84 0.05
CA ILE FB 56 53.68 -25.98 1.06
C ILE FB 56 54.49 -27.25 0.82
N ALA FB 57 53.82 -28.36 0.52
CA ALA FB 57 54.52 -29.62 0.30
C ALA FB 57 55.39 -29.56 -0.94
N GLY FB 58 54.99 -28.78 -1.95
CA GLY FB 58 55.77 -28.70 -3.17
C GLY FB 58 57.14 -28.08 -2.96
N SER FB 59 57.20 -27.00 -2.18
CA SER FB 59 58.44 -26.28 -1.91
C SER FB 59 58.96 -26.57 -0.51
N ALA FB 60 58.84 -27.82 -0.06
CA ALA FB 60 59.31 -28.18 1.27
C ALA FB 60 60.83 -28.01 1.38
N VAL FB 61 61.56 -28.40 0.35
CA VAL FB 61 63.01 -28.28 0.39
C VAL FB 61 63.43 -26.82 0.46
N GLN FB 62 62.77 -25.97 -0.33
CA GLN FB 62 63.12 -24.54 -0.33
C GLN FB 62 62.83 -23.89 1.01
N ILE FB 63 61.68 -24.22 1.61
CA ILE FB 63 61.35 -23.67 2.92
C ILE FB 63 62.33 -24.16 3.97
N THR FB 64 62.70 -25.44 3.92
CA THR FB 64 63.67 -25.97 4.86
C THR FB 64 65.02 -25.28 4.71
N ALA FB 65 65.46 -25.04 3.48
CA ALA FB 65 66.70 -24.31 3.26
C ALA FB 65 66.61 -22.86 3.70
N MET FB 66 65.42 -22.26 3.64
CA MET FB 66 65.27 -20.88 4.10
C MET FB 66 65.31 -20.79 5.62
N LEU FB 67 64.67 -21.74 6.32
CA LEU FB 67 64.59 -21.66 7.77
C LEU FB 67 65.81 -22.28 8.45
N PHE FB 68 66.26 -23.43 7.98
CA PHE FB 68 67.42 -24.11 8.58
C PHE FB 68 68.69 -23.61 7.91
N THR FB 69 69.13 -22.44 8.36
CA THR FB 69 70.35 -21.83 7.84
C THR FB 69 71.57 -22.26 8.65
N ALA GB 1 62.43 -51.85 -9.32
CA ALA GB 1 63.52 -51.15 -8.65
C ALA GB 1 63.03 -49.80 -8.11
N GLN GB 2 63.98 -48.92 -7.80
CA GLN GB 2 63.70 -47.58 -7.30
C GLN GB 2 62.98 -47.61 -5.96
N GLY GB 3 62.84 -48.79 -5.37
CA GLY GB 3 62.20 -48.92 -4.08
C GLY GB 3 60.70 -48.76 -4.11
N LEU GB 4 60.23 -47.53 -4.32
CA LEU GB 4 58.81 -47.21 -4.22
C LEU GB 4 58.12 -47.14 -5.58
N GLU GB 5 58.71 -47.76 -6.61
CA GLU GB 5 58.02 -47.84 -7.89
C GLU GB 5 56.76 -48.69 -7.78
N LYS GB 6 56.84 -49.80 -7.05
CA LYS GB 6 55.68 -50.68 -6.91
C LYS GB 6 54.55 -49.97 -6.16
N ALA GB 7 54.87 -49.27 -5.08
CA ALA GB 7 53.86 -48.53 -4.34
C ALA GB 7 53.24 -47.44 -5.20
N ARG GB 8 54.06 -46.76 -6.01
CA ARG GB 8 53.54 -45.75 -6.92
C ARG GB 8 52.60 -46.36 -7.94
N SER GB 9 52.94 -47.54 -8.49
CA SER GB 9 52.05 -48.20 -9.43
C SER GB 9 50.74 -48.59 -8.78
N VAL GB 10 50.80 -49.09 -7.54
CA VAL GB 10 49.57 -49.44 -6.83
C VAL GB 10 48.71 -48.20 -6.61
N LEU GB 11 49.34 -47.08 -6.23
CA LEU GB 11 48.59 -45.84 -6.03
C LEU GB 11 47.96 -45.36 -7.33
N GLU GB 12 48.67 -45.49 -8.45
CA GLU GB 12 48.10 -45.09 -9.73
C GLU GB 12 46.91 -45.97 -10.09
N THR GB 13 47.01 -47.28 -9.84
CA THR GB 13 45.87 -48.16 -10.09
C THR GB 13 44.67 -47.77 -9.23
N LEU GB 14 44.92 -47.47 -7.95
CA LEU GB 14 43.84 -47.05 -7.07
C LEU GB 14 43.21 -45.75 -7.56
N GLN GB 15 44.04 -44.81 -8.01
CA GLN GB 15 43.53 -43.54 -8.51
C GLN GB 15 42.66 -43.74 -9.75
N GLN GB 16 43.11 -44.59 -10.68
CA GLN GB 16 42.31 -44.84 -11.87
C GLN GB 16 40.98 -45.50 -11.53
N GLU GB 17 41.00 -46.46 -10.60
CA GLU GB 17 39.76 -47.12 -10.22
C GLU GB 17 38.79 -46.16 -9.54
N LEU GB 18 39.31 -45.31 -8.64
CA LEU GB 18 38.44 -44.32 -8.00
C LEU GB 18 37.89 -43.33 -9.01
N THR GB 19 38.71 -42.93 -9.98
CA THR GB 19 38.23 -42.05 -11.04
C THR GB 19 37.12 -42.70 -11.84
N THR GB 20 37.23 -44.00 -12.09
CA THR GB 20 36.17 -44.72 -12.78
C THR GB 20 34.89 -44.75 -11.94
N ILE GB 21 35.03 -44.97 -10.63
CA ILE GB 21 33.86 -45.05 -9.76
C ILE GB 21 33.17 -43.71 -9.61
N VAL GB 22 33.94 -42.61 -9.59
CA VAL GB 22 33.38 -41.31 -9.16
C VAL GB 22 32.16 -40.88 -9.94
N PRO GB 23 32.10 -40.96 -11.29
CA PRO GB 23 30.94 -40.40 -11.99
C PRO GB 23 29.61 -41.00 -11.55
N ILE GB 24 29.58 -42.28 -11.19
CA ILE GB 24 28.34 -42.89 -10.71
C ILE GB 24 27.91 -42.25 -9.40
N ALA GB 25 28.86 -42.05 -8.47
CA ALA GB 25 28.53 -41.40 -7.21
C ALA GB 25 28.06 -39.98 -7.43
N ALA GB 26 28.71 -39.24 -8.34
CA ALA GB 26 28.27 -37.88 -8.63
C ALA GB 26 26.86 -37.86 -9.21
N ALA GB 27 26.56 -38.80 -10.11
CA ALA GB 27 25.22 -38.86 -10.70
C ALA GB 27 24.17 -39.20 -9.64
N VAL GB 28 24.49 -40.12 -8.73
CA VAL GB 28 23.54 -40.45 -7.66
C VAL GB 28 23.32 -39.24 -6.76
N ILE GB 29 24.39 -38.53 -6.44
CA ILE GB 29 24.27 -37.33 -5.61
C ILE GB 29 23.38 -36.30 -6.29
N LEU GB 30 23.58 -36.08 -7.59
CA LEU GB 30 22.76 -35.10 -8.30
C LEU GB 30 21.31 -35.55 -8.37
N LEU GB 31 21.07 -36.85 -8.58
CA LEU GB 31 19.71 -37.35 -8.61
C LEU GB 31 18.99 -37.12 -7.28
N CYS GB 32 19.69 -37.37 -6.17
CA CYS GB 32 19.09 -37.11 -4.87
C CYS GB 32 18.88 -35.62 -4.64
N LEU GB 33 19.84 -34.79 -5.05
CA LEU GB 33 19.75 -33.35 -4.83
C LEU GB 33 18.59 -32.74 -5.60
N GLY GB 34 18.36 -33.21 -6.83
CA GLY GB 34 17.25 -32.66 -7.60
C GLY GB 34 15.91 -32.89 -6.93
N ILE GB 35 15.69 -34.10 -6.43
CA ILE GB 35 14.42 -34.40 -5.76
C ILE GB 35 14.33 -33.66 -4.43
N ALA GB 36 15.45 -33.55 -3.71
CA ALA GB 36 15.44 -32.81 -2.45
C ALA GB 36 15.08 -31.35 -2.68
N TYR GB 37 15.64 -30.75 -3.74
CA TYR GB 37 15.30 -29.37 -4.09
C TYR GB 37 13.86 -29.25 -4.56
N ALA GB 38 13.34 -30.27 -5.24
CA ALA GB 38 11.97 -30.23 -5.70
C ALA GB 38 10.99 -30.16 -4.53
N GLY GB 39 11.31 -30.86 -3.44
CA GLY GB 39 10.46 -30.89 -2.26
C GLY GB 39 10.70 -29.79 -1.25
N ARG GB 40 11.41 -28.73 -1.64
CA ARG GB 40 11.72 -27.59 -0.78
C ARG GB 40 12.57 -27.98 0.43
N PHE GB 41 13.45 -28.97 0.29
CA PHE GB 41 14.31 -29.36 1.39
C PHE GB 41 15.68 -28.68 1.37
N ILE GB 42 16.14 -28.22 0.21
CA ILE GB 42 17.40 -27.51 0.07
C ILE GB 42 17.18 -26.31 -0.85
N GLU GB 43 18.23 -25.54 -1.07
CA GLU GB 43 18.15 -24.31 -1.84
C GLU GB 43 18.81 -24.47 -3.20
N LYS GB 44 18.68 -23.43 -4.02
CA LYS GB 44 19.14 -23.49 -5.41
C LYS GB 44 20.66 -23.38 -5.53
N ASP GB 45 21.35 -22.90 -4.51
CA ASP GB 45 22.80 -22.84 -4.57
C ASP GB 45 23.43 -24.22 -4.46
N THR GB 46 22.64 -25.24 -4.11
CA THR GB 46 23.15 -26.60 -4.04
C THR GB 46 23.65 -27.06 -5.40
N PHE GB 47 22.96 -26.69 -6.47
CA PHE GB 47 23.40 -27.08 -7.81
C PHE GB 47 24.72 -26.42 -8.17
N VAL GB 48 24.90 -25.16 -7.78
CA VAL GB 48 26.17 -24.48 -8.02
C VAL GB 48 27.28 -25.16 -7.25
N ARG GB 49 27.02 -25.51 -5.99
CA ARG GB 49 28.01 -26.22 -5.19
C ARG GB 49 28.38 -27.55 -5.83
N TRP GB 50 27.38 -28.29 -6.30
CA TRP GB 50 27.62 -29.58 -6.94
C TRP GB 50 28.45 -29.41 -8.21
N SER GB 51 28.11 -28.41 -9.02
CA SER GB 51 28.84 -28.17 -10.25
C SER GB 51 30.30 -27.84 -9.98
N ILE GB 52 30.55 -26.97 -9.00
CA ILE GB 52 31.92 -26.62 -8.65
C ILE GB 52 32.68 -27.84 -8.16
N GLY GB 53 32.05 -28.63 -7.29
CA GLY GB 53 32.72 -29.81 -6.78
C GLY GB 53 33.06 -30.81 -7.85
N VAL GB 54 32.12 -31.07 -8.76
CA VAL GB 54 32.35 -32.05 -9.82
C VAL GB 54 33.40 -31.55 -10.80
N ILE GB 55 33.37 -30.26 -11.14
CA ILE GB 55 34.38 -29.71 -12.04
C ILE GB 55 35.76 -29.80 -11.41
N ILE GB 56 35.88 -29.49 -10.12
CA ILE GB 56 37.17 -29.58 -9.45
C ILE GB 56 37.65 -31.04 -9.41
N ALA GB 57 36.75 -31.97 -9.10
CA ALA GB 57 37.14 -33.37 -9.01
C ALA GB 57 37.54 -33.92 -10.38
N GLY GB 58 36.92 -33.42 -11.45
CA GLY GB 58 37.24 -33.93 -12.77
C GLY GB 58 38.67 -33.64 -13.19
N SER GB 59 39.16 -32.45 -12.89
CA SER GB 59 40.52 -32.03 -13.25
C SER GB 59 41.44 -32.05 -12.03
N ALA GB 60 41.29 -33.06 -11.17
CA ALA GB 60 42.14 -33.14 -9.98
C ALA GB 60 43.60 -33.32 -10.35
N VAL GB 61 43.88 -34.16 -11.35
CA VAL GB 61 45.26 -34.40 -11.76
C VAL GB 61 45.88 -33.14 -12.32
N GLN GB 62 45.13 -32.41 -13.15
CA GLN GB 62 45.67 -31.20 -13.77
C GLN GB 62 45.94 -30.12 -12.72
N ILE GB 63 45.02 -29.94 -11.77
CA ILE GB 63 45.25 -28.96 -10.71
C ILE GB 63 46.43 -29.37 -9.85
N THR GB 64 46.55 -30.66 -9.54
CA THR GB 64 47.68 -31.13 -8.75
C THR GB 64 49.00 -30.88 -9.47
N ALA GB 65 49.04 -31.11 -10.78
CA ALA GB 65 50.23 -30.80 -11.55
C ALA GB 65 50.51 -29.30 -11.61
N MET GB 66 49.47 -28.48 -11.65
CA MET GB 66 49.67 -27.03 -11.67
C MET GB 66 50.24 -26.52 -10.36
N LEU GB 67 49.76 -27.04 -9.23
CA LEU GB 67 50.21 -26.53 -7.93
C LEU GB 67 51.48 -27.23 -7.45
N PHE GB 68 51.51 -28.56 -7.53
CA PHE GB 68 52.69 -29.31 -7.05
C PHE GB 68 53.70 -29.43 -8.19
N THR GB 69 54.53 -28.39 -8.30
CA THR GB 69 55.56 -28.36 -9.32
C THR GB 69 56.94 -28.66 -8.73
N ALA HB 1 37.61 -58.56 -12.38
CA ALA HB 1 38.96 -58.08 -12.06
C ALA HB 1 38.95 -56.57 -11.86
N GLN HB 2 40.12 -55.95 -12.09
CA GLN HB 2 40.30 -54.50 -12.00
C GLN HB 2 40.05 -53.99 -10.58
N GLY HB 3 39.86 -54.89 -9.63
CA GLY HB 3 39.67 -54.50 -8.24
C GLY HB 3 38.32 -53.90 -7.93
N LEU HB 4 38.03 -52.71 -8.46
CA LEU HB 4 36.81 -52.00 -8.11
C LEU HB 4 35.72 -52.14 -9.17
N GLU HB 5 35.81 -53.16 -10.04
CA GLU HB 5 34.73 -53.41 -10.98
C GLU HB 5 33.47 -53.86 -10.24
N LYS HB 6 33.63 -54.67 -9.20
CA LYS HB 6 32.48 -55.15 -8.43
C LYS HB 6 31.78 -53.99 -7.73
N ALA HB 7 32.56 -53.11 -7.11
CA ALA HB 7 31.96 -51.95 -6.44
C ALA HB 7 31.28 -51.03 -7.44
N ARG HB 8 31.87 -50.85 -8.61
CA ARG HB 8 31.24 -50.04 -9.65
C ARG HB 8 29.93 -50.66 -10.10
N SER HB 9 29.88 -51.99 -10.25
CA SER HB 9 28.64 -52.66 -10.64
C SER HB 9 27.57 -52.47 -9.57
N VAL HB 10 27.97 -52.58 -8.29
CA VAL HB 10 27.01 -52.38 -7.20
C VAL HB 10 26.48 -50.95 -7.22
N LEU HB 11 27.36 -49.98 -7.44
CA LEU HB 11 26.93 -48.59 -7.50
C LEU HB 11 25.99 -48.35 -8.67
N GLU HB 12 26.26 -48.97 -9.82
CA GLU HB 12 25.37 -48.81 -10.96
C GLU HB 12 24.00 -49.42 -10.67
N THR HB 13 23.98 -50.58 -10.02
CA THR HB 13 22.70 -51.18 -9.64
C THR HB 13 21.93 -50.28 -8.69
N LEU HB 14 22.62 -49.71 -7.70
CA LEU HB 14 21.97 -48.79 -6.78
C LEU HB 14 21.43 -47.56 -7.50
N GLN HB 15 22.20 -47.02 -8.45
CA GLN HB 15 21.74 -45.87 -9.20
C GLN HB 15 20.49 -46.20 -10.01
N GLN HB 16 20.47 -47.37 -10.65
CA GLN HB 16 19.28 -47.77 -11.42
C GLN HB 16 18.07 -47.91 -10.51
N GLU HB 17 18.24 -48.53 -9.34
CA GLU HB 17 17.11 -48.69 -8.43
C GLU HB 17 16.61 -47.36 -7.91
N LEU HB 18 17.51 -46.44 -7.57
CA LEU HB 18 17.09 -45.12 -7.11
C LEU HB 18 16.38 -44.36 -8.23
N THR HB 19 16.87 -44.49 -9.46
CA THR HB 19 16.19 -43.87 -10.59
C THR HB 19 14.79 -44.43 -10.78
N THR HB 20 14.63 -45.74 -10.55
CA THR HB 20 13.30 -46.34 -10.61
C THR HB 20 12.39 -45.77 -9.54
N ILE HB 21 12.92 -45.60 -8.32
CA ILE HB 21 12.09 -45.11 -7.21
C ILE HB 21 11.71 -43.65 -7.40
N VAL HB 22 12.61 -42.83 -7.97
CA VAL HB 22 12.45 -41.38 -7.92
C VAL HB 22 11.11 -40.88 -8.45
N PRO HB 23 10.59 -41.33 -9.60
CA PRO HB 23 9.34 -40.74 -10.11
C PRO HB 23 8.18 -40.81 -9.15
N ILE HB 24 8.09 -41.87 -8.35
CA ILE HB 24 7.02 -41.97 -7.37
C ILE HB 24 7.15 -40.87 -6.32
N ALA HB 25 8.38 -40.64 -5.84
CA ALA HB 25 8.60 -39.56 -4.87
C ALA HB 25 8.27 -38.21 -5.48
N ALA HB 26 8.67 -37.99 -6.74
CA ALA HB 26 8.36 -36.72 -7.39
C ALA HB 26 6.86 -36.52 -7.53
N ALA HB 27 6.13 -37.57 -7.90
CA ALA HB 27 4.68 -37.47 -8.03
C ALA HB 27 4.01 -37.18 -6.69
N VAL HB 28 4.46 -37.85 -5.63
CA VAL HB 28 3.89 -37.58 -4.31
C VAL HB 28 4.18 -36.16 -3.87
N ILE HB 29 5.40 -35.68 -4.13
CA ILE HB 29 5.75 -34.30 -3.79
C ILE HB 29 4.85 -33.33 -4.53
N LEU HB 30 4.64 -33.55 -5.83
CA LEU HB 30 3.79 -32.65 -6.60
C LEU HB 30 2.35 -32.70 -6.11
N LEU HB 31 1.86 -33.89 -5.76
CA LEU HB 31 0.50 -34.00 -5.24
C LEU HB 31 0.34 -33.20 -3.96
N CYS HB 32 1.32 -33.29 -3.05
CA CYS HB 32 1.25 -32.51 -1.82
C CYS HB 32 1.36 -31.01 -2.10
N LEU HB 33 2.23 -30.63 -3.04
CA LEU HB 33 2.45 -29.22 -3.34
C LEU HB 33 1.20 -28.58 -3.94
N GLY HB 34 0.49 -29.32 -4.80
CA GLY HB 34 -0.73 -28.77 -5.38
C GLY HB 34 -1.77 -28.43 -4.34
N ILE HB 35 -1.98 -29.34 -3.38
CA ILE HB 35 -2.97 -29.08 -2.32
C ILE HB 35 -2.48 -27.98 -1.40
N ALA HB 36 -1.18 -27.94 -1.11
CA ALA HB 36 -0.64 -26.87 -0.27
C ALA HB 36 -0.84 -25.51 -0.92
N TYR HB 37 -0.62 -25.43 -2.23
CA TYR HB 37 -0.84 -24.18 -2.95
C TYR HB 37 -2.32 -23.83 -3.02
N ALA HB 38 -3.20 -24.84 -3.14
CA ALA HB 38 -4.62 -24.56 -3.17
C ALA HB 38 -5.10 -23.94 -1.85
N GLY HB 39 -4.55 -24.39 -0.74
CA GLY HB 39 -4.92 -23.90 0.57
C GLY HB 39 -4.20 -22.65 1.02
N ARG HB 40 -3.53 -21.95 0.12
CA ARG HB 40 -2.82 -20.71 0.39
C ARG HB 40 -1.67 -20.88 1.39
N PHE HB 41 -1.01 -22.04 1.38
CA PHE HB 41 0.09 -22.29 2.29
C PHE HB 41 1.46 -22.01 1.67
N ILE HB 42 1.57 -22.06 0.35
CA ILE HB 42 2.82 -21.79 -0.36
C ILE HB 42 2.51 -20.87 -1.54
N GLU HB 43 3.54 -20.58 -2.32
CA GLU HB 43 3.42 -19.63 -3.42
C GLU HB 43 3.56 -20.35 -4.77
N LYS HB 44 3.33 -19.58 -5.83
CA LYS HB 44 3.32 -20.14 -7.18
C LYS HB 44 4.70 -20.48 -7.70
N ASP HB 45 5.77 -19.94 -7.11
CA ASP HB 45 7.12 -20.29 -7.55
C ASP HB 45 7.50 -21.71 -7.14
N THR HB 46 6.72 -22.33 -6.26
CA THR HB 46 7.02 -23.70 -5.86
C THR HB 46 6.93 -24.66 -7.03
N PHE HB 47 5.98 -24.43 -7.94
CA PHE HB 47 5.85 -25.29 -9.11
C PHE HB 47 7.05 -25.13 -10.04
N VAL HB 48 7.54 -23.91 -10.20
CA VAL HB 48 8.74 -23.68 -11.01
C VAL HB 48 9.94 -24.37 -10.37
N ARG HB 49 10.07 -24.26 -9.05
CA ARG HB 49 11.15 -24.93 -8.34
C ARG HB 49 11.07 -26.44 -8.54
N TRP HB 50 9.87 -27.01 -8.42
CA TRP HB 50 9.68 -28.44 -8.60
C TRP HB 50 10.04 -28.87 -10.01
N SER HB 51 9.62 -28.09 -11.01
CA SER HB 51 9.91 -28.43 -12.40
C SER HB 51 11.42 -28.41 -12.64
N ILE HB 52 12.11 -27.39 -12.14
CA ILE HB 52 13.55 -27.31 -12.33
C ILE HB 52 14.23 -28.49 -11.65
N GLY HB 53 13.81 -28.81 -10.42
CA GLY HB 53 14.43 -29.92 -9.71
C GLY HB 53 14.23 -31.24 -10.41
N VAL HB 54 13.01 -31.48 -10.90
CA VAL HB 54 12.73 -32.75 -11.56
C VAL HB 54 13.46 -32.85 -12.89
N ILE HB 55 13.53 -31.75 -13.63
CA ILE HB 55 14.28 -31.77 -14.89
C ILE HB 55 15.75 -32.04 -14.63
N ILE HB 56 16.33 -31.42 -13.61
CA ILE HB 56 17.74 -31.65 -13.30
C ILE HB 56 17.95 -33.10 -12.87
N ALA HB 57 17.05 -33.64 -12.04
CA ALA HB 57 17.20 -35.02 -11.57
C ALA HB 57 17.04 -36.01 -12.70
N GLY HB 58 16.21 -35.68 -13.71
CA GLY HB 58 15.99 -36.60 -14.80
C GLY HB 58 17.23 -36.83 -15.64
N SER HB 59 17.99 -35.78 -15.89
CA SER HB 59 19.20 -35.84 -16.70
C SER HB 59 20.46 -35.78 -15.84
N ALA HB 60 20.44 -36.44 -14.69
CA ALA HB 60 21.61 -36.43 -13.81
C ALA HB 60 22.81 -37.08 -14.48
N VAL HB 61 22.59 -38.20 -15.18
CA VAL HB 61 23.69 -38.89 -15.85
C VAL HB 61 24.28 -38.02 -16.94
N GLN HB 62 23.41 -37.38 -17.73
CA GLN HB 62 23.89 -36.55 -18.84
C GLN HB 62 24.68 -35.35 -18.33
N ILE HB 63 24.18 -34.68 -17.30
CA ILE HB 63 24.89 -33.53 -16.74
C ILE HB 63 26.22 -33.97 -16.14
N THR HB 64 26.23 -35.12 -15.44
CA THR HB 64 27.48 -35.61 -14.88
C THR HB 64 28.49 -35.94 -15.97
N ALA HB 65 28.05 -36.54 -17.07
CA ALA HB 65 28.95 -36.81 -18.18
C ALA HB 65 29.41 -35.53 -18.87
N MET HB 66 28.60 -34.48 -18.87
CA MET HB 66 29.01 -33.21 -19.47
C MET HB 66 30.05 -32.49 -18.63
N LEU HB 67 29.87 -32.47 -17.30
CA LEU HB 67 30.77 -31.72 -16.44
C LEU HB 67 32.00 -32.54 -16.06
N PHE HB 68 31.83 -33.83 -15.78
CA PHE HB 68 32.95 -34.68 -15.39
C PHE HB 68 33.53 -35.37 -16.63
N THR HB 69 34.42 -34.65 -17.30
CA THR HB 69 35.07 -35.17 -18.49
C THR HB 69 36.48 -35.65 -18.19
N ALA IB 1 12.47 -59.38 -5.92
CA ALA IB 1 13.92 -59.17 -5.99
C ALA IB 1 14.23 -57.72 -6.35
N GLN IB 2 15.33 -57.52 -7.07
CA GLN IB 2 15.75 -56.20 -7.55
C GLN IB 2 16.07 -55.24 -6.40
N GLY IB 3 16.07 -55.75 -5.17
CA GLY IB 3 16.44 -54.93 -4.04
C GLY IB 3 15.38 -53.92 -3.61
N LEU IB 4 15.10 -52.94 -4.46
CA LEU IB 4 14.20 -51.85 -4.11
C LEU IB 4 12.81 -52.01 -4.72
N GLU IB 5 12.45 -53.21 -5.17
CA GLU IB 5 11.10 -53.44 -5.63
C GLU IB 5 10.11 -53.31 -4.48
N LYS IB 6 10.47 -53.82 -3.30
CA LYS IB 6 9.58 -53.72 -2.15
C LYS IB 6 9.36 -52.27 -1.75
N ALA IB 7 10.43 -51.48 -1.72
CA ALA IB 7 10.30 -50.06 -1.38
C ALA IB 7 9.47 -49.32 -2.41
N ARG IB 8 9.65 -49.65 -3.70
CA ARG IB 8 8.83 -49.04 -4.74
C ARG IB 8 7.36 -49.39 -4.58
N SER IB 9 7.07 -50.66 -4.24
CA SER IB 9 5.68 -51.05 -4.01
C SER IB 9 5.07 -50.30 -2.83
N VAL IB 10 5.83 -50.17 -1.75
CA VAL IB 10 5.35 -49.42 -0.59
C VAL IB 10 5.09 -47.97 -0.95
N LEU IB 11 5.99 -47.36 -1.72
CA LEU IB 11 5.80 -45.99 -2.15
C LEU IB 11 4.57 -45.84 -3.02
N GLU IB 12 4.33 -46.79 -3.93
CA GLU IB 12 3.14 -46.73 -4.77
C GLU IB 12 1.87 -46.86 -3.95
N THR IB 13 1.88 -47.75 -2.94
CA THR IB 13 0.72 -47.86 -2.07
C THR IB 13 0.48 -46.56 -1.30
N LEU IB 14 1.55 -45.95 -0.79
CA LEU IB 14 1.40 -44.66 -0.11
C LEU IB 14 0.86 -43.60 -1.05
N GLN IB 15 1.33 -43.57 -2.29
CA GLN IB 15 0.84 -42.60 -3.27
C GLN IB 15 -0.63 -42.81 -3.55
N GLN IB 16 -1.06 -44.05 -3.70
CA GLN IB 16 -2.47 -44.33 -3.95
C GLN IB 16 -3.33 -43.90 -2.76
N GLU IB 17 -2.88 -44.17 -1.54
CA GLU IB 17 -3.65 -43.76 -0.38
C GLU IB 17 -3.74 -42.26 -0.25
N LEU IB 18 -2.63 -41.55 -0.52
CA LEU IB 18 -2.67 -40.10 -0.49
C LEU IB 18 -3.58 -39.54 -1.57
N THR IB 19 -3.56 -40.15 -2.75
CA THR IB 19 -4.46 -39.73 -3.82
C THR IB 19 -5.92 -39.93 -3.42
N THR IB 20 -6.20 -41.03 -2.70
CA THR IB 20 -7.56 -41.24 -2.19
C THR IB 20 -7.95 -40.17 -1.19
N ILE IB 21 -7.04 -39.81 -0.29
CA ILE IB 21 -7.36 -38.82 0.74
C ILE IB 21 -7.53 -37.42 0.15
N VAL IB 22 -6.75 -37.08 -0.87
CA VAL IB 22 -6.66 -35.67 -1.30
C VAL IB 22 -7.99 -35.02 -1.63
N PRO IB 23 -8.92 -35.65 -2.38
CA PRO IB 23 -10.14 -34.92 -2.74
C PRO IB 23 -10.93 -34.40 -1.55
N ILE IB 24 -10.94 -35.13 -0.43
CA ILE IB 24 -11.62 -34.65 0.76
C ILE IB 24 -10.98 -33.37 1.27
N ALA IB 25 -9.64 -33.35 1.32
CA ALA IB 25 -8.94 -32.16 1.77
C ALA IB 25 -9.20 -30.98 0.84
N ALA IB 26 -9.21 -31.23 -0.48
CA ALA IB 26 -9.48 -30.15 -1.43
C ALA IB 26 -10.90 -29.61 -1.25
N ALA IB 27 -11.87 -30.50 -1.05
CA ALA IB 27 -13.25 -30.06 -0.84
C ALA IB 27 -13.39 -29.24 0.43
N VAL IB 28 -12.72 -29.66 1.51
CA VAL IB 28 -12.78 -28.90 2.75
C VAL IB 28 -12.12 -27.54 2.59
N ILE IB 29 -11.00 -27.49 1.87
CA ILE IB 29 -10.33 -26.23 1.62
C ILE IB 29 -11.24 -25.30 0.84
N LEU IB 30 -11.92 -25.81 -0.18
CA LEU IB 30 -12.84 -24.97 -0.95
C LEU IB 30 -14.00 -24.51 -0.10
N LEU IB 31 -14.53 -25.39 0.76
CA LEU IB 31 -15.63 -25.01 1.62
C LEU IB 31 -15.24 -23.88 2.57
N CYS IB 32 -14.04 -23.94 3.13
CA CYS IB 32 -13.58 -22.86 3.99
C CYS IB 32 -13.30 -21.58 3.21
N LEU IB 33 -12.72 -21.71 2.01
CA LEU IB 33 -12.38 -20.55 1.21
C LEU IB 33 -13.62 -19.80 0.75
N GLY IB 34 -14.68 -20.53 0.39
CA GLY IB 34 -15.90 -19.86 -0.03
C GLY IB 34 -16.49 -18.99 1.07
N ILE IB 35 -16.56 -19.53 2.29
CA ILE IB 35 -17.12 -18.76 3.40
C ILE IB 35 -16.19 -17.60 3.77
N ALA IB 36 -14.88 -17.83 3.72
CA ALA IB 36 -13.96 -16.73 4.01
C ALA IB 36 -14.11 -15.61 2.99
N TYR IB 37 -14.29 -15.96 1.71
CA TYR IB 37 -14.52 -14.96 0.67
C TYR IB 37 -15.85 -14.26 0.86
N ALA IB 38 -16.88 -14.97 1.30
CA ALA IB 38 -18.17 -14.34 1.53
C ALA IB 38 -18.10 -13.30 2.64
N GLY IB 39 -17.22 -13.53 3.62
CA GLY IB 39 -17.04 -12.61 4.72
C GLY IB 39 -16.04 -11.50 4.49
N ARG IB 40 -15.62 -11.28 3.25
CA ARG IB 40 -14.68 -10.22 2.87
C ARG IB 40 -13.32 -10.40 3.53
N PHE IB 41 -12.89 -11.64 3.74
CA PHE IB 41 -11.57 -11.90 4.33
C PHE IB 41 -10.49 -12.15 3.30
N ILE IB 42 -10.84 -12.70 2.13
CA ILE IB 42 -9.90 -13.00 1.07
C ILE IB 42 -10.47 -12.47 -0.25
N GLU IB 43 -9.67 -12.55 -1.30
CA GLU IB 43 -10.01 -11.97 -2.59
C GLU IB 43 -10.46 -13.04 -3.57
N LYS IB 44 -10.91 -12.59 -4.74
CA LYS IB 44 -11.49 -13.47 -5.73
C LYS IB 44 -10.46 -14.32 -6.46
N ASP IB 45 -9.19 -13.92 -6.45
CA ASP IB 45 -8.16 -14.73 -7.12
C ASP IB 45 -7.86 -16.01 -6.35
N THR IB 46 -8.34 -16.13 -5.11
CA THR IB 46 -8.13 -17.34 -4.34
C THR IB 46 -8.76 -18.54 -5.01
N PHE IB 47 -9.92 -18.35 -5.65
CA PHE IB 47 -10.58 -19.45 -6.34
C PHE IB 47 -9.75 -19.89 -7.56
N VAL IB 48 -9.16 -18.94 -8.28
CA VAL IB 48 -8.28 -19.29 -9.38
C VAL IB 48 -7.07 -20.06 -8.87
N ARG IB 49 -6.50 -19.60 -7.75
CA ARG IB 49 -5.38 -20.32 -7.15
C ARG IB 49 -5.76 -21.74 -6.77
N TRP IB 50 -6.94 -21.90 -6.16
CA TRP IB 50 -7.40 -23.23 -5.77
C TRP IB 50 -7.60 -24.12 -6.98
N SER IB 51 -8.20 -23.58 -8.05
CA SER IB 51 -8.43 -24.37 -9.25
C SER IB 51 -7.11 -24.82 -9.87
N ILE IB 52 -6.13 -23.91 -9.94
CA ILE IB 52 -4.83 -24.27 -10.49
C ILE IB 52 -4.17 -25.34 -9.64
N GLY IB 53 -4.21 -25.18 -8.33
CA GLY IB 53 -3.59 -26.16 -7.45
C GLY IB 53 -4.22 -27.53 -7.57
N VAL IB 54 -5.55 -27.58 -7.59
CA VAL IB 54 -6.25 -28.86 -7.67
C VAL IB 54 -6.00 -29.52 -9.03
N ILE IB 55 -6.02 -28.74 -10.10
CA ILE IB 55 -5.76 -29.31 -11.43
C ILE IB 55 -4.36 -29.87 -11.50
N ILE IB 56 -3.37 -29.15 -10.96
CA ILE IB 56 -1.99 -29.65 -10.97
C ILE IB 56 -1.87 -30.91 -10.13
N ALA IB 57 -2.49 -30.93 -8.95
CA ALA IB 57 -2.40 -32.10 -8.08
C ALA IB 57 -3.09 -33.30 -8.69
N GLY IB 58 -4.14 -33.08 -9.47
CA GLY IB 58 -4.86 -34.18 -10.07
C GLY IB 58 -4.04 -34.94 -11.08
N SER IB 59 -3.28 -34.23 -11.91
CA SER IB 59 -2.44 -34.83 -12.94
C SER IB 59 -0.97 -34.80 -12.55
N ALA IB 60 -0.68 -35.05 -11.27
CA ALA IB 60 0.71 -35.05 -10.82
C ALA IB 60 1.51 -36.16 -11.49
N VAL IB 61 0.91 -37.34 -11.62
CA VAL IB 61 1.62 -38.47 -12.24
C VAL IB 61 1.92 -38.17 -13.70
N GLN IB 62 0.96 -37.60 -14.42
CA GLN IB 62 1.16 -37.30 -15.83
C GLN IB 62 2.24 -36.25 -16.01
N ILE IB 63 2.22 -35.20 -15.19
CA ILE IB 63 3.24 -34.16 -15.29
C ILE IB 63 4.62 -34.72 -14.95
N THR IB 64 4.70 -35.57 -13.92
CA THR IB 64 5.97 -36.20 -13.58
C THR IB 64 6.48 -37.07 -14.71
N ALA IB 65 5.60 -37.84 -15.36
CA ALA IB 65 6.01 -38.64 -16.51
C ALA IB 65 6.42 -37.78 -17.69
N MET IB 66 5.83 -36.60 -17.85
CA MET IB 66 6.22 -35.72 -18.95
C MET IB 66 7.58 -35.07 -18.70
N LEU IB 67 7.86 -34.65 -17.47
CA LEU IB 67 9.11 -33.96 -17.19
C LEU IB 67 10.24 -34.94 -16.89
N PHE IB 68 10.00 -35.94 -16.06
CA PHE IB 68 11.02 -36.91 -15.69
C PHE IB 68 11.03 -38.05 -16.72
N THR IB 69 11.74 -37.81 -17.81
CA THR IB 69 11.86 -38.80 -18.88
C THR IB 69 13.16 -39.57 -18.78
N ALA JB 1 -8.80 -51.73 6.87
CA ALA JB 1 -7.38 -51.79 6.52
C ALA JB 1 -7.01 -50.67 5.56
N GLN JB 2 -6.22 -51.03 4.54
CA GLN JB 2 -5.80 -50.10 3.49
C GLN JB 2 -4.97 -48.95 4.05
N GLY JB 3 -4.56 -49.06 5.32
CA GLY JB 3 -3.69 -48.09 5.93
C GLY JB 3 -4.34 -46.75 6.23
N LEU JB 4 -4.83 -46.06 5.21
CA LEU JB 4 -5.38 -44.72 5.38
C LEU JB 4 -6.88 -44.67 5.21
N GLU JB 5 -7.57 -45.81 5.36
CA GLU JB 5 -9.03 -45.78 5.37
C GLU JB 5 -9.55 -45.05 6.60
N LYS JB 6 -8.89 -45.26 7.75
CA LYS JB 6 -9.32 -44.60 8.98
C LYS JB 6 -9.17 -43.09 8.88
N ALA JB 7 -8.04 -42.63 8.34
CA ALA JB 7 -7.83 -41.20 8.17
C ALA JB 7 -8.84 -40.60 7.21
N ARG JB 8 -9.15 -41.33 6.13
CA ARG JB 8 -10.17 -40.85 5.19
C ARG JB 8 -11.53 -40.76 5.86
N SER JB 9 -11.88 -41.74 6.70
CA SER JB 9 -13.16 -41.68 7.42
C SER JB 9 -13.20 -40.49 8.36
N VAL JB 10 -12.10 -40.24 9.08
CA VAL JB 10 -12.04 -39.10 9.98
C VAL JB 10 -12.18 -37.79 9.21
N LEU JB 11 -11.52 -37.69 8.05
CA LEU JB 11 -11.63 -36.49 7.23
C LEU JB 11 -13.05 -36.30 6.72
N GLU JB 12 -13.72 -37.39 6.33
CA GLU JB 12 -15.11 -37.28 5.88
C GLU JB 12 -16.02 -36.82 7.00
N THR JB 13 -15.81 -37.33 8.21
CA THR JB 13 -16.59 -36.88 9.35
C THR JB 13 -16.36 -35.40 9.63
N LEU JB 14 -15.10 -34.96 9.56
CA LEU JB 14 -14.80 -33.55 9.75
C LEU JB 14 -15.47 -32.69 8.68
N GLN JB 15 -15.45 -33.16 7.43
CA GLN JB 15 -16.10 -32.43 6.35
C GLN JB 15 -17.59 -32.32 6.57
N GLN JB 16 -18.23 -33.40 7.01
CA GLN JB 16 -19.66 -33.35 7.29
C GLN JB 16 -19.97 -32.36 8.42
N GLU JB 17 -19.17 -32.39 9.48
CA GLU JB 17 -19.41 -31.46 10.59
C GLU JB 17 -19.21 -30.01 10.18
N LEU JB 18 -18.17 -29.74 9.38
CA LEU JB 18 -17.95 -28.37 8.90
C LEU JB 18 -19.08 -27.94 7.98
N THR JB 19 -19.58 -28.85 7.13
CA THR JB 19 -20.70 -28.53 6.26
C THR JB 19 -21.94 -28.21 7.08
N THR JB 20 -22.14 -28.94 8.19
CA THR JB 20 -23.27 -28.63 9.06
C THR JB 20 -23.11 -27.26 9.70
N ILE JB 21 -21.90 -26.92 10.14
CA ILE JB 21 -21.68 -25.63 10.80
C ILE JB 21 -21.82 -24.46 9.83
N VAL JB 22 -21.39 -24.64 8.57
CA VAL JB 22 -21.22 -23.50 7.67
C VAL JB 22 -22.47 -22.64 7.49
N PRO JB 23 -23.67 -23.19 7.28
CA PRO JB 23 -24.82 -22.31 7.02
C PRO JB 23 -25.07 -21.28 8.11
N ILE JB 24 -24.82 -21.63 9.37
CA ILE JB 24 -24.98 -20.67 10.46
C ILE JB 24 -24.00 -19.53 10.31
N ALA JB 25 -22.74 -19.85 9.99
CA ALA JB 25 -21.75 -18.80 9.80
C ALA JB 25 -22.12 -17.91 8.63
N ALA JB 26 -22.60 -18.50 7.53
CA ALA JB 26 -23.00 -17.69 6.38
C ALA JB 26 -24.17 -16.79 6.72
N ALA JB 27 -25.14 -17.30 7.48
CA ALA JB 27 -26.28 -16.49 7.88
C ALA JB 27 -25.85 -15.32 8.77
N VAL JB 28 -24.94 -15.57 9.71
CA VAL JB 28 -24.46 -14.50 10.58
C VAL JB 28 -23.70 -13.46 9.76
N ILE JB 29 -22.88 -13.92 8.81
CA ILE JB 29 -22.14 -12.98 7.97
C ILE JB 29 -23.09 -12.11 7.17
N LEU JB 30 -24.13 -12.71 6.58
CA LEU JB 30 -25.09 -11.92 5.82
C LEU JB 30 -25.85 -10.96 6.72
N LEU JB 31 -26.19 -11.39 7.93
CA LEU JB 31 -26.89 -10.51 8.86
C LEU JB 31 -26.05 -9.28 9.19
N CYS JB 32 -24.75 -9.48 9.41
CA CYS JB 32 -23.88 -8.33 9.67
C CYS JB 32 -23.68 -7.47 8.43
N LEU JB 33 -23.56 -8.09 7.26
CA LEU JB 33 -23.33 -7.34 6.03
C LEU JB 33 -24.51 -6.47 5.67
N GLY JB 34 -25.74 -6.96 5.90
CA GLY JB 34 -26.91 -6.15 5.59
C GLY JB 34 -26.95 -4.88 6.41
N ILE JB 35 -26.67 -4.98 7.71
CA ILE JB 35 -26.68 -3.80 8.57
C ILE JB 35 -25.52 -2.88 8.22
N ALA JB 36 -24.35 -3.44 7.90
CA ALA JB 36 -23.22 -2.60 7.50
C ALA JB 36 -23.54 -1.83 6.24
N TYR JB 37 -24.21 -2.48 5.27
CA TYR JB 37 -24.61 -1.80 4.05
C TYR JB 37 -25.69 -0.75 4.32
N ALA JB 38 -26.61 -1.03 5.24
CA ALA JB 38 -27.63 -0.04 5.57
C ALA JB 38 -27.02 1.23 6.15
N GLY JB 39 -25.97 1.07 6.96
CA GLY JB 39 -25.31 2.19 7.60
C GLY JB 39 -24.25 2.89 6.77
N ARG JB 40 -24.19 2.62 5.46
CA ARG JB 40 -23.27 3.25 4.54
C ARG JB 40 -21.81 2.91 4.83
N PHE JB 41 -21.54 1.71 5.33
CA PHE JB 41 -20.16 1.30 5.60
C PHE JB 41 -19.54 0.48 4.47
N ILE JB 42 -20.35 -0.25 3.71
CA ILE JB 42 -19.87 -1.06 2.59
C ILE JB 42 -20.75 -0.75 1.38
N GLU JB 43 -20.44 -1.40 0.27
CA GLU JB 43 -21.08 -1.14 -1.01
C GLU JB 43 -21.98 -2.29 -1.42
N LYS JB 44 -22.72 -2.09 -2.51
CA LYS JB 44 -23.73 -3.04 -2.94
C LYS JB 44 -23.15 -4.30 -3.57
N ASP JB 45 -21.90 -4.26 -4.03
CA ASP JB 45 -21.29 -5.46 -4.59
C ASP JB 45 -20.95 -6.49 -3.53
N THR JB 46 -21.03 -6.12 -2.25
CA THR JB 46 -20.75 -7.06 -1.18
C THR JB 46 -21.74 -8.22 -1.19
N PHE JB 47 -23.00 -7.94 -1.52
CA PHE JB 47 -23.99 -9.01 -1.58
C PHE JB 47 -23.72 -9.95 -2.74
N VAL JB 48 -23.26 -9.41 -3.87
CA VAL JB 48 -22.87 -10.26 -5.00
C VAL JB 48 -21.70 -11.15 -4.60
N ARG JB 49 -20.71 -10.58 -3.91
CA ARG JB 49 -19.57 -11.35 -3.44
C ARG JB 49 -20.01 -12.46 -2.49
N TRP JB 50 -20.92 -12.11 -1.57
CA TRP JB 50 -21.42 -13.10 -0.61
C TRP JB 50 -22.15 -14.23 -1.31
N SER JB 51 -23.00 -13.89 -2.29
CA SER JB 51 -23.74 -14.91 -3.03
C SER JB 51 -22.79 -15.83 -3.77
N ILE JB 52 -21.77 -15.26 -4.42
CA ILE JB 52 -20.81 -16.08 -5.16
C ILE JB 52 -20.07 -17.00 -4.20
N GLY JB 53 -19.62 -16.46 -3.06
CA GLY JB 53 -18.87 -17.28 -2.11
C GLY JB 53 -19.71 -18.41 -1.55
N VAL JB 54 -20.97 -18.12 -1.20
CA VAL JB 54 -21.83 -19.15 -0.63
C VAL JB 54 -22.19 -20.19 -1.67
N ILE JB 55 -22.43 -19.78 -2.91
CA ILE JB 55 -22.72 -20.74 -3.96
C ILE JB 55 -21.52 -21.65 -4.20
N ILE JB 56 -20.32 -21.09 -4.23
CA ILE JB 56 -19.13 -21.92 -4.42
C ILE JB 56 -18.94 -22.88 -3.25
N ALA JB 57 -19.13 -22.39 -2.02
CA ALA JB 57 -18.93 -23.24 -0.85
C ALA JB 57 -19.98 -24.34 -0.78
N GLY JB 58 -21.19 -24.07 -1.29
CA GLY JB 58 -22.23 -25.08 -1.24
C GLY JB 58 -21.93 -26.30 -2.10
N SER JB 59 -21.37 -26.07 -3.29
CA SER JB 59 -21.03 -27.14 -4.23
C SER JB 59 -19.54 -27.39 -4.25
N ALA JB 60 -18.88 -27.34 -3.09
CA ALA JB 60 -17.46 -27.58 -3.02
C ALA JB 60 -17.11 -29.00 -3.44
N VAL JB 61 -17.90 -29.98 -3.00
CA VAL JB 61 -17.64 -31.37 -3.34
C VAL JB 61 -17.78 -31.59 -4.84
N GLN JB 62 -18.83 -31.01 -5.44
CA GLN JB 62 -19.05 -31.20 -6.87
C GLN JB 62 -17.93 -30.58 -7.69
N ILE JB 63 -17.50 -29.37 -7.33
CA ILE JB 63 -16.40 -28.73 -8.06
C ILE JB 63 -15.11 -29.52 -7.88
N THR JB 64 -14.85 -30.00 -6.67
CA THR JB 64 -13.66 -30.81 -6.44
C THR JB 64 -13.68 -32.08 -7.27
N ALA JB 65 -14.83 -32.74 -7.36
CA ALA JB 65 -14.95 -33.93 -8.19
C ALA JB 65 -14.84 -33.61 -9.68
N MET JB 66 -15.24 -32.41 -10.10
CA MET JB 66 -15.13 -32.04 -11.50
C MET JB 66 -13.69 -31.74 -11.89
N LEU JB 67 -12.94 -31.07 -11.01
CA LEU JB 67 -11.57 -30.69 -11.35
C LEU JB 67 -10.57 -31.79 -11.02
N PHE JB 68 -10.72 -32.44 -9.87
CA PHE JB 68 -9.82 -33.51 -9.46
C PHE JB 68 -10.34 -34.84 -9.99
N THR JB 69 -9.95 -35.14 -11.22
CA THR JB 69 -10.37 -36.38 -11.87
C THR JB 69 -9.29 -37.44 -11.80
N ALA KB 1 -23.02 -35.37 21.16
CA ALA KB 1 -21.85 -35.95 20.52
C ALA KB 1 -21.60 -35.30 19.15
N GLN KB 2 -21.21 -36.12 18.18
CA GLN KB 2 -20.98 -35.67 16.80
C GLN KB 2 -19.86 -34.64 16.71
N GLY KB 3 -19.12 -34.45 17.79
CA GLY KB 3 -17.97 -33.57 17.78
C GLY KB 3 -18.28 -32.09 17.75
N LEU KB 4 -18.89 -31.62 16.67
CA LEU KB 4 -19.13 -30.19 16.48
C LEU KB 4 -20.58 -29.80 16.74
N GLU KB 5 -21.34 -30.64 17.45
CA GLU KB 5 -22.70 -30.25 17.83
C GLU KB 5 -22.66 -29.11 18.83
N LYS KB 6 -21.72 -29.14 19.77
CA LYS KB 6 -21.63 -28.08 20.77
C LYS KB 6 -21.28 -26.74 20.13
N ALA KB 7 -20.32 -26.75 19.19
CA ALA KB 7 -19.95 -25.52 18.50
C ALA KB 7 -21.12 -25.00 17.66
N ARG KB 8 -21.86 -25.89 17.02
CA ARG KB 8 -23.04 -25.48 16.27
C ARG KB 8 -24.09 -24.85 17.18
N SER KB 9 -24.30 -25.43 18.37
CA SER KB 9 -25.24 -24.85 19.32
C SER KB 9 -24.80 -23.46 19.78
N VAL KB 10 -23.50 -23.30 20.05
CA VAL KB 10 -22.99 -21.99 20.45
C VAL KB 10 -23.17 -20.98 19.32
N LEU KB 11 -22.91 -21.40 18.08
CA LEU KB 11 -23.11 -20.50 16.94
C LEU KB 11 -24.56 -20.12 16.77
N GLU KB 12 -25.48 -21.06 17.00
CA GLU KB 12 -26.90 -20.74 16.92
C GLU KB 12 -27.31 -19.74 18.00
N THR KB 13 -26.78 -19.92 19.22
CA THR KB 13 -27.05 -18.96 20.28
C THR KB 13 -26.52 -17.58 19.93
N LEU KB 14 -25.30 -17.51 19.37
CA LEU KB 14 -24.75 -16.24 18.95
C LEU KB 14 -25.59 -15.59 17.86
N GLN KB 15 -26.07 -16.40 16.91
CA GLN KB 15 -26.92 -15.88 15.85
C GLN KB 15 -28.22 -15.32 16.40
N GLN KB 16 -28.83 -16.02 17.36
CA GLN KB 16 -30.07 -15.53 17.96
C GLN KB 16 -29.83 -14.21 18.70
N GLU KB 17 -28.73 -14.12 19.45
CA GLU KB 17 -28.45 -12.90 20.18
C GLU KB 17 -28.19 -11.73 19.23
N LEU KB 18 -27.43 -11.96 18.15
CA LEU KB 18 -27.20 -10.91 17.17
C LEU KB 18 -28.49 -10.50 16.49
N THR KB 19 -29.37 -11.47 16.20
CA THR KB 19 -30.66 -11.14 15.62
C THR KB 19 -31.48 -10.27 16.56
N THR KB 20 -31.41 -10.56 17.86
CA THR KB 20 -32.11 -9.73 18.83
C THR KB 20 -31.54 -8.31 18.87
N ILE KB 21 -30.21 -8.19 18.81
CA ILE KB 21 -29.57 -6.88 18.90
C ILE KB 21 -29.83 -6.04 17.64
N VAL KB 22 -29.88 -6.67 16.47
CA VAL KB 22 -29.84 -5.90 15.21
C VAL KB 22 -30.93 -4.85 15.09
N PRO KB 23 -32.21 -5.10 15.42
CA PRO KB 23 -33.22 -4.06 15.19
C PRO KB 23 -32.91 -2.75 15.88
N ILE KB 24 -32.30 -2.77 17.06
CA ILE KB 24 -31.92 -1.53 17.73
C ILE KB 24 -30.88 -0.78 16.90
N ALA KB 25 -29.89 -1.50 16.37
CA ALA KB 25 -28.88 -0.86 15.54
C ALA KB 25 -29.50 -0.27 14.28
N ALA KB 26 -30.41 -1.00 13.64
CA ALA KB 26 -31.07 -0.48 12.45
C ALA KB 26 -31.88 0.76 12.77
N ALA KB 27 -32.59 0.76 13.90
CA ALA KB 27 -33.37 1.93 14.28
C ALA KB 27 -32.49 3.13 14.54
N VAL KB 28 -31.35 2.92 15.23
CA VAL KB 28 -30.45 4.04 15.50
C VAL KB 28 -29.84 4.57 14.20
N ILE KB 29 -29.48 3.66 13.28
CA ILE KB 29 -28.93 4.08 12.00
C ILE KB 29 -29.96 4.91 11.23
N LEU KB 30 -31.21 4.46 11.20
CA LEU KB 30 -32.24 5.23 10.52
C LEU KB 30 -32.48 6.58 11.18
N LEU KB 31 -32.44 6.61 12.52
CA LEU KB 31 -32.63 7.88 13.23
C LEU KB 31 -31.53 8.86 12.87
N CYS KB 32 -30.29 8.41 12.78
CA CYS KB 32 -29.21 9.30 12.38
C CYS KB 32 -29.32 9.70 10.92
N LEU KB 33 -29.70 8.76 10.05
CA LEU KB 33 -29.78 9.05 8.62
C LEU KB 33 -30.88 10.07 8.32
N GLY KB 34 -32.00 10.00 9.04
CA GLY KB 34 -33.06 10.97 8.81
C GLY KB 34 -32.62 12.38 9.08
N ILE KB 35 -31.94 12.61 10.21
CA ILE KB 35 -31.46 13.94 10.54
C ILE KB 35 -30.35 14.37 9.58
N ALA KB 36 -29.48 13.43 9.19
CA ALA KB 36 -28.44 13.77 8.23
C ALA KB 36 -29.04 14.22 6.90
N TYR KB 37 -30.09 13.52 6.45
CA TYR KB 37 -30.75 13.91 5.21
C TYR KB 37 -31.49 15.24 5.35
N ALA KB 38 -32.09 15.49 6.51
CA ALA KB 38 -32.79 16.75 6.72
C ALA KB 38 -31.82 17.92 6.69
N GLY KB 39 -30.60 17.71 7.15
CA GLY KB 39 -29.59 18.74 7.19
C GLY KB 39 -28.76 18.89 5.93
N ARG KB 40 -29.19 18.29 4.83
CA ARG KB 40 -28.53 18.36 3.53
C ARG KB 40 -27.11 17.77 3.54
N PHE KB 41 -26.90 16.70 4.31
CA PHE KB 41 -25.60 16.05 4.36
C PHE KB 41 -25.52 14.81 3.47
N ILE KB 42 -26.64 14.13 3.25
CA ILE KB 42 -26.71 12.97 2.38
C ILE KB 42 -27.89 13.14 1.42
N GLU KB 43 -28.11 12.14 0.59
CA GLU KB 43 -29.12 12.21 -0.46
C GLU KB 43 -30.25 11.22 -0.19
N LYS KB 44 -31.29 11.30 -1.04
CA LYS KB 44 -32.50 10.53 -0.83
C LYS KB 44 -32.34 9.05 -1.09
N ASP KB 45 -31.33 8.65 -1.86
CA ASP KB 45 -31.11 7.22 -2.11
C ASP KB 45 -30.60 6.49 -0.88
N THR KB 46 -30.20 7.23 0.16
CA THR KB 46 -29.73 6.61 1.39
C THR KB 46 -30.84 5.78 2.03
N PHE KB 47 -32.08 6.26 1.97
CA PHE KB 47 -33.19 5.51 2.53
C PHE KB 47 -33.43 4.22 1.74
N VAL KB 48 -33.28 4.28 0.42
CA VAL KB 48 -33.41 3.08 -0.40
C VAL KB 48 -32.33 2.07 -0.02
N ARG KB 49 -31.09 2.55 0.14
CA ARG KB 49 -30.01 1.67 0.55
C ARG KB 49 -30.29 1.04 1.90
N TRP KB 50 -30.77 1.85 2.85
CA TRP KB 50 -31.08 1.34 4.18
C TRP KB 50 -32.18 0.30 4.14
N SER KB 51 -33.23 0.55 3.36
CA SER KB 51 -34.33 -0.40 3.26
C SER KB 51 -33.85 -1.71 2.66
N ILE KB 52 -33.03 -1.64 1.60
CA ILE KB 52 -32.51 -2.84 0.99
C ILE KB 52 -31.66 -3.63 1.98
N GLY KB 53 -30.79 -2.93 2.71
CA GLY KB 53 -29.94 -3.60 3.67
C GLY KB 53 -30.72 -4.26 4.78
N VAL KB 54 -31.74 -3.57 5.31
CA VAL KB 54 -32.52 -4.13 6.40
C VAL KB 54 -33.36 -5.31 5.92
N ILE KB 55 -33.92 -5.22 4.71
CA ILE KB 55 -34.70 -6.33 4.18
C ILE KB 55 -33.81 -7.55 3.95
N ILE KB 56 -32.60 -7.34 3.43
CA ILE KB 56 -31.68 -8.46 3.23
C ILE KB 56 -31.28 -9.07 4.57
N ALA KB 57 -30.98 -8.22 5.56
CA ALA KB 57 -30.55 -8.73 6.86
C ALA KB 57 -31.68 -9.47 7.57
N GLY KB 58 -32.92 -9.03 7.36
CA GLY KB 58 -34.04 -9.67 8.04
C GLY KB 58 -34.23 -11.12 7.62
N SER KB 59 -34.05 -11.40 6.34
CA SER KB 59 -34.22 -12.75 5.79
C SER KB 59 -32.87 -13.39 5.48
N ALA KB 60 -31.90 -13.18 6.37
CA ALA KB 60 -30.57 -13.77 6.15
C ALA KB 60 -30.63 -15.28 6.17
N VAL KB 61 -31.38 -15.86 7.11
CA VAL KB 61 -31.46 -17.32 7.20
C VAL KB 61 -32.13 -17.89 5.97
N GLN KB 62 -33.21 -17.27 5.51
CA GLN KB 62 -33.92 -17.77 4.34
C GLN KB 62 -33.06 -17.71 3.08
N ILE KB 63 -32.34 -16.61 2.89
CA ILE KB 63 -31.46 -16.49 1.73
C ILE KB 63 -30.33 -17.51 1.82
N THR KB 64 -29.76 -17.68 3.02
CA THR KB 64 -28.70 -18.67 3.19
C THR KB 64 -29.19 -20.08 2.88
N ALA KB 65 -30.40 -20.43 3.32
CA ALA KB 65 -30.97 -21.73 3.00
C ALA KB 65 -31.27 -21.87 1.51
N MET KB 66 -31.69 -20.80 0.85
CA MET KB 66 -31.96 -20.88 -0.58
C MET KB 66 -30.67 -21.07 -1.38
N LEU KB 67 -29.60 -20.39 -0.99
CA LEU KB 67 -28.36 -20.46 -1.77
C LEU KB 67 -27.49 -21.64 -1.36
N PHE KB 68 -27.30 -21.86 -0.06
CA PHE KB 68 -26.48 -22.97 0.42
C PHE KB 68 -27.36 -24.22 0.57
N THR KB 69 -27.61 -24.86 -0.55
CA THR KB 69 -28.42 -26.07 -0.57
C THR KB 69 -27.60 -27.30 -0.20
N ALA LB 1 -29.00 -12.53 31.89
CA ALA LB 1 -28.33 -13.64 31.22
C ALA LB 1 -28.41 -13.50 29.71
N GLN LB 2 -28.40 -14.64 29.02
CA GLN LB 2 -28.52 -14.69 27.55
C GLN LB 2 -27.37 -13.96 26.86
N GLY LB 3 -26.31 -13.66 27.61
CA GLY LB 3 -25.10 -13.12 27.01
C GLY LB 3 -25.16 -11.68 26.56
N LEU LB 4 -25.96 -11.40 25.54
CA LEU LB 4 -26.01 -10.08 24.94
C LEU LB 4 -27.19 -9.24 25.42
N GLU LB 5 -27.84 -9.65 26.51
CA GLU LB 5 -28.91 -8.84 27.06
C GLU LB 5 -28.38 -7.52 27.61
N LYS LB 6 -27.20 -7.56 28.24
CA LYS LB 6 -26.60 -6.32 28.76
C LYS LB 6 -26.26 -5.36 27.63
N ALA LB 7 -25.66 -5.86 26.55
CA ALA LB 7 -25.34 -5.01 25.41
C ALA LB 7 -26.61 -4.48 24.76
N ARG LB 8 -27.66 -5.30 24.70
CA ARG LB 8 -28.93 -4.84 24.15
C ARG LB 8 -29.52 -3.72 25.01
N SER LB 9 -29.44 -3.85 26.33
CA SER LB 9 -29.94 -2.79 27.20
C SER LB 9 -29.13 -1.51 27.03
N VAL LB 10 -27.82 -1.63 26.90
CA VAL LB 10 -26.98 -0.45 26.67
C VAL LB 10 -27.35 0.22 25.35
N LEU LB 11 -27.59 -0.58 24.31
CA LEU LB 11 -27.99 -0.03 23.02
C LEU LB 11 -29.35 0.66 23.11
N GLU LB 12 -30.29 0.08 23.88
CA GLU LB 12 -31.58 0.74 24.06
C GLU LB 12 -31.43 2.07 24.78
N THR LB 13 -30.58 2.12 25.80
CA THR LB 13 -30.34 3.39 26.49
C THR LB 13 -29.73 4.42 25.55
N LEU LB 14 -28.76 4.00 24.73
CA LEU LB 14 -28.16 4.91 23.76
C LEU LB 14 -29.20 5.41 22.77
N GLN LB 15 -30.08 4.51 22.31
CA GLN LB 15 -31.13 4.91 21.37
C GLN LB 15 -32.08 5.92 21.99
N GLN LB 16 -32.47 5.70 23.24
CA GLN LB 16 -33.36 6.65 23.91
C GLN LB 16 -32.69 8.01 24.07
N GLU LB 17 -31.42 8.02 24.46
CA GLU LB 17 -30.72 9.30 24.62
C GLU LB 17 -30.58 10.04 23.30
N LEU LB 18 -30.26 9.31 22.22
CA LEU LB 18 -30.17 9.96 20.92
C LEU LB 18 -31.53 10.47 20.46
N THR LB 19 -32.60 9.73 20.75
CA THR LB 19 -33.94 10.19 20.43
C THR LB 19 -34.26 11.47 21.19
N THR LB 20 -33.83 11.56 22.44
CA THR LB 20 -34.04 12.79 23.21
C THR LB 20 -33.26 13.95 22.61
N ILE LB 21 -32.02 13.70 22.18
CA ILE LB 21 -31.20 14.77 21.63
C ILE LB 21 -31.72 15.26 20.28
N VAL LB 22 -32.26 14.35 19.46
CA VAL LB 22 -32.53 14.68 18.05
C VAL LB 22 -33.40 15.92 17.86
N PRO LB 23 -34.51 16.12 18.58
CA PRO LB 23 -35.36 17.29 18.28
C PRO LB 23 -34.64 18.61 18.34
N ILE LB 24 -33.68 18.77 19.26
CA ILE LB 24 -32.92 20.00 19.34
C ILE LB 24 -32.09 20.21 18.08
N ALA LB 25 -31.43 19.15 17.61
CA ALA LB 25 -30.65 19.26 16.39
C ALA LB 25 -31.54 19.58 15.19
N ALA LB 26 -32.70 18.95 15.11
CA ALA LB 26 -33.63 19.23 14.02
C ALA LB 26 -34.10 20.68 14.06
N ALA LB 27 -34.39 21.19 15.25
CA ALA LB 27 -34.83 22.58 15.38
C ALA LB 27 -33.73 23.55 14.97
N VAL LB 28 -32.48 23.26 15.36
CA VAL LB 28 -31.38 24.14 14.97
C VAL LB 28 -31.17 24.10 13.46
N ILE LB 29 -31.28 22.90 12.87
CA ILE LB 29 -31.16 22.78 11.43
C ILE LB 29 -32.23 23.59 10.73
N LEU LB 30 -33.48 23.50 11.20
CA LEU LB 30 -34.55 24.28 10.58
C LEU LB 30 -34.33 25.77 10.76
N LEU LB 31 -33.85 26.19 11.92
CA LEU LB 31 -33.58 27.61 12.15
C LEU LB 31 -32.52 28.13 11.20
N CYS LB 32 -31.47 27.34 10.95
CA CYS LB 32 -30.46 27.76 10.00
C CYS LB 32 -30.98 27.75 8.57
N LEU LB 33 -31.77 26.73 8.22
CA LEU LB 33 -32.29 26.60 6.86
C LEU LB 33 -33.24 27.74 6.53
N GLY LB 34 -34.05 28.18 7.48
CA GLY LB 34 -34.95 29.29 7.22
C GLY LB 34 -34.22 30.56 6.83
N ILE LB 35 -33.18 30.90 7.57
CA ILE LB 35 -32.40 32.09 7.26
C ILE LB 35 -31.63 31.91 5.96
N ALA LB 36 -31.10 30.70 5.71
CA ALA LB 36 -30.40 30.45 4.46
C ALA LB 36 -31.32 30.64 3.27
N TYR LB 37 -32.56 30.15 3.37
CA TYR LB 37 -33.53 30.33 2.30
C TYR LB 37 -33.96 31.78 2.17
N ALA LB 38 -34.08 32.50 3.29
CA ALA LB 38 -34.46 33.90 3.24
C ALA LB 38 -33.39 34.73 2.53
N GLY LB 39 -32.13 34.36 2.69
CA GLY LB 39 -31.03 35.06 2.08
C GLY LB 39 -30.66 34.62 0.68
N ARG LB 40 -31.54 33.87 0.01
CA ARG LB 40 -31.33 33.39 -1.35
C ARG LB 40 -30.13 32.46 -1.48
N PHE LB 41 -29.84 31.67 -0.45
CA PHE LB 41 -28.71 30.75 -0.50
C PHE LB 41 -29.11 29.33 -0.85
N ILE LB 42 -30.36 28.93 -0.61
CA ILE LB 42 -30.88 27.62 -0.96
C ILE LB 42 -32.25 27.80 -1.60
N GLU LB 43 -32.90 26.68 -1.93
CA GLU LB 43 -34.16 26.70 -2.64
C GLU LB 43 -35.29 26.21 -1.75
N LYS LB 44 -36.51 26.26 -2.30
CA LYS LB 44 -37.70 25.96 -1.53
C LYS LB 44 -37.90 24.47 -1.27
N ASP LB 45 -37.28 23.59 -2.06
CA ASP LB 45 -37.40 22.16 -1.82
C ASP LB 45 -36.67 21.72 -0.56
N THR LB 46 -35.84 22.60 0.01
CA THR LB 46 -35.11 22.25 1.22
C THR LB 46 -36.05 21.96 2.38
N PHE LB 47 -37.13 22.71 2.50
CA PHE LB 47 -38.10 22.48 3.56
C PHE LB 47 -38.80 21.14 3.38
N VAL LB 48 -39.11 20.77 2.14
CA VAL LB 48 -39.70 19.47 1.86
C VAL LB 48 -38.73 18.36 2.25
N ARG LB 49 -37.45 18.52 1.89
CA ARG LB 49 -36.44 17.54 2.27
C ARG LB 49 -36.34 17.42 3.80
N TRP LB 50 -36.36 18.56 4.49
CA TRP LB 50 -36.27 18.55 5.95
C TRP LB 50 -37.46 17.86 6.57
N SER LB 51 -38.66 18.13 6.06
CA SER LB 51 -39.86 17.50 6.59
C SER LB 51 -39.81 15.99 6.38
N ILE LB 52 -39.39 15.56 5.19
CA ILE LB 52 -39.29 14.13 4.92
C ILE LB 52 -38.29 13.48 5.87
N GLY LB 53 -37.12 14.10 6.04
CA GLY LB 53 -36.11 13.53 6.91
C GLY LB 53 -36.57 13.43 8.35
N VAL LB 54 -37.22 14.49 8.85
CA VAL LB 54 -37.66 14.49 10.24
C VAL LB 54 -38.78 13.48 10.45
N ILE LB 55 -39.71 13.38 9.49
CA ILE LB 55 -40.78 12.39 9.62
C ILE LB 55 -40.21 10.98 9.62
N ILE LB 56 -39.24 10.70 8.75
CA ILE LB 56 -38.63 9.37 8.72
C ILE LB 56 -37.90 9.09 10.02
N ALA LB 57 -37.14 10.06 10.52
CA ALA LB 57 -36.38 9.84 11.76
C ALA LB 57 -37.30 9.66 12.95
N GLY LB 58 -38.45 10.34 12.96
CA GLY LB 58 -39.35 10.24 14.09
C GLY LB 58 -39.92 8.84 14.27
N SER LB 59 -40.27 8.19 13.16
CA SER LB 59 -40.85 6.85 13.18
C SER LB 59 -39.82 5.79 12.77
N ALA LB 60 -38.58 5.97 13.21
CA ALA LB 60 -37.54 5.00 12.86
C ALA LB 60 -37.82 3.63 13.45
N VAL LB 61 -38.30 3.59 14.70
CA VAL LB 61 -38.58 2.32 15.35
C VAL LB 61 -39.69 1.58 14.62
N GLN LB 62 -40.76 2.29 14.26
CA GLN LB 62 -41.87 1.66 13.58
C GLN LB 62 -41.48 1.14 12.20
N ILE LB 63 -40.70 1.93 11.45
CA ILE LB 63 -40.25 1.50 10.14
C ILE LB 63 -39.34 0.28 10.26
N THR LB 64 -38.43 0.30 11.23
CA THR LB 64 -37.54 -0.85 11.44
C THR LB 64 -38.33 -2.10 11.81
N ALA LB 65 -39.35 -1.96 12.66
CA ALA LB 65 -40.20 -3.09 13.00
C ALA LB 65 -41.00 -3.59 11.80
N MET LB 66 -41.44 -2.69 10.92
CA MET LB 66 -42.18 -3.10 9.73
C MET LB 66 -41.28 -3.84 8.75
N LEU LB 67 -40.03 -3.41 8.58
CA LEU LB 67 -39.16 -4.03 7.60
C LEU LB 67 -38.43 -5.23 8.17
N PHE LB 68 -37.86 -5.11 9.37
CA PHE LB 68 -37.10 -6.21 9.97
C PHE LB 68 -38.05 -7.10 10.76
N THR LB 69 -38.71 -7.99 10.03
CA THR LB 69 -39.65 -8.92 10.64
C THR LB 69 -39.06 -10.31 10.81
N ALA MB 1 -27.25 13.25 35.05
CA ALA MB 1 -27.05 11.84 34.75
C ALA MB 1 -27.62 11.50 33.36
N GLN MB 2 -27.97 10.22 33.19
CA GLN MB 2 -28.57 9.73 31.93
C GLN MB 2 -27.63 9.91 30.75
N GLY MB 3 -26.35 10.15 31.03
CA GLY MB 3 -25.35 10.20 30.00
C GLY MB 3 -25.36 11.44 29.13
N LEU MB 4 -26.38 11.57 28.28
CA LEU MB 4 -26.42 12.63 27.28
C LEU MB 4 -27.25 13.82 27.72
N GLU MB 5 -27.55 13.94 29.01
CA GLU MB 5 -28.24 15.14 29.50
C GLU MB 5 -27.34 16.36 29.38
N LYS MB 6 -26.04 16.19 29.64
CA LYS MB 6 -25.10 17.32 29.53
C LYS MB 6 -25.01 17.80 28.09
N ALA MB 7 -24.90 16.88 27.14
CA ALA MB 7 -24.86 17.25 25.73
C ALA MB 7 -26.16 17.91 25.30
N ARG MB 8 -27.29 17.42 25.81
CA ARG MB 8 -28.57 18.03 25.50
C ARG MB 8 -28.64 19.46 26.04
N SER MB 9 -28.12 19.69 27.25
CA SER MB 9 -28.11 21.05 27.80
C SER MB 9 -27.22 21.96 26.97
N VAL MB 10 -26.06 21.46 26.53
CA VAL MB 10 -25.18 22.26 25.70
C VAL MB 10 -25.87 22.61 24.37
N LEU MB 11 -26.56 21.64 23.77
CA LEU MB 11 -27.28 21.90 22.53
C LEU MB 11 -28.39 22.92 22.74
N GLU MB 12 -29.09 22.85 23.87
CA GLU MB 12 -30.14 23.83 24.16
C GLU MB 12 -29.54 25.23 24.29
N THR MB 13 -28.40 25.34 24.97
CA THR MB 13 -27.75 26.64 25.07
C THR MB 13 -27.35 27.17 23.70
N LEU MB 14 -26.80 26.30 22.85
CA LEU MB 14 -26.42 26.71 21.51
C LEU MB 14 -27.64 27.16 20.72
N GLN MB 15 -28.76 26.44 20.84
CA GLN MB 15 -29.98 26.82 20.13
C GLN MB 15 -30.48 28.16 20.60
N GLN MB 16 -30.46 28.41 21.92
CA GLN MB 16 -30.91 29.71 22.42
C GLN MB 16 -30.03 30.84 21.91
N GLU MB 17 -28.71 30.64 21.91
CA GLU MB 17 -27.81 31.69 21.43
C GLU MB 17 -28.01 31.94 19.94
N LEU MB 18 -28.18 30.88 19.14
CA LEU MB 18 -28.43 31.08 17.72
C LEU MB 18 -29.76 31.78 17.48
N THR MB 19 -30.78 31.45 18.27
CA THR MB 19 -32.06 32.14 18.16
C THR MB 19 -31.91 33.61 18.48
N THR MB 20 -31.09 33.94 19.47
CA THR MB 20 -30.81 35.34 19.78
C THR MB 20 -30.12 36.04 18.62
N ILE MB 21 -29.15 35.37 17.99
CA ILE MB 21 -28.39 35.98 16.91
C ILE MB 21 -29.26 36.18 15.66
N VAL MB 22 -30.18 35.25 15.38
CA VAL MB 22 -30.83 35.22 14.07
C VAL MB 22 -31.51 36.52 13.68
N PRO MB 23 -32.28 37.21 14.53
CA PRO MB 23 -32.99 38.41 14.07
C PRO MB 23 -32.08 39.47 13.47
N ILE MB 24 -30.86 39.62 13.99
CA ILE MB 24 -29.92 40.57 13.41
C ILE MB 24 -29.57 40.18 11.99
N ALA MB 25 -29.29 38.89 11.77
CA ALA MB 25 -28.97 38.43 10.42
C ALA MB 25 -30.15 38.63 9.47
N ALA MB 26 -31.36 38.33 9.95
CA ALA MB 26 -32.54 38.53 9.11
C ALA MB 26 -32.72 40.00 8.76
N ALA MB 27 -32.52 40.90 9.73
CA ALA MB 27 -32.67 42.32 9.46
C ALA MB 27 -31.62 42.81 8.46
N VAL MB 28 -30.38 42.34 8.60
CA VAL MB 28 -29.33 42.75 7.66
C VAL MB 28 -29.65 42.23 6.26
N ILE MB 29 -30.12 40.99 6.17
CA ILE MB 29 -30.49 40.43 4.87
C ILE MB 29 -31.61 41.26 4.23
N LEU MB 30 -32.63 41.62 5.01
CA LEU MB 30 -33.72 42.42 4.46
C LEU MB 30 -33.23 43.80 4.04
N LEU MB 31 -32.35 44.40 4.83
CA LEU MB 31 -31.81 45.71 4.47
C LEU MB 31 -31.07 45.65 3.15
N CYS MB 32 -30.25 44.61 2.94
CA CYS MB 32 -29.54 44.48 1.67
C CYS MB 32 -30.50 44.17 0.52
N LEU MB 33 -31.51 43.33 0.77
CA LEU MB 33 -32.45 42.95 -0.28
C LEU MB 33 -33.28 44.15 -0.74
N GLY MB 34 -33.66 45.02 0.18
CA GLY MB 34 -34.42 46.20 -0.21
C GLY MB 34 -33.66 47.09 -1.17
N ILE MB 35 -32.39 47.33 -0.88
CA ILE MB 35 -31.57 48.16 -1.78
C ILE MB 35 -31.32 47.44 -3.09
N ALA MB 36 -31.10 46.12 -3.05
CA ALA MB 36 -30.91 45.38 -4.28
C ALA MB 36 -32.15 45.45 -5.16
N TYR MB 37 -33.33 45.34 -4.57
CA TYR MB 37 -34.57 45.45 -5.33
C TYR MB 37 -34.79 46.87 -5.85
N ALA MB 38 -34.41 47.89 -5.07
CA ALA MB 38 -34.55 49.26 -5.54
C ALA MB 38 -33.67 49.53 -6.75
N GLY MB 39 -32.50 48.91 -6.80
CA GLY MB 39 -31.58 49.09 -7.89
C GLY MB 39 -31.78 48.17 -9.07
N ARG MB 40 -32.92 47.49 -9.15
CA ARG MB 40 -33.27 46.60 -10.25
C ARG MB 40 -32.34 45.40 -10.36
N PHE MB 41 -31.82 44.91 -9.23
CA PHE MB 41 -30.94 43.74 -9.25
C PHE MB 41 -31.67 42.43 -8.96
N ILE MB 42 -32.84 42.49 -8.33
CA ILE MB 42 -33.64 41.31 -8.04
C ILE MB 42 -35.10 41.64 -8.30
N GLU MB 43 -35.98 40.67 -8.07
CA GLU MB 43 -37.40 40.79 -8.37
C GLU MB 43 -38.22 40.86 -7.09
N LYS MB 44 -39.53 41.06 -7.26
CA LYS MB 44 -40.42 41.29 -6.13
C LYS MB 44 -40.72 40.02 -5.34
N ASP MB 45 -40.48 38.84 -5.91
CA ASP MB 45 -40.72 37.61 -5.17
C ASP MB 45 -39.71 37.40 -4.05
N THR MB 46 -38.63 38.17 -4.05
CA THR MB 46 -37.60 38.03 -3.01
C THR MB 46 -38.16 38.35 -1.64
N PHE MB 47 -39.04 39.35 -1.55
CA PHE MB 47 -39.62 39.70 -0.26
C PHE MB 47 -40.55 38.61 0.25
N VAL MB 48 -41.31 37.99 -0.66
CA VAL MB 48 -42.15 36.86 -0.27
C VAL MB 48 -41.30 35.71 0.22
N ARG MB 49 -40.20 35.43 -0.48
CA ARG MB 49 -39.28 34.38 -0.06
C ARG MB 49 -38.69 34.68 1.32
N TRP MB 50 -38.30 35.93 1.54
CA TRP MB 50 -37.73 36.32 2.82
C TRP MB 50 -38.76 36.17 3.94
N SER MB 51 -39.99 36.59 3.70
CA SER MB 51 -41.04 36.46 4.71
C SER MB 51 -41.30 34.99 5.03
N ILE MB 52 -41.36 34.14 4.01
CA ILE MB 52 -41.59 32.72 4.24
C ILE MB 52 -40.45 32.13 5.05
N GLY MB 53 -39.20 32.45 4.68
CA GLY MB 53 -38.06 31.92 5.40
C GLY MB 53 -38.03 32.36 6.85
N VAL MB 54 -38.32 33.64 7.10
CA VAL MB 54 -38.28 34.15 8.46
C VAL MB 54 -39.41 33.57 9.29
N ILE MB 55 -40.60 33.41 8.69
CA ILE MB 55 -41.72 32.81 9.42
C ILE MB 55 -41.41 31.37 9.78
N ILE MB 56 -40.82 30.61 8.84
CA ILE MB 56 -40.47 29.23 9.13
C ILE MB 56 -39.40 29.16 10.22
N ALA MB 57 -38.38 30.02 10.13
CA ALA MB 57 -37.31 30.00 11.12
C ALA MB 57 -37.82 30.39 12.51
N GLY MB 58 -38.75 31.32 12.58
CA GLY MB 58 -39.22 31.79 13.88
C GLY MB 58 -39.91 30.70 14.67
N SER MB 59 -40.68 29.84 14.00
CA SER MB 59 -41.41 28.76 14.64
C SER MB 59 -40.74 27.40 14.37
N ALA MB 60 -39.42 27.37 14.39
CA ALA MB 60 -38.70 26.12 14.15
C ALA MB 60 -39.01 25.09 15.22
N VAL MB 61 -39.05 25.52 16.49
CA VAL MB 61 -39.32 24.60 17.59
C VAL MB 61 -40.72 24.02 17.46
N GLN MB 62 -41.70 24.87 17.13
CA GLN MB 62 -43.08 24.40 17.02
C GLN MB 62 -43.25 23.42 15.87
N ILE MB 63 -42.64 23.71 14.72
CA ILE MB 63 -42.72 22.79 13.59
C ILE MB 63 -42.03 21.48 13.92
N THR MB 64 -40.87 21.53 14.58
CA THR MB 64 -40.17 20.32 14.96
C THR MB 64 -40.99 19.48 15.93
N ALA MB 65 -41.65 20.12 16.90
CA ALA MB 65 -42.53 19.40 17.81
C ALA MB 65 -43.75 18.82 17.10
N MET MB 66 -44.24 19.49 16.06
CA MET MB 66 -45.40 18.97 15.32
C MET MB 66 -45.01 17.77 14.48
N LEU MB 67 -43.84 17.78 13.86
CA LEU MB 67 -43.44 16.68 12.98
C LEU MB 67 -42.78 15.54 13.74
N PHE MB 68 -41.80 15.85 14.58
CA PHE MB 68 -41.07 14.81 15.32
C PHE MB 68 -41.83 14.48 16.60
N THR MB 69 -42.76 13.53 16.47
CA THR MB 69 -43.56 13.09 17.59
C THR MB 69 -43.12 11.71 18.09
N ALA NB 1 -20.44 37.46 28.60
CA ALA NB 1 -20.45 36.01 28.61
C ALA NB 1 -21.49 35.46 27.64
N GLN NB 2 -22.19 34.41 28.05
CA GLN NB 2 -23.27 33.79 27.27
C GLN NB 2 -22.77 33.24 25.93
N GLY NB 3 -21.45 33.19 25.76
CA GLY NB 3 -20.87 32.61 24.56
C GLY NB 3 -20.98 33.49 23.33
N LEU NB 4 -22.20 33.70 22.83
CA LEU NB 4 -22.40 34.39 21.57
C LEU NB 4 -22.83 35.83 21.74
N GLU NB 5 -22.61 36.41 22.92
CA GLU NB 5 -22.86 37.84 23.09
C GLU NB 5 -21.89 38.67 22.26
N LYS NB 6 -20.63 38.24 22.18
CA LYS NB 6 -19.64 38.98 21.40
C LYS NB 6 -20.00 38.98 19.91
N ALA NB 7 -20.40 37.81 19.39
CA ALA NB 7 -20.79 37.74 17.99
C ALA NB 7 -22.03 38.58 17.72
N ARG NB 8 -22.99 38.58 18.65
CA ARG NB 8 -24.17 39.42 18.49
C ARG NB 8 -23.80 40.89 18.48
N SER NB 9 -22.88 41.31 19.35
CA SER NB 9 -22.44 42.70 19.35
C SER NB 9 -21.76 43.08 18.04
N VAL NB 10 -20.92 42.19 17.52
CA VAL NB 10 -20.26 42.45 16.25
C VAL NB 10 -21.29 42.58 15.13
N LEU NB 11 -22.29 41.70 15.13
CA LEU NB 11 -23.34 41.77 14.12
C LEU NB 11 -24.14 43.06 14.24
N GLU NB 12 -24.42 43.50 15.46
CA GLU NB 12 -25.13 44.77 15.64
C GLU NB 12 -24.32 45.94 15.12
N THR NB 13 -23.01 45.94 15.39
CA THR NB 13 -22.15 47.00 14.86
C THR NB 13 -22.17 46.99 13.33
N LEU NB 14 -22.07 45.79 12.74
CA LEU NB 14 -22.12 45.70 11.27
C LEU NB 14 -23.44 46.20 10.74
N GLN NB 15 -24.55 45.86 11.40
CA GLN NB 15 -25.86 46.32 10.96
C GLN NB 15 -25.96 47.84 11.03
N GLN NB 16 -25.46 48.44 12.11
CA GLN NB 16 -25.49 49.89 12.22
C GLN NB 16 -24.67 50.55 11.12
N GLU NB 17 -23.49 50.01 10.85
CA GLU NB 17 -22.65 50.60 9.81
C GLU NB 17 -23.29 50.47 8.43
N LEU NB 18 -23.90 49.31 8.15
CA LEU NB 18 -24.59 49.15 6.87
C LEU NB 18 -25.79 50.09 6.77
N THR NB 19 -26.50 50.28 7.89
CA THR NB 19 -27.62 51.23 7.89
C THR NB 19 -27.13 52.65 7.60
N THR NB 20 -25.97 53.00 8.14
CA THR NB 20 -25.39 54.31 7.85
C THR NB 20 -25.02 54.44 6.38
N ILE NB 21 -24.45 53.38 5.80
CA ILE NB 21 -24.00 53.43 4.41
C ILE NB 21 -25.18 53.47 3.44
N VAL NB 22 -26.27 52.79 3.77
CA VAL NB 22 -27.33 52.57 2.78
C VAL NB 22 -27.89 53.84 2.15
N PRO NB 23 -28.22 54.90 2.91
CA PRO NB 23 -28.86 56.06 2.26
C PRO NB 23 -28.07 56.65 1.11
N ILE NB 24 -26.74 56.65 1.20
CA ILE NB 24 -25.92 57.13 0.10
C ILE NB 24 -26.11 56.24 -1.12
N ALA NB 25 -26.14 54.92 -0.93
CA ALA NB 25 -26.36 54.01 -2.05
C ALA NB 25 -27.72 54.22 -2.67
N ALA NB 26 -28.76 54.41 -1.85
CA ALA NB 26 -30.10 54.65 -2.38
C ALA NB 26 -30.16 55.95 -3.16
N ALA NB 27 -29.50 57.00 -2.66
CA ALA NB 27 -29.50 58.27 -3.37
C ALA NB 27 -28.77 58.16 -4.70
N VAL NB 28 -27.64 57.44 -4.73
CA VAL NB 28 -26.92 57.26 -5.99
C VAL NB 28 -27.75 56.46 -6.98
N ILE NB 29 -28.43 55.41 -6.49
CA ILE NB 29 -29.30 54.62 -7.36
C ILE NB 29 -30.40 55.49 -7.94
N LEU NB 30 -31.03 56.32 -7.11
CA LEU NB 30 -32.09 57.19 -7.63
C LEU NB 30 -31.55 58.20 -8.62
N LEU NB 31 -30.35 58.75 -8.36
CA LEU NB 31 -29.76 59.70 -9.28
C LEU NB 31 -29.50 59.06 -10.65
N CYS NB 32 -29.00 57.83 -10.66
CA CYS NB 32 -28.78 57.14 -11.93
C CYS NB 32 -30.09 56.80 -12.60
N LEU NB 33 -31.09 56.36 -11.82
CA LEU NB 33 -32.37 55.97 -12.39
C LEU NB 33 -33.09 57.14 -13.02
N GLY NB 34 -33.00 58.32 -12.41
CA GLY NB 34 -33.63 59.49 -12.99
C GLY NB 34 -33.10 59.82 -14.37
N ILE NB 35 -31.78 59.81 -14.54
CA ILE NB 35 -31.18 60.10 -15.83
C ILE NB 35 -31.48 58.98 -16.82
N ALA NB 36 -31.48 57.73 -16.35
CA ALA NB 36 -31.82 56.62 -17.24
C ALA NB 36 -33.24 56.75 -17.75
N TYR NB 37 -34.17 57.14 -16.88
CA TYR NB 37 -35.56 57.34 -17.28
C TYR NB 37 -35.72 58.54 -18.20
N ALA NB 38 -34.94 59.60 -17.97
CA ALA NB 38 -35.02 60.77 -18.85
C ALA NB 38 -34.55 60.43 -20.25
N GLY NB 39 -33.56 59.54 -20.37
CA GLY NB 39 -33.05 59.12 -21.65
C GLY NB 39 -33.83 58.02 -22.33
N ARG NB 40 -35.03 57.71 -21.82
CA ARG NB 40 -35.91 56.67 -22.38
C ARG NB 40 -35.28 55.28 -22.32
N PHE NB 41 -34.48 54.99 -21.30
CA PHE NB 41 -33.87 53.68 -21.15
C PHE NB 41 -34.67 52.74 -20.26
N ILE NB 42 -35.48 53.27 -19.35
CA ILE NB 42 -36.32 52.47 -18.46
C ILE NB 42 -37.72 53.09 -18.44
N GLU NB 43 -38.61 52.51 -17.63
CA GLU NB 43 -40.00 52.92 -17.59
C GLU NB 43 -40.34 53.56 -16.25
N LYS NB 44 -41.58 54.05 -16.16
CA LYS NB 44 -42.01 54.82 -15.00
C LYS NB 44 -42.24 53.97 -13.76
N ASP NB 45 -42.41 52.65 -13.91
CA ASP NB 45 -42.57 51.79 -12.75
C ASP NB 45 -41.28 51.67 -11.95
N THR NB 46 -40.16 52.11 -12.51
CA THR NB 46 -38.89 52.02 -11.80
C THR NB 46 -38.91 52.84 -10.52
N PHE NB 47 -39.55 54.02 -10.55
CA PHE NB 47 -39.61 54.85 -9.36
C PHE NB 47 -40.47 54.21 -8.28
N VAL NB 48 -41.56 53.56 -8.68
CA VAL NB 48 -42.40 52.85 -7.71
C VAL NB 48 -41.60 51.72 -7.09
N ARG NB 49 -40.87 50.97 -7.91
CA ARG NB 49 -40.04 49.88 -7.41
C ARG NB 49 -38.99 50.40 -6.43
N TRP NB 50 -38.34 51.51 -6.79
CA TRP NB 50 -37.31 52.09 -5.94
C TRP NB 50 -37.89 52.55 -4.61
N SER NB 51 -39.05 53.20 -4.64
CA SER NB 51 -39.69 53.65 -3.41
C SER NB 51 -40.06 52.48 -2.52
N ILE NB 52 -40.62 51.42 -3.12
CA ILE NB 52 -40.98 50.24 -2.34
C ILE NB 52 -39.74 49.63 -1.69
N GLY NB 53 -38.67 49.49 -2.46
CA GLY NB 53 -37.45 48.91 -1.92
C GLY NB 53 -36.86 49.73 -0.80
N VAL NB 54 -36.83 51.05 -0.98
CA VAL NB 54 -36.25 51.92 0.04
C VAL NB 54 -37.09 51.92 1.31
N ILE NB 55 -38.42 51.95 1.16
CA ILE NB 55 -39.30 51.92 2.31
C ILE NB 55 -39.14 50.60 3.07
N ILE NB 56 -39.04 49.48 2.36
CA ILE NB 56 -38.85 48.19 3.01
C ILE NB 56 -37.50 48.16 3.73
N ALA NB 57 -36.45 48.66 3.09
CA ALA NB 57 -35.12 48.64 3.71
C ALA NB 57 -35.07 49.54 4.93
N GLY NB 58 -35.83 50.64 4.92
CA GLY NB 58 -35.80 51.55 6.05
C GLY NB 58 -36.36 50.94 7.33
N SER NB 59 -37.43 50.16 7.20
CA SER NB 59 -38.08 49.51 8.33
C SER NB 59 -37.75 48.02 8.39
N ALA NB 60 -36.51 47.67 8.08
CA ALA NB 60 -36.11 46.27 8.11
C ALA NB 60 -36.18 45.70 9.51
N VAL NB 61 -35.73 46.46 10.51
CA VAL NB 61 -35.73 45.98 11.89
C VAL NB 61 -37.16 45.78 12.38
N GLN NB 62 -38.05 46.71 12.07
CA GLN NB 62 -39.43 46.59 12.52
C GLN NB 62 -40.13 45.39 11.88
N ILE NB 63 -39.91 45.18 10.58
CA ILE NB 63 -40.52 44.03 9.90
C ILE NB 63 -39.94 42.73 10.47
N THR NB 64 -38.64 42.70 10.72
CA THR NB 64 -38.04 41.50 11.31
C THR NB 64 -38.60 41.21 12.69
N ALA NB 65 -38.81 42.25 13.50
CA ALA NB 65 -39.42 42.06 14.80
C ALA NB 65 -40.87 41.63 14.70
N MET NB 66 -41.58 42.05 13.65
CA MET NB 66 -42.98 41.66 13.48
C MET NB 66 -43.09 40.21 13.04
N LEU NB 67 -42.24 39.76 12.12
CA LEU NB 67 -42.35 38.39 11.62
C LEU NB 67 -41.62 37.39 12.51
N PHE NB 68 -40.41 37.72 12.96
CA PHE NB 68 -39.64 36.81 13.81
C PHE NB 68 -39.97 37.09 15.28
N THR NB 69 -41.08 36.52 15.71
CA THR NB 69 -41.50 36.63 17.10
C THR NB 69 -41.24 35.33 17.85
N ALA OB 1 -12.55 56.02 12.60
CA ALA OB 1 -12.73 54.61 12.89
C ALA OB 1 -14.10 54.13 12.41
N GLN OB 2 -14.83 53.45 13.30
CA GLN OB 2 -16.18 52.96 13.03
C GLN OB 2 -16.20 51.94 11.90
N GLY OB 3 -15.03 51.50 11.46
CA GLY OB 3 -14.94 50.46 10.44
C GLY OB 3 -15.33 50.90 9.05
N LEU OB 4 -16.56 51.36 8.87
CA LEU OB 4 -17.08 51.70 7.55
C LEU OB 4 -17.17 53.19 7.32
N GLU OB 5 -16.50 54.00 8.13
CA GLU OB 5 -16.46 55.44 7.86
C GLU OB 5 -15.72 55.73 6.56
N LYS OB 6 -14.62 55.00 6.31
CA LYS OB 6 -13.87 55.21 5.08
C LYS OB 6 -14.68 54.87 3.85
N ALA OB 7 -15.42 53.75 3.89
CA ALA OB 7 -16.26 53.37 2.77
C ALA OB 7 -17.38 54.39 2.56
N ARG OB 8 -17.95 54.91 3.66
CA ARG OB 8 -18.97 55.94 3.53
C ARG OB 8 -18.41 57.21 2.90
N SER OB 9 -17.19 57.60 3.28
CA SER OB 9 -16.57 58.77 2.68
C SER OB 9 -16.32 58.56 1.19
N VAL OB 10 -15.86 57.36 0.82
CA VAL OB 10 -15.64 57.06 -0.59
C VAL OB 10 -16.96 57.12 -1.36
N LEU OB 11 -18.04 56.58 -0.78
CA LEU OB 11 -19.34 56.64 -1.42
C LEU OB 11 -19.82 58.08 -1.57
N GLU OB 12 -19.59 58.91 -0.56
CA GLU OB 12 -19.99 60.32 -0.66
C GLU OB 12 -19.22 61.04 -1.76
N THR OB 13 -17.91 60.77 -1.87
CA THR OB 13 -17.14 61.37 -2.95
C THR OB 13 -17.65 60.91 -4.31
N LEU OB 14 -17.95 59.61 -4.44
CA LEU OB 14 -18.50 59.10 -5.69
C LEU OB 14 -19.84 59.77 -6.01
N GLN OB 15 -20.69 59.95 -5.01
CA GLN OB 15 -21.97 60.61 -5.22
C GLN OB 15 -21.79 62.04 -5.68
N GLN OB 16 -20.87 62.77 -5.06
CA GLN OB 16 -20.62 64.16 -5.48
C GLN OB 16 -20.12 64.22 -6.91
N GLU OB 17 -19.20 63.32 -7.28
CA GLU OB 17 -18.68 63.34 -8.64
C GLU OB 17 -19.76 62.99 -9.66
N LEU OB 18 -20.60 61.99 -9.35
CA LEU OB 18 -21.69 61.65 -10.26
C LEU OB 18 -22.69 62.80 -10.37
N THR OB 19 -22.97 63.48 -9.26
CA THR OB 19 -23.85 64.63 -9.31
C THR OB 19 -23.27 65.74 -10.19
N THR OB 20 -21.95 65.94 -10.12
CA THR OB 20 -21.32 66.92 -10.99
C THR OB 20 -21.42 66.52 -12.46
N ILE OB 21 -21.23 65.23 -12.75
CA ILE OB 21 -21.28 64.77 -14.14
C ILE OB 21 -22.69 64.84 -14.71
N VAL OB 22 -23.71 64.56 -13.89
CA VAL OB 22 -25.06 64.34 -14.42
C VAL OB 22 -25.59 65.49 -15.29
N PRO OB 23 -25.47 66.77 -14.90
CA PRO OB 23 -26.10 67.82 -15.73
C PRO OB 23 -25.66 67.82 -17.18
N ILE OB 24 -24.38 67.49 -17.44
CA ILE OB 24 -23.90 67.42 -18.82
C ILE OB 24 -24.62 66.32 -19.57
N ALA OB 25 -24.77 65.14 -18.95
CA ALA OB 25 -25.49 64.05 -19.59
C ALA OB 25 -26.94 64.41 -19.85
N ALA OB 26 -27.58 65.08 -18.89
CA ALA OB 26 -28.97 65.49 -19.08
C ALA OB 26 -29.10 66.49 -20.22
N ALA OB 27 -28.17 67.43 -20.30
CA ALA OB 27 -28.20 68.41 -21.39
C ALA OB 27 -28.00 67.75 -22.74
N VAL OB 28 -27.08 66.79 -22.83
CA VAL OB 28 -26.87 66.07 -24.08
C VAL OB 28 -28.11 65.28 -24.46
N ILE OB 29 -28.75 64.63 -23.48
CA ILE OB 29 -29.96 63.88 -23.75
C ILE OB 29 -31.06 64.79 -24.28
N LEU OB 30 -31.23 65.95 -23.66
CA LEU OB 30 -32.25 66.89 -24.13
C LEU OB 30 -31.93 67.41 -25.52
N LEU OB 31 -30.65 67.68 -25.79
CA LEU OB 31 -30.26 68.14 -27.12
C LEU OB 31 -30.58 67.10 -28.18
N CYS OB 32 -30.32 65.83 -27.89
CA CYS OB 32 -30.64 64.77 -28.85
C CYS OB 32 -32.14 64.60 -28.99
N LEU OB 33 -32.89 64.67 -27.88
CA LEU OB 33 -34.33 64.47 -27.93
C LEU OB 33 -35.02 65.58 -28.70
N GLY OB 34 -34.54 66.82 -28.57
CA GLY OB 34 -35.15 67.90 -29.32
C GLY OB 34 -35.06 67.71 -30.82
N ILE OB 35 -33.88 67.32 -31.30
CA ILE OB 35 -33.71 67.08 -32.73
C ILE OB 35 -34.48 65.84 -33.18
N ALA OB 36 -34.52 64.81 -32.34
CA ALA OB 36 -35.30 63.62 -32.69
C ALA OB 36 -36.77 63.96 -32.82
N TYR OB 37 -37.30 64.80 -31.92
CA TYR OB 37 -38.68 65.23 -32.01
C TYR OB 37 -38.91 66.14 -33.21
N ALA OB 38 -37.92 66.97 -33.56
CA ALA OB 38 -38.07 67.83 -34.73
C ALA OB 38 -38.19 67.02 -36.00
N GLY OB 39 -37.53 65.87 -36.07
CA GLY OB 39 -37.57 65.00 -37.22
C GLY OB 39 -38.69 63.98 -37.23
N ARG OB 40 -39.70 64.15 -36.37
CA ARG OB 40 -40.86 63.27 -36.28
C ARG OB 40 -40.48 61.85 -35.89
N PHE OB 41 -39.40 61.67 -35.12
CA PHE OB 41 -39.00 60.33 -34.68
C PHE OB 41 -39.60 59.93 -33.35
N ILE OB 42 -39.94 60.88 -32.49
CA ILE OB 42 -40.55 60.61 -31.19
C ILE OB 42 -41.74 61.54 -31.02
N GLU OB 43 -42.38 61.47 -29.85
CA GLU OB 43 -43.59 62.22 -29.58
C GLU OB 43 -43.33 63.26 -28.50
N LYS OB 44 -44.34 64.12 -28.29
CA LYS OB 44 -44.18 65.28 -27.41
C LYS OB 44 -44.13 64.91 -25.94
N ASP OB 45 -44.61 63.72 -25.56
CA ASP OB 45 -44.53 63.30 -24.16
C ASP OB 45 -43.10 63.01 -23.72
N THR OB 46 -42.17 62.92 -24.68
CA THR OB 46 -40.77 62.69 -24.34
C THR OB 46 -40.22 63.82 -23.49
N PHE OB 47 -40.62 65.06 -23.77
CA PHE OB 47 -40.15 66.19 -22.99
C PHE OB 47 -40.68 66.13 -21.56
N VAL OB 48 -41.93 65.71 -21.40
CA VAL OB 48 -42.49 65.55 -20.06
C VAL OB 48 -41.74 64.46 -19.30
N ARG OB 49 -41.45 63.35 -19.98
CA ARG OB 49 -40.67 62.28 -19.36
C ARG OB 49 -39.29 62.77 -18.94
N TRP OB 50 -38.63 63.53 -19.82
CA TRP OB 50 -37.31 64.05 -19.51
C TRP OB 50 -37.35 65.00 -18.32
N SER OB 51 -38.35 65.87 -18.28
CA SER OB 51 -38.46 66.83 -17.18
C SER OB 51 -38.69 66.10 -15.87
N ILE OB 52 -39.57 65.11 -15.86
CA ILE OB 52 -39.84 64.36 -14.64
C ILE OB 52 -38.58 63.64 -14.17
N GLY OB 53 -37.87 62.99 -15.11
CA GLY OB 53 -36.66 62.27 -14.73
C GLY OB 53 -35.60 63.19 -14.17
N VAL OB 54 -35.39 64.34 -14.81
CA VAL OB 54 -34.35 65.27 -14.34
C VAL OB 54 -34.73 65.87 -13.00
N ILE OB 55 -36.00 66.22 -12.80
CA ILE OB 55 -36.43 66.76 -11.52
C ILE OB 55 -36.24 65.73 -10.42
N ILE OB 56 -36.60 64.47 -10.68
CA ILE OB 56 -36.42 63.43 -9.67
C ILE OB 56 -34.94 63.23 -9.37
N ALA OB 57 -34.10 63.20 -10.40
CA ALA OB 57 -32.66 63.01 -10.18
C ALA OB 57 -32.06 64.18 -9.41
N GLY OB 58 -32.61 65.38 -9.59
CA GLY OB 58 -32.08 66.54 -8.90
C GLY OB 58 -32.25 66.45 -7.40
N SER OB 59 -33.41 65.98 -6.95
CA SER OB 59 -33.73 65.89 -5.53
C SER OB 59 -33.59 64.46 -5.02
N ALA OB 60 -32.60 63.73 -5.51
CA ALA OB 60 -32.40 62.34 -5.07
C ALA OB 60 -32.10 62.27 -3.59
N VAL OB 61 -31.24 63.16 -3.09
CA VAL OB 61 -30.88 63.14 -1.68
C VAL OB 61 -32.08 63.47 -0.81
N GLN OB 62 -32.87 64.47 -1.22
CA GLN OB 62 -34.04 64.85 -0.43
C GLN OB 62 -35.08 63.73 -0.38
N ILE OB 63 -35.34 63.10 -1.53
CA ILE OB 63 -36.30 62.00 -1.55
C ILE OB 63 -35.79 60.82 -0.72
N THR OB 64 -34.49 60.51 -0.84
CA THR OB 64 -33.92 59.43 -0.03
C THR OB 64 -34.04 59.71 1.45
N ALA OB 65 -33.78 60.95 1.87
CA ALA OB 65 -33.95 61.31 3.28
C ALA OB 65 -35.40 61.27 3.71
N MET OB 66 -36.34 61.59 2.82
CA MET OB 66 -37.75 61.53 3.17
C MET OB 66 -38.23 60.10 3.33
N LEU OB 67 -37.80 59.20 2.45
CA LEU OB 67 -38.29 57.83 2.50
C LEU OB 67 -37.51 56.96 3.47
N PHE OB 68 -36.18 57.05 3.44
CA PHE OB 68 -35.34 56.24 4.32
C PHE OB 68 -35.11 56.98 5.64
N THR OB 69 -36.06 56.79 6.55
CA THR OB 69 -35.98 57.41 7.87
C THR OB 69 -35.57 56.40 8.93
N ALA PB 1 -7.39 66.31 -10.76
CA ALA PB 1 -7.75 65.18 -9.91
C ALA PB 1 -9.26 65.04 -9.81
N GLN PB 2 -9.75 64.92 -8.57
CA GLN PB 2 -11.19 64.82 -8.28
C GLN PB 2 -11.81 63.57 -8.90
N GLY PB 3 -10.97 62.65 -9.38
CA GLY PB 3 -11.47 61.38 -9.87
C GLY PB 3 -12.20 61.43 -11.19
N LEU PB 4 -13.29 62.18 -11.27
CA LEU PB 4 -14.11 62.22 -12.46
C LEU PB 4 -14.05 63.55 -13.20
N GLU PB 5 -13.00 64.35 -12.96
CA GLU PB 5 -12.85 65.59 -13.71
C GLU PB 5 -12.54 65.30 -15.18
N LYS PB 6 -11.72 64.29 -15.45
CA LYS PB 6 -11.37 63.96 -16.83
C LYS PB 6 -12.59 63.50 -17.61
N ALA PB 7 -13.43 62.66 -17.00
CA ALA PB 7 -14.65 62.23 -17.66
C ALA PB 7 -15.60 63.40 -17.92
N ARG PB 8 -15.68 64.32 -16.96
CA ARG PB 8 -16.50 65.51 -17.16
C ARG PB 8 -15.97 66.36 -18.31
N SER PB 9 -14.65 66.50 -18.42
CA SER PB 9 -14.07 67.25 -19.53
C SER PB 9 -14.39 66.58 -20.87
N VAL PB 10 -14.28 65.25 -20.93
CA VAL PB 10 -14.60 64.54 -22.15
C VAL PB 10 -16.07 64.72 -22.52
N LEU PB 11 -16.95 64.67 -21.51
CA LEU PB 11 -18.37 64.88 -21.76
C LEU PB 11 -18.65 66.30 -22.26
N GLU PB 12 -17.95 67.29 -21.70
CA GLU PB 12 -18.12 68.66 -22.18
C GLU PB 12 -17.67 68.80 -23.63
N THR PB 13 -16.55 68.16 -23.98
CA THR PB 13 -16.11 68.19 -25.38
C THR PB 13 -17.13 67.54 -26.29
N LEU PB 14 -17.68 66.39 -25.86
CA LEU PB 14 -18.70 65.71 -26.66
C LEU PB 14 -19.94 66.60 -26.82
N GLN PB 15 -20.36 67.27 -25.75
CA GLN PB 15 -21.53 68.14 -25.83
C GLN PB 15 -21.28 69.30 -26.79
N GLN PB 16 -20.09 69.90 -26.74
CA GLN PB 16 -19.79 71.00 -27.65
C GLN PB 16 -19.79 70.53 -29.10
N GLU PB 17 -19.20 69.36 -29.36
CA GLU PB 17 -19.17 68.84 -30.73
C GLU PB 17 -20.57 68.52 -31.24
N LEU PB 18 -21.41 67.92 -30.38
CA LEU PB 18 -22.78 67.63 -30.80
C LEU PB 18 -23.56 68.92 -31.04
N THR PB 19 -23.33 69.94 -30.22
CA THR PB 19 -23.98 71.23 -30.45
C THR PB 19 -23.55 71.83 -31.78
N THR PB 20 -22.26 71.68 -32.12
CA THR PB 20 -21.80 72.17 -33.42
C THR PB 20 -22.46 71.41 -34.56
N ILE PB 21 -22.60 70.09 -34.43
CA ILE PB 21 -23.17 69.29 -35.51
C ILE PB 21 -24.66 69.55 -35.68
N VAL PB 22 -25.39 69.81 -34.58
CA VAL PB 22 -26.85 69.79 -34.63
C VAL PB 22 -27.45 70.71 -35.69
N PRO PB 23 -27.01 71.97 -35.85
CA PRO PB 23 -27.70 72.85 -36.81
C PRO PB 23 -27.75 72.30 -38.22
N ILE PB 24 -26.71 71.57 -38.65
CA ILE PB 24 -26.74 70.97 -39.98
C ILE PB 24 -27.85 69.95 -40.08
N ALA PB 25 -27.98 69.09 -39.06
CA ALA PB 25 -29.04 68.10 -39.05
C ALA PB 25 -30.41 68.75 -39.03
N ALA PB 26 -30.57 69.82 -38.24
CA ALA PB 26 -31.85 70.52 -38.21
C ALA PB 26 -32.19 71.12 -39.56
N ALA PB 27 -31.21 71.72 -40.23
CA ALA PB 27 -31.44 72.30 -41.55
C ALA PB 27 -31.83 71.22 -42.56
N VAL PB 28 -31.15 70.08 -42.52
CA VAL PB 28 -31.49 68.99 -43.44
C VAL PB 28 -32.89 68.47 -43.17
N ILE PB 29 -33.26 68.34 -41.90
CA ILE PB 29 -34.60 67.88 -41.56
C ILE PB 29 -35.64 68.86 -42.08
N LEU PB 30 -35.41 70.16 -41.89
CA LEU PB 30 -36.37 71.14 -42.40
C LEU PB 30 -36.44 71.11 -43.92
N LEU PB 31 -35.30 70.94 -44.58
CA LEU PB 31 -35.30 70.88 -46.04
C LEU PB 31 -36.13 69.71 -46.54
N CYS PB 32 -35.98 68.54 -45.90
CA CYS PB 32 -36.79 67.39 -46.30
C CYS PB 32 -38.26 67.60 -45.97
N LEU PB 33 -38.57 68.18 -44.81
CA LEU PB 33 -39.95 68.37 -44.39
C LEU PB 33 -40.68 69.34 -45.31
N GLY PB 34 -40.00 70.40 -45.75
CA GLY PB 34 -40.66 71.35 -46.64
C GLY PB 34 -41.10 70.71 -47.95
N ILE PB 35 -40.22 69.91 -48.56
CA ILE PB 35 -40.56 69.25 -49.80
C ILE PB 35 -41.63 68.19 -49.58
N ALA PB 36 -41.56 67.49 -48.44
CA ALA PB 36 -42.60 66.50 -48.15
C ALA PB 36 -43.96 67.17 -47.99
N TYR PB 37 -44.00 68.32 -47.32
CA TYR PB 37 -45.25 69.06 -47.17
C TYR PB 37 -45.74 69.60 -48.50
N ALA PB 38 -44.85 70.06 -49.37
CA ALA PB 38 -45.27 70.55 -50.68
C ALA PB 38 -45.88 69.42 -51.51
N GLY PB 39 -45.48 68.19 -51.25
CA GLY PB 39 -46.01 67.04 -51.95
C GLY PB 39 -47.22 66.39 -51.33
N ARG PB 40 -47.85 67.04 -50.36
CA ARG PB 40 -49.04 66.56 -49.67
C ARG PB 40 -48.80 65.26 -48.91
N PHE PB 41 -47.57 65.02 -48.46
CA PHE PB 41 -47.26 63.82 -47.70
C PHE PB 41 -47.41 64.01 -46.20
N ILE PB 42 -47.25 65.23 -45.69
CA ILE PB 42 -47.41 65.54 -44.28
C ILE PB 42 -48.25 66.80 -44.17
N GLU PB 43 -48.56 67.19 -42.94
CA GLU PB 43 -49.44 68.32 -42.67
C GLU PB 43 -48.64 69.52 -42.16
N LYS PB 44 -49.36 70.63 -41.97
CA LYS PB 44 -48.72 71.89 -41.61
C LYS PB 44 -48.25 71.94 -40.16
N ASP PB 45 -48.78 71.07 -39.30
CA ASP PB 45 -48.35 71.05 -37.90
C ASP PB 45 -46.93 70.53 -37.76
N THR PB 46 -46.38 69.91 -38.80
CA THR PB 46 -45.01 69.43 -38.75
C THR PB 46 -44.03 70.58 -38.56
N PHE PB 47 -44.33 71.73 -39.15
CA PHE PB 47 -43.46 72.90 -38.98
C PHE PB 47 -43.48 73.40 -37.54
N VAL PB 48 -44.66 73.38 -36.92
CA VAL PB 48 -44.77 73.76 -35.51
C VAL PB 48 -43.97 72.78 -34.65
N ARG PB 49 -44.09 71.48 -34.94
CA ARG PB 49 -43.33 70.48 -34.22
C ARG PB 49 -41.83 70.72 -34.36
N TRP PB 50 -41.39 70.99 -35.58
CA TRP PB 50 -39.96 71.23 -35.84
C TRP PB 50 -39.48 72.47 -35.09
N SER PB 51 -40.28 73.53 -35.12
CA SER PB 51 -39.89 74.76 -34.44
C SER PB 51 -39.77 74.54 -32.94
N ILE PB 52 -40.74 73.83 -32.35
CA ILE PB 52 -40.68 73.55 -30.92
C ILE PB 52 -39.44 72.71 -30.59
N GLY PB 53 -39.19 71.68 -31.40
CA GLY PB 53 -38.04 70.82 -31.14
C GLY PB 53 -36.73 71.56 -31.24
N VAL PB 54 -36.59 72.41 -32.26
CA VAL PB 54 -35.34 73.15 -32.43
C VAL PB 54 -35.16 74.18 -31.33
N ILE PB 55 -36.23 74.87 -30.94
CA ILE PB 55 -36.12 75.83 -29.85
C ILE PB 55 -35.72 75.14 -28.56
N ILE PB 56 -36.31 73.98 -28.27
CA ILE PB 56 -35.94 73.24 -27.07
C ILE PB 56 -34.49 72.78 -27.13
N ALA PB 57 -34.06 72.28 -28.29
CA ALA PB 57 -32.68 71.80 -28.43
C ALA PB 57 -31.68 72.94 -28.29
N GLY PB 58 -32.06 74.14 -28.74
CA GLY PB 58 -31.14 75.26 -28.66
C GLY PB 58 -30.81 75.66 -27.24
N SER PB 59 -31.80 75.63 -26.35
CA SER PB 59 -31.63 76.03 -24.96
C SER PB 59 -31.60 74.82 -24.03
N ALA PB 60 -30.96 73.73 -24.47
CA ALA PB 60 -30.89 72.54 -23.64
C ALA PB 60 -30.12 72.81 -22.35
N VAL PB 61 -29.00 73.52 -22.44
CA VAL PB 61 -28.20 73.80 -21.26
C VAL PB 61 -28.97 74.66 -20.26
N GLN PB 62 -29.67 75.68 -20.77
CA GLN PB 62 -30.42 76.56 -19.88
C GLN PB 62 -31.54 75.82 -19.18
N ILE PB 63 -32.28 74.97 -19.91
CA ILE PB 63 -33.35 74.21 -19.29
C ILE PB 63 -32.80 73.22 -18.28
N THR PB 64 -31.67 72.57 -18.60
CA THR PB 64 -31.06 71.64 -17.66
C THR PB 64 -30.61 72.35 -16.39
N ALA PB 65 -30.04 73.54 -16.51
CA ALA PB 65 -29.66 74.30 -15.33
C ALA PB 65 -30.87 74.80 -14.55
N MET PB 66 -31.98 75.08 -15.23
CA MET PB 66 -33.19 75.51 -14.53
C MET PB 66 -33.82 74.36 -13.73
N LEU PB 67 -33.87 73.17 -14.32
CA LEU PB 67 -34.53 72.06 -13.64
C LEU PB 67 -33.59 71.34 -12.67
N PHE PB 68 -32.37 71.05 -13.10
CA PHE PB 68 -31.42 70.31 -12.26
C PHE PB 68 -30.61 71.29 -11.40
N THR PB 69 -31.21 71.64 -10.27
CA THR PB 69 -30.55 72.53 -9.32
C THR PB 69 -30.06 71.76 -8.11
N ALA QB 1 -8.97 67.99 -36.76
CA ALA QB 1 -9.19 67.24 -35.53
C ALA QB 1 -10.55 67.57 -34.93
N GLN QB 2 -10.55 67.96 -33.65
CA GLN QB 2 -11.77 68.36 -32.93
C GLN QB 2 -12.79 67.23 -32.86
N GLY QB 3 -12.37 66.01 -33.19
CA GLY QB 3 -13.23 64.86 -33.06
C GLY QB 3 -14.31 64.74 -34.12
N LEU QB 4 -15.28 65.66 -34.11
CA LEU QB 4 -16.43 65.58 -35.00
C LEU QB 4 -16.38 66.58 -36.13
N GLU QB 5 -15.20 67.09 -36.47
CA GLU QB 5 -15.09 67.97 -37.63
C GLU QB 5 -15.33 67.21 -38.93
N LYS QB 6 -14.82 65.97 -39.01
CA LYS QB 6 -15.00 65.18 -40.22
C LYS QB 6 -16.47 64.85 -40.45
N ALA QB 7 -17.19 64.47 -39.38
CA ALA QB 7 -18.61 64.19 -39.51
C ALA QB 7 -19.38 65.45 -39.90
N ARG QB 8 -18.98 66.60 -39.36
CA ARG QB 8 -19.62 67.85 -39.75
C ARG QB 8 -19.39 68.17 -41.23
N SER QB 9 -18.17 67.92 -41.72
CA SER QB 9 -17.91 68.13 -43.14
C SER QB 9 -18.75 67.21 -44.01
N VAL QB 10 -18.86 65.94 -43.60
CA VAL QB 10 -19.68 65.00 -44.36
C VAL QB 10 -21.14 65.45 -44.37
N LEU QB 11 -21.64 65.91 -43.22
CA LEU QB 11 -23.01 66.41 -43.16
C LEU QB 11 -23.21 67.63 -44.02
N GLU QB 12 -22.24 68.53 -44.07
CA GLU QB 12 -22.33 69.70 -44.94
C GLU QB 12 -22.38 69.29 -46.40
N THR QB 13 -21.55 68.31 -46.79
CA THR QB 13 -21.59 67.83 -48.17
C THR QB 13 -22.94 67.21 -48.50
N LEU QB 14 -23.49 66.43 -47.57
CA LEU QB 14 -24.81 65.83 -47.77
C LEU QB 14 -25.88 66.91 -47.90
N GLN QB 15 -25.79 67.95 -47.08
CA GLN QB 15 -26.76 69.04 -47.16
C GLN QB 15 -26.69 69.76 -48.49
N GLN QB 16 -25.47 70.02 -48.98
CA GLN QB 16 -25.33 70.68 -50.27
C GLN QB 16 -25.89 69.82 -51.39
N GLU QB 17 -25.61 68.51 -51.35
CA GLU QB 17 -26.14 67.63 -52.40
C GLU QB 17 -27.66 67.56 -52.37
N LEU QB 18 -28.25 67.48 -51.17
CA LEU QB 18 -29.70 67.46 -51.08
C LEU QB 18 -30.30 68.78 -51.55
N THR QB 19 -29.64 69.89 -51.25
CA THR QB 19 -30.10 71.19 -51.75
C THR QB 19 -30.06 71.23 -53.26
N THR QB 20 -29.02 70.65 -53.86
CA THR QB 20 -28.96 70.57 -55.32
C THR QB 20 -30.10 69.73 -55.88
N ILE QB 21 -30.40 68.60 -55.24
CA ILE QB 21 -31.43 67.70 -55.76
C ILE QB 21 -32.82 68.29 -55.59
N VAL QB 22 -33.04 69.10 -54.54
CA VAL QB 22 -34.41 69.51 -54.19
C VAL QB 22 -35.15 70.22 -55.32
N PRO QB 23 -34.57 71.17 -56.06
CA PRO QB 23 -35.37 71.86 -57.08
C PRO QB 23 -35.98 70.94 -58.12
N ILE QB 24 -35.29 69.87 -58.51
CA ILE QB 24 -35.86 68.92 -59.46
C ILE QB 24 -37.10 68.26 -58.88
N ALA QB 25 -37.01 67.82 -57.61
CA ALA QB 25 -38.15 67.19 -56.98
C ALA QB 25 -39.32 68.16 -56.85
N ALA QB 26 -39.04 69.41 -56.49
CA ALA QB 26 -40.10 70.41 -56.39
C ALA QB 26 -40.76 70.66 -57.73
N ALA QB 27 -39.96 70.74 -58.80
CA ALA QB 27 -40.51 70.95 -60.13
C ALA QB 27 -41.38 69.78 -60.56
N VAL QB 28 -40.94 68.55 -60.28
CA VAL QB 28 -41.75 67.38 -60.64
C VAL QB 28 -43.04 67.36 -59.85
N ILE QB 29 -42.97 67.71 -58.56
CA ILE QB 29 -44.18 67.76 -57.74
C ILE QB 29 -45.15 68.79 -58.31
N LEU QB 30 -44.67 69.97 -58.68
CA LEU QB 30 -45.55 70.98 -59.24
C LEU QB 30 -46.14 70.53 -60.57
N LEU QB 31 -45.34 69.86 -61.40
CA LEU QB 31 -45.83 69.36 -62.67
C LEU QB 31 -46.96 68.36 -62.47
N CYS QB 32 -46.81 67.46 -61.51
CA CYS QB 32 -47.88 66.51 -61.23
C CYS QB 32 -49.10 67.20 -60.63
N LEU QB 33 -48.88 68.15 -59.73
CA LEU QB 33 -50.00 68.82 -59.06
C LEU QB 33 -50.83 69.63 -60.04
N GLY QB 34 -50.18 70.29 -61.00
CA GLY QB 34 -50.93 71.07 -61.97
C GLY QB 34 -51.90 70.22 -62.77
N ILE QB 35 -51.43 69.08 -63.27
CA ILE QB 35 -52.30 68.19 -64.04
C ILE QB 35 -53.37 67.57 -63.15
N ALA QB 36 -53.01 67.23 -61.91
CA ALA QB 36 -54.01 66.67 -61.00
C ALA QB 36 -55.11 67.67 -60.71
N TYR QB 37 -54.76 68.94 -60.51
CA TYR QB 37 -55.76 69.97 -60.31
C TYR QB 37 -56.57 70.23 -61.57
N ALA QB 38 -55.94 70.13 -62.74
CA ALA QB 38 -56.68 70.31 -63.98
C ALA QB 38 -57.74 69.23 -64.15
N GLY QB 39 -57.44 68.02 -63.73
CA GLY QB 39 -58.35 66.89 -63.85
C GLY QB 39 -59.34 66.74 -62.73
N ARG QB 40 -59.52 67.76 -61.88
CA ARG QB 40 -60.49 67.76 -60.78
C ARG QB 40 -60.19 66.70 -59.73
N PHE QB 41 -58.91 66.38 -59.49
CA PHE QB 41 -58.57 65.40 -58.48
C PHE QB 41 -58.17 66.02 -57.15
N ILE QB 42 -57.71 67.28 -57.14
CA ILE QB 42 -57.35 68.01 -55.94
C ILE QB 42 -57.95 69.40 -56.02
N GLU QB 43 -57.65 70.22 -55.01
CA GLU QB 43 -58.24 71.54 -54.90
C GLU QB 43 -57.18 72.63 -55.09
N LYS QB 44 -57.64 73.87 -55.13
CA LYS QB 44 -56.77 75.00 -55.44
C LYS QB 44 -55.85 75.38 -54.29
N ASP QB 45 -56.14 74.93 -53.06
CA ASP QB 45 -55.25 75.21 -51.95
C ASP QB 45 -53.97 74.41 -52.03
N THR QB 46 -53.91 73.42 -52.94
CA THR QB 46 -52.69 72.64 -53.10
C THR QB 46 -51.53 73.50 -53.57
N PHE QB 47 -51.81 74.48 -54.44
CA PHE QB 47 -50.75 75.37 -54.90
C PHE QB 47 -50.23 76.24 -53.78
N VAL QB 48 -51.13 76.70 -52.90
CA VAL QB 48 -50.70 77.48 -51.74
C VAL QB 48 -49.83 76.62 -50.82
N ARG QB 49 -50.26 75.38 -50.58
CA ARG QB 49 -49.46 74.48 -49.77
C ARG QB 49 -48.08 74.24 -50.37
N TRP QB 50 -48.04 74.03 -51.69
CA TRP QB 50 -46.77 73.81 -52.37
C TRP QB 50 -45.86 75.03 -52.27
N SER QB 51 -46.43 76.22 -52.47
CA SER QB 51 -45.63 77.44 -52.38
C SER QB 51 -45.06 77.62 -50.98
N ILE QB 52 -45.88 77.39 -49.95
CA ILE QB 52 -45.40 77.53 -48.59
C ILE QB 52 -44.28 76.53 -48.31
N GLY QB 53 -44.47 75.27 -48.74
CA GLY QB 53 -43.46 74.26 -48.51
C GLY QB 53 -42.15 74.58 -49.19
N VAL QB 54 -42.23 75.04 -50.45
CA VAL QB 54 -41.00 75.34 -51.20
C VAL QB 54 -40.29 76.56 -50.60
N ILE QB 55 -41.06 77.58 -50.20
CA ILE QB 55 -40.44 78.75 -49.60
C ILE QB 55 -39.76 78.39 -48.29
N ILE QB 56 -40.40 77.54 -47.47
CA ILE QB 56 -39.78 77.12 -46.22
C ILE QB 56 -38.52 76.31 -46.48
N ALA QB 57 -38.58 75.36 -47.43
CA ALA QB 57 -37.42 74.51 -47.69
C ALA QB 57 -36.27 75.30 -48.28
N GLY QB 58 -36.57 76.34 -49.07
CA GLY QB 58 -35.51 77.12 -49.68
C GLY QB 58 -34.68 77.89 -48.66
N SER QB 59 -35.32 78.38 -47.61
CA SER QB 59 -34.65 79.15 -46.56
C SER QB 59 -34.51 78.32 -45.28
N ALA QB 60 -34.23 77.02 -45.44
CA ALA QB 60 -34.09 76.15 -44.26
C ALA QB 60 -32.91 76.57 -43.41
N VAL QB 61 -31.79 76.92 -44.03
CA VAL QB 61 -30.60 77.31 -43.27
C VAL QB 61 -30.84 78.59 -42.49
N GLN QB 62 -31.50 79.57 -43.13
CA GLN QB 62 -31.75 80.83 -42.45
C GLN QB 62 -32.70 80.65 -41.27
N ILE QB 63 -33.75 79.86 -41.44
CA ILE QB 63 -34.68 79.60 -40.33
C ILE QB 63 -33.98 78.85 -39.21
N THR QB 64 -33.16 77.86 -39.56
CA THR QB 64 -32.42 77.13 -38.53
C THR QB 64 -31.47 78.04 -37.76
N ALA QB 65 -30.76 78.93 -38.45
CA ALA QB 65 -29.89 79.88 -37.78
C ALA QB 65 -30.67 80.89 -36.95
N MET QB 66 -31.91 81.21 -37.35
CA MET QB 66 -32.73 82.12 -36.56
C MET QB 66 -33.22 81.47 -35.27
N LEU QB 67 -33.66 80.21 -35.34
CA LEU QB 67 -34.21 79.56 -34.16
C LEU QB 67 -33.14 78.94 -33.28
N PHE QB 68 -32.20 78.21 -33.88
CA PHE QB 68 -31.16 77.52 -33.12
C PHE QB 68 -29.97 78.47 -32.93
N THR QB 69 -30.08 79.32 -31.91
CA THR QB 69 -29.02 80.26 -31.58
C THR QB 69 -28.27 79.81 -30.33
#